data_7PL9
#
_entry.id   7PL9
#
_cell.length_a   1.00
_cell.length_b   1.00
_cell.length_c   1.00
_cell.angle_alpha   90.00
_cell.angle_beta   90.00
_cell.angle_gamma   90.00
#
_symmetry.space_group_name_H-M   'P 1'
#
loop_
_entity.id
_entity.type
_entity.pdbx_description
1 polymer Rhodopsin
2 non-polymer RETINAL
#
_entity_poly.entity_id   1
_entity_poly.type   'polypeptide(L)'
_entity_poly.pdbx_seq_one_letter_code
;MASSTAAPPAAVPAIETAAPPSPEPRDSVSVNEGGDASSAQAGAAVGSTIIVGAPELEKEYSDLNFAQVARDEGRRCLLM
CVAFAIAIAHLYIYPALFGVRIVDQAEVPAEERTYFHHGWTAMLVIFFIEGVTVFLKVCSTRKTRWLEKAVLQKLDGNIG
VLIGEYIVVAATYIIMGANLIPVFEEPRSGRRVYAVRYMEWTIDACGLVYLDCRILFGMPFSKFRMLLVYSVLYMLFGLW
AALASTWMWYAIFLSASWFFFGLVCYYYWTFHRQNPSPLQQFGRAPIKQAILVFVIVWWVLYGVLFMLCFQAPDVVPQWL
EQLLWTGMDVVMKLSHTVVLMAWRETQWEIDAVVDRQKVEAGRAIAQLDHQRAIHERDLVRLRSRVYYGEHIKSEEEIKS
EEVISRSLRARKSRQGQDGTEPSSALSGASSTKEPPALEENSGSAAPSWTAVLAKGKATSSPFARVNKIFMREAGLCLVL
CLAFVVALLHLPVYSEWFGVEVLDAEAVPHDELGFFHHGWTTMLVVFLIESITVLLKVWSTWHDPRLAENVAQQLSGNLG
VLIAEYLVVGATYVILGYNLMPVFVVHRPGVASRRVYAVRYMEWAVDATGLIWLDCHCLFSRNFNEFRMAIVWTVAYMLF
GLWSALASTWAWYWAFLLASWAAFLIVCLILVRFLRQDPYPHQPFGKTSVKPCILAFIIGWWVLYGILFMVCFQAPDAVP
QWLEQFLWTGMDVVMKLSHTVVLMAWRTTEWNVCELHGRNQAEKSKKSLLNEGSHARQEKQQLEAIMLEGGGVEAAGRVG
SVSFAPSSSRRRKESDSTNWTATPGLRVDLSSMVRLEGQLAQGLVTDVHRKGMMRSEDLAELKRLEESGFLQAQQHRNWE
SQTREMTFLAHGINHIAYDPRSWMKTLTAVRGRAPTSFLLWVVLIESSIVLALSKFFGESFDLGVSSGIHSLFGVLVSFL
VVFRTQAAFKKWWSGRSAVSSLVQMSRTFAQQVCAYVKDEAYVNRMVRYSIATVVATRCHLRNTRIDPAMLLGVLKEEEI
EELNRQKNLPFYTAWVIRSTLAEAVAEGACLPLHMAIENAIKAIEQSIADAERLLTPMPFTYVVHVRTFLFIYLMGLPFI
LVEDLGWLMLVAVSFLGYLMIGLENTAVQLENPFGTDCNHHPLDLYCLEVSQDLLHLLDLRASAKAQ
;
_entity_poly.pdbx_strand_id   A,B,C,D,E
#
# COMPACT_ATOMS: atom_id res chain seq x y z
N SER A 62 9.37 63.13 -11.36
CA SER A 62 9.46 61.70 -11.65
C SER A 62 8.15 60.99 -11.35
N ASP A 63 7.43 60.60 -12.40
CA ASP A 63 6.18 59.85 -12.25
C ASP A 63 6.07 58.70 -13.24
N LEU A 64 7.17 58.31 -13.88
CA LEU A 64 7.14 57.25 -14.87
C LEU A 64 6.80 55.91 -14.23
N ASN A 65 6.69 54.89 -15.10
CA ASN A 65 6.42 53.53 -14.67
C ASN A 65 7.25 52.59 -15.54
N PHE A 66 6.96 51.30 -15.47
CA PHE A 66 7.64 50.29 -16.28
C PHE A 66 6.82 49.87 -17.49
N ALA A 67 5.50 49.81 -17.36
CA ALA A 67 4.66 49.33 -18.45
C ALA A 67 4.65 50.32 -19.61
N GLN A 68 4.55 51.62 -19.33
CA GLN A 68 4.46 52.61 -20.38
C GLN A 68 5.69 52.58 -21.28
N VAL A 69 6.88 52.47 -20.68
CA VAL A 69 8.11 52.50 -21.48
C VAL A 69 8.19 51.29 -22.39
N ALA A 70 7.86 50.11 -21.86
CA ALA A 70 7.86 48.90 -22.70
C ALA A 70 6.83 49.01 -23.81
N ARG A 71 5.65 49.53 -23.50
CA ARG A 71 4.62 49.71 -24.52
C ARG A 71 5.11 50.61 -25.64
N ASP A 72 5.73 51.74 -25.28
CA ASP A 72 6.22 52.67 -26.30
C ASP A 72 7.32 52.02 -27.14
N GLU A 73 8.27 51.35 -26.49
CA GLU A 73 9.33 50.67 -27.24
C GLU A 73 8.73 49.68 -28.23
N GLY A 74 7.81 48.85 -27.76
CA GLY A 74 7.13 47.92 -28.65
C GLY A 74 6.50 48.61 -29.84
N ARG A 75 5.61 49.57 -29.58
CA ARG A 75 4.87 50.21 -30.66
C ARG A 75 5.81 50.86 -31.66
N ARG A 76 6.85 51.54 -31.18
CA ARG A 76 7.81 52.15 -32.09
C ARG A 76 8.45 51.12 -33.00
N CYS A 77 9.03 50.06 -32.42
CA CYS A 77 9.73 49.08 -33.24
C CYS A 77 8.78 48.35 -34.18
N LEU A 78 7.52 48.17 -33.78
CA LEU A 78 6.57 47.48 -34.65
C LEU A 78 6.20 48.36 -35.84
N LEU A 79 6.02 49.66 -35.61
CA LEU A 79 5.84 50.58 -36.73
C LEU A 79 7.02 50.51 -37.68
N MET A 80 8.24 50.50 -37.12
CA MET A 80 9.43 50.38 -37.94
C MET A 80 9.36 49.14 -38.82
N CYS A 81 9.10 47.98 -38.21
CA CYS A 81 9.10 46.72 -38.96
C CYS A 81 8.02 46.72 -40.04
N VAL A 82 6.80 47.16 -39.70
CA VAL A 82 5.73 47.11 -40.68
C VAL A 82 6.04 48.02 -41.87
N ALA A 83 6.53 49.23 -41.61
CA ALA A 83 6.88 50.12 -42.71
C ALA A 83 7.97 49.49 -43.57
N PHE A 84 9.04 49.00 -42.95
CA PHE A 84 10.15 48.44 -43.70
C PHE A 84 9.69 47.29 -44.59
N ALA A 85 8.85 46.40 -44.07
CA ALA A 85 8.40 45.26 -44.85
C ALA A 85 7.48 45.68 -45.99
N ILE A 86 6.51 46.56 -45.69
CA ILE A 86 5.52 46.92 -46.69
C ILE A 86 6.18 47.68 -47.84
N ALA A 87 7.21 48.48 -47.55
CA ALA A 87 7.87 49.20 -48.64
C ALA A 87 8.43 48.22 -49.66
N ILE A 88 9.21 47.25 -49.20
CA ILE A 88 9.80 46.27 -50.11
C ILE A 88 8.72 45.48 -50.83
N ALA A 89 7.65 45.11 -50.11
CA ALA A 89 6.59 44.32 -50.74
C ALA A 89 5.93 45.10 -51.86
N HIS A 90 5.56 46.34 -51.60
CA HIS A 90 4.90 47.16 -52.62
C HIS A 90 5.82 47.38 -53.82
N LEU A 91 7.11 47.66 -53.56
CA LEU A 91 8.04 47.84 -54.67
C LEU A 91 8.12 46.58 -55.51
N TYR A 92 8.25 45.42 -54.87
CA TYR A 92 8.28 44.16 -55.61
C TYR A 92 7.03 44.00 -56.47
N ILE A 93 5.86 44.29 -55.90
CA ILE A 93 4.62 44.10 -56.64
C ILE A 93 4.57 45.03 -57.85
N TYR A 94 5.00 46.27 -57.67
CA TYR A 94 4.89 47.27 -58.73
C TYR A 94 5.93 47.06 -59.82
N PRO A 95 7.15 46.64 -59.47
CA PRO A 95 8.24 46.63 -60.47
C PRO A 95 8.10 45.56 -61.53
N ALA A 96 7.24 44.55 -61.35
CA ALA A 96 7.18 43.45 -62.29
C ALA A 96 6.30 43.76 -63.48
N LEU A 97 5.02 44.07 -63.24
CA LEU A 97 4.08 44.23 -64.34
C LEU A 97 4.04 45.66 -64.85
N PHE A 98 4.23 46.63 -63.97
CA PHE A 98 4.09 48.04 -64.31
C PHE A 98 5.46 48.65 -64.60
N GLY A 99 5.50 49.53 -65.60
CA GLY A 99 6.71 50.28 -65.90
C GLY A 99 7.74 49.45 -66.63
N VAL A 100 8.86 50.12 -66.94
CA VAL A 100 9.98 49.47 -67.62
C VAL A 100 10.96 49.04 -66.53
N ARG A 101 10.77 47.81 -66.04
CA ARG A 101 11.59 47.24 -64.98
C ARG A 101 11.94 45.81 -65.39
N ILE A 102 13.15 45.63 -65.95
CA ILE A 102 13.58 44.30 -66.34
C ILE A 102 14.28 43.63 -65.16
N VAL A 103 13.87 42.39 -64.88
CA VAL A 103 14.33 41.64 -63.73
C VAL A 103 15.40 40.65 -64.19
N ASP A 104 16.63 40.86 -63.73
CA ASP A 104 17.70 39.91 -64.02
C ASP A 104 17.39 38.55 -63.39
N GLN A 105 18.20 37.57 -63.73
CA GLN A 105 18.00 36.22 -63.20
C GLN A 105 18.21 36.21 -61.69
N ALA A 106 17.34 35.48 -60.99
CA ALA A 106 17.40 35.45 -59.53
C ALA A 106 18.61 34.66 -59.04
N GLU A 107 19.05 33.67 -59.82
CA GLU A 107 20.06 32.74 -59.32
C GLU A 107 21.44 33.38 -59.25
N VAL A 108 21.94 33.89 -60.37
CA VAL A 108 23.35 34.27 -60.48
C VAL A 108 23.59 35.62 -59.78
N PRO A 109 24.76 35.84 -59.17
CA PRO A 109 25.82 34.88 -58.83
C PRO A 109 25.72 34.36 -57.40
N ALA A 110 26.39 33.24 -57.10
CA ALA A 110 26.40 32.72 -55.75
C ALA A 110 27.54 33.32 -54.93
N GLU A 111 28.59 33.80 -55.60
CA GLU A 111 29.78 34.27 -54.89
C GLU A 111 29.53 35.57 -54.14
N GLU A 112 28.41 36.26 -54.42
CA GLU A 112 28.17 37.55 -53.80
C GLU A 112 27.36 37.41 -52.51
N ARG A 113 26.69 36.28 -52.31
CA ARG A 113 25.79 36.13 -51.17
C ARG A 113 26.58 35.92 -49.87
N THR A 114 27.80 35.38 -49.97
CA THR A 114 28.62 35.15 -48.80
C THR A 114 28.92 36.46 -48.07
N TYR A 115 29.24 37.51 -48.84
CA TYR A 115 29.53 38.81 -48.28
C TYR A 115 28.36 39.32 -47.45
N PHE A 116 27.16 39.21 -48.02
CA PHE A 116 25.96 39.68 -47.34
C PHE A 116 25.68 38.86 -46.08
N HIS A 117 25.96 37.55 -46.14
CA HIS A 117 25.85 36.74 -44.94
C HIS A 117 26.77 37.25 -43.84
N HIS A 118 28.02 37.55 -44.21
CA HIS A 118 28.98 38.08 -43.25
C HIS A 118 28.44 39.35 -42.59
N GLY A 119 27.96 40.26 -43.41
CA GLY A 119 27.37 41.49 -42.90
C GLY A 119 26.23 41.22 -41.94
N TRP A 120 25.37 40.28 -42.32
CA TRP A 120 24.24 39.87 -41.50
C TRP A 120 24.68 39.49 -40.09
N THR A 121 25.64 38.58 -39.99
CA THR A 121 26.15 38.18 -38.67
C THR A 121 26.68 39.40 -37.93
N ALA A 122 27.70 40.04 -38.50
CA ALA A 122 28.37 41.16 -37.85
C ALA A 122 27.37 42.21 -37.37
N MET A 123 26.19 42.28 -37.97
CA MET A 123 25.17 43.19 -37.50
C MET A 123 24.38 42.61 -36.33
N LEU A 124 23.94 41.35 -36.44
CA LEU A 124 23.18 40.70 -35.37
C LEU A 124 23.88 40.79 -34.02
N VAL A 125 25.22 40.80 -34.07
CA VAL A 125 26.02 40.81 -32.84
C VAL A 125 25.57 41.95 -31.91
N ILE A 126 25.51 43.17 -32.45
CA ILE A 126 25.26 44.34 -31.62
C ILE A 126 23.86 44.27 -31.01
N PHE A 127 22.89 43.84 -31.81
CA PHE A 127 21.56 43.59 -31.28
C PHE A 127 21.67 42.76 -30.01
N PHE A 128 22.22 41.55 -30.13
CA PHE A 128 22.34 40.69 -28.95
C PHE A 128 22.96 41.45 -27.78
N ILE A 129 24.05 42.16 -28.04
CA ILE A 129 24.74 42.90 -26.97
C ILE A 129 23.74 43.73 -26.18
N GLU A 130 23.03 44.62 -26.88
CA GLU A 130 22.14 45.55 -26.19
C GLU A 130 20.98 44.82 -25.52
N GLY A 131 20.34 43.93 -26.26
CA GLY A 131 19.18 43.20 -25.77
C GLY A 131 19.49 42.43 -24.52
N VAL A 132 20.77 42.11 -24.29
CA VAL A 132 21.19 41.43 -23.09
C VAL A 132 21.56 42.41 -21.99
N THR A 133 22.31 43.47 -22.32
CA THR A 133 22.78 44.39 -21.31
C THR A 133 21.61 45.07 -20.59
N VAL A 134 20.66 45.60 -21.36
CA VAL A 134 19.56 46.32 -20.73
C VAL A 134 18.72 45.37 -19.89
N PHE A 135 18.58 44.13 -20.35
CA PHE A 135 17.85 43.12 -19.58
C PHE A 135 18.54 42.88 -18.23
N LEU A 136 19.86 42.71 -18.27
CA LEU A 136 20.62 42.56 -17.04
C LEU A 136 20.31 43.70 -16.08
N LYS A 137 20.43 44.93 -16.58
CA LYS A 137 20.23 46.09 -15.71
C LYS A 137 18.84 46.08 -15.10
N VAL A 138 17.80 45.91 -15.93
CA VAL A 138 16.44 46.02 -15.42
C VAL A 138 16.08 44.88 -14.48
N CYS A 139 16.62 43.68 -14.70
CA CYS A 139 16.32 42.55 -13.83
C CYS A 139 17.16 42.55 -12.56
N SER A 140 18.28 43.28 -12.54
CA SER A 140 19.14 43.31 -11.37
C SER A 140 18.69 44.32 -10.31
N THR A 141 17.74 45.19 -10.63
CA THR A 141 17.32 46.23 -9.69
C THR A 141 15.81 46.42 -9.70
N ARG A 142 15.06 45.40 -10.08
CA ARG A 142 13.60 45.49 -10.04
C ARG A 142 13.05 45.63 -8.63
N LYS A 143 13.88 45.43 -7.61
CA LYS A 143 13.44 45.46 -6.23
C LYS A 143 13.49 46.85 -5.61
N THR A 144 13.98 47.84 -6.34
CA THR A 144 14.15 49.20 -5.83
C THR A 144 13.54 50.19 -6.80
N ARG A 145 12.58 50.98 -6.30
CA ARG A 145 11.87 51.90 -7.17
C ARG A 145 12.82 52.85 -7.88
N TRP A 146 13.77 53.44 -7.15
CA TRP A 146 14.48 54.60 -7.66
C TRP A 146 15.57 54.24 -8.66
N LEU A 147 16.24 53.11 -8.49
CA LEU A 147 17.17 52.66 -9.52
C LEU A 147 16.43 52.34 -10.81
N GLU A 148 15.23 51.77 -10.68
CA GLU A 148 14.37 51.57 -11.84
C GLU A 148 14.06 52.91 -12.50
N LYS A 149 13.65 53.90 -11.72
CA LYS A 149 13.41 55.23 -12.28
C LYS A 149 14.62 55.72 -13.05
N ALA A 150 15.81 55.59 -12.44
CA ALA A 150 17.03 56.04 -13.08
C ALA A 150 17.21 55.39 -14.45
N VAL A 151 17.25 54.06 -14.49
CA VAL A 151 17.53 53.38 -15.75
C VAL A 151 16.46 53.69 -16.78
N LEU A 152 15.18 53.58 -16.39
CA LEU A 152 14.10 53.87 -17.33
C LEU A 152 14.19 55.30 -17.83
N GLN A 153 14.82 56.20 -17.07
CA GLN A 153 15.07 57.54 -17.56
C GLN A 153 16.21 57.56 -18.55
N LYS A 154 17.23 56.74 -18.33
CA LYS A 154 18.41 56.73 -19.19
C LYS A 154 18.13 56.16 -20.58
N LEU A 155 16.96 55.58 -20.79
CA LEU A 155 16.61 54.96 -22.07
C LEU A 155 15.18 55.34 -22.49
N ASP A 156 14.88 56.64 -22.44
CA ASP A 156 13.53 57.14 -22.67
C ASP A 156 12.86 56.48 -23.88
N GLY A 157 13.42 56.64 -25.07
CA GLY A 157 12.78 56.13 -26.27
C GLY A 157 13.70 55.58 -27.33
N ASN A 158 15.01 55.55 -27.06
CA ASN A 158 15.97 55.13 -28.07
C ASN A 158 15.92 53.62 -28.33
N ILE A 159 15.50 52.84 -27.34
CA ILE A 159 15.67 51.40 -27.40
C ILE A 159 14.85 50.80 -28.54
N GLY A 160 13.55 51.09 -28.56
CA GLY A 160 12.70 50.52 -29.60
C GLY A 160 13.19 50.84 -31.00
N VAL A 161 13.61 52.08 -31.21
CA VAL A 161 14.00 52.50 -32.56
C VAL A 161 15.30 51.81 -32.96
N LEU A 162 16.27 51.74 -32.06
CA LEU A 162 17.51 51.03 -32.38
C LEU A 162 17.22 49.56 -32.70
N ILE A 163 16.36 48.93 -31.91
CA ILE A 163 16.06 47.52 -32.12
C ILE A 163 15.40 47.31 -33.47
N GLY A 164 14.44 48.17 -33.83
CA GLY A 164 13.84 48.07 -35.14
C GLY A 164 14.84 48.25 -36.26
N GLU A 165 15.76 49.20 -36.11
CA GLU A 165 16.79 49.40 -37.11
C GLU A 165 17.58 48.11 -37.35
N TYR A 166 18.09 47.53 -36.26
CA TYR A 166 18.89 46.33 -36.39
C TYR A 166 18.08 45.19 -37.01
N ILE A 167 16.82 45.05 -36.58
CA ILE A 167 15.98 43.97 -37.09
C ILE A 167 15.82 44.10 -38.60
N VAL A 168 15.46 45.30 -39.07
CA VAL A 168 15.20 45.46 -40.50
C VAL A 168 16.47 45.23 -41.32
N VAL A 169 17.59 45.79 -40.87
CA VAL A 169 18.83 45.62 -41.66
C VAL A 169 19.20 44.15 -41.74
N ALA A 170 19.11 43.43 -40.61
CA ALA A 170 19.45 42.02 -40.64
C ALA A 170 18.49 41.23 -41.51
N ALA A 171 17.20 41.54 -41.45
CA ALA A 171 16.23 40.84 -42.28
C ALA A 171 16.53 41.04 -43.75
N THR A 172 16.90 42.25 -44.14
CA THR A 172 17.19 42.50 -45.55
C THR A 172 18.42 41.73 -46.02
N TYR A 173 19.51 41.83 -45.24
CA TYR A 173 20.71 41.09 -45.61
C TYR A 173 20.50 39.59 -45.54
N ILE A 174 19.46 39.13 -44.85
CA ILE A 174 19.06 37.73 -44.94
C ILE A 174 18.37 37.46 -46.26
N ILE A 175 17.32 38.23 -46.55
CA ILE A 175 16.58 38.06 -47.81
C ILE A 175 17.54 37.97 -48.98
N MET A 176 18.65 38.72 -48.93
CA MET A 176 19.62 38.63 -50.02
C MET A 176 19.98 37.19 -50.34
N GLY A 177 20.16 36.35 -49.31
CA GLY A 177 20.45 34.95 -49.56
C GLY A 177 19.29 34.24 -50.25
N ALA A 178 18.06 34.52 -49.83
CA ALA A 178 16.90 33.86 -50.40
C ALA A 178 16.81 34.08 -51.90
N ASN A 179 17.41 35.15 -52.42
CA ASN A 179 17.34 35.48 -53.84
C ASN A 179 15.88 35.69 -54.27
N LEU A 180 15.26 36.72 -53.69
CA LEU A 180 13.86 37.00 -54.01
C LEU A 180 13.68 37.49 -55.44
N ILE A 181 14.44 38.52 -55.83
CA ILE A 181 14.27 39.11 -57.15
C ILE A 181 15.53 39.88 -57.57
N PRO A 182 16.12 39.56 -58.72
CA PRO A 182 17.20 40.41 -59.25
C PRO A 182 16.68 41.53 -60.14
N VAL A 183 15.98 42.51 -59.57
CA VAL A 183 15.27 43.53 -60.35
C VAL A 183 16.23 44.38 -61.17
N PHE A 184 17.53 44.20 -60.96
CA PHE A 184 18.56 44.94 -61.68
C PHE A 184 18.22 44.99 -63.17
N GLU A 185 18.21 46.19 -63.73
CA GLU A 185 17.87 46.40 -65.14
C GLU A 185 18.81 47.42 -65.77
N ARG A 188 22.08 51.66 -68.57
CA ARG A 188 23.43 51.11 -68.44
C ARG A 188 23.41 49.60 -68.60
N SER A 189 24.52 48.97 -68.22
CA SER A 189 24.66 47.52 -68.31
C SER A 189 25.29 47.00 -67.02
N GLY A 190 25.07 45.71 -66.75
CA GLY A 190 25.56 45.13 -65.51
C GLY A 190 25.12 45.96 -64.33
N ARG A 191 26.10 46.43 -63.55
CA ARG A 191 25.84 47.25 -62.38
C ARG A 191 24.65 46.72 -61.59
N ARG A 192 24.65 45.40 -61.38
CA ARG A 192 23.52 44.75 -60.72
C ARG A 192 23.24 45.41 -59.38
N VAL A 193 21.96 45.68 -59.12
CA VAL A 193 21.51 46.31 -57.90
C VAL A 193 20.37 45.50 -57.31
N TYR A 194 20.11 45.74 -56.03
CA TYR A 194 19.05 45.06 -55.30
C TYR A 194 18.13 46.11 -54.69
N ALA A 195 16.84 45.80 -54.64
CA ALA A 195 15.85 46.83 -54.36
C ALA A 195 15.68 47.07 -52.86
N VAL A 196 15.54 46.01 -52.08
CA VAL A 196 15.23 46.16 -50.65
C VAL A 196 16.22 47.08 -49.96
N ARG A 197 17.45 47.16 -50.47
CA ARG A 197 18.42 48.09 -49.91
C ARG A 197 17.85 49.48 -49.79
N TYR A 198 17.09 49.91 -50.80
CA TYR A 198 16.54 51.27 -50.79
C TYR A 198 15.50 51.44 -49.69
N MET A 199 14.59 50.48 -49.55
CA MET A 199 13.57 50.57 -48.51
C MET A 199 14.22 50.59 -47.13
N GLU A 200 15.15 49.66 -46.87
CA GLU A 200 15.75 49.63 -45.55
C GLU A 200 16.62 50.86 -45.32
N TRP A 201 17.14 51.48 -46.38
CA TRP A 201 17.85 52.74 -46.21
C TRP A 201 16.89 53.86 -45.82
N THR A 202 15.71 53.90 -46.45
CA THR A 202 14.70 54.85 -46.02
C THR A 202 14.46 54.72 -44.53
N ILE A 203 14.19 53.49 -44.09
CA ILE A 203 13.81 53.28 -42.69
C ILE A 203 14.98 53.64 -41.76
N ASP A 204 16.19 53.23 -42.14
CA ASP A 204 17.34 53.47 -41.29
C ASP A 204 17.59 54.97 -41.13
N ALA A 205 17.64 55.70 -42.25
CA ALA A 205 17.91 57.12 -42.19
C ALA A 205 16.81 57.85 -41.45
N CYS A 206 15.55 57.45 -41.62
CA CYS A 206 14.46 58.12 -40.94
C CYS A 206 14.57 57.95 -39.44
N GLY A 207 14.76 56.71 -38.98
CA GLY A 207 14.95 56.48 -37.57
C GLY A 207 16.15 57.24 -37.02
N LEU A 208 17.23 57.28 -37.80
CA LEU A 208 18.43 57.99 -37.35
C LEU A 208 18.15 59.47 -37.15
N VAL A 209 17.44 60.09 -38.11
CA VAL A 209 17.18 61.52 -38.00
C VAL A 209 16.23 61.80 -36.84
N TYR A 210 15.22 60.95 -36.65
CA TYR A 210 14.34 61.11 -35.49
C TYR A 210 15.15 61.09 -34.20
N LEU A 211 16.03 60.09 -34.06
CA LEU A 211 16.85 60.00 -32.86
C LEU A 211 17.70 61.25 -32.68
N ASP A 212 18.40 61.65 -33.74
CA ASP A 212 19.32 62.79 -33.64
C ASP A 212 18.56 64.05 -33.22
N CYS A 213 17.46 64.35 -33.89
CA CYS A 213 16.72 65.56 -33.55
C CYS A 213 16.19 65.49 -32.13
N ARG A 214 15.52 64.39 -31.76
CA ARG A 214 14.99 64.27 -30.41
C ARG A 214 16.06 64.52 -29.37
N ILE A 215 17.22 63.86 -29.51
CA ILE A 215 18.24 63.96 -28.48
C ILE A 215 18.83 65.36 -28.45
N LEU A 216 19.24 65.88 -29.61
CA LEU A 216 20.09 67.06 -29.62
C LEU A 216 19.29 68.35 -29.45
N PHE A 217 18.03 68.36 -29.90
CA PHE A 217 17.25 69.58 -29.95
C PHE A 217 15.90 69.51 -29.26
N GLY A 218 15.30 68.33 -29.16
CA GLY A 218 14.04 68.21 -28.44
C GLY A 218 12.83 68.75 -29.18
N MET A 219 12.79 68.54 -30.50
CA MET A 219 11.64 68.94 -31.30
C MET A 219 10.82 67.70 -31.66
N PRO A 220 9.76 67.38 -30.91
CA PRO A 220 9.06 66.12 -31.14
C PRO A 220 8.35 66.03 -32.49
N PHE A 221 7.52 67.01 -32.82
CA PHE A 221 6.60 66.90 -33.95
C PHE A 221 6.76 67.96 -35.01
N SER A 222 7.61 68.96 -34.82
CA SER A 222 7.68 70.08 -35.76
C SER A 222 8.72 69.85 -36.85
N LYS A 223 9.98 69.71 -36.46
CA LYS A 223 11.06 69.49 -37.42
C LYS A 223 11.02 68.06 -37.93
N PHE A 224 10.68 67.13 -37.03
CA PHE A 224 10.66 65.72 -37.38
C PHE A 224 9.84 65.47 -38.63
N ARG A 225 8.62 66.01 -38.67
CA ARG A 225 7.71 65.73 -39.78
C ARG A 225 8.34 66.16 -41.11
N MET A 226 8.75 67.42 -41.21
CA MET A 226 9.27 67.94 -42.47
C MET A 226 10.53 67.19 -42.90
N LEU A 227 11.50 67.06 -41.99
CA LEU A 227 12.76 66.42 -42.39
C LEU A 227 12.53 64.95 -42.73
N LEU A 228 11.61 64.30 -42.05
CA LEU A 228 11.29 62.91 -42.30
C LEU A 228 10.68 62.73 -43.69
N VAL A 229 9.68 63.54 -44.01
CA VAL A 229 9.03 63.44 -45.31
C VAL A 229 10.04 63.75 -46.41
N TYR A 230 10.92 64.73 -46.17
CA TYR A 230 11.98 65.01 -47.15
C TYR A 230 12.84 63.78 -47.39
N SER A 231 13.34 63.17 -46.32
CA SER A 231 14.18 61.98 -46.43
C SER A 231 13.49 60.91 -47.28
N VAL A 232 12.29 60.51 -46.86
CA VAL A 232 11.60 59.42 -47.55
C VAL A 232 11.34 59.81 -49.00
N LEU A 233 10.96 61.06 -49.25
CA LEU A 233 10.59 61.47 -50.60
C LEU A 233 11.78 61.36 -51.54
N TYR A 234 12.94 61.92 -51.15
CA TYR A 234 14.05 61.86 -52.09
C TYR A 234 14.69 60.48 -52.16
N MET A 235 14.52 59.65 -51.13
CA MET A 235 14.95 58.26 -51.27
C MET A 235 14.09 57.53 -52.30
N LEU A 236 12.77 57.69 -52.21
CA LEU A 236 11.89 57.08 -53.22
C LEU A 236 12.18 57.63 -54.61
N PHE A 237 12.52 58.91 -54.70
CA PHE A 237 12.87 59.49 -56.00
C PHE A 237 14.14 58.84 -56.55
N GLY A 238 15.17 58.70 -55.71
CA GLY A 238 16.37 58.01 -56.16
C GLY A 238 16.08 56.59 -56.61
N LEU A 239 15.14 55.93 -55.94
CA LEU A 239 14.74 54.59 -56.36
C LEU A 239 14.15 54.63 -57.76
N TRP A 240 13.10 55.44 -57.94
CA TRP A 240 12.50 55.60 -59.27
C TRP A 240 13.56 55.89 -60.31
N ALA A 241 14.55 56.70 -59.95
CA ALA A 241 15.55 57.16 -60.93
C ALA A 241 16.48 56.03 -61.35
N ALA A 242 17.11 55.38 -60.37
CA ALA A 242 18.05 54.31 -60.70
C ALA A 242 17.34 53.11 -61.33
N LEU A 243 16.07 52.89 -60.98
CA LEU A 243 15.34 51.79 -61.59
C LEU A 243 15.28 51.95 -63.11
N ALA A 244 15.11 53.18 -63.59
CA ALA A 244 15.12 53.44 -65.02
C ALA A 244 16.55 53.68 -65.50
N SER A 245 16.70 53.71 -66.82
CA SER A 245 18.02 53.98 -67.40
C SER A 245 18.49 55.37 -66.99
N THR A 246 19.81 55.54 -66.96
CA THR A 246 20.37 56.85 -66.59
C THR A 246 19.91 57.92 -67.57
N TRP A 247 20.28 57.78 -68.84
CA TRP A 247 19.90 58.79 -69.84
C TRP A 247 18.40 59.00 -69.86
N MET A 248 17.62 57.95 -69.62
CA MET A 248 16.17 58.05 -69.77
C MET A 248 15.55 58.96 -68.73
N TRP A 249 15.90 58.77 -67.44
CA TRP A 249 15.17 59.42 -66.36
C TRP A 249 16.08 59.94 -65.24
N TYR A 250 17.30 60.40 -65.57
CA TYR A 250 18.14 60.97 -64.52
C TYR A 250 17.63 62.35 -64.10
N ALA A 251 17.33 63.21 -65.07
CA ALA A 251 16.99 64.59 -64.75
C ALA A 251 15.71 64.68 -63.92
N ILE A 252 14.72 63.85 -64.25
CA ILE A 252 13.41 63.96 -63.61
C ILE A 252 13.53 63.84 -62.10
N PHE A 253 14.30 62.87 -61.62
CA PHE A 253 14.30 62.51 -60.20
C PHE A 253 15.60 62.83 -59.47
N LEU A 254 16.76 62.55 -60.05
CA LEU A 254 18.01 62.66 -59.28
C LEU A 254 18.28 64.11 -58.87
N SER A 255 17.91 65.07 -59.74
CA SER A 255 18.10 66.47 -59.40
C SER A 255 17.25 66.85 -58.18
N ALA A 256 15.97 66.45 -58.19
CA ALA A 256 15.13 66.64 -57.01
C ALA A 256 15.75 65.98 -55.79
N SER A 257 16.38 64.83 -55.98
CA SER A 257 17.01 64.14 -54.86
C SER A 257 18.10 64.99 -54.24
N TRP A 258 19.05 65.44 -55.06
CA TRP A 258 20.10 66.33 -54.56
C TRP A 258 19.51 67.55 -53.88
N PHE A 259 18.45 68.12 -54.46
CA PHE A 259 17.87 69.34 -53.90
C PHE A 259 17.28 69.07 -52.51
N PHE A 260 16.57 67.96 -52.35
CA PHE A 260 16.02 67.63 -51.05
C PHE A 260 17.12 67.37 -50.03
N PHE A 261 18.22 66.75 -50.49
CA PHE A 261 19.38 66.57 -49.62
C PHE A 261 19.87 67.91 -49.10
N GLY A 262 20.01 68.88 -50.00
CA GLY A 262 20.43 70.21 -49.58
C GLY A 262 19.44 70.84 -48.62
N LEU A 263 18.15 70.62 -48.86
CA LEU A 263 17.12 71.16 -47.96
C LEU A 263 17.29 70.62 -46.54
N VAL A 264 17.45 69.30 -46.42
CA VAL A 264 17.59 68.73 -45.09
C VAL A 264 18.91 69.18 -44.45
N CYS A 265 19.94 69.38 -45.26
CA CYS A 265 21.20 69.91 -44.71
C CYS A 265 20.99 71.31 -44.14
N TYR A 266 20.22 72.14 -44.84
CA TYR A 266 19.94 73.49 -44.35
C TYR A 266 19.11 73.42 -43.07
N TYR A 267 18.16 72.49 -43.00
CA TYR A 267 17.38 72.33 -41.78
C TYR A 267 18.29 71.94 -40.61
N TYR A 268 19.21 71.00 -40.85
CA TYR A 268 20.17 70.62 -39.81
C TYR A 268 20.97 71.83 -39.33
N TRP A 269 21.48 72.63 -40.28
CA TRP A 269 22.27 73.79 -39.89
C TRP A 269 21.44 74.77 -39.06
N THR A 270 20.18 74.98 -39.46
CA THR A 270 19.33 75.91 -38.72
C THR A 270 19.08 75.42 -37.30
N PHE A 271 18.79 74.13 -37.16
CA PHE A 271 18.55 73.59 -35.82
C PHE A 271 19.82 73.61 -34.98
N HIS A 272 20.98 73.49 -35.61
CA HIS A 272 22.23 73.67 -34.88
C HIS A 272 22.35 75.11 -34.38
N ARG A 273 22.09 76.08 -35.25
CA ARG A 273 22.13 77.47 -34.84
C ARG A 273 21.11 77.76 -33.74
N GLN A 274 20.02 76.98 -33.69
CA GLN A 274 18.97 77.24 -32.72
C GLN A 274 19.41 76.84 -31.31
N ASN A 275 19.97 75.63 -31.17
CA ASN A 275 20.38 75.10 -29.87
C ASN A 275 21.78 74.52 -29.99
N PRO A 276 22.80 75.37 -30.09
CA PRO A 276 24.20 74.89 -30.18
C PRO A 276 24.85 74.74 -28.81
N SER A 277 24.33 73.80 -28.02
CA SER A 277 24.82 73.54 -26.68
C SER A 277 25.43 72.15 -26.58
N PRO A 278 26.49 71.98 -25.80
CA PRO A 278 27.09 70.65 -25.66
C PRO A 278 26.29 69.75 -24.74
N LEU A 279 26.50 68.45 -24.88
CA LEU A 279 25.83 67.49 -24.04
C LEU A 279 26.43 67.53 -22.64
N GLN A 280 25.59 67.81 -21.64
CA GLN A 280 26.07 67.88 -20.26
C GLN A 280 26.84 66.63 -19.87
N GLN A 281 26.51 65.49 -20.48
CA GLN A 281 27.24 64.27 -20.20
C GLN A 281 28.73 64.45 -20.48
N PHE A 282 29.06 65.05 -21.61
CA PHE A 282 30.44 65.36 -21.95
C PHE A 282 30.84 66.69 -21.31
N GLY A 283 32.12 67.03 -21.45
CA GLY A 283 32.63 68.29 -20.95
C GLY A 283 33.17 69.14 -22.06
N ARG A 284 34.49 69.31 -22.12
CA ARG A 284 35.16 70.07 -23.17
C ARG A 284 35.23 69.32 -24.49
N ALA A 285 34.52 68.20 -24.61
CA ALA A 285 34.59 67.41 -25.84
C ALA A 285 33.91 68.14 -26.99
N PRO A 286 34.42 68.03 -28.22
CA PRO A 286 33.69 68.53 -29.38
C PRO A 286 32.50 67.69 -29.80
N ILE A 287 32.05 66.77 -28.94
CA ILE A 287 30.92 65.91 -29.29
C ILE A 287 29.73 66.76 -29.72
N LYS A 288 28.82 66.13 -30.45
CA LYS A 288 27.63 66.78 -31.01
C LYS A 288 27.98 67.64 -32.23
N GLN A 289 29.27 67.83 -32.49
CA GLN A 289 29.68 68.53 -33.70
C GLN A 289 30.52 67.62 -34.58
N ALA A 290 31.53 66.98 -34.00
CA ALA A 290 32.31 65.99 -34.74
C ALA A 290 31.41 64.94 -35.36
N ILE A 291 30.41 64.46 -34.63
CA ILE A 291 29.58 63.37 -35.10
C ILE A 291 28.66 63.84 -36.23
N LEU A 292 28.09 65.04 -36.09
CA LEU A 292 27.26 65.57 -37.17
C LEU A 292 28.08 65.78 -38.43
N VAL A 293 29.26 66.38 -38.30
CA VAL A 293 30.14 66.57 -39.45
C VAL A 293 30.44 65.23 -40.10
N PHE A 294 30.80 64.23 -39.29
CA PHE A 294 31.13 62.91 -39.84
C PHE A 294 29.95 62.31 -40.58
N VAL A 295 28.76 62.35 -39.97
CA VAL A 295 27.58 61.77 -40.60
C VAL A 295 27.31 62.44 -41.95
N ILE A 296 27.44 63.76 -42.01
CA ILE A 296 27.06 64.45 -43.23
C ILE A 296 28.10 64.26 -44.32
N VAL A 297 29.39 64.32 -43.98
CA VAL A 297 30.41 64.04 -44.98
C VAL A 297 30.30 62.59 -45.45
N TRP A 298 29.82 61.70 -44.58
CA TRP A 298 29.62 60.31 -44.97
C TRP A 298 28.48 60.17 -45.96
N TRP A 299 27.37 60.86 -45.71
CA TRP A 299 26.29 60.87 -46.69
C TRP A 299 26.77 61.46 -48.01
N VAL A 300 27.66 62.46 -47.94
CA VAL A 300 28.23 63.04 -49.15
C VAL A 300 29.01 61.98 -49.94
N LEU A 301 29.87 61.24 -49.25
CA LEU A 301 30.62 60.18 -49.91
C LEU A 301 29.68 59.14 -50.51
N TYR A 302 28.58 58.84 -49.81
CA TYR A 302 27.61 57.89 -50.33
C TYR A 302 27.01 58.38 -51.64
N GLY A 303 26.59 59.63 -51.68
CA GLY A 303 26.06 60.19 -52.92
C GLY A 303 27.10 60.19 -54.03
N VAL A 304 28.36 60.47 -53.68
CA VAL A 304 29.43 60.44 -54.68
C VAL A 304 29.53 59.04 -55.29
N LEU A 305 29.54 58.02 -54.43
CA LEU A 305 29.58 56.65 -54.94
C LEU A 305 28.38 56.36 -55.83
N PHE A 306 27.20 56.84 -55.43
CA PHE A 306 26.01 56.64 -56.25
C PHE A 306 26.21 57.22 -57.65
N MET A 307 26.75 58.44 -57.73
CA MET A 307 26.94 59.06 -59.03
C MET A 307 28.03 58.34 -59.83
N LEU A 308 29.06 57.84 -59.17
CA LEU A 308 30.20 57.25 -59.87
C LEU A 308 29.98 55.81 -60.30
N CYS A 309 29.04 55.10 -59.67
CA CYS A 309 28.85 53.69 -60.01
C CYS A 309 28.42 53.52 -61.47
N PHE A 310 27.33 54.19 -61.85
CA PHE A 310 26.78 53.99 -63.19
C PHE A 310 27.65 54.65 -64.26
N GLN A 311 28.28 55.78 -63.91
CA GLN A 311 29.00 56.56 -64.91
C GLN A 311 30.22 55.81 -65.43
N ALA A 312 31.13 55.42 -64.54
CA ALA A 312 32.43 54.91 -64.94
C ALA A 312 32.39 53.40 -65.11
N PRO A 313 32.84 52.85 -66.24
CA PRO A 313 32.97 51.39 -66.33
C PRO A 313 34.23 50.87 -65.67
N ASP A 314 35.24 51.72 -65.50
CA ASP A 314 36.51 51.28 -64.93
C ASP A 314 36.29 50.60 -63.57
N VAL A 315 35.56 51.25 -62.67
CA VAL A 315 35.24 50.61 -61.40
C VAL A 315 34.39 49.38 -61.64
N VAL A 316 34.86 48.24 -61.17
CA VAL A 316 34.22 46.95 -61.42
C VAL A 316 32.94 46.87 -60.59
N PRO A 317 31.79 46.59 -61.20
CA PRO A 317 30.55 46.48 -60.42
C PRO A 317 30.30 45.10 -59.83
N GLN A 318 31.15 44.12 -60.10
CA GLN A 318 30.84 42.75 -59.71
C GLN A 318 31.06 42.53 -58.21
N TRP A 319 32.20 42.95 -57.68
CA TRP A 319 32.51 42.71 -56.28
C TRP A 319 32.69 43.98 -55.46
N LEU A 320 33.46 44.95 -55.95
CA LEU A 320 33.59 46.23 -55.24
C LEU A 320 32.22 46.81 -54.91
N GLU A 321 31.41 47.05 -55.95
CA GLU A 321 30.05 47.52 -55.77
C GLU A 321 29.35 46.79 -54.62
N GLN A 322 29.23 45.46 -54.73
CA GLN A 322 28.45 44.71 -53.76
C GLN A 322 28.98 44.89 -52.33
N LEU A 323 30.23 45.30 -52.19
CA LEU A 323 30.85 45.33 -50.87
C LEU A 323 30.74 46.70 -50.22
N LEU A 324 30.79 47.76 -51.03
CA LEU A 324 30.88 49.11 -50.47
C LEU A 324 29.67 49.43 -49.60
N TRP A 325 28.47 49.09 -50.07
CA TRP A 325 27.26 49.45 -49.31
C TRP A 325 27.20 48.71 -47.99
N THR A 326 27.52 47.42 -47.99
CA THR A 326 27.56 46.67 -46.74
C THR A 326 28.51 47.34 -45.76
N GLY A 327 29.76 47.53 -46.17
CA GLY A 327 30.71 48.21 -45.31
C GLY A 327 30.18 49.52 -44.76
N MET A 328 29.57 50.32 -45.62
CA MET A 328 29.20 51.67 -45.24
C MET A 328 28.05 51.67 -44.25
N ASP A 329 26.98 50.94 -44.58
CA ASP A 329 25.86 50.82 -43.66
C ASP A 329 26.34 50.37 -42.28
N VAL A 330 27.15 49.31 -42.26
CA VAL A 330 27.58 48.75 -40.98
C VAL A 330 28.36 49.80 -40.18
N VAL A 331 29.37 50.40 -40.80
CA VAL A 331 30.21 51.34 -40.05
C VAL A 331 29.39 52.53 -39.56
N MET A 332 28.48 53.03 -40.39
CA MET A 332 27.65 54.16 -40.00
C MET A 332 26.83 53.83 -38.76
N LYS A 333 26.04 52.75 -38.84
CA LYS A 333 25.20 52.39 -37.69
C LYS A 333 26.05 52.13 -36.46
N LEU A 334 27.26 51.59 -36.63
CA LEU A 334 28.09 51.26 -35.48
C LEU A 334 28.59 52.52 -34.80
N SER A 335 29.11 53.48 -35.58
CA SER A 335 29.51 54.75 -34.99
C SER A 335 28.36 55.41 -34.25
N HIS A 336 27.16 55.40 -34.86
CA HIS A 336 26.00 55.98 -34.21
C HIS A 336 25.76 55.33 -32.85
N THR A 337 25.58 53.99 -32.84
CA THR A 337 25.21 53.32 -31.61
C THR A 337 26.29 53.42 -30.54
N VAL A 338 27.56 53.47 -30.94
CA VAL A 338 28.62 53.55 -29.95
C VAL A 338 28.65 54.92 -29.31
N VAL A 339 28.52 55.99 -30.11
CA VAL A 339 28.42 57.32 -29.52
C VAL A 339 27.24 57.36 -28.55
N LEU A 340 26.13 56.73 -28.93
CA LEU A 340 24.96 56.71 -28.06
C LEU A 340 25.26 56.03 -26.74
N MET A 341 25.80 54.82 -26.79
CA MET A 341 26.11 54.08 -25.57
C MET A 341 27.08 54.88 -24.68
N ALA A 342 28.07 55.52 -25.29
CA ALA A 342 28.99 56.34 -24.51
C ALA A 342 28.25 57.45 -23.79
N TRP A 343 27.43 58.22 -24.52
CA TRP A 343 26.65 59.26 -23.88
C TRP A 343 25.76 58.72 -22.78
N ARG A 344 25.36 57.45 -22.88
CA ARG A 344 24.42 56.89 -21.91
C ARG A 344 25.11 56.40 -20.64
N GLU A 345 26.32 55.84 -20.76
CA GLU A 345 26.95 55.20 -19.61
C GLU A 345 27.48 56.21 -18.59
N THR A 346 27.37 57.50 -18.86
CA THR A 346 27.90 58.50 -17.94
C THR A 346 26.93 58.73 -16.78
N GLN A 347 27.49 59.07 -15.63
CA GLN A 347 26.68 59.35 -14.45
C GLN A 347 25.96 60.68 -14.60
N TRP A 348 24.68 60.70 -14.24
CA TRP A 348 23.84 61.88 -14.31
C TRP A 348 23.56 62.38 -12.89
N GLU A 349 22.71 63.41 -12.79
CA GLU A 349 22.36 63.98 -11.50
C GLU A 349 21.46 63.03 -10.69
N ILE A 350 20.71 62.17 -11.38
CA ILE A 350 19.80 61.26 -10.70
C ILE A 350 20.53 60.42 -9.67
N ASP A 351 21.77 60.01 -9.99
CA ASP A 351 22.56 59.25 -9.02
C ASP A 351 22.82 60.07 -7.77
N ALA A 352 23.09 61.37 -7.93
CA ALA A 352 23.27 62.25 -6.79
C ALA A 352 21.99 62.32 -5.96
N VAL A 353 20.85 62.49 -6.63
CA VAL A 353 19.57 62.49 -5.94
C VAL A 353 19.42 61.23 -5.10
N VAL A 354 19.77 60.09 -5.67
CA VAL A 354 19.54 58.82 -4.98
C VAL A 354 20.48 58.68 -3.78
N ASP A 355 21.75 59.04 -3.95
CA ASP A 355 22.67 58.99 -2.80
C ASP A 355 22.22 59.91 -1.68
N ARG A 356 21.69 61.08 -2.05
CA ARG A 356 21.14 61.99 -1.05
C ARG A 356 19.99 61.34 -0.29
N GLN A 357 19.07 60.70 -1.03
CA GLN A 357 18.01 59.95 -0.36
C GLN A 357 18.59 58.90 0.56
N LYS A 358 19.70 58.27 0.16
CA LYS A 358 20.23 57.13 0.89
C LYS A 358 20.77 57.53 2.25
N VAL A 359 21.66 58.52 2.28
CA VAL A 359 22.33 58.87 3.55
C VAL A 359 21.30 59.18 4.64
N GLU A 360 20.20 59.84 4.25
CA GLU A 360 19.15 60.18 5.20
C GLU A 360 18.64 58.96 5.94
N ALA A 361 18.68 57.79 5.31
CA ALA A 361 18.17 56.58 5.94
C ALA A 361 19.06 56.15 7.10
N GLY A 362 20.37 56.08 6.87
CA GLY A 362 21.29 55.81 7.97
C GLY A 362 21.11 56.79 9.10
N ARG A 363 20.89 58.07 8.76
CA ARG A 363 20.69 59.06 9.81
C ARG A 363 19.44 58.75 10.64
N ALA A 364 18.31 58.54 9.97
CA ALA A 364 17.08 58.18 10.68
C ALA A 364 17.27 56.94 11.53
N ILE A 365 18.09 56.00 11.06
CA ILE A 365 18.31 54.76 11.80
C ILE A 365 19.05 55.05 13.09
N ALA A 366 20.11 55.86 13.01
CA ALA A 366 20.80 56.26 14.23
C ALA A 366 19.86 56.96 15.20
N GLN A 367 18.94 57.76 14.66
CA GLN A 367 17.97 58.43 15.53
C GLN A 367 17.09 57.42 16.26
N LEU A 368 16.54 56.44 15.52
CA LEU A 368 15.76 55.38 16.13
C LEU A 368 16.55 54.71 17.25
N ASP A 369 17.83 54.41 16.98
CA ASP A 369 18.65 53.73 17.97
C ASP A 369 18.77 54.56 19.24
N HIS A 370 19.07 55.85 19.11
CA HIS A 370 19.20 56.70 20.29
C HIS A 370 17.90 56.77 21.08
N GLN A 371 16.77 56.91 20.37
CA GLN A 371 15.48 56.98 21.04
C GLN A 371 15.23 55.73 21.87
N ARG A 372 15.38 54.56 21.24
CA ARG A 372 15.20 53.32 21.98
C ARG A 372 16.17 53.21 23.14
N ALA A 373 17.39 53.73 22.98
CA ALA A 373 18.36 53.68 24.06
C ALA A 373 17.85 54.44 25.28
N ILE A 374 17.39 55.68 25.07
CA ILE A 374 16.89 56.49 26.18
C ILE A 374 15.70 55.79 26.84
N HIS A 375 14.77 55.29 26.02
CA HIS A 375 13.61 54.60 26.56
C HIS A 375 14.01 53.42 27.44
N GLU A 376 14.86 52.54 26.90
CA GLU A 376 15.33 51.39 27.66
C GLU A 376 16.00 51.81 28.96
N ARG A 377 16.84 52.84 28.91
CA ARG A 377 17.52 53.30 30.12
C ARG A 377 16.52 53.67 31.20
N ASP A 378 15.57 54.55 30.85
CA ASP A 378 14.58 54.97 31.84
C ASP A 378 13.81 53.76 32.38
N LEU A 379 13.43 52.84 31.50
CA LEU A 379 12.60 51.71 31.89
C LEU A 379 13.34 50.78 32.85
N VAL A 380 14.55 50.36 32.46
CA VAL A 380 15.33 49.45 33.30
C VAL A 380 15.66 50.11 34.63
N ARG A 381 15.91 51.41 34.62
CA ARG A 381 16.11 52.11 35.89
C ARG A 381 14.87 51.98 36.77
N LEU A 382 13.71 52.32 36.22
CA LEU A 382 12.49 52.31 37.03
C LEU A 382 12.24 50.92 37.61
N ARG A 383 12.21 49.89 36.77
CA ARG A 383 11.77 48.58 37.25
C ARG A 383 12.79 47.96 38.19
N SER A 384 14.08 48.01 37.83
CA SER A 384 15.12 47.34 38.60
C SER A 384 15.69 48.21 39.72
N ARG A 385 14.98 49.26 40.14
CA ARG A 385 15.49 50.17 41.16
C ARG A 385 14.63 50.25 42.41
N VAL A 386 13.32 50.50 42.25
CA VAL A 386 12.52 51.00 43.37
C VAL A 386 11.83 49.87 44.12
N TYR A 387 10.93 49.16 43.43
CA TYR A 387 10.04 48.22 44.09
C TYR A 387 10.62 46.82 44.20
N TYR A 388 11.75 46.56 43.55
CA TYR A 388 12.33 45.22 43.52
C TYR A 388 13.81 45.28 43.87
N PHE A 463 50.45 62.20 -11.78
CA PHE A 463 49.64 61.19 -12.44
C PHE A 463 50.29 59.82 -12.31
N ALA A 464 50.13 59.20 -11.14
CA ALA A 464 50.76 57.91 -10.84
C ALA A 464 49.76 56.76 -10.88
N ARG A 465 48.69 56.85 -10.09
CA ARG A 465 47.70 55.76 -10.06
C ARG A 465 47.15 55.47 -11.44
N VAL A 466 46.88 56.51 -12.23
CA VAL A 466 46.32 56.34 -13.56
C VAL A 466 47.29 55.55 -14.45
N ASN A 467 48.53 56.01 -14.54
CA ASN A 467 49.50 55.36 -15.41
C ASN A 467 49.72 53.91 -15.01
N LYS A 468 49.68 53.60 -13.73
CA LYS A 468 49.88 52.21 -13.29
C LYS A 468 48.65 51.35 -13.59
N ILE A 469 47.45 51.89 -13.35
CA ILE A 469 46.23 51.19 -13.72
C ILE A 469 46.24 50.85 -15.19
N PHE A 470 46.92 51.66 -16.01
CA PHE A 470 47.09 51.31 -17.42
C PHE A 470 48.22 50.30 -17.65
N MET A 471 49.34 50.48 -16.95
CA MET A 471 50.54 49.69 -17.24
C MET A 471 50.36 48.23 -16.86
N ARG A 472 49.60 47.95 -15.80
CA ARG A 472 49.37 46.55 -15.43
C ARG A 472 48.72 45.78 -16.58
N GLU A 473 47.63 46.33 -17.12
CA GLU A 473 46.98 45.75 -18.29
C GLU A 473 47.94 45.65 -19.47
N ALA A 474 48.69 46.74 -19.72
CA ALA A 474 49.67 46.73 -20.79
C ALA A 474 50.60 45.52 -20.67
N GLY A 475 51.02 45.21 -19.43
CA GLY A 475 51.89 44.07 -19.23
C GLY A 475 51.20 42.74 -19.48
N LEU A 476 49.98 42.60 -18.96
CA LEU A 476 49.28 41.33 -19.10
C LEU A 476 49.09 40.95 -20.56
N CYS A 477 48.75 41.94 -21.40
CA CYS A 477 48.52 41.64 -22.81
C CYS A 477 49.72 40.97 -23.45
N LEU A 478 50.93 41.47 -23.15
CA LEU A 478 52.13 40.91 -23.78
C LEU A 478 52.38 39.49 -23.32
N VAL A 479 52.14 39.19 -22.04
CA VAL A 479 52.28 37.82 -21.57
C VAL A 479 51.39 36.89 -22.38
N LEU A 480 50.13 37.28 -22.56
CA LEU A 480 49.21 36.42 -23.30
C LEU A 480 49.68 36.22 -24.74
N CYS A 481 50.07 37.31 -25.41
CA CYS A 481 50.53 37.20 -26.79
C CYS A 481 51.75 36.29 -26.89
N LEU A 482 52.70 36.44 -25.98
CA LEU A 482 53.92 35.63 -26.04
C LEU A 482 53.60 34.15 -25.82
N ALA A 483 52.69 33.85 -24.89
CA ALA A 483 52.32 32.45 -24.68
C ALA A 483 51.72 31.85 -25.95
N PHE A 484 50.79 32.60 -26.58
CA PHE A 484 50.19 32.08 -27.81
C PHE A 484 51.24 31.86 -28.89
N VAL A 485 52.20 32.78 -29.00
CA VAL A 485 53.26 32.64 -29.99
C VAL A 485 54.08 31.39 -29.71
N VAL A 486 54.41 31.15 -28.44
CA VAL A 486 55.18 29.97 -28.07
C VAL A 486 54.46 28.71 -28.53
N ALA A 487 53.16 28.62 -28.22
CA ALA A 487 52.39 27.47 -28.68
C ALA A 487 52.47 27.33 -30.19
N LEU A 488 51.96 28.33 -30.91
CA LEU A 488 51.93 28.27 -32.37
C LEU A 488 53.27 27.89 -32.96
N LEU A 489 54.38 28.23 -32.27
CA LEU A 489 55.70 27.89 -32.78
C LEU A 489 56.07 26.44 -32.47
N HIS A 490 55.67 25.93 -31.31
CA HIS A 490 56.12 24.61 -30.88
C HIS A 490 55.23 23.47 -31.36
N LEU A 491 54.02 23.78 -31.83
CA LEU A 491 53.09 22.71 -32.20
C LEU A 491 53.64 21.79 -33.28
N PRO A 492 53.87 22.24 -34.52
CA PRO A 492 54.06 21.28 -35.61
C PRO A 492 55.37 20.53 -35.55
N VAL A 493 56.38 21.06 -34.87
CA VAL A 493 57.66 20.35 -34.79
C VAL A 493 57.49 19.06 -33.99
N TYR A 494 56.44 18.96 -33.19
CA TYR A 494 56.14 17.75 -32.43
C TYR A 494 55.02 16.93 -33.04
N SER A 495 54.42 17.38 -34.14
CA SER A 495 53.36 16.66 -34.82
C SER A 495 53.65 16.63 -36.31
N GLU A 496 53.42 15.46 -36.92
CA GLU A 496 53.72 15.24 -38.33
C GLU A 496 55.20 15.02 -38.56
N TRP A 497 56.01 15.21 -37.51
CA TRP A 497 57.39 14.74 -37.54
C TRP A 497 57.51 13.42 -36.81
N PHE A 498 56.69 13.23 -35.78
CA PHE A 498 56.53 11.95 -35.10
C PHE A 498 55.09 11.47 -35.11
N GLY A 499 54.27 11.98 -36.03
CA GLY A 499 52.85 11.70 -36.05
C GLY A 499 52.35 11.17 -37.38
N VAL A 500 51.40 10.24 -37.34
CA VAL A 500 50.85 9.68 -38.56
C VAL A 500 49.72 10.56 -39.08
N GLU A 501 49.34 10.34 -40.35
CA GLU A 501 48.31 11.15 -41.00
C GLU A 501 48.65 12.63 -40.88
N VAL A 502 49.89 12.98 -41.25
CA VAL A 502 50.40 14.31 -40.96
C VAL A 502 49.83 15.34 -41.93
N LEU A 503 49.53 14.93 -43.16
CA LEU A 503 49.26 15.85 -44.25
C LEU A 503 47.83 15.71 -44.75
N ASP A 504 47.16 16.85 -44.89
CA ASP A 504 45.92 16.96 -45.64
C ASP A 504 46.09 18.13 -46.61
N ALA A 505 45.97 17.85 -47.91
CA ALA A 505 46.27 18.84 -48.94
C ALA A 505 44.98 19.56 -49.29
N GLU A 506 44.85 20.81 -48.84
CA GLU A 506 43.62 21.58 -48.98
C GLU A 506 42.44 20.87 -48.36
N ALA A 507 42.41 20.73 -47.04
CA ALA A 507 41.57 19.75 -46.32
C ALA A 507 40.22 19.66 -47.01
N VAL A 508 39.45 20.74 -47.10
CA VAL A 508 38.23 20.79 -47.88
C VAL A 508 38.05 22.22 -48.38
N PRO A 509 38.50 22.55 -49.60
CA PRO A 509 38.55 23.96 -50.00
C PRO A 509 37.20 24.66 -49.99
N HIS A 510 36.13 23.95 -50.35
CA HIS A 510 34.87 24.61 -50.65
C HIS A 510 34.10 24.97 -49.38
N ASP A 511 34.04 24.05 -48.42
CA ASP A 511 33.10 24.20 -47.32
C ASP A 511 33.68 25.02 -46.18
N GLU A 512 34.91 24.70 -45.77
CA GLU A 512 35.39 25.17 -44.47
C GLU A 512 35.58 26.68 -44.44
N LEU A 513 36.28 27.25 -45.44
CA LEU A 513 36.65 28.66 -45.37
C LEU A 513 35.43 29.56 -45.19
N GLY A 514 34.30 29.17 -45.78
CA GLY A 514 33.10 29.99 -45.68
C GLY A 514 32.59 30.07 -44.25
N PHE A 515 32.86 29.04 -43.45
CA PHE A 515 32.49 29.07 -42.05
C PHE A 515 33.47 29.89 -41.22
N PHE A 516 34.76 29.84 -41.54
CA PHE A 516 35.77 30.49 -40.71
C PHE A 516 35.87 31.99 -40.97
N HIS A 517 35.52 32.45 -42.17
CA HIS A 517 35.66 33.88 -42.47
C HIS A 517 34.71 34.74 -41.65
N HIS A 518 33.84 34.14 -40.85
CA HIS A 518 32.84 34.89 -40.09
C HIS A 518 33.40 35.36 -38.75
N GLY A 519 34.09 34.47 -38.05
CA GLY A 519 34.46 34.68 -36.67
C GLY A 519 35.36 35.87 -36.43
N TRP A 520 36.46 35.95 -37.18
CA TRP A 520 37.40 37.04 -36.96
C TRP A 520 36.77 38.37 -37.31
N THR A 521 35.82 38.37 -38.25
CA THR A 521 35.09 39.60 -38.56
C THR A 521 34.25 40.05 -37.36
N THR A 522 33.49 39.13 -36.78
CA THR A 522 32.69 39.47 -35.61
C THR A 522 33.57 39.98 -34.48
N MET A 523 34.71 39.32 -34.26
CA MET A 523 35.59 39.70 -33.15
C MET A 523 36.21 41.06 -33.41
N LEU A 524 36.58 41.35 -34.66
CA LEU A 524 37.03 42.68 -35.04
C LEU A 524 36.00 43.74 -34.70
N VAL A 525 34.74 43.45 -35.04
CA VAL A 525 33.64 44.37 -34.70
C VAL A 525 33.67 44.69 -33.21
N VAL A 526 33.61 43.64 -32.38
CA VAL A 526 33.55 43.83 -30.93
C VAL A 526 34.75 44.64 -30.44
N PHE A 527 35.93 44.30 -30.97
CA PHE A 527 37.17 45.00 -30.63
C PHE A 527 37.03 46.50 -30.84
N LEU A 528 36.65 46.88 -32.05
CA LEU A 528 36.49 48.29 -32.39
C LEU A 528 35.52 48.95 -31.42
N ILE A 529 34.39 48.28 -31.15
CA ILE A 529 33.39 48.84 -30.25
C ILE A 529 34.03 49.21 -28.93
N GLU A 530 34.63 48.23 -28.26
CA GLU A 530 35.18 48.46 -26.93
C GLU A 530 36.24 49.57 -26.96
N SER A 531 37.13 49.50 -27.95
CA SER A 531 38.23 50.47 -28.02
C SER A 531 37.69 51.89 -28.09
N ILE A 532 36.77 52.14 -29.01
CA ILE A 532 36.30 53.51 -29.21
C ILE A 532 35.46 53.96 -28.03
N THR A 533 34.69 53.05 -27.42
CA THR A 533 33.95 53.43 -26.23
C THR A 533 34.89 53.97 -25.15
N VAL A 534 35.98 53.24 -24.89
CA VAL A 534 36.92 53.68 -23.87
C VAL A 534 37.56 55.00 -24.27
N LEU A 535 37.94 55.12 -25.54
CA LEU A 535 38.54 56.37 -26.02
C LEU A 535 37.62 57.55 -25.76
N LEU A 536 36.32 57.37 -26.01
CA LEU A 536 35.36 58.46 -25.83
C LEU A 536 35.21 58.81 -24.35
N LYS A 537 35.09 57.78 -23.50
CA LYS A 537 35.01 58.03 -22.07
C LYS A 537 36.17 58.89 -21.60
N VAL A 538 37.39 58.52 -22.02
CA VAL A 538 38.57 59.26 -21.58
C VAL A 538 38.57 60.67 -22.18
N TRP A 539 38.17 60.80 -23.45
CA TRP A 539 38.11 62.10 -24.07
C TRP A 539 37.15 63.03 -23.33
N SER A 540 36.08 62.48 -22.76
CA SER A 540 35.14 63.29 -22.01
C SER A 540 35.64 63.59 -20.61
N THR A 541 36.47 62.71 -20.03
CA THR A 541 37.06 62.95 -18.72
C THR A 541 38.52 63.37 -18.80
N TRP A 542 38.95 63.94 -19.93
CA TRP A 542 40.35 64.36 -20.05
C TRP A 542 40.63 65.61 -19.22
N HIS A 543 39.82 66.65 -19.40
CA HIS A 543 40.13 67.93 -18.77
C HIS A 543 40.10 67.84 -17.25
N ASP A 544 39.16 67.07 -16.70
CA ASP A 544 38.98 66.99 -15.26
C ASP A 544 39.83 65.86 -14.71
N PRO A 545 40.86 66.14 -13.90
CA PRO A 545 41.68 65.04 -13.36
C PRO A 545 40.91 64.15 -12.40
N ARG A 546 40.14 64.75 -11.48
CA ARG A 546 39.50 63.96 -10.42
C ARG A 546 38.63 62.86 -11.00
N LEU A 547 37.96 63.14 -12.12
CA LEU A 547 37.08 62.14 -12.73
C LEU A 547 37.87 61.03 -13.42
N ALA A 548 39.04 61.34 -13.96
CA ALA A 548 39.78 60.35 -14.74
C ALA A 548 40.19 59.15 -13.89
N GLU A 549 40.60 59.39 -12.64
CA GLU A 549 41.05 58.29 -11.80
C GLU A 549 39.93 57.29 -11.53
N ASN A 550 38.69 57.76 -11.45
CA ASN A 550 37.56 56.84 -11.26
C ASN A 550 37.53 55.80 -12.37
N VAL A 551 37.34 56.26 -13.61
CA VAL A 551 37.29 55.34 -14.74
C VAL A 551 38.57 54.51 -14.82
N ALA A 552 39.71 55.14 -14.59
CA ALA A 552 40.97 54.41 -14.64
C ALA A 552 40.95 53.21 -13.70
N GLN A 553 40.44 53.41 -12.48
CA GLN A 553 40.34 52.31 -11.54
C GLN A 553 39.27 51.31 -11.96
N GLN A 554 38.24 51.77 -12.67
CA GLN A 554 37.19 50.86 -13.12
C GLN A 554 37.75 49.82 -14.09
N LEU A 555 38.59 50.26 -15.02
CA LEU A 555 39.07 49.39 -16.10
C LEU A 555 40.21 48.49 -15.68
N SER A 556 40.62 48.51 -14.41
CA SER A 556 41.78 47.74 -13.99
C SER A 556 41.43 46.28 -13.74
N GLY A 557 42.35 45.40 -14.07
CA GLY A 557 42.19 43.98 -13.83
C GLY A 557 41.29 43.25 -14.81
N ASN A 558 40.62 43.96 -15.71
CA ASN A 558 39.65 43.34 -16.60
C ASN A 558 39.87 43.66 -18.07
N LEU A 559 40.37 44.85 -18.40
CA LEU A 559 40.45 45.26 -19.80
C LEU A 559 41.51 44.47 -20.55
N GLY A 560 42.66 44.21 -19.91
CA GLY A 560 43.75 43.54 -20.61
C GLY A 560 43.37 42.20 -21.19
N VAL A 561 42.42 41.51 -20.56
CA VAL A 561 42.09 40.16 -20.97
C VAL A 561 41.21 40.18 -22.22
N LEU A 562 40.33 41.17 -22.34
CA LEU A 562 39.35 41.18 -23.42
C LEU A 562 40.02 41.37 -24.78
N ILE A 563 40.90 42.35 -24.88
CA ILE A 563 41.57 42.61 -26.16
C ILE A 563 42.39 41.40 -26.58
N ALA A 564 43.11 40.79 -25.64
CA ALA A 564 43.91 39.62 -25.95
C ALA A 564 43.04 38.49 -26.46
N GLU A 565 41.98 38.17 -25.73
CA GLU A 565 41.06 37.13 -26.17
C GLU A 565 40.55 37.40 -27.57
N TYR A 566 40.05 38.62 -27.80
CA TYR A 566 39.48 38.97 -29.10
C TYR A 566 40.51 38.77 -30.21
N LEU A 567 41.69 39.37 -30.06
CA LEU A 567 42.67 39.35 -31.14
C LEU A 567 43.16 37.94 -31.40
N VAL A 568 43.39 37.14 -30.35
CA VAL A 568 43.89 35.80 -30.57
C VAL A 568 42.84 34.94 -31.27
N VAL A 569 41.57 35.07 -30.88
CA VAL A 569 40.52 34.32 -31.56
C VAL A 569 40.46 34.71 -33.03
N GLY A 570 40.47 36.02 -33.29
CA GLY A 570 40.46 36.49 -34.67
C GLY A 570 41.61 35.91 -35.48
N ALA A 571 42.82 35.98 -34.94
CA ALA A 571 43.98 35.49 -35.67
C ALA A 571 43.86 33.99 -35.96
N THR A 572 43.44 33.20 -34.96
CA THR A 572 43.33 31.76 -35.16
C THR A 572 42.31 31.44 -36.25
N TYR A 573 41.13 32.07 -36.19
CA TYR A 573 40.12 31.76 -37.19
C TYR A 573 40.51 32.33 -38.56
N VAL A 574 41.33 33.37 -38.60
CA VAL A 574 41.88 33.83 -39.87
C VAL A 574 42.78 32.76 -40.46
N ILE A 575 43.74 32.28 -39.67
CA ILE A 575 44.58 31.17 -40.10
C ILE A 575 43.73 30.04 -40.66
N LEU A 576 42.67 29.67 -39.94
CA LEU A 576 41.82 28.58 -40.40
C LEU A 576 41.15 28.92 -41.72
N GLY A 577 40.74 30.18 -41.89
CA GLY A 577 40.08 30.56 -43.13
C GLY A 577 40.89 30.18 -44.36
N TYR A 578 42.04 30.80 -44.54
CA TYR A 578 43.02 30.38 -45.54
C TYR A 578 44.19 29.75 -44.80
N ASN A 579 44.41 28.47 -45.04
CA ASN A 579 45.25 27.65 -44.17
C ASN A 579 46.73 27.87 -44.50
N LEU A 580 47.45 28.48 -43.57
CA LEU A 580 48.90 28.45 -43.55
C LEU A 580 49.44 27.31 -42.69
N MET A 581 48.56 26.62 -41.95
CA MET A 581 48.96 25.60 -41.01
C MET A 581 48.42 24.24 -41.44
N PRO A 582 49.10 23.15 -41.08
CA PRO A 582 48.70 21.83 -41.56
C PRO A 582 47.40 21.35 -40.93
N VAL A 583 46.77 20.38 -41.61
CA VAL A 583 45.60 19.69 -41.11
C VAL A 583 45.96 18.22 -40.92
N PHE A 584 45.58 17.66 -39.78
CA PHE A 584 45.86 16.28 -39.45
C PHE A 584 44.58 15.47 -39.49
N VAL A 585 44.62 14.32 -40.16
CA VAL A 585 43.50 13.38 -40.15
C VAL A 585 43.87 12.22 -39.24
N VAL A 586 42.87 11.38 -38.93
CA VAL A 586 43.06 10.26 -38.02
C VAL A 586 42.66 8.98 -38.71
N HIS A 587 43.36 7.90 -38.40
CA HIS A 587 43.09 6.57 -38.94
C HIS A 587 42.98 5.60 -37.77
N ARG A 588 41.83 4.94 -37.66
CA ARG A 588 41.58 4.02 -36.57
C ARG A 588 40.58 2.97 -37.04
N PRO A 589 40.48 1.85 -36.33
CA PRO A 589 39.46 0.86 -36.68
C PRO A 589 38.07 1.47 -36.71
N GLY A 590 37.19 0.83 -37.47
CA GLY A 590 35.87 1.40 -37.68
C GLY A 590 35.89 2.37 -38.84
N VAL A 591 36.02 3.65 -38.53
CA VAL A 591 36.08 4.71 -39.53
C VAL A 591 37.39 5.47 -39.36
N ALA A 592 37.80 6.12 -40.45
CA ALA A 592 39.02 6.92 -40.44
C ALA A 592 38.86 8.26 -41.13
N SER A 593 37.68 8.59 -41.66
CA SER A 593 37.46 9.85 -42.34
C SER A 593 37.39 11.05 -41.39
N ARG A 594 37.50 10.83 -40.08
CA ARG A 594 37.40 11.92 -39.13
C ARG A 594 38.51 12.93 -39.35
N ARG A 595 38.13 14.16 -39.69
CA ARG A 595 39.08 15.24 -39.85
C ARG A 595 39.32 15.94 -38.51
N VAL A 596 40.49 16.55 -38.37
CA VAL A 596 40.91 17.15 -37.12
C VAL A 596 41.74 18.39 -37.43
N TYR A 597 41.57 19.42 -36.60
CA TYR A 597 42.26 20.69 -36.77
C TYR A 597 43.15 20.97 -35.56
N ALA A 598 44.22 21.73 -35.79
CA ALA A 598 45.31 21.82 -34.82
C ALA A 598 45.18 23.02 -33.89
N VAL A 599 45.21 24.24 -34.43
CA VAL A 599 45.36 25.42 -33.58
C VAL A 599 44.16 25.61 -32.66
N ARG A 600 42.96 25.23 -33.14
CA ARG A 600 41.72 25.45 -32.41
C ARG A 600 41.87 25.16 -30.93
N TYR A 601 42.67 24.16 -30.59
CA TYR A 601 42.75 23.72 -29.20
C TYR A 601 43.62 24.66 -28.37
N MET A 602 44.82 24.99 -28.87
CA MET A 602 45.73 25.81 -28.09
C MET A 602 45.02 27.07 -27.58
N GLU A 603 44.55 27.90 -28.52
CA GLU A 603 43.84 29.11 -28.12
C GLU A 603 42.79 28.79 -27.06
N TRP A 604 41.96 27.78 -27.31
CA TRP A 604 40.94 27.40 -26.32
C TRP A 604 41.55 27.43 -24.93
N ALA A 605 42.55 26.59 -24.70
CA ALA A 605 43.19 26.54 -23.38
C ALA A 605 43.52 27.94 -22.90
N VAL A 606 44.40 28.63 -23.64
CA VAL A 606 44.76 29.98 -23.26
C VAL A 606 43.50 30.80 -23.03
N ASP A 607 42.62 30.81 -24.04
CA ASP A 607 41.34 31.49 -23.92
C ASP A 607 40.70 31.21 -22.57
N ALA A 608 40.44 29.94 -22.30
CA ALA A 608 39.75 29.57 -21.07
C ALA A 608 40.39 30.25 -19.87
N THR A 609 41.72 30.14 -19.76
CA THR A 609 42.40 30.66 -18.59
C THR A 609 41.99 32.11 -18.33
N GLY A 610 42.02 32.94 -19.38
CA GLY A 610 41.56 34.30 -19.26
C GLY A 610 40.25 34.34 -18.49
N LEU A 611 39.22 33.77 -19.11
CA LEU A 611 37.91 33.71 -18.46
C LEU A 611 38.04 33.34 -17.00
N ILE A 612 38.74 32.23 -16.72
CA ILE A 612 38.89 31.80 -15.34
C ILE A 612 39.47 32.93 -14.50
N TRP A 613 40.70 33.35 -14.83
CA TRP A 613 41.36 34.38 -14.04
C TRP A 613 40.50 35.62 -13.89
N LEU A 614 39.51 35.77 -14.76
CA LEU A 614 38.60 36.90 -14.69
C LEU A 614 37.32 36.54 -13.92
N ASP A 615 36.68 35.44 -14.29
CA ASP A 615 35.40 35.10 -13.70
C ASP A 615 35.52 34.65 -12.25
N CYS A 616 36.74 34.41 -11.77
CA CYS A 616 36.99 34.01 -10.40
C CYS A 616 37.66 35.12 -9.60
N HIS A 617 37.92 36.27 -10.21
CA HIS A 617 38.58 37.38 -9.55
C HIS A 617 37.65 38.58 -9.42
N CYS A 618 37.10 39.07 -10.53
CA CYS A 618 36.24 40.24 -10.48
C CYS A 618 34.90 39.92 -9.83
N LEU A 619 34.27 38.83 -10.24
CA LEU A 619 33.01 38.43 -9.65
C LEU A 619 33.19 38.04 -8.19
N PHE A 620 34.00 37.01 -7.94
CA PHE A 620 34.31 36.53 -6.60
C PHE A 620 35.70 37.05 -6.25
N SER A 621 35.73 38.07 -5.40
CA SER A 621 36.98 38.75 -5.09
C SER A 621 37.95 37.81 -4.40
N ARG A 622 38.97 37.37 -5.12
CA ARG A 622 39.97 36.45 -4.59
C ARG A 622 41.35 36.85 -5.11
N ASN A 623 42.37 36.47 -4.36
CA ASN A 623 43.75 36.74 -4.73
C ASN A 623 44.19 35.70 -5.76
N PHE A 624 45.49 35.68 -6.06
CA PHE A 624 46.01 34.74 -7.05
C PHE A 624 46.32 33.39 -6.44
N ASN A 625 46.72 33.35 -5.17
CA ASN A 625 47.15 32.11 -4.54
C ASN A 625 46.12 31.00 -4.67
N GLU A 626 44.84 31.35 -4.88
CA GLU A 626 43.78 30.35 -4.98
C GLU A 626 43.37 30.04 -6.41
N PHE A 627 43.82 30.82 -7.39
CA PHE A 627 43.54 30.53 -8.79
C PHE A 627 44.46 29.47 -9.38
N ARG A 628 45.63 29.26 -8.77
CA ARG A 628 46.68 28.46 -9.39
C ARG A 628 46.15 27.13 -9.93
N MET A 629 45.53 26.33 -9.05
CA MET A 629 45.16 24.96 -9.41
C MET A 629 44.30 24.92 -10.67
N ALA A 630 43.29 25.78 -10.74
CA ALA A 630 42.38 25.76 -11.89
C ALA A 630 43.14 26.00 -13.18
N ILE A 631 44.07 26.97 -13.18
CA ILE A 631 44.86 27.24 -14.37
C ILE A 631 45.74 26.05 -14.70
N VAL A 632 46.37 25.46 -13.69
CA VAL A 632 47.27 24.34 -13.94
C VAL A 632 46.51 23.14 -14.49
N TRP A 633 45.23 23.02 -14.18
CA TRP A 633 44.45 21.86 -14.61
C TRP A 633 43.70 22.07 -15.91
N THR A 634 43.35 23.31 -16.26
CA THR A 634 42.56 23.53 -17.47
C THR A 634 43.37 23.26 -18.72
N VAL A 635 44.55 23.88 -18.83
CA VAL A 635 45.46 23.56 -19.92
C VAL A 635 45.71 22.07 -19.97
N ALA A 636 45.77 21.43 -18.80
CA ALA A 636 46.05 20.00 -18.74
C ALA A 636 44.97 19.21 -19.43
N TYR A 637 43.71 19.43 -19.05
CA TYR A 637 42.67 18.60 -19.66
C TYR A 637 42.42 18.98 -21.11
N MET A 638 42.77 20.20 -21.53
CA MET A 638 42.67 20.51 -22.95
C MET A 638 43.75 19.77 -23.75
N LEU A 639 44.98 19.75 -23.23
CA LEU A 639 46.03 18.96 -23.87
C LEU A 639 45.65 17.49 -23.94
N PHE A 640 45.04 16.98 -22.87
CA PHE A 640 44.65 15.56 -22.86
C PHE A 640 43.56 15.30 -23.89
N GLY A 641 42.57 16.18 -23.98
CA GLY A 641 41.58 16.05 -25.03
C GLY A 641 42.20 16.04 -26.41
N LEU A 642 43.19 16.90 -26.64
CA LEU A 642 43.86 16.91 -27.94
C LEU A 642 44.56 15.58 -28.20
N TRP A 643 45.47 15.20 -27.32
CA TRP A 643 46.22 13.96 -27.50
C TRP A 643 45.27 12.79 -27.75
N SER A 644 44.21 12.68 -26.95
CA SER A 644 43.20 11.66 -27.20
C SER A 644 42.68 11.76 -28.63
N ALA A 645 42.10 12.91 -28.99
CA ALA A 645 41.51 13.07 -30.31
C ALA A 645 42.46 12.60 -31.41
N LEU A 646 43.75 12.84 -31.25
CA LEU A 646 44.70 12.47 -32.29
C LEU A 646 44.65 10.98 -32.61
N ALA A 647 44.43 10.13 -31.60
CA ALA A 647 44.49 8.69 -31.75
C ALA A 647 43.14 8.09 -31.37
N SER A 648 42.31 7.82 -32.38
CA SER A 648 41.00 7.22 -32.18
C SER A 648 41.04 5.69 -32.21
N THR A 649 42.23 5.10 -32.01
CA THR A 649 42.34 3.65 -31.99
C THR A 649 41.55 3.03 -30.84
N TRP A 650 41.24 3.84 -29.83
CA TRP A 650 40.66 3.45 -28.54
C TRP A 650 41.43 2.29 -27.92
N ALA A 651 42.71 2.15 -28.21
CA ALA A 651 43.57 1.29 -27.39
C ALA A 651 44.12 2.06 -26.20
N TRP A 652 44.51 3.32 -26.43
CA TRP A 652 44.89 4.24 -25.37
C TRP A 652 44.20 5.60 -25.52
N TYR A 653 43.07 5.64 -26.23
CA TYR A 653 42.30 6.88 -26.39
C TYR A 653 41.59 7.26 -25.10
N TRP A 654 41.04 6.27 -24.40
CA TRP A 654 40.19 6.55 -23.25
C TRP A 654 40.98 7.17 -22.10
N ALA A 655 42.28 6.91 -22.04
CA ALA A 655 43.07 7.37 -20.90
C ALA A 655 43.01 8.89 -20.77
N PHE A 656 43.44 9.60 -21.82
CA PHE A 656 43.48 11.05 -21.75
C PHE A 656 42.09 11.65 -21.66
N LEU A 657 41.09 11.02 -22.29
CA LEU A 657 39.72 11.50 -22.16
C LEU A 657 39.27 11.47 -20.71
N LEU A 658 39.49 10.34 -20.03
CA LEU A 658 39.08 10.23 -18.63
C LEU A 658 39.86 11.20 -17.74
N ALA A 659 41.17 11.32 -17.97
CA ALA A 659 41.96 12.27 -17.19
C ALA A 659 41.44 13.70 -17.40
N SER A 660 41.04 14.02 -18.62
CA SER A 660 40.53 15.35 -18.92
C SER A 660 39.22 15.60 -18.20
N TRP A 661 38.30 14.64 -18.28
CA TRP A 661 37.07 14.73 -17.52
C TRP A 661 37.35 14.96 -16.05
N ALA A 662 38.34 14.25 -15.50
CA ALA A 662 38.65 14.37 -14.08
C ALA A 662 39.10 15.78 -13.73
N ALA A 663 40.07 16.30 -14.47
CA ALA A 663 40.58 17.64 -14.19
C ALA A 663 39.47 18.67 -14.34
N PHE A 664 38.68 18.57 -15.40
CA PHE A 664 37.56 19.48 -15.60
C PHE A 664 36.59 19.45 -14.43
N LEU A 665 36.30 18.25 -13.93
CA LEU A 665 35.35 18.11 -12.83
C LEU A 665 35.89 18.76 -11.56
N ILE A 666 37.15 18.49 -11.23
CA ILE A 666 37.70 19.10 -10.01
C ILE A 666 37.73 20.61 -10.15
N VAL A 667 37.98 21.11 -11.36
CA VAL A 667 37.91 22.56 -11.58
C VAL A 667 36.52 23.08 -11.26
N CYS A 668 35.49 22.39 -11.76
CA CYS A 668 34.12 22.80 -11.48
C CYS A 668 33.84 22.80 -9.98
N LEU A 669 34.34 21.79 -9.27
CA LEU A 669 34.12 21.73 -7.83
C LEU A 669 34.76 22.93 -7.13
N ILE A 670 36.02 23.20 -7.43
CA ILE A 670 36.70 24.37 -6.87
C ILE A 670 35.88 25.63 -7.15
N LEU A 671 35.37 25.75 -8.38
CA LEU A 671 34.64 26.95 -8.77
C LEU A 671 33.38 27.12 -7.94
N VAL A 672 32.62 26.04 -7.76
CA VAL A 672 31.37 26.14 -7.00
C VAL A 672 31.66 26.40 -5.54
N ARG A 673 32.78 25.88 -5.02
CA ARG A 673 33.18 26.23 -3.66
C ARG A 673 33.46 27.72 -3.55
N PHE A 674 34.26 28.26 -4.48
CA PHE A 674 34.49 29.69 -4.53
C PHE A 674 33.19 30.45 -4.44
N LEU A 675 32.22 30.09 -5.29
CA LEU A 675 30.92 30.76 -5.25
C LEU A 675 30.31 30.68 -3.86
N ARG A 676 30.08 29.45 -3.38
CA ARG A 676 29.34 29.27 -2.14
C ARG A 676 30.04 29.86 -0.93
N GLN A 677 31.29 30.27 -1.06
CA GLN A 677 31.97 31.02 0.00
C GLN A 677 32.23 32.47 -0.39
N ASP A 678 31.29 33.06 -1.12
CA ASP A 678 31.42 34.45 -1.54
C ASP A 678 31.12 35.39 -0.38
N PRO A 679 32.07 36.26 0.02
CA PRO A 679 31.76 37.22 1.09
C PRO A 679 30.66 38.21 0.71
N TYR A 680 30.70 38.73 -0.52
CA TYR A 680 29.74 39.73 -0.94
C TYR A 680 28.82 39.17 -2.02
N PRO A 681 27.89 38.28 -1.67
CA PRO A 681 27.02 37.70 -2.69
C PRO A 681 25.94 38.64 -3.18
N HIS A 682 25.50 39.60 -2.35
CA HIS A 682 24.48 40.53 -2.78
C HIS A 682 25.06 41.60 -3.71
N GLN A 683 26.25 42.08 -3.41
CA GLN A 683 26.92 43.02 -4.31
C GLN A 683 27.37 42.28 -5.56
N PRO A 684 27.27 42.90 -6.74
CA PRO A 684 26.71 44.21 -7.07
C PRO A 684 25.32 44.14 -7.68
N PHE A 685 24.87 42.93 -8.02
CA PHE A 685 23.64 42.76 -8.77
C PHE A 685 22.40 42.88 -7.89
N GLY A 686 22.58 43.38 -6.67
CA GLY A 686 21.47 43.78 -5.84
C GLY A 686 20.52 42.68 -5.42
N LYS A 687 21.01 41.71 -4.67
CA LYS A 687 20.16 40.71 -4.01
C LYS A 687 19.31 39.95 -5.01
N THR A 688 19.95 39.31 -5.97
CA THR A 688 19.27 38.52 -6.99
C THR A 688 20.04 37.25 -7.26
N SER A 689 19.46 36.39 -8.09
CA SER A 689 19.99 35.07 -8.38
C SER A 689 20.67 35.00 -9.74
N VAL A 690 21.38 36.06 -10.13
CA VAL A 690 21.96 36.11 -11.47
C VAL A 690 23.31 35.39 -11.51
N LYS A 691 24.09 35.49 -10.43
CA LYS A 691 25.41 34.89 -10.42
C LYS A 691 25.37 33.37 -10.49
N PRO A 692 24.63 32.67 -9.63
CA PRO A 692 24.52 31.20 -9.79
C PRO A 692 24.01 30.80 -11.15
N CYS A 693 23.06 31.54 -11.71
CA CYS A 693 22.56 31.23 -13.05
C CYS A 693 23.68 31.38 -14.08
N ILE A 694 24.51 32.40 -13.93
CA ILE A 694 25.66 32.57 -14.80
C ILE A 694 26.54 31.33 -14.74
N LEU A 695 26.92 30.93 -13.53
CA LEU A 695 27.78 29.76 -13.37
C LEU A 695 27.16 28.53 -14.02
N ALA A 696 25.85 28.37 -13.85
CA ALA A 696 25.15 27.22 -14.44
C ALA A 696 25.25 27.24 -15.96
N PHE A 697 24.94 28.38 -16.57
CA PHE A 697 25.05 28.51 -18.02
C PHE A 697 26.45 28.15 -18.49
N ILE A 698 27.46 28.71 -17.83
CA ILE A 698 28.85 28.46 -18.21
C ILE A 698 29.13 26.95 -18.20
N ILE A 699 28.81 26.30 -17.09
CA ILE A 699 29.17 24.89 -16.93
C ILE A 699 28.42 24.03 -17.94
N GLY A 700 27.15 24.34 -18.18
CA GLY A 700 26.40 23.58 -19.17
C GLY A 700 27.00 23.70 -20.55
N TRP A 701 27.36 24.92 -20.96
CA TRP A 701 28.10 25.13 -22.19
C TRP A 701 29.34 24.23 -22.25
N TRP A 702 30.13 24.25 -21.17
CA TRP A 702 31.39 23.54 -21.17
C TRP A 702 31.18 22.04 -21.33
N VAL A 703 30.17 21.47 -20.68
CA VAL A 703 29.97 20.03 -20.80
C VAL A 703 29.32 19.69 -22.14
N LEU A 704 28.54 20.61 -22.71
CA LEU A 704 28.04 20.40 -24.06
C LEU A 704 29.19 20.19 -25.04
N TYR A 705 30.26 20.97 -24.88
CA TYR A 705 31.45 20.73 -25.69
C TYR A 705 31.88 19.26 -25.64
N GLY A 706 32.01 18.72 -24.42
CA GLY A 706 32.51 17.37 -24.28
C GLY A 706 31.58 16.32 -24.86
N ILE A 707 30.28 16.49 -24.65
CA ILE A 707 29.36 15.49 -25.18
C ILE A 707 29.34 15.54 -26.71
N LEU A 708 29.55 16.72 -27.29
CA LEU A 708 29.67 16.78 -28.75
C LEU A 708 30.94 16.07 -29.21
N PHE A 709 32.06 16.34 -28.53
CA PHE A 709 33.30 15.61 -28.80
C PHE A 709 33.06 14.11 -28.85
N MET A 710 32.36 13.59 -27.84
CA MET A 710 32.04 12.17 -27.79
C MET A 710 31.19 11.76 -28.99
N VAL A 711 30.01 12.37 -29.12
CA VAL A 711 29.07 12.00 -30.18
C VAL A 711 29.76 12.00 -31.54
N CYS A 712 30.76 12.86 -31.73
CA CYS A 712 31.44 12.92 -33.01
C CYS A 712 32.44 11.80 -33.16
N PHE A 713 33.40 11.70 -32.24
CA PHE A 713 34.51 10.77 -32.47
C PHE A 713 34.09 9.32 -32.30
N GLN A 714 33.06 9.05 -31.48
CA GLN A 714 32.58 7.67 -31.37
C GLN A 714 31.87 7.24 -32.65
N ALA A 715 30.87 8.00 -33.07
CA ALA A 715 30.06 7.66 -34.24
C ALA A 715 30.25 8.69 -35.34
N PRO A 716 31.34 8.65 -36.10
CA PRO A 716 31.49 9.61 -37.22
C PRO A 716 30.34 9.56 -38.20
N ASP A 717 29.60 8.45 -38.26
CA ASP A 717 28.41 8.40 -39.11
C ASP A 717 27.37 9.40 -38.63
N ALA A 718 27.40 9.75 -37.35
CA ALA A 718 26.43 10.68 -36.81
C ALA A 718 26.63 12.09 -37.35
N VAL A 719 27.88 12.48 -37.57
CA VAL A 719 28.24 13.88 -37.78
C VAL A 719 28.67 14.04 -39.24
N PRO A 720 28.08 14.99 -39.99
CA PRO A 720 28.55 15.22 -41.36
C PRO A 720 29.87 15.97 -41.46
N GLN A 721 30.43 16.37 -40.32
CA GLN A 721 31.80 16.86 -40.22
C GLN A 721 32.00 18.28 -40.74
N TRP A 722 30.98 18.86 -41.36
CA TRP A 722 31.01 20.29 -41.64
C TRP A 722 30.15 21.05 -40.64
N LEU A 723 28.93 20.55 -40.41
CA LEU A 723 28.12 21.00 -39.29
C LEU A 723 28.94 21.05 -38.01
N GLU A 724 29.88 20.12 -37.86
CA GLU A 724 30.70 20.08 -36.65
C GLU A 724 31.53 21.34 -36.50
N GLN A 725 32.25 21.72 -37.55
CA GLN A 725 33.08 22.93 -37.48
C GLN A 725 32.21 24.17 -37.34
N PHE A 726 31.08 24.21 -38.05
CA PHE A 726 30.16 25.35 -37.89
C PHE A 726 29.73 25.50 -36.45
N LEU A 727 29.38 24.38 -35.80
CA LEU A 727 28.94 24.44 -34.41
C LEU A 727 30.08 24.89 -33.50
N TRP A 728 31.26 24.29 -33.64
CA TRP A 728 32.40 24.72 -32.85
C TRP A 728 32.59 26.23 -32.94
N THR A 729 32.52 26.78 -34.15
CA THR A 729 32.77 28.20 -34.35
C THR A 729 31.68 29.04 -33.69
N GLY A 730 30.42 28.71 -33.94
CA GLY A 730 29.34 29.46 -33.33
C GLY A 730 29.44 29.47 -31.81
N MET A 731 29.80 28.32 -31.23
CA MET A 731 29.90 28.25 -29.77
C MET A 731 31.05 29.10 -29.25
N ASP A 732 32.21 29.02 -29.90
CA ASP A 732 33.34 29.86 -29.49
C ASP A 732 32.95 31.33 -29.53
N VAL A 733 32.20 31.73 -30.54
CA VAL A 733 31.74 33.12 -30.62
C VAL A 733 30.82 33.45 -29.45
N VAL A 734 29.76 32.65 -29.28
CA VAL A 734 28.71 32.97 -28.32
C VAL A 734 29.28 33.09 -26.91
N MET A 735 30.19 32.18 -26.55
CA MET A 735 30.73 32.20 -25.20
C MET A 735 31.32 33.56 -24.87
N LYS A 736 32.19 34.06 -25.74
CA LYS A 736 32.89 35.30 -25.46
C LYS A 736 31.93 36.49 -25.52
N LEU A 737 30.98 36.45 -26.45
CA LEU A 737 29.97 37.49 -26.50
C LEU A 737 29.25 37.62 -25.16
N SER A 738 28.79 36.48 -24.62
CA SER A 738 28.05 36.50 -23.36
C SER A 738 28.94 36.98 -22.21
N HIS A 739 30.16 36.44 -22.14
CA HIS A 739 31.07 36.81 -21.06
C HIS A 739 31.34 38.32 -21.07
N THR A 740 31.59 38.89 -22.24
CA THR A 740 31.93 40.29 -22.30
C THR A 740 30.71 41.16 -21.99
N VAL A 741 29.52 40.74 -22.40
CA VAL A 741 28.35 41.56 -22.07
C VAL A 741 28.10 41.55 -20.57
N VAL A 742 28.28 40.40 -19.92
CA VAL A 742 28.06 40.38 -18.47
C VAL A 742 29.07 41.27 -17.77
N LEU A 743 30.34 41.20 -18.18
CA LEU A 743 31.33 42.06 -17.54
C LEU A 743 31.04 43.53 -17.81
N MET A 744 30.54 43.84 -19.02
CA MET A 744 30.13 45.20 -19.34
C MET A 744 29.10 45.70 -18.35
N ALA A 745 28.00 44.95 -18.19
CA ALA A 745 26.97 45.37 -17.26
C ALA A 745 27.50 45.46 -15.84
N TRP A 746 28.43 44.59 -15.46
CA TRP A 746 28.97 44.62 -14.11
C TRP A 746 29.84 45.86 -13.88
N ARG A 747 30.49 46.36 -14.92
CA ARG A 747 31.43 47.46 -14.75
C ARG A 747 30.74 48.73 -14.26
N THR A 748 29.47 48.92 -14.61
CA THR A 748 28.81 50.21 -14.41
C THR A 748 27.86 50.21 -13.20
N THR A 749 28.25 49.52 -12.13
CA THR A 749 27.45 49.47 -10.91
C THR A 749 28.14 50.24 -9.80
N GLU A 750 27.36 50.57 -8.76
CA GLU A 750 27.86 51.44 -7.70
C GLU A 750 29.11 50.86 -7.05
N TRP A 751 29.17 49.54 -6.88
CA TRP A 751 30.33 48.94 -6.22
C TRP A 751 31.64 49.34 -6.90
N ASN A 752 31.59 49.67 -8.19
CA ASN A 752 32.77 50.15 -8.90
C ASN A 752 32.85 51.68 -8.83
N VAL A 753 31.78 52.36 -9.19
CA VAL A 753 31.73 53.82 -9.14
C VAL A 753 31.21 54.22 -7.77
N CYS A 754 32.10 54.69 -6.91
CA CYS A 754 31.81 54.87 -5.49
C CYS A 754 30.95 56.10 -5.28
N GLU A 755 29.72 55.88 -4.80
CA GLU A 755 28.85 56.96 -4.35
C GLU A 755 28.04 56.48 -3.16
N LEU A 756 28.38 57.01 -1.99
CA LEU A 756 27.74 56.62 -0.73
C LEU A 756 28.23 55.26 -0.24
N HIS A 757 29.01 54.59 -1.09
CA HIS A 757 29.64 53.32 -0.73
C HIS A 757 30.48 52.82 -1.89
N GLY A 758 31.24 51.75 -1.68
CA GLY A 758 31.96 51.13 -2.76
C GLY A 758 33.18 50.34 -2.33
N ARG A 759 34.03 49.98 -3.29
CA ARG A 759 35.25 49.25 -2.97
C ARG A 759 36.14 50.09 -2.05
N ASN A 760 36.63 49.45 -1.00
CA ASN A 760 37.47 50.13 -0.02
C ASN A 760 38.87 50.39 -0.58
N SER A 817 -1.38 38.01 2.42
CA SER A 817 -1.34 36.65 1.91
C SER A 817 -1.53 35.64 3.05
N THR A 818 -0.45 34.97 3.44
CA THR A 818 -0.47 34.01 4.53
C THR A 818 0.80 34.17 5.35
N ASN A 819 0.77 33.62 6.56
CA ASN A 819 1.85 33.79 7.53
C ASN A 819 2.50 32.42 7.77
N TRP A 820 3.63 32.19 7.11
CA TRP A 820 4.45 31.01 7.34
C TRP A 820 5.55 31.38 8.32
N THR A 821 5.63 30.68 9.43
CA THR A 821 6.65 30.95 10.43
C THR A 821 6.60 29.88 11.51
N ALA A 822 7.60 29.91 12.38
CA ALA A 822 7.69 29.05 13.54
C ALA A 822 7.72 29.82 14.85
N THR A 823 7.77 31.15 14.80
CA THR A 823 7.88 31.99 15.99
C THR A 823 6.84 33.09 15.93
N PRO A 824 5.55 32.73 16.00
CA PRO A 824 4.49 33.73 15.83
C PRO A 824 4.35 34.72 16.97
N GLY A 825 5.10 34.56 18.05
CA GLY A 825 5.01 35.48 19.17
C GLY A 825 6.22 36.38 19.27
N LEU A 826 7.30 35.99 18.62
CA LEU A 826 8.52 36.76 18.61
C LEU A 826 8.47 37.86 17.55
N ARG A 827 8.51 39.11 18.01
CA ARG A 827 8.54 40.27 17.08
C ARG A 827 9.82 41.02 17.43
N VAL A 828 10.56 41.49 16.45
CA VAL A 828 11.83 42.19 16.65
C VAL A 828 11.72 43.63 16.15
N ASP A 829 12.71 44.44 16.51
CA ASP A 829 12.77 45.84 16.13
C ASP A 829 13.87 46.07 15.10
N LEU A 830 13.71 47.14 14.31
CA LEU A 830 14.62 47.40 13.20
C LEU A 830 16.07 47.50 13.66
N SER A 831 16.31 48.25 14.74
CA SER A 831 17.66 48.44 15.22
C SER A 831 18.37 47.10 15.39
N SER A 832 17.68 46.12 15.97
CA SER A 832 18.28 44.81 16.18
C SER A 832 18.52 44.10 14.86
N MET A 833 17.57 44.17 13.94
CA MET A 833 17.75 43.54 12.63
C MET A 833 19.00 44.05 11.95
N VAL A 834 19.18 45.37 11.92
CA VAL A 834 20.31 45.94 11.21
C VAL A 834 21.61 45.69 11.96
N ARG A 835 21.60 45.87 13.29
CA ARG A 835 22.76 45.49 14.09
C ARG A 835 23.20 44.06 13.79
N LEU A 836 22.22 43.18 13.60
CA LEU A 836 22.51 41.77 13.34
C LEU A 836 23.11 41.59 11.96
N GLU A 837 22.40 42.05 10.93
CA GLU A 837 22.93 41.98 9.57
C GLU A 837 24.34 42.54 9.50
N GLY A 838 24.68 43.49 10.35
CA GLY A 838 26.03 44.02 10.40
C GLY A 838 27.01 43.10 11.10
N GLN A 839 26.68 42.69 12.32
CA GLN A 839 27.59 41.86 13.10
C GLN A 839 27.85 40.50 12.45
N LEU A 840 27.11 40.15 11.40
CA LEU A 840 27.27 38.87 10.72
C LEU A 840 27.88 39.09 9.34
N ALA A 841 27.97 38.00 8.58
CA ALA A 841 28.46 38.03 7.21
C ALA A 841 27.29 38.02 6.24
N GLN A 842 27.46 38.70 5.11
CA GLN A 842 26.38 38.83 4.14
C GLN A 842 25.93 37.45 3.66
N GLY A 843 24.61 37.27 3.60
CA GLY A 843 24.03 36.06 3.07
C GLY A 843 23.52 35.06 4.08
N LEU A 844 23.56 35.39 5.38
CA LEU A 844 23.05 34.49 6.40
C LEU A 844 21.60 34.78 6.74
N VAL A 845 21.23 36.05 6.78
CA VAL A 845 19.83 36.44 6.91
C VAL A 845 19.21 36.49 5.51
N THR A 846 17.89 36.36 5.47
CA THR A 846 17.16 36.31 4.21
C THR A 846 15.89 37.14 4.34
N ASP A 847 15.10 37.14 3.26
CA ASP A 847 13.86 37.91 3.27
C ASP A 847 12.83 37.26 4.18
N VAL A 848 12.74 35.94 4.16
CA VAL A 848 11.69 35.26 4.92
C VAL A 848 12.08 35.14 6.40
N HIS A 849 13.36 34.92 6.68
CA HIS A 849 13.86 35.07 8.05
C HIS A 849 13.28 36.31 8.68
N ARG A 850 13.23 37.40 7.92
CA ARG A 850 12.74 38.67 8.43
C ARG A 850 11.22 38.71 8.43
N LYS A 851 10.58 38.19 7.37
CA LYS A 851 9.13 38.18 7.32
C LYS A 851 8.51 37.36 8.42
N GLY A 852 9.28 36.49 9.07
CA GLY A 852 8.75 35.66 10.13
C GLY A 852 8.96 36.22 11.52
N MET A 853 10.07 36.92 11.74
CA MET A 853 10.43 37.45 13.04
C MET A 853 10.19 38.96 13.15
N MET A 854 9.27 39.48 12.34
CA MET A 854 9.00 40.91 12.36
C MET A 854 7.52 41.15 12.08
N ARG A 855 7.05 42.30 12.53
CA ARG A 855 5.69 42.73 12.25
C ARG A 855 5.56 43.11 10.78
N SER A 856 4.33 43.45 10.39
CA SER A 856 4.07 43.83 9.00
C SER A 856 4.39 45.30 8.77
N GLU A 857 3.97 46.17 9.69
CA GLU A 857 4.13 47.61 9.48
C GLU A 857 5.60 48.01 9.52
N ASP A 858 6.33 47.52 10.52
CA ASP A 858 7.76 47.81 10.58
C ASP A 858 8.49 47.28 9.35
N LEU A 859 8.04 46.13 8.83
CA LEU A 859 8.65 45.58 7.64
C LEU A 859 8.40 46.47 6.43
N ALA A 860 7.15 46.93 6.26
CA ALA A 860 6.85 47.84 5.16
C ALA A 860 7.67 49.13 5.28
N GLU A 861 7.82 49.65 6.49
CA GLU A 861 8.61 50.85 6.70
C GLU A 861 10.06 50.62 6.29
N LEU A 862 10.65 49.52 6.76
CA LEU A 862 12.02 49.21 6.39
C LEU A 862 12.16 49.07 4.88
N LYS A 863 11.20 48.40 4.24
CA LYS A 863 11.25 48.22 2.80
C LYS A 863 11.25 49.56 2.08
N ARG A 864 10.32 50.45 2.46
CA ARG A 864 10.31 51.80 1.90
C ARG A 864 11.65 52.49 2.12
N LEU A 865 12.25 52.27 3.30
CA LEU A 865 13.49 52.95 3.64
C LEU A 865 14.70 52.38 2.90
N GLU A 866 14.58 51.17 2.35
CA GLU A 866 15.67 50.54 1.63
C GLU A 866 15.53 50.69 0.11
N GLU A 867 14.62 51.56 -0.35
CA GLU A 867 14.46 51.77 -1.78
C GLU A 867 15.73 52.30 -2.42
N SER A 868 16.56 53.01 -1.65
CA SER A 868 17.71 53.69 -2.25
C SER A 868 18.92 52.77 -2.34
N GLY A 869 19.12 51.90 -1.35
CA GLY A 869 20.32 51.08 -1.35
C GLY A 869 20.24 49.97 -0.33
N PHE A 870 21.41 49.56 0.16
CA PHE A 870 21.50 48.40 1.03
C PHE A 870 21.38 48.79 2.50
N LEU A 871 21.80 50.00 2.86
CA LEU A 871 21.62 50.50 4.22
C LEU A 871 22.49 49.75 5.22
N GLN A 872 23.78 49.61 4.89
CA GLN A 872 24.74 49.05 5.83
C GLN A 872 25.31 50.17 6.69
N ALA A 873 25.22 50.02 8.02
CA ALA A 873 25.67 51.05 8.94
C ALA A 873 25.86 50.45 10.31
N GLN A 874 26.52 51.21 11.20
CA GLN A 874 26.82 50.77 12.55
C GLN A 874 26.75 51.97 13.50
N GLN A 875 25.87 51.89 14.49
CA GLN A 875 25.75 52.96 15.48
C GLN A 875 26.76 52.81 16.60
N HIS A 876 27.06 51.57 16.98
CA HIS A 876 28.04 51.28 18.04
C HIS A 876 27.51 51.68 19.42
N ARG A 877 26.24 51.32 19.65
CA ARG A 877 25.58 51.59 20.95
C ARG A 877 25.42 50.23 21.65
N ASN A 878 25.64 50.17 22.95
CA ASN A 878 25.60 48.92 23.71
C ASN A 878 24.68 49.06 24.91
N TRP A 879 24.04 47.95 25.29
CA TRP A 879 23.21 47.90 26.49
C TRP A 879 23.33 46.52 27.11
N GLU A 880 22.51 46.29 28.15
CA GLU A 880 22.47 44.98 28.79
C GLU A 880 21.60 44.01 28.02
N SER A 881 20.63 44.53 27.25
CA SER A 881 19.72 43.66 26.53
C SER A 881 20.25 43.30 25.14
N GLN A 882 21.01 44.22 24.54
CA GLN A 882 21.59 43.95 23.23
C GLN A 882 22.47 42.70 23.27
N THR A 883 23.24 42.54 24.34
CA THR A 883 24.09 41.37 24.47
C THR A 883 23.27 40.09 24.46
N ARG A 884 22.21 40.04 25.27
CA ARG A 884 21.35 38.88 25.33
C ARG A 884 20.76 38.56 23.96
N GLU A 885 20.18 39.58 23.32
CA GLU A 885 19.58 39.36 22.01
C GLU A 885 20.59 38.83 21.01
N MET A 886 21.81 39.37 21.02
CA MET A 886 22.84 38.88 20.11
C MET A 886 23.16 37.42 20.40
N THR A 887 23.44 37.11 21.67
CA THR A 887 23.80 35.74 22.03
C THR A 887 22.75 34.75 21.55
N PHE A 888 21.48 35.16 21.57
CA PHE A 888 20.45 34.22 21.14
C PHE A 888 20.33 34.16 19.62
N LEU A 889 20.26 35.30 18.95
CA LEU A 889 20.02 35.31 17.52
C LEU A 889 21.17 34.70 16.73
N ALA A 890 22.41 34.99 17.14
CA ALA A 890 23.56 34.42 16.45
C ALA A 890 23.44 32.91 16.34
N HIS A 891 22.92 32.26 17.37
CA HIS A 891 22.71 30.82 17.31
C HIS A 891 21.45 30.47 16.52
N GLY A 892 20.39 31.27 16.69
CA GLY A 892 19.09 30.85 16.18
C GLY A 892 18.97 30.96 14.67
N ILE A 893 19.75 31.83 14.05
CA ILE A 893 19.54 32.09 12.63
C ILE A 893 19.86 30.88 11.78
N ASN A 894 20.85 30.07 12.18
CA ASN A 894 21.35 29.00 11.31
C ASN A 894 20.23 28.13 10.77
N HIS A 895 19.18 27.92 11.55
CA HIS A 895 18.08 27.07 11.09
C HIS A 895 17.37 27.73 9.91
N ILE A 896 16.73 26.90 9.10
CA ILE A 896 16.24 27.31 7.79
C ILE A 896 14.78 27.71 7.88
N ALA A 897 14.42 28.76 7.15
CA ALA A 897 13.04 29.14 6.92
C ALA A 897 12.82 29.28 5.42
N TYR A 898 11.68 28.78 4.95
CA TYR A 898 11.45 28.68 3.51
C TYR A 898 9.96 28.87 3.21
N ASP A 899 9.70 29.32 1.98
CA ASP A 899 8.34 29.52 1.51
C ASP A 899 7.93 28.32 0.68
N PRO A 900 6.98 27.50 1.14
CA PRO A 900 6.67 26.26 0.40
C PRO A 900 6.18 26.50 -1.01
N ARG A 901 5.60 27.67 -1.29
CA ARG A 901 4.98 27.90 -2.58
C ARG A 901 6.01 27.90 -3.70
N SER A 902 7.26 28.25 -3.38
CA SER A 902 8.30 28.28 -4.41
C SER A 902 8.79 26.88 -4.70
N TRP A 903 8.94 26.57 -5.99
CA TRP A 903 9.45 25.28 -6.42
C TRP A 903 10.92 25.29 -6.77
N MET A 904 11.47 26.44 -7.15
CA MET A 904 12.89 26.52 -7.50
C MET A 904 13.76 26.23 -6.28
N LYS A 905 13.60 27.02 -5.22
CA LYS A 905 14.46 26.93 -4.06
C LYS A 905 14.37 25.60 -3.33
N THR A 906 13.50 24.70 -3.76
CA THR A 906 13.45 23.35 -3.23
C THR A 906 14.29 22.38 -4.06
N LEU A 907 14.20 22.48 -5.39
CA LEU A 907 14.96 21.59 -6.25
C LEU A 907 16.43 21.97 -6.26
N THR A 908 16.74 23.21 -6.62
CA THR A 908 18.09 23.69 -6.76
C THR A 908 18.82 23.83 -5.42
N ALA A 909 18.21 23.41 -4.32
CA ALA A 909 18.82 23.63 -3.02
C ALA A 909 19.81 22.52 -2.69
N VAL A 910 20.87 22.91 -1.98
CA VAL A 910 22.01 22.05 -1.68
C VAL A 910 22.17 21.95 -0.17
N ARG A 911 22.00 23.07 0.52
CA ARG A 911 22.40 23.17 1.93
C ARG A 911 21.65 22.18 2.80
N GLY A 912 20.31 22.21 2.76
CA GLY A 912 19.54 21.45 3.72
C GLY A 912 19.35 20.00 3.32
N ARG A 913 19.90 19.60 2.18
CA ARG A 913 19.72 18.24 1.70
C ARG A 913 20.33 17.24 2.67
N ALA A 914 20.06 15.97 2.43
CA ALA A 914 20.53 14.92 3.31
C ALA A 914 21.89 14.40 2.84
N PRO A 915 22.76 14.00 3.75
CA PRO A 915 24.02 13.39 3.33
C PRO A 915 23.80 11.97 2.86
N THR A 916 24.79 11.45 2.16
CA THR A 916 24.80 10.07 1.71
C THR A 916 25.94 9.32 2.37
N SER A 917 26.09 8.05 2.00
CA SER A 917 27.01 7.14 2.66
C SER A 917 27.96 6.53 1.63
N PHE A 918 28.90 5.75 2.14
CA PHE A 918 29.90 5.09 1.31
C PHE A 918 29.32 4.00 0.42
N LEU A 919 28.01 3.75 0.51
CA LEU A 919 27.40 2.65 -0.23
C LEU A 919 27.32 2.95 -1.72
N LEU A 920 26.84 4.14 -2.07
CA LEU A 920 26.72 4.52 -3.47
C LEU A 920 27.99 4.20 -4.24
N TRP A 921 29.15 4.50 -3.66
CA TRP A 921 30.41 4.23 -4.33
C TRP A 921 30.59 2.73 -4.56
N VAL A 922 30.28 1.91 -3.55
CA VAL A 922 30.35 0.46 -3.71
C VAL A 922 29.48 0.02 -4.88
N VAL A 923 28.26 0.53 -4.94
CA VAL A 923 27.31 0.08 -5.95
C VAL A 923 27.78 0.50 -7.35
N LEU A 924 28.31 1.72 -7.47
CA LEU A 924 28.84 2.16 -8.75
C LEU A 924 30.01 1.28 -9.18
N ILE A 925 30.90 0.96 -8.24
CA ILE A 925 32.00 0.04 -8.53
C ILE A 925 31.45 -1.26 -9.11
N GLU A 926 30.54 -1.88 -8.39
CA GLU A 926 29.97 -3.16 -8.80
C GLU A 926 29.38 -3.07 -10.20
N SER A 927 28.56 -2.04 -10.44
CA SER A 927 27.89 -1.91 -11.73
C SER A 927 28.89 -1.71 -12.86
N SER A 928 29.90 -0.86 -12.63
CA SER A 928 30.88 -0.59 -13.67
C SER A 928 31.63 -1.86 -14.06
N ILE A 929 32.07 -2.63 -13.06
CA ILE A 929 32.78 -3.86 -13.40
C ILE A 929 31.84 -4.80 -14.14
N VAL A 930 30.57 -4.86 -13.71
CA VAL A 930 29.64 -5.78 -14.35
C VAL A 930 29.48 -5.42 -15.82
N LEU A 931 29.39 -4.13 -16.12
CA LEU A 931 29.19 -3.70 -17.51
C LEU A 931 30.41 -4.00 -18.36
N ALA A 932 31.57 -3.50 -17.93
CA ALA A 932 32.79 -3.74 -18.70
C ALA A 932 33.02 -5.23 -18.89
N LEU A 933 32.68 -6.03 -17.88
CA LEU A 933 32.95 -7.45 -17.93
C LEU A 933 31.93 -8.20 -18.77
N SER A 934 30.68 -7.73 -18.80
CA SER A 934 29.70 -8.31 -19.71
C SER A 934 30.10 -8.07 -21.16
N LYS A 935 30.69 -6.91 -21.43
CA LYS A 935 31.12 -6.64 -22.80
C LYS A 935 32.37 -7.43 -23.15
N PHE A 936 33.38 -7.41 -22.29
CA PHE A 936 34.60 -8.18 -22.56
C PHE A 936 34.30 -9.67 -22.70
N PHE A 937 33.49 -10.21 -21.78
CA PHE A 937 33.03 -11.59 -21.84
C PHE A 937 31.97 -11.81 -22.92
N GLY A 938 31.53 -10.75 -23.57
CA GLY A 938 30.60 -10.90 -24.68
C GLY A 938 29.19 -11.24 -24.23
N GLU A 939 28.65 -12.31 -24.80
CA GLU A 939 27.22 -12.60 -24.63
C GLU A 939 26.97 -13.59 -23.50
N SER A 940 27.98 -14.35 -23.11
CA SER A 940 27.81 -15.48 -22.19
C SER A 940 27.62 -15.00 -20.75
N PHE A 941 26.54 -14.25 -20.53
CA PHE A 941 26.18 -13.87 -19.17
C PHE A 941 25.08 -14.75 -18.60
N ASP A 942 24.04 -15.01 -19.39
CA ASP A 942 22.91 -15.82 -18.95
C ASP A 942 22.27 -15.25 -17.69
N LEU A 943 21.79 -14.00 -17.81
CA LEU A 943 21.21 -13.32 -16.66
C LEU A 943 20.07 -14.14 -16.07
N GLY A 944 19.14 -14.59 -16.90
CA GLY A 944 17.98 -15.33 -16.42
C GLY A 944 17.25 -14.58 -15.34
N VAL A 945 16.80 -13.36 -15.65
CA VAL A 945 16.11 -12.55 -14.66
C VAL A 945 14.89 -13.31 -14.14
N SER A 946 14.47 -12.97 -12.94
CA SER A 946 13.35 -13.62 -12.27
C SER A 946 12.51 -12.56 -11.58
N SER A 947 11.19 -12.71 -11.67
CA SER A 947 10.29 -11.67 -11.15
C SER A 947 10.20 -11.74 -9.63
N GLY A 948 10.30 -12.94 -9.06
CA GLY A 948 10.15 -13.07 -7.62
C GLY A 948 11.27 -12.37 -6.86
N ILE A 949 12.51 -12.56 -7.30
CA ILE A 949 13.65 -12.00 -6.58
C ILE A 949 13.65 -10.48 -6.67
N HIS A 950 13.03 -9.93 -7.72
CA HIS A 950 13.07 -8.49 -7.94
C HIS A 950 11.84 -7.77 -7.38
N SER A 951 10.65 -8.09 -7.91
CA SER A 951 9.47 -7.31 -7.59
C SER A 951 9.10 -7.42 -6.13
N LEU A 952 9.18 -8.63 -5.58
CA LEU A 952 8.81 -8.84 -4.19
C LEU A 952 9.71 -8.05 -3.25
N PHE A 953 11.02 -8.26 -3.36
CA PHE A 953 11.96 -7.45 -2.59
C PHE A 953 11.65 -5.97 -2.73
N GLY A 954 11.36 -5.52 -3.94
CA GLY A 954 11.09 -4.11 -4.15
C GLY A 954 9.93 -3.61 -3.32
N VAL A 955 8.78 -4.28 -3.44
CA VAL A 955 7.61 -3.81 -2.72
C VAL A 955 7.85 -3.84 -1.22
N LEU A 956 8.45 -4.93 -0.73
CA LEU A 956 8.69 -5.04 0.71
C LEU A 956 9.55 -3.88 1.21
N VAL A 957 10.74 -3.71 0.63
CA VAL A 957 11.65 -2.70 1.12
C VAL A 957 11.04 -1.32 0.98
N SER A 958 10.22 -1.10 -0.05
CA SER A 958 9.58 0.19 -0.21
C SER A 958 8.62 0.49 0.92
N PHE A 959 7.67 -0.43 1.15
CA PHE A 959 6.83 -0.33 2.34
C PHE A 959 7.65 0.06 3.56
N LEU A 960 8.68 -0.73 3.86
CA LEU A 960 9.44 -0.55 5.08
C LEU A 960 10.03 0.84 5.16
N VAL A 961 10.65 1.28 4.07
CA VAL A 961 11.42 2.52 4.12
C VAL A 961 10.50 3.72 4.25
N VAL A 962 9.29 3.65 3.68
CA VAL A 962 8.40 4.80 3.82
C VAL A 962 7.76 4.81 5.19
N PHE A 963 7.49 3.63 5.76
CA PHE A 963 6.92 3.59 7.10
C PHE A 963 7.90 4.11 8.13
N ARG A 964 9.17 3.74 8.01
CA ARG A 964 10.19 4.23 8.93
C ARG A 964 10.35 5.74 8.90
N THR A 965 9.81 6.41 7.89
CA THR A 965 9.87 7.86 7.75
C THR A 965 8.61 8.55 8.25
N GLN A 966 7.46 7.97 7.91
CA GLN A 966 6.21 8.44 8.50
C GLN A 966 6.24 8.28 10.02
N ALA A 967 7.11 7.41 10.54
CA ALA A 967 7.19 7.26 11.98
C ALA A 967 8.06 8.34 12.63
N ALA A 968 8.94 8.98 11.86
CA ALA A 968 9.81 9.99 12.43
C ALA A 968 9.20 11.38 12.33
N PHE A 969 8.48 11.64 11.23
CA PHE A 969 7.76 12.90 11.13
C PHE A 969 6.90 13.14 12.37
N LYS A 970 6.32 12.08 12.91
CA LYS A 970 5.44 12.21 14.06
C LYS A 970 6.19 12.68 15.30
N LYS A 971 7.38 12.13 15.53
CA LYS A 971 8.19 12.56 16.65
C LYS A 971 8.57 14.03 16.52
N TRP A 972 8.99 14.43 15.32
CA TRP A 972 9.23 15.85 15.06
C TRP A 972 8.05 16.71 15.52
N TRP A 973 6.85 16.34 15.08
CA TRP A 973 5.68 17.14 15.43
C TRP A 973 5.43 17.16 16.92
N SER A 974 5.55 16.00 17.58
CA SER A 974 5.32 15.93 19.01
C SER A 974 6.27 16.85 19.76
N GLY A 975 7.51 16.94 19.32
CA GLY A 975 8.44 17.86 19.94
C GLY A 975 8.00 19.30 19.80
N ARG A 976 7.55 19.67 18.60
CA ARG A 976 7.01 21.01 18.42
C ARG A 976 5.91 21.30 19.44
N SER A 977 4.98 20.36 19.59
CA SER A 977 3.87 20.55 20.51
C SER A 977 4.36 20.75 21.94
N ALA A 978 5.29 19.90 22.37
CA ALA A 978 5.85 20.02 23.71
C ALA A 978 6.39 21.42 23.95
N VAL A 979 7.21 21.92 23.03
CA VAL A 979 7.81 23.23 23.21
C VAL A 979 6.73 24.30 23.37
N SER A 980 5.75 24.30 22.47
CA SER A 980 4.70 25.31 22.57
C SER A 980 3.99 25.26 23.92
N SER A 981 3.67 24.06 24.39
CA SER A 981 2.97 23.93 25.65
C SER A 981 3.80 24.48 26.80
N LEU A 982 5.09 24.17 26.81
CA LEU A 982 5.98 24.70 27.83
C LEU A 982 5.93 26.21 27.90
N VAL A 983 6.11 26.85 26.74
CA VAL A 983 6.08 28.32 26.69
C VAL A 983 4.78 28.85 27.28
N GLN A 984 3.66 28.30 26.82
CA GLN A 984 2.36 28.79 27.25
C GLN A 984 2.18 28.66 28.77
N MET A 985 2.59 27.51 29.33
CA MET A 985 2.46 27.34 30.77
C MET A 985 3.30 28.35 31.53
N SER A 986 4.51 28.61 31.05
CA SER A 986 5.34 29.59 31.73
C SER A 986 4.64 30.94 31.80
N ARG A 987 4.09 31.39 30.68
CA ARG A 987 3.43 32.69 30.68
C ARG A 987 2.24 32.73 31.61
N THR A 988 1.42 31.67 31.62
CA THR A 988 0.27 31.66 32.52
C THR A 988 0.72 31.71 33.98
N PHE A 989 1.75 30.94 34.33
CA PHE A 989 2.28 30.97 35.68
C PHE A 989 2.68 32.39 36.08
N ALA A 990 3.40 33.08 35.20
CA ALA A 990 3.86 34.42 35.54
C ALA A 990 2.68 35.36 35.77
N GLN A 991 1.69 35.32 34.88
CA GLN A 991 0.52 36.19 35.07
C GLN A 991 -0.18 35.89 36.38
N GLN A 992 -0.47 34.62 36.63
CA GLN A 992 -1.11 34.22 37.88
C GLN A 992 -0.37 34.79 39.07
N VAL A 993 0.95 34.65 39.09
CA VAL A 993 1.73 35.14 40.21
C VAL A 993 1.58 36.65 40.35
N CYS A 994 1.83 37.38 39.26
CA CYS A 994 1.84 38.83 39.35
C CYS A 994 0.48 39.41 39.67
N ALA A 995 -0.59 38.63 39.53
CA ALA A 995 -1.91 39.15 39.86
C ALA A 995 -2.41 38.71 41.23
N TYR A 996 -2.27 37.42 41.57
CA TYR A 996 -2.81 36.88 42.79
C TYR A 996 -1.84 36.92 43.96
N VAL A 997 -0.79 37.72 43.87
CA VAL A 997 0.16 37.89 44.96
C VAL A 997 0.40 39.38 45.17
N LYS A 998 0.64 39.74 46.42
CA LYS A 998 0.66 41.14 46.83
C LYS A 998 2.04 41.64 47.23
N ASP A 999 2.95 40.76 47.58
CA ASP A 999 4.29 41.18 47.91
C ASP A 999 5.06 41.46 46.63
N GLU A 1000 6.33 41.81 46.75
CA GLU A 1000 7.13 42.18 45.59
C GLU A 1000 8.49 41.52 45.54
N ALA A 1001 9.00 40.99 46.65
CA ALA A 1001 10.29 40.32 46.61
C ALA A 1001 10.16 38.86 46.21
N TYR A 1002 9.01 38.25 46.50
CA TYR A 1002 8.76 36.88 46.06
C TYR A 1002 8.51 36.83 44.55
N VAL A 1003 7.82 37.85 44.03
CA VAL A 1003 7.43 37.89 42.63
C VAL A 1003 8.65 37.81 41.72
N ASN A 1004 9.62 38.70 41.96
CA ASN A 1004 10.85 38.67 41.18
C ASN A 1004 11.44 37.27 41.17
N ARG A 1005 11.84 36.81 42.35
CA ARG A 1005 12.40 35.48 42.52
C ARG A 1005 11.70 34.47 41.61
N MET A 1006 10.38 34.39 41.73
CA MET A 1006 9.62 33.40 40.98
C MET A 1006 9.79 33.58 39.48
N VAL A 1007 9.48 34.77 38.97
CA VAL A 1007 9.48 35.00 37.53
C VAL A 1007 10.85 34.73 36.94
N ARG A 1008 11.87 35.35 37.53
CA ARG A 1008 13.22 35.21 37.02
C ARG A 1008 13.66 33.75 37.02
N TYR A 1009 13.30 32.99 38.04
CA TYR A 1009 13.71 31.59 38.04
C TYR A 1009 12.89 30.76 37.07
N SER A 1010 11.70 31.20 36.70
CA SER A 1010 10.98 30.54 35.61
C SER A 1010 11.74 30.69 34.29
N ILE A 1011 12.15 31.92 33.99
CA ILE A 1011 12.99 32.15 32.81
C ILE A 1011 14.20 31.24 32.85
N ALA A 1012 14.86 31.19 34.01
CA ALA A 1012 16.01 30.33 34.17
C ALA A 1012 15.66 28.87 33.89
N THR A 1013 14.45 28.46 34.27
CA THR A 1013 14.02 27.08 34.01
C THR A 1013 14.00 26.79 32.52
N VAL A 1014 13.40 27.70 31.75
CA VAL A 1014 13.40 27.50 30.30
C VAL A 1014 14.82 27.38 29.77
N VAL A 1015 15.66 28.36 30.10
CA VAL A 1015 17.02 28.35 29.57
C VAL A 1015 17.77 27.10 30.01
N ALA A 1016 17.39 26.54 31.16
CA ALA A 1016 18.04 25.34 31.65
C ALA A 1016 17.64 24.13 30.84
N THR A 1017 16.34 23.97 30.56
CA THR A 1017 15.93 22.82 29.78
C THR A 1017 16.51 22.90 28.37
N ARG A 1018 16.75 24.09 27.83
CA ARG A 1018 17.38 24.15 26.48
C ARG A 1018 18.82 23.64 26.58
N CYS A 1019 19.35 23.52 27.79
CA CYS A 1019 20.71 23.05 27.95
C CYS A 1019 20.78 21.70 28.64
N HIS A 1020 19.65 21.08 28.93
CA HIS A 1020 19.60 19.72 29.41
C HIS A 1020 19.48 18.72 28.27
N LEU A 1021 18.95 19.17 27.14
CA LEU A 1021 18.80 18.34 25.96
C LEU A 1021 20.09 18.24 25.15
N ARG A 1022 21.03 19.15 25.36
CA ARG A 1022 22.28 19.20 24.62
C ARG A 1022 23.48 18.90 25.51
N ASN A 1023 23.26 18.52 26.75
CA ASN A 1023 24.31 18.13 27.68
C ASN A 1023 25.44 19.15 27.70
N THR A 1024 25.09 20.36 28.13
CA THR A 1024 26.05 21.43 28.31
C THR A 1024 25.78 22.09 29.65
N ARG A 1025 26.46 23.21 29.89
CA ARG A 1025 26.20 24.09 31.01
C ARG A 1025 25.91 25.48 30.45
N ILE A 1026 25.64 26.42 31.34
CA ILE A 1026 25.04 27.69 30.95
C ILE A 1026 26.12 28.74 30.74
N ASP A 1027 25.88 29.61 29.77
CA ASP A 1027 26.76 30.75 29.52
C ASP A 1027 26.16 31.97 30.18
N PRO A 1028 26.84 32.59 31.15
CA PRO A 1028 26.25 33.73 31.85
C PRO A 1028 25.66 34.79 30.94
N ALA A 1029 26.21 34.97 29.74
CA ALA A 1029 25.72 36.00 28.85
C ALA A 1029 24.24 35.85 28.56
N MET A 1030 23.67 34.67 28.78
CA MET A 1030 22.26 34.43 28.53
C MET A 1030 21.39 34.75 29.74
N LEU A 1031 21.98 35.12 30.86
CA LEU A 1031 21.28 35.44 32.10
C LEU A 1031 21.86 36.70 32.73
N LEU A 1032 22.03 37.74 31.91
CA LEU A 1032 22.73 38.93 32.38
C LEU A 1032 21.84 39.80 33.26
N GLY A 1033 20.76 40.32 32.71
CA GLY A 1033 19.90 41.24 33.42
C GLY A 1033 18.76 40.58 34.17
N VAL A 1034 18.82 39.27 34.38
CA VAL A 1034 17.76 38.56 35.08
C VAL A 1034 18.21 37.99 36.41
N LEU A 1035 19.48 37.63 36.57
CA LEU A 1035 19.95 37.00 37.79
C LEU A 1035 21.26 37.62 38.24
N LYS A 1036 21.55 37.48 39.53
CA LYS A 1036 22.85 37.83 40.07
C LYS A 1036 23.84 36.70 39.80
N GLU A 1037 25.12 37.08 39.82
CA GLU A 1037 26.17 36.14 39.44
C GLU A 1037 26.16 34.90 40.33
N GLU A 1038 26.25 35.11 41.65
CA GLU A 1038 26.35 33.99 42.57
C GLU A 1038 25.27 32.95 42.31
N GLU A 1039 24.07 33.39 41.95
CA GLU A 1039 23.01 32.46 41.62
C GLU A 1039 23.40 31.59 40.44
N ILE A 1040 24.04 32.19 39.43
CA ILE A 1040 24.45 31.43 38.26
C ILE A 1040 25.53 30.41 38.62
N GLU A 1041 26.55 30.84 39.37
CA GLU A 1041 27.57 29.87 39.77
C GLU A 1041 26.99 28.76 40.64
N GLU A 1042 25.95 29.06 41.41
CA GLU A 1042 25.32 28.01 42.20
C GLU A 1042 24.50 27.07 41.32
N LEU A 1043 23.89 27.59 40.27
CA LEU A 1043 23.21 26.74 39.30
C LEU A 1043 24.18 25.76 38.66
N ASN A 1044 25.18 26.28 37.96
CA ASN A 1044 26.07 25.41 37.19
C ASN A 1044 26.78 24.38 38.07
N ARG A 1045 26.67 24.50 39.39
CA ARG A 1045 27.25 23.54 40.33
C ARG A 1045 26.34 22.34 40.56
N GLN A 1046 25.19 22.26 39.90
CA GLN A 1046 24.25 21.16 40.06
C GLN A 1046 24.34 20.20 38.88
N LYS A 1047 23.57 19.12 39.00
CA LYS A 1047 23.56 18.06 37.99
C LYS A 1047 22.31 18.09 37.14
N ASN A 1048 21.15 18.30 37.76
CA ASN A 1048 19.88 18.46 37.06
C ASN A 1048 19.28 19.81 37.45
N LEU A 1049 19.17 20.70 36.47
CA LEU A 1049 18.89 22.11 36.71
C LEU A 1049 17.40 22.40 36.90
N PRO A 1050 16.53 21.91 36.03
CA PRO A 1050 15.10 22.19 36.20
C PRO A 1050 14.55 21.73 37.53
N PHE A 1051 15.00 20.56 37.99
CA PHE A 1051 14.78 20.14 39.36
C PHE A 1051 15.02 21.27 40.35
N TYR A 1052 16.21 21.87 40.25
CA TYR A 1052 16.61 22.89 41.21
C TYR A 1052 15.69 24.11 41.13
N THR A 1053 15.42 24.57 39.91
CA THR A 1053 14.61 25.77 39.75
C THR A 1053 13.20 25.55 40.30
N ALA A 1054 12.62 24.38 40.03
CA ALA A 1054 11.29 24.09 40.54
C ALA A 1054 11.29 24.02 42.06
N TRP A 1055 12.30 23.38 42.65
CA TRP A 1055 12.41 23.34 44.10
C TRP A 1055 12.42 24.75 44.68
N VAL A 1056 13.24 25.62 44.09
CA VAL A 1056 13.30 27.01 44.52
C VAL A 1056 11.91 27.63 44.51
N ILE A 1057 11.27 27.59 43.34
CA ILE A 1057 9.95 28.20 43.19
C ILE A 1057 9.00 27.72 44.27
N ARG A 1058 8.99 26.41 44.51
CA ARG A 1058 8.01 25.85 45.43
C ARG A 1058 8.26 26.32 46.85
N SER A 1059 9.51 26.25 47.31
CA SER A 1059 9.81 26.75 48.65
C SER A 1059 9.39 28.21 48.79
N THR A 1060 9.62 29.00 47.75
CA THR A 1060 9.27 30.41 47.79
C THR A 1060 7.77 30.60 47.93
N LEU A 1061 7.00 29.86 47.14
CA LEU A 1061 5.55 29.97 47.20
C LEU A 1061 5.02 29.53 48.55
N ALA A 1062 5.67 28.55 49.18
CA ALA A 1062 5.26 28.14 50.51
C ALA A 1062 5.49 29.27 51.51
N GLU A 1063 6.68 29.85 51.49
CA GLU A 1063 6.92 31.04 52.30
C GLU A 1063 5.81 32.05 52.13
N ALA A 1064 5.42 32.32 50.89
CA ALA A 1064 4.37 33.31 50.64
C ALA A 1064 3.06 32.90 51.30
N VAL A 1065 2.64 31.65 51.08
CA VAL A 1065 1.34 31.22 51.56
C VAL A 1065 1.27 31.29 53.08
N ALA A 1066 2.39 31.00 53.76
CA ALA A 1066 2.36 30.99 55.21
C ALA A 1066 2.03 32.37 55.76
N GLU A 1067 2.59 33.43 55.16
CA GLU A 1067 2.42 34.78 55.64
C GLU A 1067 1.16 35.46 55.13
N GLY A 1068 0.19 34.68 54.65
CA GLY A 1068 -1.04 35.27 54.16
C GLY A 1068 -0.84 36.36 53.13
N ALA A 1069 0.15 36.19 52.27
CA ALA A 1069 0.41 37.12 51.18
C ALA A 1069 -0.26 36.71 49.88
N CYS A 1070 -1.00 35.60 49.88
CA CYS A 1070 -1.56 35.03 48.67
C CYS A 1070 -3.05 34.77 48.86
N LEU A 1071 -3.81 35.11 47.83
CA LEU A 1071 -5.24 34.87 47.79
C LEU A 1071 -5.53 33.38 47.71
N PRO A 1072 -6.80 32.97 47.77
CA PRO A 1072 -7.12 31.54 47.77
C PRO A 1072 -6.90 30.82 46.45
N LEU A 1073 -6.26 31.47 45.49
CA LEU A 1073 -6.08 30.94 44.14
C LEU A 1073 -4.77 30.19 43.96
N HIS A 1074 -4.23 29.59 45.02
CA HIS A 1074 -2.87 29.06 44.96
C HIS A 1074 -2.79 27.69 44.28
N MET A 1075 -3.85 26.89 44.39
CA MET A 1075 -3.84 25.57 43.77
C MET A 1075 -3.63 25.67 42.27
N ALA A 1076 -4.16 26.71 41.63
CA ALA A 1076 -3.92 26.92 40.22
C ALA A 1076 -2.44 27.07 39.93
N ILE A 1077 -1.75 27.85 40.76
CA ILE A 1077 -0.31 28.06 40.59
C ILE A 1077 0.42 26.74 40.70
N GLU A 1078 0.13 25.98 41.74
CA GLU A 1078 0.77 24.67 41.90
C GLU A 1078 0.54 23.79 40.68
N ASN A 1079 -0.69 23.78 40.17
CA ASN A 1079 -1.01 22.94 39.02
C ASN A 1079 -0.23 23.37 37.78
N ALA A 1080 -0.08 24.67 37.57
CA ALA A 1080 0.73 25.15 36.46
C ALA A 1080 2.17 24.63 36.58
N ILE A 1081 2.74 24.73 37.77
CA ILE A 1081 4.09 24.20 37.96
C ILE A 1081 4.12 22.74 37.59
N LYS A 1082 3.12 21.98 38.01
CA LYS A 1082 3.08 20.56 37.69
C LYS A 1082 3.05 20.34 36.20
N ALA A 1083 2.32 21.18 35.47
CA ALA A 1083 2.13 20.95 34.04
C ALA A 1083 3.35 21.31 33.22
N ILE A 1084 4.23 22.16 33.75
CA ILE A 1084 5.48 22.45 33.04
C ILE A 1084 6.33 21.18 32.91
N GLU A 1085 6.47 20.45 34.00
CA GLU A 1085 7.39 19.32 34.04
C GLU A 1085 6.98 18.20 33.10
N GLN A 1086 5.67 18.00 32.91
CA GLN A 1086 5.21 17.01 31.94
C GLN A 1086 5.76 17.31 30.55
N SER A 1087 5.62 18.55 30.11
CA SER A 1087 6.18 18.99 28.83
C SER A 1087 7.66 18.67 28.76
N ILE A 1088 8.39 18.99 29.83
CA ILE A 1088 9.81 18.70 29.84
C ILE A 1088 10.06 17.22 29.63
N ALA A 1089 9.33 16.38 30.34
CA ALA A 1089 9.56 14.94 30.26
C ALA A 1089 9.28 14.39 28.88
N ASP A 1090 8.24 14.90 28.22
CA ASP A 1090 8.00 14.50 26.83
C ASP A 1090 9.19 14.85 25.95
N ALA A 1091 9.62 16.11 26.03
CA ALA A 1091 10.79 16.52 25.26
C ALA A 1091 11.97 15.60 25.52
N GLU A 1092 12.08 15.08 26.73
CA GLU A 1092 13.21 14.20 27.04
C GLU A 1092 13.01 12.80 26.47
N ARG A 1093 11.79 12.30 26.46
CA ARG A 1093 11.53 11.05 25.74
C ARG A 1093 12.07 11.14 24.33
N LEU A 1094 11.87 12.27 23.68
CA LEU A 1094 12.15 12.34 22.25
C LEU A 1094 13.63 12.17 21.90
N LEU A 1095 14.47 11.83 22.87
CA LEU A 1095 15.88 11.60 22.60
C LEU A 1095 16.24 10.12 22.41
N THR A 1096 15.31 9.21 22.60
CA THR A 1096 15.64 7.81 22.42
C THR A 1096 15.70 7.47 20.94
N PRO A 1097 16.60 6.55 20.57
CA PRO A 1097 16.62 6.07 19.19
C PRO A 1097 15.76 4.82 19.03
N MET A 1098 15.28 4.65 17.80
CA MET A 1098 14.51 3.47 17.46
C MET A 1098 15.29 2.23 17.83
N PRO A 1099 14.62 1.09 18.01
CA PRO A 1099 15.32 -0.11 18.46
C PRO A 1099 16.21 -0.71 17.39
N PHE A 1100 17.22 -1.43 17.86
CA PHE A 1100 18.27 -1.96 17.00
C PHE A 1100 17.70 -2.88 15.92
N THR A 1101 17.06 -3.96 16.35
CA THR A 1101 16.55 -4.99 15.45
C THR A 1101 15.88 -4.42 14.21
N TYR A 1102 14.88 -3.56 14.43
CA TYR A 1102 14.06 -3.06 13.34
C TYR A 1102 14.88 -2.27 12.33
N VAL A 1103 16.02 -1.73 12.76
CA VAL A 1103 16.85 -0.93 11.87
C VAL A 1103 17.84 -1.80 11.12
N VAL A 1104 18.46 -2.73 11.84
CA VAL A 1104 19.40 -3.67 11.23
C VAL A 1104 18.75 -4.39 10.07
N HIS A 1105 17.58 -4.99 10.32
CA HIS A 1105 16.87 -5.74 9.28
C HIS A 1105 16.71 -4.90 8.02
N VAL A 1106 16.06 -3.74 8.17
CA VAL A 1106 15.80 -2.84 7.06
C VAL A 1106 17.07 -2.57 6.27
N ARG A 1107 18.09 -2.08 6.97
CA ARG A 1107 19.28 -1.60 6.28
C ARG A 1107 19.95 -2.72 5.50
N THR A 1108 20.11 -3.89 6.12
CA THR A 1108 20.83 -4.96 5.44
C THR A 1108 20.08 -5.40 4.19
N PHE A 1109 18.75 -5.52 4.28
CA PHE A 1109 18.06 -6.02 3.08
C PHE A 1109 18.00 -4.97 1.99
N LEU A 1110 17.98 -3.68 2.34
CA LEU A 1110 18.15 -2.63 1.34
C LEU A 1110 19.47 -2.79 0.61
N PHE A 1111 20.56 -2.91 1.37
CA PHE A 1111 21.88 -3.13 0.79
C PHE A 1111 21.86 -4.29 -0.20
N ILE A 1112 21.23 -5.40 0.20
CA ILE A 1112 21.18 -6.57 -0.66
C ILE A 1112 20.48 -6.25 -1.97
N TYR A 1113 19.25 -5.75 -1.89
CA TYR A 1113 18.51 -5.38 -3.09
C TYR A 1113 19.36 -4.56 -4.05
N LEU A 1114 20.03 -3.54 -3.51
CA LEU A 1114 20.83 -2.67 -4.37
C LEU A 1114 21.97 -3.42 -5.02
N MET A 1115 22.70 -4.22 -4.24
CA MET A 1115 23.82 -4.95 -4.80
C MET A 1115 23.38 -6.01 -5.80
N GLY A 1116 22.11 -6.36 -5.82
CA GLY A 1116 21.63 -7.37 -6.74
C GLY A 1116 21.02 -6.81 -8.02
N LEU A 1117 20.57 -5.57 -7.98
CA LEU A 1117 19.89 -4.97 -9.13
C LEU A 1117 20.62 -5.13 -10.46
N PRO A 1118 21.90 -4.75 -10.60
CA PRO A 1118 22.51 -4.76 -11.94
C PRO A 1118 22.47 -6.11 -12.62
N PHE A 1119 22.89 -7.17 -11.92
CA PHE A 1119 22.94 -8.49 -12.54
C PHE A 1119 21.66 -8.85 -13.26
N ILE A 1120 20.54 -8.26 -12.85
CA ILE A 1120 19.28 -8.51 -13.54
C ILE A 1120 18.91 -7.39 -14.52
N LEU A 1121 19.46 -6.20 -14.35
CA LEU A 1121 19.12 -5.11 -15.26
C LEU A 1121 19.99 -5.05 -16.49
N VAL A 1122 21.25 -5.50 -16.41
CA VAL A 1122 22.19 -5.26 -17.50
C VAL A 1122 21.81 -6.00 -18.77
N GLU A 1123 20.92 -6.98 -18.69
CA GLU A 1123 20.56 -7.77 -19.86
C GLU A 1123 20.07 -6.89 -21.01
N ASP A 1124 19.30 -5.85 -20.69
CA ASP A 1124 18.63 -5.05 -21.70
C ASP A 1124 19.23 -3.65 -21.88
N LEU A 1125 20.19 -3.26 -21.05
CA LEU A 1125 20.75 -1.92 -21.12
C LEU A 1125 22.24 -1.96 -20.86
N GLY A 1126 22.85 -0.79 -20.96
CA GLY A 1126 24.25 -0.60 -20.63
C GLY A 1126 24.42 0.47 -19.59
N TRP A 1127 25.12 1.55 -19.95
CA TRP A 1127 25.32 2.67 -19.04
C TRP A 1127 24.03 3.14 -18.39
N LEU A 1128 22.89 2.90 -19.05
CA LEU A 1128 21.61 3.32 -18.46
C LEU A 1128 21.33 2.56 -17.18
N MET A 1129 21.59 1.25 -17.17
CA MET A 1129 21.53 0.49 -15.92
C MET A 1129 22.30 1.21 -14.83
N LEU A 1130 23.51 1.67 -15.16
CA LEU A 1130 24.36 2.32 -14.18
C LEU A 1130 23.72 3.60 -13.63
N VAL A 1131 23.28 4.48 -14.52
CA VAL A 1131 22.74 5.76 -14.06
C VAL A 1131 21.47 5.53 -13.25
N ALA A 1132 20.64 4.59 -13.70
CA ALA A 1132 19.40 4.29 -12.97
C ALA A 1132 19.70 3.79 -11.57
N VAL A 1133 20.67 2.88 -11.44
CA VAL A 1133 20.96 2.35 -10.11
C VAL A 1133 21.52 3.46 -9.23
N SER A 1134 22.33 4.35 -9.80
CA SER A 1134 22.82 5.48 -9.01
C SER A 1134 21.66 6.30 -8.45
N PHE A 1135 20.74 6.72 -9.31
CA PHE A 1135 19.64 7.56 -8.87
C PHE A 1135 18.77 6.85 -7.84
N LEU A 1136 18.39 5.61 -8.11
CA LEU A 1136 17.54 4.87 -7.18
C LEU A 1136 18.21 4.72 -5.82
N GLY A 1137 19.49 4.36 -5.82
CA GLY A 1137 20.22 4.29 -4.56
C GLY A 1137 20.18 5.60 -3.81
N TYR A 1138 20.38 6.72 -4.51
CA TYR A 1138 20.30 8.00 -3.84
C TYR A 1138 18.94 8.18 -3.17
N LEU A 1139 17.86 7.92 -3.92
CA LEU A 1139 16.52 8.05 -3.35
C LEU A 1139 16.43 7.31 -2.03
N MET A 1140 16.73 6.01 -2.06
CA MET A 1140 16.47 5.17 -0.89
C MET A 1140 17.35 5.59 0.29
N ILE A 1141 18.65 5.73 0.05
CA ILE A 1141 19.58 6.02 1.14
C ILE A 1141 19.30 7.40 1.72
N GLY A 1142 18.93 8.36 0.87
CA GLY A 1142 18.55 9.67 1.36
C GLY A 1142 17.31 9.61 2.22
N LEU A 1143 16.34 8.77 1.85
CA LEU A 1143 15.18 8.59 2.70
C LEU A 1143 15.59 8.14 4.09
N GLU A 1144 16.46 7.13 4.15
CA GLU A 1144 16.86 6.60 5.45
C GLU A 1144 17.57 7.67 6.28
N ASN A 1145 18.53 8.36 5.68
CA ASN A 1145 19.27 9.37 6.44
C ASN A 1145 18.37 10.54 6.85
N THR A 1146 17.42 10.90 5.99
CA THR A 1146 16.44 11.92 6.35
C THR A 1146 15.65 11.51 7.59
N ALA A 1147 15.22 10.26 7.64
CA ALA A 1147 14.55 9.76 8.83
C ALA A 1147 15.45 9.90 10.04
N VAL A 1148 16.71 9.50 9.91
CA VAL A 1148 17.65 9.64 11.02
C VAL A 1148 17.65 11.08 11.53
N GLN A 1149 17.82 12.04 10.62
CA GLN A 1149 17.82 13.45 11.02
C GLN A 1149 16.56 13.78 11.81
N LEU A 1150 15.39 13.58 11.19
CA LEU A 1150 14.14 13.98 11.83
C LEU A 1150 13.90 13.27 13.16
N GLU A 1151 14.57 12.15 13.40
CA GLU A 1151 14.27 11.36 14.60
C GLU A 1151 14.47 12.18 15.86
N ASN A 1152 15.63 12.80 16.04
CA ASN A 1152 15.88 13.67 17.18
C ASN A 1152 15.70 15.12 16.74
N PRO A 1153 14.68 15.82 17.22
CA PRO A 1153 14.45 17.18 16.71
C PRO A 1153 15.34 18.24 17.35
N PHE A 1154 16.01 17.91 18.45
CA PHE A 1154 16.76 18.89 19.22
C PHE A 1154 18.24 18.71 18.93
N GLY A 1155 18.84 19.69 18.27
CA GLY A 1155 20.24 19.61 17.90
C GLY A 1155 20.66 20.84 17.14
N THR A 1156 21.86 20.76 16.55
CA THR A 1156 22.44 21.91 15.89
C THR A 1156 22.08 21.96 14.42
N ASP A 1157 21.71 20.81 13.84
CA ASP A 1157 21.43 20.72 12.42
C ASP A 1157 20.39 21.74 12.00
N CYS A 1158 20.32 22.02 10.70
CA CYS A 1158 19.52 23.13 10.22
C CYS A 1158 18.05 22.77 10.11
N ASN A 1159 17.72 21.48 10.08
CA ASN A 1159 16.33 21.06 10.04
C ASN A 1159 15.73 20.89 11.43
N HIS A 1160 16.46 21.23 12.48
CA HIS A 1160 16.00 21.01 13.84
C HIS A 1160 15.25 22.23 14.35
N HIS A 1161 14.79 22.14 15.60
CA HIS A 1161 13.92 23.15 16.14
C HIS A 1161 14.74 24.33 16.68
N PRO A 1162 14.26 25.57 16.53
CA PRO A 1162 15.01 26.74 17.01
C PRO A 1162 14.71 27.12 18.45
N LEU A 1163 15.38 26.42 19.38
CA LEU A 1163 15.12 26.63 20.79
C LEU A 1163 15.52 28.03 21.23
N ASP A 1164 16.53 28.61 20.59
CA ASP A 1164 17.15 29.83 21.12
C ASP A 1164 16.25 31.03 20.94
N LEU A 1165 15.25 30.95 20.06
CA LEU A 1165 14.36 32.08 19.84
C LEU A 1165 13.22 32.09 20.86
N TYR A 1166 12.75 30.92 21.24
CA TYR A 1166 11.67 30.82 22.21
C TYR A 1166 12.08 31.44 23.55
N CYS A 1167 13.30 31.13 24.01
CA CYS A 1167 13.82 31.70 25.24
C CYS A 1167 13.79 33.21 25.20
N LEU A 1168 14.26 33.78 24.10
CA LEU A 1168 14.25 35.21 23.90
C LEU A 1168 12.85 35.79 24.02
N GLU A 1169 11.91 35.19 23.29
CA GLU A 1169 10.51 35.58 23.37
C GLU A 1169 10.03 35.65 24.82
N VAL A 1170 10.26 34.57 25.56
CA VAL A 1170 9.78 34.48 26.93
C VAL A 1170 10.37 35.58 27.78
N SER A 1171 11.70 35.75 27.71
CA SER A 1171 12.36 36.82 28.44
C SER A 1171 11.67 38.15 28.19
N GLN A 1172 11.52 38.51 26.91
CA GLN A 1172 10.88 39.77 26.57
C GLN A 1172 9.53 39.91 27.27
N ASP A 1173 8.67 38.91 27.09
CA ASP A 1173 7.30 39.02 27.60
C ASP A 1173 7.29 39.24 29.10
N LEU A 1174 8.01 38.40 29.84
CA LEU A 1174 7.93 38.47 31.30
C LEU A 1174 8.52 39.78 31.82
N LEU A 1175 9.64 40.22 31.23
CA LEU A 1175 10.24 41.46 31.70
C LEU A 1175 9.39 42.67 31.37
N HIS A 1176 8.55 42.59 30.34
CA HIS A 1176 7.57 43.65 30.12
C HIS A 1176 6.42 43.55 31.11
N LEU A 1177 6.07 42.33 31.51
CA LEU A 1177 4.98 42.13 32.45
C LEU A 1177 5.28 42.76 33.79
N LEU A 1178 6.50 42.57 34.29
CA LEU A 1178 6.89 43.20 35.54
C LEU A 1178 6.60 44.70 35.51
N ASP A 1179 6.93 45.35 34.39
CA ASP A 1179 6.77 46.79 34.32
C ASP A 1179 5.31 47.18 34.24
N LEU A 1180 4.52 46.41 33.50
CA LEU A 1180 3.09 46.65 33.48
C LEU A 1180 2.53 46.66 34.90
N ARG A 1181 2.87 45.63 35.68
CA ARG A 1181 2.41 45.56 37.06
C ARG A 1181 2.87 46.78 37.84
N ALA A 1182 4.16 47.09 37.77
CA ALA A 1182 4.68 48.20 38.56
C ALA A 1182 3.94 49.49 38.26
N SER A 1183 3.74 49.78 36.97
CA SER A 1183 3.02 51.00 36.60
C SER A 1183 1.60 50.97 37.16
N ALA A 1184 0.86 49.89 36.91
CA ALA A 1184 -0.52 49.84 37.39
C ALA A 1184 -0.60 49.89 38.91
N LYS A 1185 0.50 49.61 39.61
CA LYS A 1185 0.50 49.67 41.07
C LYS A 1185 0.73 51.09 41.56
N ALA A 1186 1.49 51.88 40.82
CA ALA A 1186 1.76 53.27 41.18
C ALA A 1186 0.58 54.19 40.91
N GLN A 1187 -0.59 53.64 40.58
CA GLN A 1187 -1.77 54.45 40.30
C GLN A 1187 -3.03 53.60 40.37
N SER B 62 -56.58 30.02 -9.98
CA SER B 62 -55.37 29.33 -10.39
C SER B 62 -55.08 28.15 -9.46
N ASP B 63 -55.28 26.94 -10.00
CA ASP B 63 -54.99 25.71 -9.25
C ASP B 63 -54.29 24.67 -10.12
N LEU B 64 -53.75 25.05 -11.27
CA LEU B 64 -53.12 24.10 -12.17
C LEU B 64 -51.85 23.53 -11.54
N ASN B 65 -51.22 22.61 -12.28
CA ASN B 65 -49.97 21.99 -11.87
C ASN B 65 -49.11 21.82 -13.12
N PHE B 66 -48.03 21.06 -13.01
CA PHE B 66 -47.15 20.77 -14.12
C PHE B 66 -47.39 19.40 -14.73
N ALA B 67 -47.75 18.41 -13.91
CA ALA B 67 -47.94 17.05 -14.41
C ALA B 67 -49.16 16.95 -15.32
N GLN B 68 -50.27 17.58 -14.92
CA GLN B 68 -51.50 17.47 -15.69
C GLN B 68 -51.33 17.99 -17.10
N VAL B 69 -50.64 19.13 -17.25
CA VAL B 69 -50.49 19.73 -18.57
C VAL B 69 -49.66 18.83 -19.47
N ALA B 70 -48.56 18.29 -18.95
CA ALA B 70 -47.73 17.39 -19.73
C ALA B 70 -48.49 16.13 -20.11
N ARG B 71 -49.27 15.59 -19.16
CA ARG B 71 -50.07 14.41 -19.45
C ARG B 71 -51.04 14.67 -20.59
N ASP B 72 -51.74 15.82 -20.54
CA ASP B 72 -52.70 16.14 -21.58
C ASP B 72 -52.00 16.32 -22.93
N GLU B 73 -50.89 17.05 -22.96
CA GLU B 73 -50.15 17.23 -24.20
C GLU B 73 -49.76 15.87 -24.79
N GLY B 74 -49.18 15.01 -23.95
CA GLY B 74 -48.84 13.67 -24.41
C GLY B 74 -50.03 12.95 -25.01
N ARG B 75 -51.11 12.80 -24.23
CA ARG B 75 -52.25 12.01 -24.70
C ARG B 75 -52.81 12.57 -26.01
N ARG B 76 -52.92 13.89 -26.11
CA ARG B 76 -53.42 14.49 -27.35
C ARG B 76 -52.54 14.12 -28.54
N CYS B 77 -51.23 14.36 -28.43
CA CYS B 77 -50.37 14.09 -29.57
C CYS B 77 -50.31 12.61 -29.89
N LEU B 78 -50.45 11.74 -28.90
CA LEU B 78 -50.42 10.31 -29.16
C LEU B 78 -51.67 9.86 -29.90
N LEU B 79 -52.84 10.40 -29.52
CA LEU B 79 -54.04 10.15 -30.29
C LEU B 79 -53.86 10.61 -31.73
N MET B 80 -53.28 11.79 -31.91
CA MET B 80 -53.01 12.28 -33.26
C MET B 80 -52.19 11.27 -34.05
N CYS B 81 -51.06 10.84 -33.49
CA CYS B 81 -50.16 9.94 -34.20
C CYS B 81 -50.84 8.62 -34.52
N VAL B 82 -51.55 8.04 -33.56
CA VAL B 82 -52.15 6.73 -33.80
C VAL B 82 -53.20 6.82 -34.90
N ALA B 83 -54.05 7.86 -34.85
CA ALA B 83 -55.05 8.03 -35.90
C ALA B 83 -54.38 8.19 -37.26
N PHE B 84 -53.39 9.08 -37.34
CA PHE B 84 -52.73 9.35 -38.62
C PHE B 84 -52.12 8.08 -39.21
N ALA B 85 -51.46 7.27 -38.37
CA ALA B 85 -50.82 6.07 -38.88
C ALA B 85 -51.85 5.02 -39.30
N ILE B 86 -52.86 4.80 -38.46
CA ILE B 86 -53.82 3.75 -38.74
C ILE B 86 -54.63 4.05 -40.00
N ALA B 87 -54.91 5.33 -40.26
CA ALA B 87 -55.64 5.67 -41.48
C ALA B 87 -54.89 5.19 -42.71
N ILE B 88 -53.61 5.58 -42.82
CA ILE B 88 -52.80 5.19 -43.97
C ILE B 88 -52.68 3.67 -44.04
N ALA B 89 -52.48 3.02 -42.90
CA ALA B 89 -52.33 1.57 -42.90
C ALA B 89 -53.58 0.87 -43.43
N HIS B 90 -54.75 1.26 -42.93
CA HIS B 90 -55.99 0.65 -43.37
C HIS B 90 -56.24 0.92 -44.85
N LEU B 91 -55.97 2.15 -45.31
CA LEU B 91 -56.14 2.44 -46.73
C LEU B 91 -55.24 1.55 -47.57
N TYR B 92 -53.97 1.43 -47.18
CA TYR B 92 -53.06 0.56 -47.92
C TYR B 92 -53.59 -0.86 -47.98
N ILE B 93 -54.07 -1.37 -46.85
CA ILE B 93 -54.54 -2.75 -46.81
C ILE B 93 -55.75 -2.94 -47.73
N TYR B 94 -56.66 -1.97 -47.73
CA TYR B 94 -57.90 -2.09 -48.48
C TYR B 94 -57.68 -1.89 -49.97
N PRO B 95 -56.80 -0.96 -50.36
CA PRO B 95 -56.72 -0.59 -51.78
C PRO B 95 -56.11 -1.66 -52.68
N ALA B 96 -55.45 -2.68 -52.14
CA ALA B 96 -54.76 -3.65 -52.98
C ALA B 96 -55.70 -4.74 -53.49
N LEU B 97 -56.33 -5.47 -52.57
CA LEU B 97 -57.11 -6.64 -52.97
C LEU B 97 -58.56 -6.26 -53.28
N PHE B 98 -59.11 -5.28 -52.57
CA PHE B 98 -60.51 -4.93 -52.67
C PHE B 98 -60.68 -3.73 -53.60
N GLY B 99 -61.75 -3.77 -54.40
CA GLY B 99 -62.10 -2.65 -55.25
C GLY B 99 -61.22 -2.54 -56.48
N VAL B 100 -61.53 -1.53 -57.29
CA VAL B 100 -60.78 -1.26 -58.53
C VAL B 100 -59.75 -0.20 -58.16
N ARG B 101 -58.57 -0.66 -57.75
CA ARG B 101 -57.46 0.20 -57.34
C ARG B 101 -56.17 -0.35 -57.97
N ILE B 102 -55.79 0.24 -59.11
CA ILE B 102 -54.57 -0.18 -59.77
C ILE B 102 -53.38 0.60 -59.20
N VAL B 103 -52.33 -0.14 -58.84
CA VAL B 103 -51.16 0.42 -58.18
C VAL B 103 -50.05 0.59 -59.21
N ASP B 104 -49.69 1.83 -59.47
CA ASP B 104 -48.56 2.11 -60.36
C ASP B 104 -47.27 1.56 -59.76
N GLN B 105 -46.21 1.59 -60.56
CA GLN B 105 -44.92 1.10 -60.11
C GLN B 105 -44.41 1.94 -58.95
N ALA B 106 -43.83 1.26 -57.95
CA ALA B 106 -43.35 1.96 -56.77
C ALA B 106 -42.09 2.76 -57.06
N GLU B 107 -41.28 2.31 -58.02
CA GLU B 107 -39.97 2.90 -58.23
C GLU B 107 -40.06 4.30 -58.85
N VAL B 108 -40.68 4.39 -60.03
CA VAL B 108 -40.58 5.60 -60.85
C VAL B 108 -41.49 6.69 -60.30
N PRO B 109 -41.11 7.98 -60.40
CA PRO B 109 -39.79 8.52 -60.76
C PRO B 109 -38.93 8.87 -59.54
N ALA B 110 -37.63 9.03 -59.74
CA ALA B 110 -36.76 9.43 -58.63
C ALA B 110 -36.68 10.95 -58.52
N GLU B 111 -36.94 11.66 -59.62
CA GLU B 111 -36.75 13.11 -59.63
C GLU B 111 -37.78 13.84 -58.77
N GLU B 112 -38.84 13.15 -58.35
CA GLU B 112 -39.91 13.81 -57.60
C GLU B 112 -39.68 13.73 -56.10
N ARG B 113 -38.83 12.79 -55.65
CA ARG B 113 -38.66 12.56 -54.22
C ARG B 113 -37.82 13.67 -53.58
N THR B 114 -36.97 14.32 -54.36
CA THR B 114 -36.13 15.39 -53.83
C THR B 114 -36.99 16.54 -53.28
N TYR B 115 -38.03 16.89 -54.02
CA TYR B 115 -38.95 17.95 -53.62
C TYR B 115 -39.55 17.65 -52.25
N PHE B 116 -40.01 16.42 -52.09
CA PHE B 116 -40.65 16.01 -50.84
C PHE B 116 -39.64 16.01 -49.70
N HIS B 117 -38.40 15.62 -49.98
CA HIS B 117 -37.34 15.71 -48.98
C HIS B 117 -37.16 17.17 -48.51
N HIS B 118 -37.12 18.09 -49.48
CA HIS B 118 -36.98 19.51 -49.15
C HIS B 118 -38.11 19.95 -48.22
N GLY B 119 -39.33 19.61 -48.58
CA GLY B 119 -40.48 19.93 -47.74
C GLY B 119 -40.33 19.37 -46.35
N TRP B 120 -39.90 18.11 -46.27
CA TRP B 120 -39.67 17.44 -45.00
C TRP B 120 -38.77 18.25 -44.08
N THR B 121 -37.60 18.63 -44.59
CA THR B 121 -36.69 19.46 -43.79
C THR B 121 -37.37 20.75 -43.34
N ALA B 122 -37.77 21.56 -44.35
CA ALA B 122 -38.36 22.86 -44.07
C ALA B 122 -39.49 22.78 -43.06
N MET B 123 -40.12 21.62 -42.92
CA MET B 123 -41.15 21.45 -41.90
C MET B 123 -40.54 21.12 -40.53
N LEU B 124 -39.60 20.17 -40.48
CA LEU B 124 -38.96 19.79 -39.23
C LEU B 124 -38.41 20.99 -38.46
N VAL B 125 -37.98 22.00 -39.23
CA VAL B 125 -37.36 23.18 -38.62
C VAL B 125 -38.25 23.77 -37.52
N ILE B 126 -39.52 24.01 -37.85
CA ILE B 126 -40.41 24.72 -36.92
C ILE B 126 -40.64 23.89 -35.67
N PHE B 127 -40.82 22.57 -35.85
CA PHE B 127 -40.87 21.68 -34.70
C PHE B 127 -39.73 21.99 -33.75
N PHE B 128 -38.50 21.82 -34.24
CA PHE B 128 -37.34 22.08 -33.39
C PHE B 128 -37.46 23.42 -32.68
N ILE B 129 -37.81 24.46 -33.44
CA ILE B 129 -37.92 25.80 -32.86
C ILE B 129 -38.77 25.77 -31.60
N GLU B 130 -40.01 25.28 -31.73
CA GLU B 130 -40.94 25.33 -30.60
C GLU B 130 -40.48 24.42 -29.47
N GLY B 131 -40.12 23.18 -29.81
CA GLY B 131 -39.72 22.20 -28.83
C GLY B 131 -38.55 22.67 -28.00
N VAL B 132 -37.77 23.61 -28.53
CA VAL B 132 -36.65 24.19 -27.79
C VAL B 132 -37.09 25.42 -27.00
N THR B 133 -37.88 26.30 -27.61
CA THR B 133 -38.25 27.54 -26.93
C THR B 133 -39.03 27.26 -25.66
N VAL B 134 -40.05 26.42 -25.74
CA VAL B 134 -40.89 26.17 -24.57
C VAL B 134 -40.08 25.49 -23.48
N PHE B 135 -39.15 24.62 -23.88
CA PHE B 135 -38.26 23.98 -22.92
C PHE B 135 -37.42 25.00 -22.19
N LEU B 136 -36.83 25.93 -22.93
CA LEU B 136 -36.07 27.01 -22.32
C LEU B 136 -36.91 27.72 -21.27
N LYS B 137 -38.12 28.12 -21.66
CA LYS B 137 -38.97 28.88 -20.75
C LYS B 137 -39.26 28.08 -19.48
N VAL B 138 -39.70 26.83 -19.62
CA VAL B 138 -40.10 26.06 -18.47
C VAL B 138 -38.93 25.71 -17.56
N CYS B 139 -37.73 25.49 -18.13
CA CYS B 139 -36.58 25.16 -17.32
C CYS B 139 -35.90 26.38 -16.70
N SER B 140 -36.19 27.58 -17.23
CA SER B 140 -35.58 28.79 -16.72
C SER B 140 -36.31 29.38 -15.51
N THR B 141 -37.51 28.89 -15.20
CA THR B 141 -38.30 29.45 -14.11
C THR B 141 -38.99 28.37 -13.29
N ARG B 142 -38.44 27.16 -13.28
CA ARG B 142 -39.00 26.09 -12.46
C ARG B 142 -38.89 26.37 -10.97
N LYS B 143 -38.13 27.39 -10.57
CA LYS B 143 -37.90 27.70 -9.17
C LYS B 143 -38.94 28.64 -8.58
N THR B 144 -39.89 29.12 -9.39
CA THR B 144 -40.88 30.08 -8.94
C THR B 144 -42.26 29.60 -9.35
N ARG B 145 -43.14 29.44 -8.37
CA ARG B 145 -44.47 28.91 -8.64
C ARG B 145 -45.21 29.74 -9.68
N TRP B 146 -45.19 31.06 -9.53
CA TRP B 146 -46.15 31.89 -10.26
C TRP B 146 -45.75 32.11 -11.72
N LEU B 147 -44.45 32.22 -12.02
CA LEU B 147 -44.05 32.26 -13.41
C LEU B 147 -44.39 30.95 -14.11
N GLU B 148 -44.25 29.83 -13.41
CA GLU B 148 -44.71 28.55 -13.93
C GLU B 148 -46.21 28.59 -14.23
N LYS B 149 -47.00 29.09 -13.28
CA LYS B 149 -48.43 29.23 -13.51
C LYS B 149 -48.68 30.03 -14.78
N ALA B 150 -47.99 31.16 -14.92
CA ALA B 150 -48.17 32.02 -16.09
C ALA B 150 -47.93 31.25 -17.37
N VAL B 151 -46.74 30.67 -17.52
CA VAL B 151 -46.41 30.01 -18.79
C VAL B 151 -47.35 28.85 -19.05
N LEU B 152 -47.56 27.99 -18.04
CA LEU B 152 -48.47 26.86 -18.23
C LEU B 152 -49.88 27.32 -18.59
N GLN B 153 -50.22 28.56 -18.22
CA GLN B 153 -51.49 29.12 -18.67
C GLN B 153 -51.42 29.55 -20.13
N LYS B 154 -50.27 30.08 -20.54
CA LYS B 154 -50.13 30.60 -21.90
C LYS B 154 -50.13 29.49 -22.95
N LEU B 155 -50.06 28.23 -22.55
CA LEU B 155 -50.01 27.10 -23.47
C LEU B 155 -50.95 25.98 -23.03
N ASP B 156 -52.19 26.35 -22.73
CA ASP B 156 -53.16 25.42 -22.16
C ASP B 156 -53.16 24.06 -22.86
N GLY B 157 -53.46 24.02 -24.15
CA GLY B 157 -53.57 22.75 -24.84
C GLY B 157 -53.08 22.73 -26.27
N ASN B 158 -52.54 23.85 -26.75
CA ASN B 158 -52.13 23.95 -28.15
C ASN B 158 -50.88 23.12 -28.45
N ILE B 159 -50.04 22.90 -27.44
CA ILE B 159 -48.70 22.37 -27.70
C ILE B 159 -48.79 20.95 -28.26
N GLY B 160 -49.48 20.06 -27.56
CA GLY B 160 -49.56 18.68 -28.00
C GLY B 160 -50.10 18.57 -29.42
N VAL B 161 -51.14 19.34 -29.75
CA VAL B 161 -51.77 19.21 -31.05
C VAL B 161 -50.84 19.72 -32.14
N LEU B 162 -50.18 20.86 -31.91
CA LEU B 162 -49.22 21.34 -32.90
C LEU B 162 -48.10 20.33 -33.12
N ILE B 163 -47.60 19.74 -32.03
CA ILE B 163 -46.50 18.79 -32.15
C ILE B 163 -46.94 17.58 -32.95
N GLY B 164 -48.13 17.06 -32.66
CA GLY B 164 -48.64 15.95 -33.45
C GLY B 164 -48.78 16.28 -34.92
N GLU B 165 -49.29 17.48 -35.22
CA GLU B 165 -49.41 17.92 -36.61
C GLU B 165 -48.06 17.84 -37.31
N TYR B 166 -47.05 18.47 -36.72
CA TYR B 166 -45.74 18.50 -37.36
C TYR B 166 -45.18 17.09 -37.51
N ILE B 167 -45.36 16.25 -36.48
CA ILE B 167 -44.82 14.89 -36.55
C ILE B 167 -45.44 14.14 -37.72
N VAL B 168 -46.77 14.18 -37.84
CA VAL B 168 -47.42 13.39 -38.87
C VAL B 168 -47.03 13.90 -40.26
N VAL B 169 -47.03 15.21 -40.46
CA VAL B 169 -46.69 15.72 -41.79
C VAL B 169 -45.27 15.33 -42.17
N ALA B 170 -44.33 15.46 -41.23
CA ALA B 170 -42.95 15.09 -41.53
C ALA B 170 -42.83 13.60 -41.81
N ALA B 171 -43.54 12.77 -41.04
CA ALA B 171 -43.47 11.33 -41.26
C ALA B 171 -43.98 10.97 -42.65
N THR B 172 -45.05 11.62 -43.09
CA THR B 172 -45.61 11.31 -44.41
C THR B 172 -44.64 11.72 -45.51
N TYR B 173 -44.12 12.94 -45.44
CA TYR B 173 -43.17 13.37 -46.46
C TYR B 173 -41.87 12.58 -46.40
N ILE B 174 -41.61 11.89 -45.28
CA ILE B 174 -40.52 10.93 -45.25
C ILE B 174 -40.90 9.66 -46.01
N ILE B 175 -42.03 9.06 -45.63
CA ILE B 175 -42.50 7.84 -46.30
C ILE B 175 -42.44 8.00 -47.81
N MET B 176 -42.71 9.22 -48.30
CA MET B 176 -42.64 9.42 -49.75
C MET B 176 -41.32 8.92 -50.31
N GLY B 177 -40.22 9.16 -49.61
CA GLY B 177 -38.94 8.65 -50.08
C GLY B 177 -38.89 7.14 -50.10
N ALA B 178 -39.43 6.50 -49.04
CA ALA B 178 -39.40 5.04 -48.95
C ALA B 178 -40.07 4.38 -50.15
N ASN B 179 -40.98 5.09 -50.83
CA ASN B 179 -41.72 4.52 -51.95
C ASN B 179 -42.52 3.31 -51.52
N LEU B 180 -43.49 3.54 -50.63
CA LEU B 180 -44.31 2.44 -50.10
C LEU B 180 -45.22 1.87 -51.18
N ILE B 181 -46.00 2.73 -51.84
CA ILE B 181 -46.98 2.25 -52.82
C ILE B 181 -47.37 3.37 -53.78
N PRO B 182 -47.22 3.16 -55.10
CA PRO B 182 -47.78 4.13 -56.05
C PRO B 182 -49.21 3.82 -56.44
N VAL B 183 -50.16 3.97 -55.51
CA VAL B 183 -51.53 3.51 -55.70
C VAL B 183 -52.21 4.26 -56.85
N PHE B 184 -51.56 5.28 -57.39
CA PHE B 184 -52.09 6.07 -58.49
C PHE B 184 -52.68 5.15 -59.55
N GLU B 185 -53.93 5.42 -59.93
CA GLU B 185 -54.63 4.61 -60.91
C GLU B 185 -55.41 5.49 -61.88
N ARG B 188 -58.92 8.61 -65.67
CA ARG B 188 -57.95 9.46 -66.34
C ARG B 188 -56.65 8.72 -66.58
N SER B 189 -55.59 9.46 -66.90
CA SER B 189 -54.27 8.89 -67.16
C SER B 189 -53.22 9.73 -66.46
N GLY B 190 -52.07 9.12 -66.20
CA GLY B 190 -51.02 9.80 -65.48
C GLY B 190 -51.57 10.37 -64.18
N ARG B 191 -51.43 11.69 -64.03
CA ARG B 191 -51.91 12.39 -62.83
C ARG B 191 -51.59 11.60 -61.57
N ARG B 192 -50.35 11.11 -61.49
CA ARG B 192 -49.95 10.25 -60.39
C ARG B 192 -50.24 10.94 -59.05
N VAL B 193 -50.83 10.18 -58.13
CA VAL B 193 -51.20 10.69 -56.81
C VAL B 193 -50.68 9.72 -55.76
N TYR B 194 -50.59 10.20 -54.53
CA TYR B 194 -50.13 9.42 -53.40
C TYR B 194 -51.20 9.46 -52.32
N ALA B 195 -51.36 8.34 -51.60
CA ALA B 195 -52.52 8.16 -50.75
C ALA B 195 -52.35 8.83 -49.39
N VAL B 196 -51.21 8.60 -48.73
CA VAL B 196 -51.03 9.07 -47.36
C VAL B 196 -51.32 10.56 -47.24
N ARG B 197 -51.13 11.32 -48.33
CA ARG B 197 -51.45 12.74 -48.31
C ARG B 197 -52.87 12.96 -47.79
N TYR B 198 -53.81 12.11 -48.20
CA TYR B 198 -55.20 12.29 -47.80
C TYR B 198 -55.38 12.07 -46.30
N MET B 199 -54.78 11.01 -45.77
CA MET B 199 -54.90 10.74 -44.34
C MET B 199 -54.29 11.88 -43.53
N GLU B 200 -53.08 12.29 -43.88
CA GLU B 200 -52.45 13.35 -43.10
C GLU B 200 -53.20 14.68 -43.29
N TRP B 201 -53.89 14.87 -44.41
CA TRP B 201 -54.73 16.05 -44.55
C TRP B 201 -55.93 15.98 -43.63
N THR B 202 -56.55 14.81 -43.53
CA THR B 202 -57.63 14.64 -42.55
C THR B 202 -57.14 15.08 -41.17
N ILE B 203 -56.01 14.51 -40.74
CA ILE B 203 -55.52 14.78 -39.38
C ILE B 203 -55.19 16.26 -39.21
N ASP B 204 -54.52 16.84 -40.21
CA ASP B 204 -54.09 18.23 -40.10
C ASP B 204 -55.30 19.16 -39.99
N ALA B 205 -56.26 18.99 -40.90
CA ALA B 205 -57.43 19.87 -40.90
C ALA B 205 -58.24 19.68 -39.62
N CYS B 206 -58.35 18.45 -39.13
CA CYS B 206 -59.12 18.21 -37.91
C CYS B 206 -58.49 18.91 -36.72
N GLY B 207 -57.18 18.72 -36.54
CA GLY B 207 -56.49 19.42 -35.47
C GLY B 207 -56.61 20.93 -35.60
N LEU B 208 -56.50 21.43 -36.83
CA LEU B 208 -56.60 22.86 -37.06
C LEU B 208 -57.96 23.38 -36.63
N VAL B 209 -59.04 22.68 -36.99
CA VAL B 209 -60.38 23.16 -36.66
C VAL B 209 -60.60 23.09 -35.15
N TYR B 210 -60.12 22.02 -34.52
CA TYR B 210 -60.23 21.94 -33.06
C TYR B 210 -59.55 23.15 -32.42
N LEU B 211 -58.32 23.44 -32.84
CA LEU B 211 -57.61 24.59 -32.30
C LEU B 211 -58.39 25.87 -32.50
N ASP B 212 -58.83 26.11 -33.74
CA ASP B 212 -59.50 27.37 -34.06
C ASP B 212 -60.75 27.54 -33.21
N CYS B 213 -61.59 26.51 -33.16
CA CYS B 213 -62.83 26.62 -32.38
C CYS B 213 -62.52 26.84 -30.91
N ARG B 214 -61.66 26.01 -30.33
CA ARG B 214 -61.33 26.15 -28.91
C ARG B 214 -60.88 27.58 -28.60
N ILE B 215 -59.94 28.10 -29.39
CA ILE B 215 -59.38 29.41 -29.07
C ILE B 215 -60.42 30.51 -29.25
N LEU B 216 -61.10 30.52 -30.41
CA LEU B 216 -61.86 31.69 -30.79
C LEU B 216 -63.24 31.71 -30.13
N PHE B 217 -63.81 30.54 -29.82
CA PHE B 217 -65.18 30.47 -29.36
C PHE B 217 -65.37 29.70 -28.06
N GLY B 218 -64.49 28.77 -27.73
CA GLY B 218 -64.59 28.06 -26.46
C GLY B 218 -65.70 27.03 -26.39
N MET B 219 -65.92 26.31 -27.48
CA MET B 219 -66.91 25.23 -27.51
C MET B 219 -66.18 23.90 -27.46
N PRO B 220 -66.03 23.27 -26.29
CA PRO B 220 -65.20 22.06 -26.19
C PRO B 220 -65.75 20.87 -26.94
N PHE B 221 -67.01 20.51 -26.71
CA PHE B 221 -67.54 19.23 -27.16
C PHE B 221 -68.76 19.34 -28.07
N SER B 222 -69.31 20.53 -28.29
CA SER B 222 -70.56 20.65 -29.03
C SER B 222 -70.33 20.85 -30.52
N LYS B 223 -69.67 21.94 -30.89
CA LYS B 223 -69.39 22.23 -32.29
C LYS B 223 -68.27 21.34 -32.81
N PHE B 224 -67.30 21.07 -31.94
CA PHE B 224 -66.15 20.27 -32.32
C PHE B 224 -66.57 18.96 -32.94
N ARG B 225 -67.47 18.24 -32.27
CA ARG B 225 -67.85 16.91 -32.75
C ARG B 225 -68.42 16.97 -34.17
N MET B 226 -69.44 17.80 -34.38
CA MET B 226 -70.10 17.86 -35.68
C MET B 226 -69.13 18.30 -36.77
N LEU B 227 -68.42 19.41 -36.55
CA LEU B 227 -67.54 19.92 -37.59
C LEU B 227 -66.42 18.93 -37.88
N LEU B 228 -65.93 18.25 -36.84
CA LEU B 228 -64.87 17.26 -37.00
C LEU B 228 -65.33 16.08 -37.83
N VAL B 229 -66.50 15.53 -37.50
CA VAL B 229 -67.00 14.39 -38.26
C VAL B 229 -67.26 14.80 -39.70
N TYR B 230 -67.76 16.03 -39.92
CA TYR B 230 -67.95 16.51 -41.28
C TYR B 230 -66.63 16.52 -42.04
N SER B 231 -65.59 17.12 -41.45
CA SER B 231 -64.28 17.20 -42.09
C SER B 231 -63.81 15.81 -42.51
N VAL B 232 -63.74 14.89 -41.53
CA VAL B 232 -63.20 13.57 -41.83
C VAL B 232 -64.05 12.87 -42.87
N LEU B 233 -65.38 13.02 -42.79
CA LEU B 233 -66.26 12.30 -43.69
C LEU B 233 -66.04 12.74 -45.13
N TYR B 234 -66.04 14.05 -45.38
CA TYR B 234 -65.89 14.45 -46.77
C TYR B 234 -64.46 14.30 -47.27
N MET B 235 -63.46 14.29 -46.38
CA MET B 235 -62.13 13.93 -46.84
C MET B 235 -62.07 12.47 -47.29
N LEU B 236 -62.63 11.56 -46.49
CA LEU B 236 -62.68 10.17 -46.90
C LEU B 236 -63.48 9.99 -48.20
N PHE B 237 -64.55 10.78 -48.36
CA PHE B 237 -65.33 10.72 -49.59
C PHE B 237 -64.49 11.15 -50.79
N GLY B 238 -63.77 12.27 -50.65
CA GLY B 238 -62.88 12.68 -51.71
C GLY B 238 -61.84 11.63 -52.04
N LEU B 239 -61.36 10.92 -51.03
CA LEU B 239 -60.42 9.82 -51.27
C LEU B 239 -61.07 8.74 -52.11
N TRP B 240 -62.20 8.20 -51.64
CA TRP B 240 -62.94 7.21 -52.41
C TRP B 240 -63.15 7.68 -53.85
N ALA B 241 -63.43 8.97 -54.02
CA ALA B 241 -63.79 9.49 -55.34
C ALA B 241 -62.60 9.53 -56.27
N ALA B 242 -61.50 10.16 -55.84
CA ALA B 242 -60.34 10.26 -56.71
C ALA B 242 -59.69 8.91 -56.94
N LEU B 243 -59.81 7.99 -55.99
CA LEU B 243 -59.27 6.65 -56.19
C LEU B 243 -59.87 5.99 -57.41
N ALA B 244 -61.16 6.18 -57.63
CA ALA B 244 -61.82 5.65 -58.82
C ALA B 244 -61.69 6.64 -59.97
N SER B 245 -62.06 6.17 -61.17
CA SER B 245 -62.04 7.03 -62.33
C SER B 245 -62.99 8.20 -62.15
N THR B 246 -62.69 9.31 -62.82
CA THR B 246 -63.55 10.49 -62.71
C THR B 246 -64.96 10.16 -63.20
N TRP B 247 -65.09 9.81 -64.48
CA TRP B 247 -66.40 9.50 -65.04
C TRP B 247 -67.13 8.43 -64.24
N MET B 248 -66.37 7.48 -63.69
CA MET B 248 -66.99 6.33 -63.03
C MET B 248 -67.70 6.73 -61.75
N TRP B 249 -67.05 7.49 -60.87
CA TRP B 249 -67.54 7.72 -59.52
C TRP B 249 -67.37 9.17 -59.04
N TYR B 250 -67.46 10.15 -59.94
CA TYR B 250 -67.39 11.54 -59.47
C TYR B 250 -68.66 11.95 -58.75
N ALA B 251 -69.83 11.65 -59.34
CA ALA B 251 -71.08 12.14 -58.77
C ALA B 251 -71.34 11.57 -57.38
N ILE B 252 -71.03 10.30 -57.19
CA ILE B 252 -71.39 9.63 -55.94
C ILE B 252 -70.79 10.36 -54.74
N PHE B 253 -69.53 10.73 -54.82
CA PHE B 253 -68.79 11.23 -53.67
C PHE B 253 -68.42 12.71 -53.73
N LEU B 254 -67.94 13.21 -54.87
CA LEU B 254 -67.40 14.58 -54.88
C LEU B 254 -68.48 15.61 -54.58
N SER B 255 -69.72 15.36 -55.04
CA SER B 255 -70.81 16.28 -54.74
C SER B 255 -71.07 16.35 -53.24
N ALA B 256 -71.15 15.19 -52.60
CA ALA B 256 -71.27 15.16 -51.14
C ALA B 256 -70.10 15.90 -50.49
N SER B 257 -68.90 15.79 -51.07
CA SER B 257 -67.75 16.48 -50.52
C SER B 257 -67.95 17.99 -50.53
N TRP B 258 -68.29 18.54 -51.70
CA TRP B 258 -68.57 19.97 -51.79
C TRP B 258 -69.67 20.38 -50.81
N PHE B 259 -70.70 19.54 -50.68
CA PHE B 259 -71.82 19.90 -49.80
C PHE B 259 -71.38 19.95 -48.34
N PHE B 260 -70.58 18.98 -47.90
CA PHE B 260 -70.08 19.00 -46.53
C PHE B 260 -69.16 20.20 -46.31
N PHE B 261 -68.38 20.57 -47.31
CA PHE B 261 -67.57 21.78 -47.22
C PHE B 261 -68.46 22.99 -46.96
N GLY B 262 -69.54 23.12 -47.73
CA GLY B 262 -70.47 24.22 -47.50
C GLY B 262 -71.09 24.17 -46.11
N LEU B 263 -71.38 22.97 -45.62
CA LEU B 263 -71.95 22.83 -44.29
C LEU B 263 -71.00 23.37 -43.22
N VAL B 264 -69.72 22.96 -43.30
CA VAL B 264 -68.77 23.43 -42.29
C VAL B 264 -68.54 24.94 -42.45
N CYS B 265 -68.61 25.46 -43.66
CA CYS B 265 -68.50 26.90 -43.84
C CYS B 265 -69.66 27.62 -43.14
N TYR B 266 -70.86 27.09 -43.27
CA TYR B 266 -72.01 27.69 -42.59
C TYR B 266 -71.86 27.61 -41.08
N TYR B 267 -71.33 26.49 -40.58
CA TYR B 267 -71.08 26.38 -39.14
C TYR B 267 -70.08 27.44 -38.69
N TYR B 268 -69.01 27.63 -39.45
CA TYR B 268 -68.04 28.67 -39.12
C TYR B 268 -68.70 30.03 -39.07
N TRP B 269 -69.52 30.35 -40.07
CA TRP B 269 -70.19 31.66 -40.09
C TRP B 269 -71.09 31.82 -38.88
N THR B 270 -71.83 30.77 -38.51
CA THR B 270 -72.73 30.86 -37.37
C THR B 270 -71.95 31.10 -36.09
N PHE B 271 -70.85 30.37 -35.89
CA PHE B 271 -70.06 30.55 -34.68
C PHE B 271 -69.40 31.93 -34.66
N HIS B 272 -69.08 32.48 -35.83
CA HIS B 272 -68.61 33.87 -35.88
C HIS B 272 -69.70 34.81 -35.41
N ARG B 273 -70.91 34.64 -35.94
CA ARG B 273 -72.03 35.49 -35.51
C ARG B 273 -72.31 35.32 -34.02
N GLN B 274 -71.96 34.16 -33.45
CA GLN B 274 -72.26 33.92 -32.04
C GLN B 274 -71.34 34.72 -31.13
N ASN B 275 -70.03 34.68 -31.39
CA ASN B 275 -69.02 35.36 -30.57
C ASN B 275 -68.07 36.13 -31.46
N PRO B 276 -68.53 37.25 -32.04
CA PRO B 276 -67.66 38.07 -32.90
C PRO B 276 -66.89 39.13 -32.11
N SER B 277 -65.99 38.66 -31.24
CA SER B 277 -65.20 39.55 -30.40
C SER B 277 -63.72 39.46 -30.76
N PRO B 278 -62.98 40.55 -30.68
CA PRO B 278 -61.54 40.49 -30.98
C PRO B 278 -60.74 39.90 -29.84
N LEU B 279 -59.55 39.42 -30.18
CA LEU B 279 -58.66 38.86 -29.17
C LEU B 279 -58.09 39.98 -28.32
N GLN B 280 -58.34 39.91 -27.01
CA GLN B 280 -57.83 40.94 -26.11
C GLN B 280 -56.33 41.16 -26.29
N GLN B 281 -55.61 40.13 -26.71
CA GLN B 281 -54.18 40.27 -26.96
C GLN B 281 -53.92 41.37 -27.97
N PHE B 282 -54.69 41.39 -29.06
CA PHE B 282 -54.59 42.43 -30.06
C PHE B 282 -55.46 43.62 -29.65
N GLY B 283 -55.36 44.69 -30.42
CA GLY B 283 -56.16 45.88 -30.20
C GLY B 283 -57.08 46.16 -31.36
N ARG B 284 -56.80 47.22 -32.09
CA ARG B 284 -57.57 47.60 -33.28
C ARG B 284 -57.26 46.72 -34.49
N ALA B 285 -56.54 45.61 -34.30
CA ALA B 285 -56.17 44.76 -35.41
C ALA B 285 -57.40 44.03 -35.95
N PRO B 286 -57.48 43.82 -37.27
CA PRO B 286 -58.52 42.95 -37.83
C PRO B 286 -58.29 41.47 -37.59
N ILE B 287 -57.37 41.10 -36.69
CA ILE B 287 -57.09 39.69 -36.45
C ILE B 287 -58.37 38.95 -36.10
N LYS B 288 -58.35 37.63 -36.26
CA LYS B 288 -59.49 36.75 -36.05
C LYS B 288 -60.49 36.84 -37.19
N GLN B 289 -60.31 37.80 -38.10
CA GLN B 289 -61.15 37.87 -39.29
C GLN B 289 -60.32 37.72 -40.55
N ALA B 290 -59.23 38.48 -40.65
CA ALA B 290 -58.30 38.31 -41.75
C ALA B 290 -57.85 36.86 -41.88
N ILE B 291 -57.55 36.22 -40.75
CA ILE B 291 -56.99 34.87 -40.79
C ILE B 291 -58.05 33.86 -41.20
N LEU B 292 -59.27 34.01 -40.69
CA LEU B 292 -60.34 33.11 -41.10
C LEU B 292 -60.63 33.25 -42.59
N VAL B 293 -60.73 34.50 -43.07
CA VAL B 293 -60.94 34.72 -44.50
C VAL B 293 -59.83 34.07 -45.31
N PHE B 294 -58.58 34.28 -44.90
CA PHE B 294 -57.45 33.71 -45.62
C PHE B 294 -57.54 32.19 -45.66
N VAL B 295 -57.79 31.57 -44.50
CA VAL B 295 -57.85 30.11 -44.44
C VAL B 295 -58.94 29.59 -45.37
N ILE B 296 -60.09 30.24 -45.39
CA ILE B 296 -61.20 29.69 -46.16
C ILE B 296 -61.01 29.91 -47.65
N VAL B 297 -60.53 31.09 -48.05
CA VAL B 297 -60.22 31.30 -49.47
C VAL B 297 -59.10 30.36 -49.91
N TRP B 298 -58.22 29.98 -48.98
CA TRP B 298 -57.15 29.06 -49.31
C TRP B 298 -57.70 27.65 -49.53
N TRP B 299 -58.61 27.21 -48.67
CA TRP B 299 -59.29 25.93 -48.91
C TRP B 299 -60.05 25.96 -50.24
N VAL B 300 -60.61 27.12 -50.58
CA VAL B 300 -61.30 27.26 -51.87
C VAL B 300 -60.32 27.04 -53.02
N LEU B 301 -59.16 27.69 -52.97
CA LEU B 301 -58.16 27.50 -54.01
C LEU B 301 -57.71 26.04 -54.07
N TYR B 302 -57.62 25.38 -52.92
CA TYR B 302 -57.25 23.97 -52.90
C TYR B 302 -58.27 23.12 -53.65
N GLY B 303 -59.55 23.34 -53.35
CA GLY B 303 -60.59 22.61 -54.07
C GLY B 303 -60.57 22.90 -55.56
N VAL B 304 -60.29 24.16 -55.92
CA VAL B 304 -60.19 24.50 -57.34
C VAL B 304 -59.10 23.70 -58.01
N LEU B 305 -57.92 23.65 -57.38
CA LEU B 305 -56.83 22.83 -57.92
C LEU B 305 -57.25 21.37 -58.04
N PHE B 306 -57.96 20.86 -57.03
CA PHE B 306 -58.42 19.48 -57.10
C PHE B 306 -59.28 19.25 -58.34
N MET B 307 -60.22 20.17 -58.60
CA MET B 307 -61.09 20.00 -59.76
C MET B 307 -60.32 20.14 -61.06
N LEU B 308 -59.32 21.03 -61.10
CA LEU B 308 -58.62 21.32 -62.35
C LEU B 308 -57.54 20.32 -62.70
N CYS B 309 -57.03 19.57 -61.71
CA CYS B 309 -55.93 18.65 -62.00
C CYS B 309 -56.36 17.57 -63.00
N PHE B 310 -57.44 16.86 -62.69
CA PHE B 310 -57.84 15.73 -63.53
C PHE B 310 -58.46 16.20 -64.84
N GLN B 311 -59.14 17.35 -64.81
CA GLN B 311 -59.90 17.79 -65.98
C GLN B 311 -58.97 18.17 -67.13
N ALA B 312 -58.04 19.09 -66.90
CA ALA B 312 -57.27 19.69 -67.97
C ALA B 312 -55.98 18.92 -68.20
N PRO B 313 -55.68 18.50 -69.44
CA PRO B 313 -54.36 17.91 -69.69
C PRO B 313 -53.27 18.97 -69.85
N ASP B 314 -53.64 20.20 -70.19
CA ASP B 314 -52.64 21.24 -70.43
C ASP B 314 -51.71 21.39 -69.23
N VAL B 315 -52.27 21.52 -68.03
CA VAL B 315 -51.44 21.58 -66.83
C VAL B 315 -50.70 20.26 -66.67
N VAL B 316 -49.37 20.34 -66.61
CA VAL B 316 -48.52 19.16 -66.57
C VAL B 316 -48.63 18.52 -65.20
N PRO B 317 -48.96 17.23 -65.10
CA PRO B 317 -49.03 16.59 -63.78
C PRO B 317 -47.71 16.04 -63.26
N GLN B 318 -46.63 16.15 -64.03
CA GLN B 318 -45.39 15.48 -63.62
C GLN B 318 -44.69 16.23 -62.50
N TRP B 319 -44.52 17.55 -62.64
CA TRP B 319 -43.78 18.32 -61.65
C TRP B 319 -44.62 19.39 -60.96
N LEU B 320 -45.37 20.19 -61.72
CA LEU B 320 -46.25 21.18 -61.11
C LEU B 320 -47.14 20.53 -60.05
N GLU B 321 -47.94 19.54 -60.46
CA GLU B 321 -48.77 18.77 -59.54
C GLU B 321 -48.01 18.44 -58.26
N GLN B 322 -46.89 17.71 -58.38
CA GLN B 322 -46.20 17.22 -57.20
C GLN B 322 -45.77 18.35 -56.28
N LEU B 323 -45.66 19.58 -56.80
CA LEU B 323 -45.09 20.67 -56.02
C LEU B 323 -46.17 21.48 -55.31
N LEU B 324 -47.33 21.63 -55.95
CA LEU B 324 -48.34 22.54 -55.43
C LEU B 324 -48.78 22.15 -54.02
N TRP B 325 -49.02 20.86 -53.79
CA TRP B 325 -49.52 20.44 -52.48
C TRP B 325 -48.49 20.67 -51.38
N THR B 326 -47.22 20.33 -51.65
CA THR B 326 -46.17 20.62 -50.69
C THR B 326 -46.17 22.09 -50.32
N GLY B 327 -46.04 22.95 -51.34
CA GLY B 327 -46.07 24.38 -51.07
C GLY B 327 -47.25 24.79 -50.23
N MET B 328 -48.43 24.29 -50.57
CA MET B 328 -49.66 24.78 -49.94
C MET B 328 -49.75 24.34 -48.49
N ASP B 329 -49.55 23.04 -48.24
CA ASP B 329 -49.55 22.54 -46.87
C ASP B 329 -48.58 23.33 -46.01
N VAL B 330 -47.34 23.51 -46.51
CA VAL B 330 -46.33 24.17 -45.71
C VAL B 330 -46.76 25.60 -45.38
N VAL B 331 -47.15 26.38 -46.40
CA VAL B 331 -47.48 27.77 -46.16
C VAL B 331 -48.68 27.90 -45.22
N MET B 332 -49.68 27.03 -45.39
CA MET B 332 -50.85 27.07 -44.53
C MET B 332 -50.47 26.86 -43.07
N LYS B 333 -49.80 25.74 -42.78
CA LYS B 333 -49.42 25.45 -41.41
C LYS B 333 -48.54 26.56 -40.84
N LEU B 334 -47.69 27.17 -41.68
CA LEU B 334 -46.78 28.19 -41.19
C LEU B 334 -47.53 29.46 -40.80
N SER B 335 -48.45 29.92 -41.65
CA SER B 335 -49.27 31.07 -41.28
C SER B 335 -50.03 30.80 -39.99
N HIS B 336 -50.61 29.60 -39.87
CA HIS B 336 -51.33 29.25 -38.65
C HIS B 336 -50.42 29.40 -37.42
N THR B 337 -49.29 28.68 -37.42
CA THR B 337 -48.45 28.66 -36.23
C THR B 337 -47.86 30.02 -35.92
N VAL B 338 -47.59 30.84 -36.94
CA VAL B 338 -47.01 32.15 -36.66
C VAL B 338 -48.04 33.07 -36.04
N VAL B 339 -49.27 33.07 -36.56
CA VAL B 339 -50.32 33.85 -35.91
C VAL B 339 -50.47 33.40 -34.47
N LEU B 340 -50.39 32.10 -34.23
CA LEU B 340 -50.52 31.58 -32.87
C LEU B 340 -49.41 32.12 -31.97
N MET B 341 -48.16 31.97 -32.40
CA MET B 341 -47.04 32.45 -31.59
C MET B 341 -47.17 33.95 -31.32
N ALA B 342 -47.58 34.73 -32.31
CA ALA B 342 -47.77 36.15 -32.10
C ALA B 342 -48.80 36.40 -31.01
N TRP B 343 -49.98 35.77 -31.12
CA TRP B 343 -50.99 35.93 -30.09
C TRP B 343 -50.47 35.51 -28.72
N ARG B 344 -49.51 34.59 -28.69
CA ARG B 344 -49.04 34.06 -27.42
C ARG B 344 -47.99 34.95 -26.76
N GLU B 345 -47.12 35.58 -27.55
CA GLU B 345 -46.00 36.31 -26.96
C GLU B 345 -46.41 37.63 -26.32
N THR B 346 -47.70 38.00 -26.40
CA THR B 346 -48.14 39.26 -25.84
C THR B 346 -48.33 39.15 -24.33
N GLN B 347 -48.09 40.26 -23.64
CA GLN B 347 -48.28 40.30 -22.19
C GLN B 347 -49.75 40.27 -21.83
N TRP B 348 -50.09 39.44 -20.84
CA TRP B 348 -51.46 39.30 -20.35
C TRP B 348 -51.57 39.94 -18.97
N GLU B 349 -52.75 39.79 -18.36
CA GLU B 349 -52.99 40.36 -17.04
C GLU B 349 -52.21 39.61 -15.96
N ILE B 350 -51.90 38.34 -16.18
CA ILE B 350 -51.20 37.55 -15.19
C ILE B 350 -49.89 38.21 -14.79
N ASP B 351 -49.21 38.84 -15.75
CA ASP B 351 -47.98 39.56 -15.42
C ASP B 351 -48.25 40.70 -14.45
N ALA B 352 -49.37 41.40 -14.65
CA ALA B 352 -49.75 42.45 -13.71
C ALA B 352 -50.00 41.88 -12.32
N VAL B 353 -50.74 40.77 -12.26
CA VAL B 353 -50.98 40.10 -10.98
C VAL B 353 -49.64 39.80 -10.29
N VAL B 354 -48.67 39.32 -11.04
CA VAL B 354 -47.42 38.89 -10.44
C VAL B 354 -46.62 40.10 -9.95
N ASP B 355 -46.56 41.16 -10.74
CA ASP B 355 -45.87 42.37 -10.28
C ASP B 355 -46.52 42.94 -9.03
N ARG B 356 -47.85 42.88 -8.96
CA ARG B 356 -48.55 43.32 -7.77
C ARG B 356 -48.13 42.49 -6.56
N GLN B 357 -48.09 41.16 -6.73
CA GLN B 357 -47.58 40.31 -5.65
C GLN B 357 -46.17 40.72 -5.26
N LYS B 358 -45.36 41.11 -6.25
CA LYS B 358 -43.94 41.35 -6.01
C LYS B 358 -43.71 42.57 -5.13
N VAL B 359 -44.29 43.71 -5.50
CA VAL B 359 -44.00 44.96 -4.77
C VAL B 359 -44.30 44.80 -3.29
N GLU B 360 -45.38 44.07 -2.98
CA GLU B 360 -45.76 43.83 -1.58
C GLU B 360 -44.62 43.25 -0.78
N ALA B 361 -43.74 42.46 -1.42
CA ALA B 361 -42.65 41.83 -0.70
C ALA B 361 -41.62 42.85 -0.23
N GLY B 362 -41.19 43.73 -1.15
CA GLY B 362 -40.32 44.82 -0.74
C GLY B 362 -40.92 45.64 0.39
N ARG B 363 -42.23 45.88 0.32
CA ARG B 363 -42.88 46.64 1.38
C ARG B 363 -42.77 45.92 2.73
N ALA B 364 -43.16 44.65 2.76
CA ALA B 364 -43.05 43.86 3.99
C ALA B 364 -41.63 43.85 4.50
N ILE B 365 -40.65 43.84 3.59
CA ILE B 365 -39.25 43.81 4.00
C ILE B 365 -38.88 45.10 4.72
N ALA B 366 -39.27 46.24 4.15
CA ALA B 366 -39.01 47.51 4.81
C ALA B 366 -39.68 47.54 6.19
N GLN B 367 -40.86 46.93 6.30
CA GLN B 367 -41.54 46.87 7.59
C GLN B 367 -40.71 46.07 8.60
N LEU B 368 -40.25 44.90 8.20
CA LEU B 368 -39.38 44.09 9.07
C LEU B 368 -38.18 44.93 9.53
N ASP B 369 -37.57 45.64 8.59
CA ASP B 369 -36.39 46.44 8.93
C ASP B 369 -36.71 47.47 10.00
N HIS B 370 -37.81 48.22 9.81
CA HIS B 370 -38.17 49.24 10.79
C HIS B 370 -38.45 48.63 12.16
N GLN B 371 -39.16 47.50 12.18
CA GLN B 371 -39.45 46.84 13.45
C GLN B 371 -38.18 46.47 14.19
N ARG B 372 -37.28 45.77 13.50
CA ARG B 372 -36.01 45.42 14.12
C ARG B 372 -35.23 46.65 14.56
N ALA B 373 -35.34 47.76 13.81
CA ALA B 373 -34.65 48.98 14.19
C ALA B 373 -35.13 49.47 15.55
N ILE B 374 -36.46 49.57 15.71
CA ILE B 374 -37.02 50.05 16.97
C ILE B 374 -36.60 49.12 18.11
N HIS B 375 -36.71 47.81 17.89
CA HIS B 375 -36.33 46.86 18.92
C HIS B 375 -34.88 47.05 19.35
N GLU B 376 -33.96 47.07 18.38
CA GLU B 376 -32.56 47.27 18.67
C GLU B 376 -32.32 48.57 19.43
N ARG B 377 -32.99 49.65 19.02
CA ARG B 377 -32.80 50.92 19.69
C ARG B 377 -33.15 50.81 21.17
N ASP B 378 -34.36 50.32 21.45
CA ASP B 378 -34.78 50.18 22.85
C ASP B 378 -33.80 49.29 23.63
N LEU B 379 -33.36 48.19 23.02
CA LEU B 379 -32.51 47.24 23.72
C LEU B 379 -31.15 47.84 24.05
N VAL B 380 -30.48 48.41 23.05
CA VAL B 380 -29.16 48.99 23.27
C VAL B 380 -29.24 50.14 24.25
N ARG B 381 -30.33 50.91 24.20
CA ARG B 381 -30.51 51.95 25.21
C ARG B 381 -30.55 51.34 26.60
N LEU B 382 -31.40 50.34 26.80
CA LEU B 382 -31.56 49.76 28.13
C LEU B 382 -30.24 49.23 28.66
N ARG B 383 -29.58 48.36 27.89
CA ARG B 383 -28.41 47.66 28.43
C ARG B 383 -27.24 48.61 28.63
N SER B 384 -26.95 49.46 27.64
CA SER B 384 -25.78 50.31 27.67
C SER B 384 -26.04 51.66 28.37
N ARG B 385 -27.09 51.77 29.18
CA ARG B 385 -27.43 53.03 29.83
C ARG B 385 -27.42 52.96 31.35
N VAL B 386 -28.13 52.00 31.94
CA VAL B 386 -28.52 52.11 33.34
C VAL B 386 -27.51 51.41 34.25
N TYR B 387 -27.40 50.10 34.11
CA TYR B 387 -26.66 49.30 35.08
C TYR B 387 -25.18 49.19 34.76
N TYR B 388 -24.75 49.64 33.58
CA TYR B 388 -23.38 49.49 33.15
C TYR B 388 -22.81 50.80 32.64
N PHE B 463 -42.02 61.12 -32.55
CA PHE B 463 -41.57 59.75 -32.75
C PHE B 463 -40.09 59.71 -33.09
N ALA B 464 -39.24 59.84 -32.07
CA ALA B 464 -37.80 59.89 -32.25
C ALA B 464 -37.11 58.59 -31.83
N ARG B 465 -37.33 58.16 -30.58
CA ARG B 465 -36.68 56.94 -30.10
C ARG B 465 -37.01 55.76 -30.99
N VAL B 466 -38.26 55.66 -31.42
CA VAL B 466 -38.69 54.53 -32.26
C VAL B 466 -37.93 54.51 -33.58
N ASN B 467 -37.94 55.65 -34.28
CA ASN B 467 -37.30 55.70 -35.59
C ASN B 467 -35.81 55.41 -35.49
N LYS B 468 -35.16 55.83 -34.40
CA LYS B 468 -33.72 55.57 -34.24
C LYS B 468 -33.46 54.11 -33.91
N ILE B 469 -34.27 53.54 -33.02
CA ILE B 469 -34.17 52.12 -32.72
C ILE B 469 -34.30 51.29 -33.99
N PHE B 470 -35.04 51.80 -34.98
CA PHE B 470 -35.08 51.13 -36.28
C PHE B 470 -33.87 51.45 -37.16
N MET B 471 -33.43 52.72 -37.15
CA MET B 471 -32.41 53.16 -38.10
C MET B 471 -31.06 52.56 -37.79
N ARG B 472 -30.74 52.33 -36.52
CA ARG B 472 -29.46 51.69 -36.20
C ARG B 472 -29.34 50.33 -36.86
N GLU B 473 -30.36 49.49 -36.68
CA GLU B 473 -30.41 48.19 -37.35
C GLU B 473 -30.34 48.35 -38.87
N ALA B 474 -31.13 49.30 -39.40
CA ALA B 474 -31.10 49.56 -40.84
C ALA B 474 -29.68 49.80 -41.32
N GLY B 475 -28.89 50.54 -40.54
CA GLY B 475 -27.52 50.81 -40.93
C GLY B 475 -26.64 49.59 -40.85
N LEU B 476 -26.77 48.82 -39.77
CA LEU B 476 -25.91 47.64 -39.59
C LEU B 476 -26.07 46.66 -40.75
N CYS B 477 -27.31 46.45 -41.21
CA CYS B 477 -27.54 45.49 -42.27
C CYS B 477 -26.72 45.84 -43.53
N LEU B 478 -26.67 47.12 -43.87
CA LEU B 478 -25.97 47.52 -45.09
C LEU B 478 -24.47 47.30 -44.95
N VAL B 479 -23.91 47.56 -43.76
CA VAL B 479 -22.50 47.28 -43.55
C VAL B 479 -22.21 45.80 -43.82
N LEU B 480 -23.04 44.92 -43.26
CA LEU B 480 -22.79 43.50 -43.45
C LEU B 480 -22.88 43.12 -44.92
N CYS B 481 -23.92 43.58 -45.61
CA CYS B 481 -24.08 43.27 -47.03
C CYS B 481 -22.88 43.75 -47.84
N LEU B 482 -22.42 44.98 -47.58
CA LEU B 482 -21.30 45.53 -48.34
C LEU B 482 -20.02 44.73 -48.10
N ALA B 483 -19.78 44.32 -46.85
CA ALA B 483 -18.60 43.51 -46.58
C ALA B 483 -18.65 42.20 -47.35
N PHE B 484 -19.81 41.53 -47.34
CA PHE B 484 -19.91 40.28 -48.08
C PHE B 484 -19.68 40.50 -49.57
N VAL B 485 -20.22 41.59 -50.11
CA VAL B 485 -20.02 41.89 -51.52
C VAL B 485 -18.54 42.10 -51.82
N VAL B 486 -17.84 42.83 -50.95
CA VAL B 486 -16.41 43.07 -51.14
C VAL B 486 -15.67 41.74 -51.23
N ALA B 487 -15.93 40.85 -50.29
CA ALA B 487 -15.31 39.53 -50.33
C ALA B 487 -15.60 38.84 -51.66
N LEU B 488 -16.88 38.56 -51.90
CA LEU B 488 -17.27 37.84 -53.12
C LEU B 488 -16.64 38.45 -54.37
N LEU B 489 -16.38 39.76 -54.36
CA LEU B 489 -15.77 40.40 -55.53
C LEU B 489 -14.26 40.19 -55.58
N HIS B 490 -13.60 40.19 -54.42
CA HIS B 490 -12.14 40.15 -54.40
C HIS B 490 -11.57 38.73 -54.40
N LEU B 491 -12.39 37.72 -54.13
CA LEU B 491 -11.85 36.37 -54.01
C LEU B 491 -11.16 35.88 -55.29
N PRO B 492 -11.86 35.70 -56.41
CA PRO B 492 -11.26 34.91 -57.50
C PRO B 492 -10.12 35.62 -58.22
N VAL B 493 -10.06 36.95 -58.15
CA VAL B 493 -8.97 37.65 -58.82
C VAL B 493 -7.64 37.32 -58.16
N TYR B 494 -7.67 36.83 -56.92
CA TYR B 494 -6.46 36.42 -56.22
C TYR B 494 -6.28 34.91 -56.18
N SER B 495 -7.22 34.15 -56.75
CA SER B 495 -7.13 32.69 -56.80
C SER B 495 -7.44 32.22 -58.22
N GLU B 496 -6.66 31.26 -58.69
CA GLU B 496 -6.78 30.74 -60.04
C GLU B 496 -6.15 31.68 -61.05
N TRP B 497 -5.73 32.87 -60.59
CA TRP B 497 -4.85 33.71 -61.40
C TRP B 497 -3.41 33.55 -60.95
N PHE B 498 -3.22 33.30 -59.65
CA PHE B 498 -1.93 32.94 -59.09
C PHE B 498 -1.99 31.60 -58.36
N GLY B 499 -2.99 30.77 -58.65
CA GLY B 499 -3.23 29.55 -57.92
C GLY B 499 -3.32 28.32 -58.81
N VAL B 500 -2.80 27.19 -58.33
CA VAL B 500 -2.84 25.96 -59.11
C VAL B 500 -4.16 25.24 -58.86
N GLU B 501 -4.46 24.27 -59.73
CA GLU B 501 -5.73 23.54 -59.68
C GLU B 501 -6.91 24.51 -59.64
N VAL B 502 -6.91 25.45 -60.59
CA VAL B 502 -7.84 26.56 -60.53
C VAL B 502 -9.24 26.13 -60.97
N LEU B 503 -9.33 25.15 -61.86
CA LEU B 503 -10.56 24.87 -62.57
C LEU B 503 -11.07 23.47 -62.23
N ASP B 504 -12.35 23.39 -61.89
CA ASP B 504 -13.10 22.14 -61.86
C ASP B 504 -14.37 22.35 -62.67
N ALA B 505 -14.55 21.54 -63.71
CA ALA B 505 -15.64 21.73 -64.67
C ALA B 505 -16.83 20.90 -64.21
N GLU B 506 -17.85 21.55 -63.67
CA GLU B 506 -19.00 20.88 -63.08
C GLU B 506 -18.57 19.94 -61.97
N ALA B 507 -18.07 20.46 -60.85
CA ALA B 507 -17.25 19.71 -59.88
C ALA B 507 -17.84 18.30 -59.73
N VAL B 508 -19.09 18.16 -59.31
CA VAL B 508 -19.78 16.87 -59.31
C VAL B 508 -21.26 17.15 -59.53
N PRO B 509 -21.77 17.07 -60.76
CA PRO B 509 -23.13 17.56 -61.02
C PRO B 509 -24.21 16.83 -60.24
N HIS B 510 -24.04 15.53 -60.01
CA HIS B 510 -25.15 14.71 -59.53
C HIS B 510 -25.36 14.86 -58.03
N ASP B 511 -24.26 14.83 -57.25
CA ASP B 511 -24.39 14.67 -55.81
C ASP B 511 -24.60 16.01 -55.11
N GLU B 512 -23.77 17.01 -55.44
CA GLU B 512 -23.64 18.19 -54.59
C GLU B 512 -24.93 19.02 -54.56
N LEU B 513 -25.49 19.34 -55.72
CA LEU B 513 -26.61 20.28 -55.77
C LEU B 513 -27.77 19.82 -54.89
N GLY B 514 -27.98 18.51 -54.81
CA GLY B 514 -29.08 18.00 -54.01
C GLY B 514 -28.91 18.29 -52.53
N PHE B 515 -27.66 18.40 -52.09
CA PHE B 515 -27.39 18.77 -50.70
C PHE B 515 -27.55 20.27 -50.46
N PHE B 516 -27.17 21.09 -51.44
CA PHE B 516 -27.16 22.54 -51.25
C PHE B 516 -28.55 23.16 -51.41
N HIS B 517 -29.43 22.55 -52.20
CA HIS B 517 -30.74 23.16 -52.41
C HIS B 517 -31.60 23.17 -51.15
N HIS B 518 -31.11 22.60 -50.04
CA HIS B 518 -31.91 22.51 -48.82
C HIS B 518 -31.74 23.76 -47.96
N GLY B 519 -30.51 24.23 -47.82
CA GLY B 519 -30.16 25.23 -46.84
C GLY B 519 -30.85 26.56 -47.03
N TRP B 520 -30.77 27.11 -48.26
CA TRP B 520 -31.36 28.41 -48.50
C TRP B 520 -32.87 28.36 -48.35
N THR B 521 -33.47 27.20 -48.63
CA THR B 521 -34.90 27.03 -48.40
C THR B 521 -35.23 27.13 -46.92
N THR B 522 -34.49 26.40 -46.09
CA THR B 522 -34.73 26.47 -44.64
C THR B 522 -34.55 27.90 -44.13
N MET B 523 -33.51 28.58 -44.61
CA MET B 523 -33.23 29.93 -44.13
C MET B 523 -34.32 30.90 -44.58
N LEU B 524 -34.81 30.74 -45.81
CA LEU B 524 -35.96 31.51 -46.28
C LEU B 524 -37.16 31.33 -45.35
N VAL B 525 -37.43 30.08 -44.97
CA VAL B 525 -38.51 29.79 -44.03
C VAL B 525 -38.35 30.64 -42.77
N VAL B 526 -37.19 30.50 -42.13
CA VAL B 526 -36.96 31.20 -40.86
C VAL B 526 -37.12 32.71 -41.05
N PHE B 527 -36.57 33.24 -42.14
CA PHE B 527 -36.68 34.65 -42.47
C PHE B 527 -38.14 35.11 -42.46
N LEU B 528 -38.96 34.43 -43.26
CA LEU B 528 -40.37 34.78 -43.33
C LEU B 528 -41.01 34.77 -41.96
N ILE B 529 -40.71 33.72 -41.18
CA ILE B 529 -41.28 33.60 -39.84
C ILE B 529 -41.02 34.87 -39.04
N GLU B 530 -39.73 35.20 -38.88
CA GLU B 530 -39.36 36.35 -38.05
C GLU B 530 -40.00 37.63 -38.56
N SER B 531 -39.93 37.84 -39.87
CA SER B 531 -40.44 39.08 -40.45
C SER B 531 -41.92 39.27 -40.13
N ILE B 532 -42.72 38.23 -40.38
CA ILE B 532 -44.16 38.39 -40.19
C ILE B 532 -44.51 38.48 -38.71
N THR B 533 -43.77 37.77 -37.85
CA THR B 533 -44.00 37.91 -36.42
C THR B 533 -43.85 39.36 -35.99
N VAL B 534 -42.76 40.00 -36.41
CA VAL B 534 -42.53 41.39 -36.03
C VAL B 534 -43.63 42.28 -36.60
N LEU B 535 -43.98 42.05 -37.88
CA LEU B 535 -45.02 42.85 -38.51
C LEU B 535 -46.32 42.77 -37.71
N LEU B 536 -46.67 41.58 -37.24
CA LEU B 536 -47.90 41.40 -36.48
C LEU B 536 -47.84 42.11 -35.13
N LYS B 537 -46.71 41.96 -34.43
CA LYS B 537 -46.54 42.66 -33.17
C LYS B 537 -46.77 44.15 -33.34
N VAL B 538 -46.15 44.74 -34.37
CA VAL B 538 -46.29 46.17 -34.59
C VAL B 538 -47.72 46.52 -34.99
N TRP B 539 -48.34 45.69 -35.82
CA TRP B 539 -49.73 45.94 -36.22
C TRP B 539 -50.65 45.95 -35.01
N SER B 540 -50.34 45.14 -34.00
CA SER B 540 -51.17 45.12 -32.80
C SER B 540 -50.85 46.28 -31.87
N THR B 541 -49.62 46.78 -31.90
CA THR B 541 -49.25 47.95 -31.10
C THR B 541 -49.15 49.23 -31.92
N TRP B 542 -49.85 49.29 -33.06
CA TRP B 542 -49.80 50.50 -33.90
C TRP B 542 -50.56 51.65 -33.25
N HIS B 543 -51.83 51.41 -32.89
CA HIS B 543 -52.69 52.49 -32.43
C HIS B 543 -52.16 53.12 -31.15
N ASP B 544 -51.63 52.30 -30.24
CA ASP B 544 -51.20 52.80 -28.94
C ASP B 544 -49.73 53.21 -29.02
N PRO B 545 -49.40 54.50 -28.88
CA PRO B 545 -47.98 54.89 -28.94
C PRO B 545 -47.16 54.34 -27.78
N ARG B 546 -47.68 54.44 -26.56
CA ARG B 546 -46.88 54.08 -25.38
C ARG B 546 -46.36 52.65 -25.48
N LEU B 547 -47.17 51.74 -26.03
CA LEU B 547 -46.75 50.35 -26.15
C LEU B 547 -45.71 50.14 -27.23
N ALA B 548 -45.74 50.94 -28.30
CA ALA B 548 -44.84 50.72 -29.42
C ALA B 548 -43.38 50.89 -29.02
N GLU B 549 -43.08 51.88 -28.17
CA GLU B 549 -41.70 52.13 -27.79
C GLU B 549 -41.09 50.95 -27.04
N ASN B 550 -41.92 50.24 -26.26
CA ASN B 550 -41.42 49.06 -25.56
C ASN B 550 -40.83 48.05 -26.54
N VAL B 551 -41.66 47.55 -27.45
CA VAL B 551 -41.19 46.58 -28.43
C VAL B 551 -40.04 47.16 -29.25
N ALA B 552 -40.16 48.44 -29.64
CA ALA B 552 -39.09 49.07 -30.42
C ALA B 552 -37.75 48.94 -29.70
N GLN B 553 -37.74 49.19 -28.39
CA GLN B 553 -36.52 49.06 -27.62
C GLN B 553 -36.10 47.60 -27.48
N GLN B 554 -37.08 46.67 -27.48
CA GLN B 554 -36.75 45.27 -27.36
C GLN B 554 -35.92 44.79 -28.56
N LEU B 555 -36.30 45.21 -29.75
CA LEU B 555 -35.68 44.71 -30.98
C LEU B 555 -34.36 45.37 -31.31
N SER B 556 -33.87 46.27 -30.47
CA SER B 556 -32.67 47.03 -30.79
C SER B 556 -31.42 46.22 -30.50
N GLY B 557 -30.40 46.39 -31.35
CA GLY B 557 -29.12 45.75 -31.16
C GLY B 557 -29.06 44.29 -31.55
N ASN B 558 -30.19 43.67 -31.90
CA ASN B 558 -30.22 42.24 -32.16
C ASN B 558 -30.87 41.88 -33.49
N LEU B 559 -31.86 42.64 -33.95
CA LEU B 559 -32.61 42.25 -35.13
C LEU B 559 -31.77 42.37 -36.39
N GLY B 560 -30.96 43.43 -36.50
CA GLY B 560 -30.21 43.66 -37.72
C GLY B 560 -29.29 42.51 -38.10
N VAL B 561 -28.82 41.77 -37.11
CA VAL B 561 -27.85 40.71 -37.38
C VAL B 561 -28.53 39.48 -37.96
N LEU B 562 -29.75 39.18 -37.51
CA LEU B 562 -30.41 37.94 -37.88
C LEU B 562 -30.75 37.92 -39.36
N ILE B 563 -31.37 38.99 -39.86
CA ILE B 563 -31.75 39.03 -41.27
C ILE B 563 -30.51 38.94 -42.15
N ALA B 564 -29.45 39.65 -41.79
CA ALA B 564 -28.22 39.62 -42.58
C ALA B 564 -27.65 38.21 -42.62
N GLU B 565 -27.52 37.58 -41.47
CA GLU B 565 -27.02 36.21 -41.41
C GLU B 565 -27.86 35.30 -42.30
N TYR B 566 -29.18 35.35 -42.12
CA TYR B 566 -30.07 34.47 -42.88
C TYR B 566 -29.86 34.67 -44.38
N LEU B 567 -29.96 35.91 -44.85
CA LEU B 567 -29.94 36.16 -46.28
C LEU B 567 -28.57 35.80 -46.88
N VAL B 568 -27.48 36.09 -46.17
CA VAL B 568 -26.17 35.79 -46.72
C VAL B 568 -25.97 34.29 -46.81
N VAL B 569 -26.40 33.54 -45.79
CA VAL B 569 -26.28 32.09 -45.84
C VAL B 569 -27.09 31.55 -47.01
N GLY B 570 -28.33 32.01 -47.15
CA GLY B 570 -29.15 31.58 -48.27
C GLY B 570 -28.50 31.84 -49.61
N ALA B 571 -27.98 33.05 -49.80
CA ALA B 571 -27.37 33.39 -51.07
C ALA B 571 -26.16 32.51 -51.36
N THR B 572 -25.31 32.29 -50.35
CA THR B 572 -24.12 31.48 -50.58
C THR B 572 -24.50 30.06 -50.96
N TYR B 573 -25.43 29.45 -50.23
CA TYR B 573 -25.80 28.08 -50.55
C TYR B 573 -26.57 27.99 -51.86
N VAL B 574 -27.24 29.07 -52.26
CA VAL B 574 -27.84 29.12 -53.59
C VAL B 574 -26.75 29.07 -54.65
N ILE B 575 -25.76 29.96 -54.53
CA ILE B 575 -24.62 29.93 -55.44
C ILE B 575 -24.06 28.51 -55.53
N LEU B 576 -23.87 27.87 -54.37
CA LEU B 576 -23.32 26.51 -54.39
C LEU B 576 -24.24 25.54 -55.11
N GLY B 577 -25.56 25.70 -54.94
CA GLY B 577 -26.49 24.80 -55.60
C GLY B 577 -26.24 24.68 -57.09
N TYR B 578 -26.46 25.78 -57.82
CA TYR B 578 -26.05 25.88 -59.21
C TYR B 578 -24.87 26.85 -59.27
N ASN B 579 -23.72 26.35 -59.69
CA ASN B 579 -22.44 27.02 -59.47
C ASN B 579 -22.24 28.11 -60.53
N LEU B 580 -22.27 29.37 -60.08
CA LEU B 580 -21.74 30.47 -60.85
C LEU B 580 -20.30 30.77 -60.50
N MET B 581 -19.76 30.14 -59.47
CA MET B 581 -18.43 30.42 -58.97
C MET B 581 -17.52 29.21 -59.14
N PRO B 582 -16.22 29.42 -59.28
CA PRO B 582 -15.31 28.30 -59.57
C PRO B 582 -15.13 27.38 -58.38
N VAL B 583 -14.68 26.16 -58.67
CA VAL B 583 -14.31 25.17 -57.66
C VAL B 583 -12.82 24.89 -57.81
N PHE B 584 -12.11 24.87 -56.69
CA PHE B 584 -10.68 24.63 -56.67
C PHE B 584 -10.40 23.25 -56.07
N VAL B 585 -9.56 22.47 -56.74
CA VAL B 585 -9.09 21.20 -56.21
C VAL B 585 -7.66 21.38 -55.72
N VAL B 586 -7.17 20.40 -54.98
CA VAL B 586 -5.83 20.46 -54.41
C VAL B 586 -5.02 19.26 -54.87
N HIS B 587 -3.72 19.48 -55.05
CA HIS B 587 -2.79 18.43 -55.46
C HIS B 587 -1.62 18.44 -54.50
N ARG B 588 -1.37 17.32 -53.83
CA ARG B 588 -0.32 17.22 -52.84
C ARG B 588 0.14 15.77 -52.78
N PRO B 589 1.31 15.51 -52.21
CA PRO B 589 1.76 14.13 -52.03
C PRO B 589 0.74 13.32 -51.25
N GLY B 590 0.78 12.01 -51.47
CA GLY B 590 -0.23 11.15 -50.89
C GLY B 590 -1.43 11.05 -51.80
N VAL B 591 -2.45 11.87 -51.52
CA VAL B 591 -3.66 11.92 -52.32
C VAL B 591 -3.85 13.35 -52.82
N ALA B 592 -4.62 13.45 -53.92
CA ALA B 592 -4.93 14.75 -54.50
C ALA B 592 -6.38 14.91 -54.90
N SER B 593 -7.22 13.90 -54.68
CA SER B 593 -8.63 13.98 -55.05
C SER B 593 -9.43 14.88 -54.12
N ARG B 594 -8.82 15.47 -53.10
CA ARG B 594 -9.55 16.31 -52.16
C ARG B 594 -10.14 17.52 -52.88
N ARG B 595 -11.47 17.61 -52.86
CA ARG B 595 -12.16 18.75 -53.43
C ARG B 595 -12.30 19.85 -52.38
N VAL B 596 -12.42 21.09 -52.86
CA VAL B 596 -12.44 22.25 -51.99
C VAL B 596 -13.37 23.30 -52.60
N TYR B 597 -14.11 24.00 -51.74
CA TYR B 597 -15.05 25.02 -52.15
C TYR B 597 -14.63 26.38 -51.60
N ALA B 598 -15.02 27.44 -52.31
CA ALA B 598 -14.46 28.77 -52.08
C ALA B 598 -15.29 29.62 -51.13
N VAL B 599 -16.53 29.93 -51.52
CA VAL B 599 -17.29 30.96 -50.81
C VAL B 599 -17.59 30.53 -49.38
N ARG B 600 -17.79 29.23 -49.15
CA ARG B 600 -18.20 28.70 -47.86
C ARG B 600 -17.46 29.36 -46.71
N TYR B 601 -16.19 29.70 -46.94
CA TYR B 601 -15.35 30.20 -45.86
C TYR B 601 -15.66 31.66 -45.55
N MET B 602 -15.69 32.51 -46.59
CA MET B 602 -15.90 33.93 -46.37
C MET B 602 -17.11 34.16 -45.47
N GLU B 603 -18.29 33.75 -45.93
CA GLU B 603 -19.49 33.92 -45.13
C GLU B 603 -19.25 33.46 -43.70
N TRP B 604 -18.69 32.25 -43.53
CA TRP B 604 -18.40 31.75 -42.19
C TRP B 604 -17.82 32.86 -41.34
N ALA B 605 -16.67 33.37 -41.75
CA ALA B 605 -16.01 34.44 -41.01
C ALA B 605 -17.01 35.54 -40.68
N VAL B 606 -17.54 36.18 -41.71
CA VAL B 606 -18.53 37.24 -41.48
C VAL B 606 -19.61 36.74 -40.55
N ASP B 607 -20.21 35.60 -40.92
CA ASP B 607 -21.23 34.97 -40.09
C ASP B 607 -20.80 34.97 -38.64
N ALA B 608 -19.66 34.32 -38.36
CA ALA B 608 -19.20 34.19 -36.98
C ALA B 608 -19.23 35.53 -36.28
N THR B 609 -18.66 36.56 -36.91
CA THR B 609 -18.55 37.86 -36.25
C THR B 609 -19.90 38.29 -35.71
N GLY B 610 -20.94 38.20 -36.54
CA GLY B 610 -22.28 38.51 -36.08
C GLY B 610 -22.53 37.87 -34.74
N LEU B 611 -22.55 36.54 -34.73
CA LEU B 611 -22.75 35.79 -33.50
C LEU B 611 -21.94 36.40 -32.37
N ILE B 612 -20.63 36.58 -32.59
CA ILE B 612 -19.79 37.14 -31.54
C ILE B 612 -20.36 38.46 -31.07
N TRP B 613 -20.41 39.45 -31.98
CA TRP B 613 -20.88 40.77 -31.61
C TRP B 613 -22.23 40.72 -30.91
N LEU B 614 -22.97 39.63 -31.09
CA LEU B 614 -24.26 39.45 -30.47
C LEU B 614 -24.15 38.67 -29.17
N ASP B 615 -23.48 37.52 -29.21
CA ASP B 615 -23.44 36.65 -28.04
C ASP B 615 -22.56 37.21 -26.93
N CYS B 616 -21.79 38.25 -27.21
CA CYS B 616 -20.96 38.90 -26.21
C CYS B 616 -21.48 40.27 -25.82
N HIS B 617 -22.60 40.70 -26.39
CA HIS B 617 -23.19 42.01 -26.11
C HIS B 617 -24.53 41.89 -25.41
N CYS B 618 -25.47 41.16 -26.00
CA CYS B 618 -26.80 41.04 -25.42
C CYS B 618 -26.78 40.16 -24.17
N LEU B 619 -26.12 39.00 -24.26
CA LEU B 619 -26.03 38.13 -23.11
C LEU B 619 -25.18 38.76 -22.01
N PHE B 620 -23.92 39.04 -22.32
CA PHE B 620 -22.99 39.68 -21.39
C PHE B 620 -22.88 41.14 -21.80
N SER B 621 -23.53 42.01 -21.04
CA SER B 621 -23.63 43.42 -21.41
C SER B 621 -22.25 44.07 -21.41
N ARG B 622 -21.72 44.33 -22.61
CA ARG B 622 -20.41 44.94 -22.76
C ARG B 622 -20.45 45.94 -23.91
N ASN B 623 -19.55 46.91 -23.86
CA ASN B 623 -19.43 47.91 -24.90
C ASN B 623 -18.66 47.33 -26.08
N PHE B 624 -18.29 48.18 -27.04
CA PHE B 624 -17.57 47.71 -28.21
C PHE B 624 -16.07 47.63 -27.97
N ASN B 625 -15.53 48.51 -27.12
CA ASN B 625 -14.09 48.58 -26.92
C ASN B 625 -13.49 47.23 -26.55
N GLU B 626 -14.28 46.30 -26.02
CA GLU B 626 -13.78 45.01 -25.60
C GLU B 626 -14.07 43.89 -26.59
N PHE B 627 -14.91 44.13 -27.60
CA PHE B 627 -15.16 43.15 -28.64
C PHE B 627 -14.07 43.12 -29.71
N ARG B 628 -13.31 44.21 -29.85
CA ARG B 628 -12.41 44.38 -30.99
C ARG B 628 -11.56 43.14 -31.26
N MET B 629 -10.81 42.70 -30.25
CA MET B 629 -9.81 41.66 -30.46
C MET B 629 -10.44 40.40 -31.04
N ALA B 630 -11.57 39.96 -30.50
CA ALA B 630 -12.19 38.73 -30.98
C ALA B 630 -12.54 38.84 -32.46
N ILE B 631 -13.08 39.98 -32.88
CA ILE B 631 -13.41 40.17 -34.28
C ILE B 631 -12.15 40.17 -35.12
N VAL B 632 -11.11 40.85 -34.66
CA VAL B 632 -9.89 40.94 -35.44
C VAL B 632 -9.23 39.58 -35.58
N TRP B 633 -9.45 38.66 -34.63
CA TRP B 633 -8.81 37.36 -34.66
C TRP B 633 -9.64 36.27 -35.34
N THR B 634 -10.97 36.40 -35.35
CA THR B 634 -11.79 35.33 -35.91
C THR B 634 -11.64 35.27 -37.43
N VAL B 635 -11.83 36.40 -38.11
CA VAL B 635 -11.57 36.46 -39.54
C VAL B 635 -10.16 35.97 -39.81
N ALA B 636 -9.23 36.27 -38.92
CA ALA B 636 -7.84 35.89 -39.11
C ALA B 636 -7.70 34.38 -39.18
N TYR B 637 -8.20 33.67 -38.17
CA TYR B 637 -8.00 32.23 -38.18
C TYR B 637 -8.84 31.55 -39.24
N MET B 638 -9.94 32.16 -39.68
CA MET B 638 -10.67 31.57 -40.80
C MET B 638 -9.88 31.72 -42.11
N LEU B 639 -9.29 32.90 -42.34
CA LEU B 639 -8.42 33.06 -43.50
C LEU B 639 -7.26 32.09 -43.46
N PHE B 640 -6.68 31.87 -42.27
CA PHE B 640 -5.56 30.96 -42.16
C PHE B 640 -5.99 29.53 -42.46
N GLY B 641 -7.14 29.11 -41.93
CA GLY B 641 -7.68 27.81 -42.28
C GLY B 641 -7.85 27.65 -43.78
N LEU B 642 -8.36 28.69 -44.44
CA LEU B 642 -8.53 28.63 -45.89
C LEU B 642 -7.18 28.45 -46.59
N TRP B 643 -6.27 29.39 -46.36
CA TRP B 643 -4.96 29.33 -47.01
C TRP B 643 -4.31 27.97 -46.80
N SER B 644 -4.33 27.48 -45.56
CA SER B 644 -3.84 26.12 -45.30
C SER B 644 -4.52 25.12 -46.21
N ALA B 645 -5.85 25.02 -46.11
CA ALA B 645 -6.58 24.03 -46.89
C ALA B 645 -6.17 24.04 -48.36
N LEU B 646 -5.90 25.23 -48.90
CA LEU B 646 -5.56 25.31 -50.33
C LEU B 646 -4.33 24.48 -50.67
N ALA B 647 -3.35 24.40 -49.76
CA ALA B 647 -2.08 23.73 -50.02
C ALA B 647 -1.89 22.59 -49.03
N SER B 648 -2.23 21.37 -49.45
CA SER B 648 -2.08 20.19 -48.63
C SER B 648 -0.71 19.54 -48.79
N THR B 649 0.28 20.27 -49.29
CA THR B 649 1.62 19.73 -49.44
C THR B 649 2.24 19.38 -48.10
N TRP B 650 1.72 19.95 -47.02
CA TRP B 650 2.25 19.92 -45.66
C TRP B 650 3.73 20.28 -45.64
N ALA B 651 4.21 21.09 -46.59
CA ALA B 651 5.50 21.73 -46.42
C ALA B 651 5.35 23.05 -45.66
N TRP B 652 4.29 23.80 -45.97
CA TRP B 652 3.90 24.98 -45.22
C TRP B 652 2.41 24.99 -44.87
N TYR B 653 1.78 23.80 -44.86
CA TYR B 653 0.38 23.69 -44.49
C TYR B 653 0.18 23.90 -42.99
N TRP B 654 1.08 23.35 -42.18
CA TRP B 654 0.88 23.35 -40.74
C TRP B 654 0.94 24.76 -40.15
N ALA B 655 1.63 25.68 -40.83
CA ALA B 655 1.81 27.02 -40.26
C ALA B 655 0.47 27.70 -40.01
N PHE B 656 -0.32 27.86 -41.06
CA PHE B 656 -1.59 28.57 -40.93
C PHE B 656 -2.56 27.80 -40.05
N LEU B 657 -2.52 26.46 -40.09
CA LEU B 657 -3.37 25.68 -39.21
C LEU B 657 -3.08 25.98 -37.75
N LEU B 658 -1.80 25.96 -37.38
CA LEU B 658 -1.41 26.23 -36.00
C LEU B 658 -1.76 27.66 -35.61
N ALA B 659 -1.49 28.62 -36.48
CA ALA B 659 -1.85 30.01 -36.19
C ALA B 659 -3.36 30.15 -35.97
N SER B 660 -4.14 29.42 -36.77
CA SER B 660 -5.59 29.49 -36.65
C SER B 660 -6.04 28.91 -35.31
N TRP B 661 -5.52 27.74 -34.95
CA TRP B 661 -5.80 27.17 -33.65
C TRP B 661 -5.47 28.17 -32.55
N ALA B 662 -4.34 28.87 -32.67
CA ALA B 662 -3.92 29.81 -31.64
C ALA B 662 -4.92 30.95 -31.48
N ALA B 663 -5.28 31.59 -32.60
CA ALA B 663 -6.23 32.69 -32.53
C ALA B 663 -7.57 32.23 -31.98
N PHE B 664 -8.05 31.09 -32.45
CA PHE B 664 -9.31 30.54 -31.95
C PHE B 664 -9.26 30.32 -30.45
N LEU B 665 -8.14 29.78 -29.97
CA LEU B 665 -8.00 29.50 -28.54
C LEU B 665 -8.03 30.77 -27.72
N ILE B 666 -7.27 31.78 -28.13
CA ILE B 666 -7.27 33.03 -27.38
C ILE B 666 -8.65 33.66 -27.38
N VAL B 667 -9.38 33.52 -28.50
CA VAL B 667 -10.75 34.01 -28.55
C VAL B 667 -11.59 33.31 -27.49
N CYS B 668 -11.46 31.99 -27.41
CA CYS B 668 -12.21 31.23 -26.39
C CYS B 668 -11.87 31.71 -24.98
N LEU B 669 -10.59 31.97 -24.73
CA LEU B 669 -10.18 32.44 -23.41
C LEU B 669 -10.84 33.77 -23.07
N ILE B 670 -10.74 34.73 -24.00
CA ILE B 670 -11.40 36.02 -23.81
C ILE B 670 -12.87 35.82 -23.51
N LEU B 671 -13.51 34.92 -24.24
CA LEU B 671 -14.95 34.72 -24.09
C LEU B 671 -15.28 34.19 -22.70
N VAL B 672 -14.52 33.21 -22.23
CA VAL B 672 -14.82 32.63 -20.92
C VAL B 672 -14.52 33.65 -19.82
N ARG B 673 -13.52 34.51 -20.02
CA ARG B 673 -13.29 35.60 -19.07
C ARG B 673 -14.49 36.53 -19.03
N PHE B 674 -14.97 36.95 -20.19
CA PHE B 674 -16.20 37.75 -20.27
C PHE B 674 -17.30 37.11 -19.43
N LEU B 675 -17.55 35.82 -19.64
CA LEU B 675 -18.57 35.14 -18.86
C LEU B 675 -18.29 35.25 -17.37
N ARG B 676 -17.14 34.75 -16.93
CA ARG B 676 -16.86 34.68 -15.50
C ARG B 676 -16.79 36.03 -14.83
N GLN B 677 -16.77 37.12 -15.58
CA GLN B 677 -16.89 38.46 -15.01
C GLN B 677 -18.23 39.11 -15.37
N ASP B 678 -19.29 38.32 -15.41
CA ASP B 678 -20.61 38.84 -15.74
C ASP B 678 -21.20 39.57 -14.54
N PRO B 679 -21.54 40.85 -14.65
CA PRO B 679 -22.19 41.53 -13.52
C PRO B 679 -23.56 40.95 -13.18
N TYR B 680 -24.37 40.65 -14.18
CA TYR B 680 -25.72 40.15 -13.95
C TYR B 680 -25.84 38.71 -14.40
N PRO B 681 -25.26 37.76 -13.67
CA PRO B 681 -25.33 36.36 -14.09
C PRO B 681 -26.69 35.72 -13.85
N HIS B 682 -27.44 36.18 -12.85
CA HIS B 682 -28.76 35.61 -12.61
C HIS B 682 -29.79 36.11 -13.61
N GLN B 683 -29.72 37.38 -13.97
CA GLN B 683 -30.60 37.90 -15.01
C GLN B 683 -30.16 37.35 -16.36
N PRO B 684 -31.10 37.00 -17.26
CA PRO B 684 -32.56 37.00 -17.13
C PRO B 684 -33.14 35.61 -16.89
N PHE B 685 -32.32 34.59 -17.02
CA PHE B 685 -32.80 33.21 -17.00
C PHE B 685 -33.05 32.72 -15.59
N GLY B 686 -33.08 33.63 -14.63
CA GLY B 686 -33.57 33.33 -13.30
C GLY B 686 -32.80 32.30 -12.51
N LYS B 687 -31.53 32.60 -12.22
CA LYS B 687 -30.73 31.80 -11.29
C LYS B 687 -30.64 30.35 -11.73
N THR B 688 -30.12 30.12 -12.92
CA THR B 688 -29.96 28.79 -13.46
C THR B 688 -28.63 28.70 -14.21
N SER B 689 -28.31 27.48 -14.64
CA SER B 689 -27.03 27.17 -15.28
C SER B 689 -27.15 27.05 -16.78
N VAL B 690 -27.97 27.88 -17.42
CA VAL B 690 -28.21 27.74 -18.86
C VAL B 690 -27.13 28.44 -19.67
N LYS B 691 -26.64 29.58 -19.18
CA LYS B 691 -25.65 30.35 -19.93
C LYS B 691 -24.32 29.61 -20.08
N PRO B 692 -23.69 29.12 -19.00
CA PRO B 692 -22.47 28.32 -19.18
C PRO B 692 -22.67 27.12 -20.09
N CYS B 693 -23.82 26.45 -19.98
CA CYS B 693 -24.12 25.33 -20.86
C CYS B 693 -24.18 25.77 -22.31
N ILE B 694 -24.77 26.95 -22.56
CA ILE B 694 -24.78 27.51 -23.91
C ILE B 694 -23.36 27.67 -24.42
N LEU B 695 -22.52 28.33 -23.64
CA LEU B 695 -21.14 28.55 -24.06
C LEU B 695 -20.44 27.23 -24.35
N ALA B 696 -20.69 26.22 -23.52
CA ALA B 696 -20.07 24.91 -23.73
C ALA B 696 -20.51 24.31 -25.05
N PHE B 697 -21.81 24.29 -25.31
CA PHE B 697 -22.31 23.77 -26.57
C PHE B 697 -21.66 24.47 -27.75
N ILE B 698 -21.62 25.81 -27.69
CA ILE B 698 -21.03 26.59 -28.78
C ILE B 698 -19.60 26.16 -29.04
N ILE B 699 -18.80 26.12 -27.98
CA ILE B 699 -17.37 25.85 -28.15
C ILE B 699 -17.14 24.43 -28.64
N GLY B 700 -17.92 23.47 -28.14
CA GLY B 700 -17.80 22.10 -28.62
C GLY B 700 -18.10 21.98 -30.10
N TRP B 701 -19.19 22.62 -30.54
CA TRP B 701 -19.49 22.72 -31.97
C TRP B 701 -18.29 23.25 -32.75
N TRP B 702 -17.73 24.36 -32.27
CA TRP B 702 -16.66 25.03 -33.00
C TRP B 702 -15.43 24.13 -33.14
N VAL B 703 -15.08 23.39 -32.07
CA VAL B 703 -13.90 22.54 -32.19
C VAL B 703 -14.21 21.27 -32.98
N LEU B 704 -15.46 20.82 -32.97
CA LEU B 704 -15.84 19.73 -33.86
C LEU B 704 -15.55 20.08 -35.30
N TYR B 705 -15.84 21.32 -35.70
CA TYR B 705 -15.47 21.76 -37.03
C TYR B 705 -13.99 21.47 -37.32
N GLY B 706 -13.11 21.89 -36.41
CA GLY B 706 -11.68 21.74 -36.67
C GLY B 706 -11.24 20.29 -36.73
N ILE B 707 -11.77 19.46 -35.84
CA ILE B 707 -11.33 18.06 -35.86
C ILE B 707 -11.83 17.38 -37.13
N LEU B 708 -12.99 17.78 -37.64
CA LEU B 708 -13.43 17.24 -38.93
C LEU B 708 -12.50 17.70 -40.05
N PHE B 709 -12.17 18.99 -40.07
CA PHE B 709 -11.19 19.51 -41.02
C PHE B 709 -9.94 18.63 -41.03
N MET B 710 -9.41 18.32 -39.84
CA MET B 710 -8.23 17.47 -39.75
C MET B 710 -8.51 16.09 -40.32
N VAL B 711 -9.49 15.39 -39.75
CA VAL B 711 -9.79 14.02 -40.16
C VAL B 711 -9.96 13.92 -41.67
N CYS B 712 -10.44 14.98 -42.30
CA CYS B 712 -10.65 14.95 -43.74
C CYS B 712 -9.34 15.16 -44.49
N PHE B 713 -8.66 16.28 -44.24
CA PHE B 713 -7.54 16.62 -45.10
C PHE B 713 -6.32 15.73 -44.83
N GLN B 714 -6.18 15.20 -43.62
CA GLN B 714 -5.09 14.26 -43.36
C GLN B 714 -5.32 12.94 -44.09
N ALA B 715 -6.46 12.31 -43.85
CA ALA B 715 -6.77 11.00 -44.41
C ALA B 715 -7.96 11.10 -45.37
N PRO B 716 -7.78 11.58 -46.59
CA PRO B 716 -8.91 11.60 -47.54
C PRO B 716 -9.55 10.25 -47.75
N ASP B 717 -8.82 9.16 -47.48
CA ASP B 717 -9.43 7.84 -47.56
C ASP B 717 -10.53 7.69 -46.52
N ALA B 718 -10.46 8.45 -45.44
CA ALA B 718 -11.46 8.36 -44.39
C ALA B 718 -12.81 8.89 -44.85
N VAL B 719 -12.80 9.93 -45.68
CA VAL B 719 -13.99 10.73 -45.96
C VAL B 719 -14.43 10.46 -47.39
N PRO B 720 -15.69 10.09 -47.64
CA PRO B 720 -16.14 9.92 -49.03
C PRO B 720 -16.39 11.22 -49.76
N GLN B 721 -16.23 12.36 -49.08
CA GLN B 721 -16.17 13.69 -49.69
C GLN B 721 -17.53 14.22 -50.13
N TRP B 722 -18.58 13.41 -50.06
CA TRP B 722 -19.93 13.93 -50.21
C TRP B 722 -20.60 14.06 -48.85
N LEU B 723 -20.50 13.01 -48.04
CA LEU B 723 -20.85 13.09 -46.63
C LEU B 723 -20.24 14.33 -45.99
N GLU B 724 -19.04 14.72 -46.44
CA GLU B 724 -18.36 15.88 -45.87
C GLU B 724 -19.17 17.15 -46.10
N GLN B 725 -19.58 17.40 -47.34
CA GLN B 725 -20.35 18.59 -47.64
C GLN B 725 -21.72 18.54 -46.96
N PHE B 726 -22.35 17.36 -46.94
CA PHE B 726 -23.63 17.24 -46.24
C PHE B 726 -23.48 17.63 -44.78
N LEU B 727 -22.42 17.16 -44.12
CA LEU B 727 -22.20 17.48 -42.72
C LEU B 727 -21.95 18.97 -42.53
N TRP B 728 -21.06 19.55 -43.34
CA TRP B 728 -20.82 20.99 -43.26
C TRP B 728 -22.13 21.76 -43.32
N THR B 729 -23.01 21.39 -44.26
CA THR B 729 -24.25 22.13 -44.46
C THR B 729 -25.18 21.96 -43.25
N GLY B 730 -25.38 20.72 -42.80
CA GLY B 730 -26.23 20.50 -41.65
C GLY B 730 -25.76 21.27 -40.44
N MET B 731 -24.44 21.31 -40.22
CA MET B 731 -23.91 22.03 -39.07
C MET B 731 -24.14 23.53 -39.19
N ASP B 732 -23.86 24.09 -40.37
CA ASP B 732 -24.10 25.51 -40.56
C ASP B 732 -25.57 25.86 -40.28
N VAL B 733 -26.48 24.98 -40.69
CA VAL B 733 -27.90 25.21 -40.41
C VAL B 733 -28.16 25.19 -38.92
N VAL B 734 -27.75 24.10 -38.26
CA VAL B 734 -28.11 23.87 -36.86
C VAL B 734 -27.60 24.99 -35.98
N MET B 735 -26.37 25.46 -36.24
CA MET B 735 -25.81 26.50 -35.38
C MET B 735 -26.73 27.71 -35.32
N LYS B 736 -27.15 28.21 -36.49
CA LYS B 736 -27.94 29.43 -36.54
C LYS B 736 -29.34 29.18 -35.98
N LEU B 737 -29.90 28.01 -36.27
CA LEU B 737 -31.19 27.67 -35.67
C LEU B 737 -31.13 27.78 -34.15
N SER B 738 -30.13 27.17 -33.54
CA SER B 738 -30.01 27.19 -32.08
C SER B 738 -29.81 28.60 -31.57
N HIS B 739 -28.89 29.34 -32.19
CA HIS B 739 -28.60 30.70 -31.76
C HIS B 739 -29.86 31.57 -31.80
N THR B 740 -30.62 31.47 -32.88
CA THR B 740 -31.78 32.33 -33.00
C THR B 740 -32.87 31.92 -32.03
N VAL B 741 -33.03 30.63 -31.76
CA VAL B 741 -34.06 30.24 -30.79
C VAL B 741 -33.70 30.73 -29.39
N VAL B 742 -32.41 30.65 -29.02
CA VAL B 742 -32.05 31.13 -27.70
C VAL B 742 -32.28 32.63 -27.59
N LEU B 743 -31.92 33.39 -28.63
CA LEU B 743 -32.16 34.82 -28.56
C LEU B 743 -33.66 35.13 -28.53
N MET B 744 -34.45 34.33 -29.25
CA MET B 744 -35.90 34.47 -29.19
C MET B 744 -36.41 34.34 -27.76
N ALA B 745 -36.06 33.24 -27.10
CA ALA B 745 -36.51 33.05 -25.73
C ALA B 745 -36.00 34.16 -24.81
N TRP B 746 -34.79 34.66 -25.07
CA TRP B 746 -34.24 35.71 -24.22
C TRP B 746 -34.97 37.03 -24.40
N ARG B 747 -35.51 37.28 -25.60
CA ARG B 747 -36.13 38.57 -25.88
C ARG B 747 -37.35 38.82 -25.00
N THR B 748 -38.06 37.78 -24.58
CA THR B 748 -39.38 37.91 -23.97
C THR B 748 -39.34 37.75 -22.45
N THR B 749 -38.27 38.22 -21.81
CA THR B 749 -38.15 38.14 -20.36
C THR B 749 -38.27 39.53 -19.73
N GLU B 750 -38.52 39.54 -18.43
CA GLU B 750 -38.81 40.80 -17.74
C GLU B 750 -37.69 41.81 -17.92
N TRP B 751 -36.43 41.34 -17.90
CA TRP B 751 -35.31 42.27 -18.02
C TRP B 751 -35.43 43.15 -19.26
N ASN B 752 -36.11 42.67 -20.30
CA ASN B 752 -36.36 43.47 -21.49
C ASN B 752 -37.67 44.24 -21.36
N VAL B 753 -38.76 43.55 -21.04
CA VAL B 753 -40.07 44.18 -20.87
C VAL B 753 -40.18 44.58 -19.40
N CYS B 754 -40.05 45.87 -19.13
CA CYS B 754 -39.89 46.37 -17.77
C CYS B 754 -41.22 46.34 -17.03
N GLU B 755 -41.30 45.53 -15.99
CA GLU B 755 -42.43 45.53 -15.07
C GLU B 755 -41.92 45.24 -13.66
N LEU B 756 -41.93 46.26 -12.82
CA LEU B 756 -41.42 46.18 -11.44
C LEU B 756 -39.90 46.18 -11.40
N HIS B 757 -39.29 46.10 -12.58
CA HIS B 757 -37.83 46.19 -12.71
C HIS B 757 -37.45 46.07 -14.18
N GLY B 758 -36.17 46.30 -14.49
CA GLY B 758 -35.69 46.08 -15.84
C GLY B 758 -34.45 46.87 -16.19
N ARG B 759 -34.11 46.92 -17.47
CA ARG B 759 -32.97 47.70 -17.92
C ARG B 759 -33.14 49.17 -17.56
N ASN B 760 -32.09 49.75 -17.00
CA ASN B 760 -32.14 51.15 -16.58
C ASN B 760 -32.05 52.08 -17.78
N SER B 817 -33.70 16.92 5.54
CA SER B 817 -32.61 16.12 4.98
C SER B 817 -31.44 16.05 5.96
N THR B 818 -30.36 16.76 5.65
CA THR B 818 -29.18 16.82 6.51
C THR B 818 -28.66 18.24 6.53
N ASN B 819 -27.81 18.53 7.52
CA ASN B 819 -27.31 19.87 7.76
C ASN B 819 -25.81 19.89 7.51
N TRP B 820 -25.42 20.35 6.33
CA TRP B 820 -24.02 20.57 6.00
C TRP B 820 -23.69 22.03 6.25
N THR B 821 -22.70 22.29 7.10
CA THR B 821 -22.30 23.65 7.39
C THR B 821 -21.05 23.64 8.26
N ALA B 822 -20.49 24.83 8.44
CA ALA B 822 -19.34 25.04 9.31
C ALA B 822 -19.63 26.01 10.45
N THR B 823 -20.81 26.60 10.47
CA THR B 823 -21.18 27.60 11.48
C THR B 823 -22.53 27.26 12.08
N PRO B 824 -22.63 26.14 12.79
CA PRO B 824 -23.93 25.68 13.29
C PRO B 824 -24.52 26.54 14.39
N GLY B 825 -23.80 27.54 14.89
CA GLY B 825 -24.32 28.38 15.95
C GLY B 825 -24.69 29.76 15.46
N LEU B 826 -24.17 30.13 14.28
CA LEU B 826 -24.45 31.42 13.67
C LEU B 826 -25.76 31.37 12.90
N ARG B 827 -26.74 32.16 13.35
CA ARG B 827 -28.03 32.28 12.64
C ARG B 827 -28.17 33.75 12.30
N VAL B 828 -28.63 34.09 11.11
CA VAL B 828 -28.76 35.47 10.64
C VAL B 828 -30.24 35.79 10.39
N ASP B 829 -30.52 37.07 10.22
CA ASP B 829 -31.87 37.57 9.96
C ASP B 829 -32.01 38.05 8.53
N LEU B 830 -33.24 38.04 8.03
CA LEU B 830 -33.50 38.35 6.63
C LEU B 830 -32.96 39.72 6.25
N SER B 831 -33.24 40.73 7.07
CA SER B 831 -32.80 42.09 6.76
C SER B 831 -31.32 42.11 6.43
N SER B 832 -30.51 41.40 7.21
CA SER B 832 -29.08 41.40 6.97
C SER B 832 -28.74 40.66 5.68
N MET B 833 -29.41 39.53 5.42
CA MET B 833 -29.15 38.79 4.19
C MET B 833 -29.39 39.67 2.97
N VAL B 834 -30.52 40.39 2.96
CA VAL B 834 -30.86 41.19 1.79
C VAL B 834 -29.97 42.41 1.70
N ARG B 835 -29.75 43.10 2.83
CA ARG B 835 -28.78 44.20 2.85
C ARG B 835 -27.45 43.75 2.26
N LEU B 836 -27.04 42.53 2.56
CA LEU B 836 -25.76 42.01 2.08
C LEU B 836 -25.81 41.76 0.59
N GLU B 837 -26.76 40.95 0.14
CA GLU B 837 -26.92 40.71 -1.29
C GLU B 837 -26.97 42.01 -2.08
N GLY B 838 -27.45 43.08 -1.46
CA GLY B 838 -27.45 44.37 -2.11
C GLY B 838 -26.10 45.04 -2.13
N GLN B 839 -25.48 45.17 -0.95
CA GLN B 839 -24.20 45.85 -0.85
C GLN B 839 -23.09 45.16 -1.64
N LEU B 840 -23.32 43.95 -2.14
CA LEU B 840 -22.34 43.20 -2.89
C LEU B 840 -22.73 43.14 -4.36
N ALA B 841 -21.96 42.38 -5.13
CA ALA B 841 -22.23 42.15 -6.54
C ALA B 841 -22.88 40.78 -6.72
N GLN B 842 -23.78 40.71 -7.72
CA GLN B 842 -24.54 39.50 -7.93
C GLN B 842 -23.61 38.32 -8.19
N GLY B 843 -23.91 37.20 -7.55
CA GLY B 843 -23.18 35.96 -7.78
C GLY B 843 -22.16 35.59 -6.72
N LEU B 844 -22.05 36.35 -5.64
CA LEU B 844 -21.12 36.03 -4.58
C LEU B 844 -21.77 35.20 -3.48
N VAL B 845 -23.03 35.49 -3.16
CA VAL B 845 -23.80 34.64 -2.26
C VAL B 845 -24.47 33.56 -3.09
N THR B 846 -24.81 32.45 -2.43
CA THR B 846 -25.38 31.29 -3.10
C THR B 846 -26.51 30.74 -2.25
N ASP B 847 -27.10 29.64 -2.72
CA ASP B 847 -28.20 29.02 -1.99
C ASP B 847 -27.71 28.35 -0.71
N VAL B 848 -26.56 27.69 -0.78
CA VAL B 848 -26.08 26.94 0.37
C VAL B 848 -25.41 27.85 1.39
N HIS B 849 -24.69 28.89 0.92
CA HIS B 849 -24.26 29.95 1.81
C HIS B 849 -25.38 30.34 2.76
N ARG B 850 -26.59 30.44 2.22
CA ARG B 850 -27.74 30.86 3.00
C ARG B 850 -28.29 29.70 3.82
N LYS B 851 -28.35 28.50 3.25
CA LYS B 851 -28.85 27.35 3.98
C LYS B 851 -27.99 27.01 5.18
N GLY B 852 -26.77 27.52 5.24
CA GLY B 852 -25.89 27.23 6.36
C GLY B 852 -25.91 28.27 7.45
N MET B 853 -26.11 29.53 7.09
CA MET B 853 -26.06 30.64 8.03
C MET B 853 -27.46 31.17 8.36
N MET B 854 -28.48 30.32 8.22
CA MET B 854 -29.84 30.76 8.49
C MET B 854 -30.64 29.60 9.06
N ARG B 855 -31.69 29.95 9.78
CA ARG B 855 -32.61 28.96 10.31
C ARG B 855 -33.43 28.34 9.17
N SER B 856 -34.27 27.38 9.54
CA SER B 856 -35.11 26.71 8.54
C SER B 856 -36.39 27.50 8.27
N GLU B 857 -37.04 27.98 9.33
CA GLU B 857 -38.32 28.64 9.18
C GLU B 857 -38.18 29.98 8.46
N ASP B 858 -37.19 30.79 8.86
CA ASP B 858 -36.95 32.04 8.16
C ASP B 858 -36.60 31.80 6.71
N LEU B 859 -35.88 30.72 6.42
CA LEU B 859 -35.53 30.39 5.05
C LEU B 859 -36.77 30.04 4.24
N ALA B 860 -37.65 29.21 4.79
CA ALA B 860 -38.89 28.88 4.11
C ALA B 860 -39.72 30.13 3.86
N GLU B 861 -39.79 31.03 4.85
CA GLU B 861 -40.53 32.26 4.67
C GLU B 861 -39.96 33.09 3.53
N LEU B 862 -38.64 33.29 3.53
CA LEU B 862 -38.00 34.03 2.45
C LEU B 862 -38.28 33.39 1.10
N LYS B 863 -38.20 32.05 1.03
CA LYS B 863 -38.44 31.36 -0.22
C LYS B 863 -39.86 31.63 -0.71
N ARG B 864 -40.85 31.47 0.17
CA ARG B 864 -42.21 31.81 -0.20
C ARG B 864 -42.31 33.25 -0.69
N LEU B 865 -41.58 34.15 -0.04
CA LEU B 865 -41.66 35.57 -0.37
C LEU B 865 -40.97 35.90 -1.68
N GLU B 866 -40.08 35.02 -2.17
CA GLU B 866 -39.37 35.25 -3.41
C GLU B 866 -40.00 34.53 -4.60
N GLU B 867 -41.21 34.00 -4.43
CA GLU B 867 -41.88 33.31 -5.52
C GLU B 867 -42.11 34.23 -6.71
N SER B 868 -42.24 35.54 -6.46
CA SER B 868 -42.64 36.44 -7.53
C SER B 868 -41.44 36.92 -8.33
N GLY B 869 -40.30 37.16 -7.68
CA GLY B 869 -39.17 37.72 -8.38
C GLY B 869 -37.89 37.64 -7.55
N PHE B 870 -36.99 38.58 -7.82
CA PHE B 870 -35.67 38.54 -7.21
C PHE B 870 -35.62 39.29 -5.88
N LEU B 871 -36.46 40.31 -5.72
CA LEU B 871 -36.56 41.02 -4.45
C LEU B 871 -35.30 41.81 -4.14
N GLN B 872 -34.83 42.59 -5.11
CA GLN B 872 -33.74 43.52 -4.89
C GLN B 872 -34.30 44.85 -4.38
N ALA B 873 -33.80 45.31 -3.23
CA ALA B 873 -34.29 46.54 -2.63
C ALA B 873 -33.27 47.06 -1.62
N GLN B 874 -33.48 48.29 -1.18
CA GLN B 874 -32.60 48.97 -0.24
C GLN B 874 -33.41 49.86 0.67
N GLN B 875 -33.34 49.60 1.99
CA GLN B 875 -34.05 50.43 2.95
C GLN B 875 -33.23 51.67 3.34
N HIS B 876 -31.91 51.52 3.40
CA HIS B 876 -31.01 52.63 3.74
C HIS B 876 -31.13 53.02 5.22
N ARG B 877 -31.17 51.99 6.07
CA ARG B 877 -31.25 52.20 7.53
C ARG B 877 -29.90 51.79 8.11
N ASN B 878 -29.37 52.54 9.08
CA ASN B 878 -28.05 52.29 9.64
C ASN B 878 -28.13 52.20 11.15
N TRP B 879 -27.25 51.40 11.74
CA TRP B 879 -27.13 51.27 13.19
C TRP B 879 -25.67 51.04 13.56
N GLU B 880 -25.44 50.77 14.84
CA GLU B 880 -24.08 50.46 15.30
C GLU B 880 -23.74 49.00 15.05
N SER B 881 -24.75 48.13 14.97
CA SER B 881 -24.50 46.71 14.79
C SER B 881 -24.42 46.34 13.32
N GLN B 882 -25.15 47.06 12.47
CA GLN B 882 -25.09 46.79 11.03
C GLN B 882 -23.68 46.92 10.51
N THR B 883 -22.96 47.94 10.96
CA THR B 883 -21.58 48.14 10.54
C THR B 883 -20.72 46.94 10.88
N ARG B 884 -20.80 46.47 12.12
CA ARG B 884 -20.02 45.31 12.56
C ARG B 884 -20.34 44.09 11.70
N GLU B 885 -21.65 43.81 11.54
CA GLU B 885 -22.05 42.64 10.76
C GLU B 885 -21.52 42.73 9.33
N MET B 886 -21.59 43.92 8.72
CA MET B 886 -21.07 44.08 7.38
C MET B 886 -19.57 43.82 7.34
N THR B 887 -18.82 44.47 8.22
CA THR B 887 -17.37 44.31 8.23
C THR B 887 -16.99 42.85 8.32
N PHE B 888 -17.77 42.06 9.06
CA PHE B 888 -17.41 40.65 9.18
C PHE B 888 -17.84 39.84 7.96
N LEU B 889 -19.09 39.99 7.52
CA LEU B 889 -19.60 39.13 6.46
C LEU B 889 -18.89 39.40 5.13
N ALA B 890 -18.62 40.67 4.82
CA ALA B 890 -17.93 40.99 3.58
C ALA B 890 -16.64 40.19 3.45
N HIS B 891 -15.93 39.96 4.55
CA HIS B 891 -14.73 39.13 4.50
C HIS B 891 -15.08 37.65 4.49
N GLY B 892 -16.11 37.26 5.26
CA GLY B 892 -16.32 35.84 5.50
C GLY B 892 -16.90 35.11 4.31
N ILE B 893 -17.60 35.81 3.43
CA ILE B 893 -18.32 35.11 2.37
C ILE B 893 -17.38 34.43 1.40
N ASN B 894 -16.20 35.02 1.15
CA ASN B 894 -15.34 34.55 0.06
C ASN B 894 -15.10 33.04 0.15
N HIS B 895 -15.03 32.49 1.36
CA HIS B 895 -14.78 31.06 1.50
C HIS B 895 -15.96 30.27 0.95
N ILE B 896 -15.68 29.04 0.54
CA ILE B 896 -16.59 28.24 -0.26
C ILE B 896 -17.42 27.33 0.63
N ALA B 897 -18.69 27.17 0.29
CA ALA B 897 -19.57 26.18 0.88
C ALA B 897 -20.21 25.39 -0.25
N TYR B 898 -20.28 24.07 -0.08
CA TYR B 898 -20.69 23.19 -1.16
C TYR B 898 -21.45 22.00 -0.60
N ASP B 899 -22.31 21.43 -1.45
CA ASP B 899 -23.09 20.25 -1.11
C ASP B 899 -22.41 19.02 -1.67
N PRO B 900 -21.85 18.14 -0.84
CA PRO B 900 -21.08 17.02 -1.38
C PRO B 900 -21.87 16.09 -2.27
N ARG B 901 -23.19 16.04 -2.10
CA ARG B 901 -23.99 15.07 -2.85
C ARG B 901 -23.97 15.36 -4.34
N SER B 902 -23.75 16.62 -4.73
CA SER B 902 -23.74 16.96 -6.13
C SER B 902 -22.40 16.59 -6.76
N TRP B 903 -22.46 15.99 -7.94
CA TRP B 903 -21.26 15.61 -8.67
C TRP B 903 -20.88 16.58 -9.76
N MET B 904 -21.83 17.35 -10.28
CA MET B 904 -21.53 18.31 -11.33
C MET B 904 -20.62 19.42 -10.81
N LYS B 905 -21.06 20.12 -9.77
CA LYS B 905 -20.36 21.29 -9.27
C LYS B 905 -18.98 20.96 -8.69
N THR B 906 -18.60 19.69 -8.67
CA THR B 906 -17.25 19.30 -8.30
C THR B 906 -16.34 19.13 -9.51
N LEU B 907 -16.85 18.50 -10.57
CA LEU B 907 -16.06 18.30 -11.77
C LEU B 907 -15.90 19.60 -12.55
N THR B 908 -17.02 20.21 -12.92
CA THR B 908 -17.02 21.43 -13.73
C THR B 908 -16.50 22.65 -12.99
N ALA B 909 -16.02 22.51 -11.77
CA ALA B 909 -15.62 23.66 -10.99
C ALA B 909 -14.20 24.08 -11.33
N VAL B 910 -13.98 25.40 -11.28
CA VAL B 910 -12.75 26.03 -11.69
C VAL B 910 -12.14 26.81 -10.53
N ARG B 911 -13.00 27.49 -9.77
CA ARG B 911 -12.55 28.48 -8.80
C ARG B 911 -11.66 27.86 -7.73
N GLY B 912 -12.15 26.83 -7.05
CA GLY B 912 -11.44 26.33 -5.88
C GLY B 912 -10.33 25.37 -6.22
N ARG B 913 -10.12 25.09 -7.51
CA ARG B 913 -9.10 24.13 -7.90
C ARG B 913 -7.72 24.61 -7.49
N ALA B 914 -6.75 23.72 -7.66
CA ALA B 914 -5.39 24.03 -7.24
C ALA B 914 -4.61 24.63 -8.40
N PRO B 915 -3.68 25.54 -8.14
CA PRO B 915 -2.84 26.05 -9.22
C PRO B 915 -1.78 25.03 -9.60
N THR B 916 -1.19 25.25 -10.76
CA THR B 916 -0.08 24.43 -11.23
C THR B 916 1.17 25.29 -11.35
N SER B 917 2.24 24.67 -11.84
CA SER B 917 3.55 25.29 -11.86
C SER B 917 4.12 25.28 -13.27
N PHE B 918 5.29 25.88 -13.41
CA PHE B 918 5.97 26.00 -14.69
C PHE B 918 6.48 24.65 -15.20
N LEU B 919 6.29 23.57 -14.44
CA LEU B 919 6.85 22.28 -14.82
C LEU B 919 6.11 21.66 -16.01
N LEU B 920 4.78 21.67 -15.95
CA LEU B 920 3.98 21.10 -17.03
C LEU B 920 4.48 21.58 -18.38
N TRP B 921 4.77 22.88 -18.50
CA TRP B 921 5.24 23.42 -19.77
C TRP B 921 6.57 22.79 -20.16
N VAL B 922 7.50 22.66 -19.21
CA VAL B 922 8.77 22.00 -19.49
C VAL B 922 8.53 20.59 -20.03
N VAL B 923 7.64 19.85 -19.38
CA VAL B 923 7.42 18.46 -19.76
C VAL B 923 6.80 18.37 -21.14
N LEU B 924 5.85 19.26 -21.45
CA LEU B 924 5.26 19.27 -22.78
C LEU B 924 6.31 19.59 -23.83
N ILE B 925 7.17 20.57 -23.55
CA ILE B 925 8.28 20.87 -24.45
C ILE B 925 9.08 19.61 -24.74
N GLU B 926 9.55 18.97 -23.68
CA GLU B 926 10.37 17.78 -23.81
C GLU B 926 9.68 16.72 -24.68
N SER B 927 8.42 16.43 -24.35
CA SER B 927 7.69 15.38 -25.07
C SER B 927 7.51 15.72 -26.54
N SER B 928 7.17 16.98 -26.82
CA SER B 928 6.95 17.39 -28.21
C SER B 928 8.22 17.22 -29.03
N ILE B 929 9.35 17.69 -28.49
CA ILE B 929 10.59 17.53 -29.24
C ILE B 929 10.90 16.05 -29.43
N VAL B 930 10.66 15.24 -28.39
CA VAL B 930 10.97 13.82 -28.50
C VAL B 930 10.16 13.19 -29.61
N LEU B 931 8.88 13.55 -29.72
CA LEU B 931 8.04 12.95 -30.73
C LEU B 931 8.46 13.38 -32.14
N ALA B 932 8.53 14.69 -32.37
CA ALA B 932 8.93 15.17 -33.69
C ALA B 932 10.28 14.60 -34.08
N LEU B 933 11.18 14.45 -33.11
CA LEU B 933 12.53 14.00 -33.40
C LEU B 933 12.60 12.50 -33.62
N SER B 934 11.75 11.73 -32.93
CA SER B 934 11.67 10.30 -33.21
C SER B 934 11.16 10.06 -34.61
N LYS B 935 10.24 10.90 -35.08
CA LYS B 935 9.75 10.72 -36.44
C LYS B 935 10.77 11.17 -37.47
N PHE B 936 11.35 12.36 -37.29
CA PHE B 936 12.36 12.84 -38.24
C PHE B 936 13.55 11.88 -38.29
N PHE B 937 14.03 11.44 -37.13
CA PHE B 937 15.09 10.45 -37.04
C PHE B 937 14.61 9.04 -37.38
N GLY B 938 13.31 8.86 -37.61
CA GLY B 938 12.82 7.58 -38.05
C GLY B 938 12.79 6.54 -36.94
N GLU B 939 13.40 5.39 -37.20
CA GLU B 939 13.21 4.24 -36.32
C GLU B 939 14.35 4.12 -35.30
N SER B 940 15.49 4.76 -35.57
CA SER B 940 16.70 4.53 -34.79
C SER B 940 16.65 5.26 -33.45
N PHE B 941 15.67 4.86 -32.62
CA PHE B 941 15.61 5.38 -31.27
C PHE B 941 16.20 4.40 -30.26
N ASP B 942 15.84 3.12 -30.38
CA ASP B 942 16.32 2.08 -29.46
C ASP B 942 15.96 2.43 -28.01
N LEU B 943 14.65 2.55 -27.77
CA LEU B 943 14.19 2.93 -26.44
C LEU B 943 14.70 1.97 -25.38
N GLY B 944 14.56 0.66 -25.61
CA GLY B 944 14.96 -0.33 -24.65
C GLY B 944 14.36 -0.08 -23.28
N VAL B 945 13.03 -0.03 -23.22
CA VAL B 945 12.36 0.24 -21.96
C VAL B 945 12.78 -0.79 -20.92
N SER B 946 12.70 -0.41 -19.65
CA SER B 946 13.09 -1.26 -18.54
C SER B 946 12.07 -1.13 -17.43
N SER B 947 11.73 -2.26 -16.81
CA SER B 947 10.65 -2.25 -15.81
C SER B 947 11.13 -1.67 -14.49
N GLY B 948 12.40 -1.84 -14.16
CA GLY B 948 12.90 -1.36 -12.88
C GLY B 948 12.88 0.15 -12.79
N ILE B 949 13.34 0.83 -13.84
CA ILE B 949 13.43 2.29 -13.80
C ILE B 949 12.05 2.92 -13.78
N HIS B 950 11.03 2.20 -14.27
CA HIS B 950 9.69 2.76 -14.38
C HIS B 950 8.79 2.39 -13.19
N SER B 951 8.52 1.09 -13.02
CA SER B 951 7.51 0.66 -12.06
C SER B 951 7.94 1.00 -10.63
N LEU B 952 9.21 0.79 -10.31
CA LEU B 952 9.68 1.04 -8.96
C LEU B 952 9.55 2.52 -8.59
N PHE B 953 10.14 3.39 -9.41
CA PHE B 953 9.97 4.81 -9.21
C PHE B 953 8.50 5.16 -9.05
N GLY B 954 7.65 4.59 -9.88
CA GLY B 954 6.23 4.91 -9.81
C GLY B 954 5.64 4.62 -8.45
N VAL B 955 5.81 3.38 -7.98
CA VAL B 955 5.20 3.01 -6.71
C VAL B 955 5.77 3.86 -5.58
N LEU B 956 7.09 4.07 -5.57
CA LEU B 956 7.68 4.88 -4.52
C LEU B 956 7.08 6.27 -4.46
N VAL B 957 7.17 6.99 -5.58
CA VAL B 957 6.72 8.37 -5.59
C VAL B 957 5.23 8.46 -5.26
N SER B 958 4.46 7.44 -5.67
CA SER B 958 3.04 7.45 -5.38
C SER B 958 2.78 7.35 -3.88
N PHE B 959 3.35 6.33 -3.25
CA PHE B 959 3.32 6.26 -1.79
C PHE B 959 3.62 7.62 -1.18
N LEU B 960 4.76 8.20 -1.54
CA LEU B 960 5.22 9.42 -0.91
C LEU B 960 4.20 10.54 -1.06
N VAL B 961 3.68 10.72 -2.28
CA VAL B 961 2.86 11.88 -2.56
C VAL B 961 1.50 11.76 -1.88
N VAL B 962 0.99 10.54 -1.71
CA VAL B 962 -0.29 10.42 -1.02
C VAL B 962 -0.11 10.56 0.49
N PHE B 963 1.03 10.09 1.01
CA PHE B 963 1.25 10.24 2.44
C PHE B 963 1.43 11.71 2.82
N ARG B 964 2.16 12.46 2.01
CA ARG B 964 2.33 13.88 2.27
C ARG B 964 1.03 14.66 2.26
N THR B 965 -0.05 14.08 1.75
CA THR B 965 -1.37 14.71 1.70
C THR B 965 -2.26 14.27 2.86
N GLN B 966 -2.24 12.97 3.15
CA GLN B 966 -2.89 12.49 4.36
C GLN B 966 -2.30 13.12 5.60
N ALA B 967 -1.08 13.65 5.51
CA ALA B 967 -0.49 14.31 6.66
C ALA B 967 -0.97 15.74 6.82
N ALA B 968 -1.46 16.35 5.74
CA ALA B 968 -1.91 17.74 5.83
C ALA B 968 -3.39 17.84 6.17
N PHE B 969 -4.19 16.89 5.67
CA PHE B 969 -5.59 16.84 6.06
C PHE B 969 -5.74 16.86 7.58
N LYS B 970 -4.81 16.19 8.28
CA LYS B 970 -4.89 16.09 9.72
C LYS B 970 -4.70 17.45 10.38
N LYS B 971 -3.73 18.22 9.89
CA LYS B 971 -3.51 19.55 10.44
C LYS B 971 -4.73 20.44 10.22
N TRP B 972 -5.30 20.38 9.03
CA TRP B 972 -6.56 21.09 8.78
C TRP B 972 -7.59 20.78 9.86
N TRP B 973 -7.81 19.48 10.11
CA TRP B 973 -8.81 19.09 11.09
C TRP B 973 -8.47 19.59 12.49
N SER B 974 -7.20 19.46 12.88
CA SER B 974 -6.79 19.90 14.21
C SER B 974 -7.07 21.39 14.40
N GLY B 975 -6.86 22.19 13.35
CA GLY B 975 -7.19 23.60 13.45
C GLY B 975 -8.67 23.83 13.67
N ARG B 976 -9.50 23.09 12.93
CA ARG B 976 -10.95 23.18 13.17
C ARG B 976 -11.26 22.94 14.65
N SER B 977 -10.69 21.87 15.20
CA SER B 977 -10.97 21.52 16.59
C SER B 977 -10.56 22.64 17.53
N ALA B 978 -9.35 23.18 17.33
CA ALA B 978 -8.88 24.27 18.16
C ALA B 978 -9.88 25.42 18.19
N VAL B 979 -10.31 25.85 17.01
CA VAL B 979 -11.24 26.98 16.92
C VAL B 979 -12.51 26.70 17.72
N SER B 980 -13.10 25.52 17.50
CA SER B 980 -14.34 25.21 18.22
C SER B 980 -14.13 25.26 19.72
N SER B 981 -13.02 24.68 20.21
CA SER B 981 -12.77 24.67 21.64
C SER B 981 -12.65 26.08 22.19
N LEU B 982 -11.93 26.94 21.48
CA LEU B 982 -11.79 28.33 21.90
C LEU B 982 -13.16 28.99 22.09
N VAL B 983 -14.00 28.89 21.06
CA VAL B 983 -15.34 29.48 21.16
C VAL B 983 -16.07 28.99 22.39
N GLN B 984 -16.10 27.66 22.56
CA GLN B 984 -16.85 27.08 23.67
C GLN B 984 -16.34 27.58 25.02
N MET B 985 -15.02 27.64 25.19
CA MET B 985 -14.48 28.12 26.45
C MET B 985 -14.88 29.56 26.71
N SER B 986 -14.84 30.40 25.68
CA SER B 986 -15.24 31.79 25.87
C SER B 986 -16.66 31.87 26.42
N ARG B 987 -17.58 31.13 25.80
CA ARG B 987 -18.97 31.19 26.25
C ARG B 987 -19.12 30.72 27.68
N THR B 988 -18.46 29.62 28.04
CA THR B 988 -18.57 29.15 29.42
C THR B 988 -18.03 30.18 30.41
N PHE B 989 -16.89 30.80 30.09
CA PHE B 989 -16.34 31.83 30.94
C PHE B 989 -17.36 32.94 31.17
N ALA B 990 -17.98 33.41 30.09
CA ALA B 990 -18.94 34.51 30.22
C ALA B 990 -20.10 34.13 31.12
N GLN B 991 -20.67 32.94 30.91
CA GLN B 991 -21.78 32.51 31.76
C GLN B 991 -21.36 32.44 33.21
N GLN B 992 -20.25 31.76 33.49
CA GLN B 992 -19.74 31.67 34.85
C GLN B 992 -19.65 33.03 35.49
N VAL B 993 -19.07 34.00 34.79
CA VAL B 993 -18.92 35.33 35.34
C VAL B 993 -20.27 35.95 35.65
N CYS B 994 -21.16 35.95 34.65
CA CYS B 994 -22.43 36.66 34.83
C CYS B 994 -23.31 36.01 35.88
N ALA B 995 -23.03 34.77 36.28
CA ALA B 995 -23.83 34.12 37.31
C ALA B 995 -23.20 34.18 38.69
N TYR B 996 -21.91 33.87 38.80
CA TYR B 996 -21.24 33.77 40.08
C TYR B 996 -20.60 35.07 40.54
N VAL B 997 -21.00 36.20 39.96
CA VAL B 997 -20.51 37.50 40.38
C VAL B 997 -21.69 38.44 40.52
N LYS B 998 -21.56 39.36 41.48
CA LYS B 998 -22.69 40.18 41.91
C LYS B 998 -22.56 41.64 41.55
N ASP B 999 -21.34 42.12 41.28
CA ASP B 999 -21.18 43.50 40.87
C ASP B 999 -21.54 43.62 39.40
N GLU B 1000 -21.40 44.82 38.84
CA GLU B 1000 -21.79 45.07 37.46
C GLU B 1000 -20.75 45.80 36.64
N ALA B 1001 -19.79 46.46 37.25
CA ALA B 1001 -18.76 47.16 36.48
C ALA B 1001 -17.62 46.22 36.11
N TYR B 1002 -17.38 45.20 36.92
CA TYR B 1002 -16.38 44.19 36.59
C TYR B 1002 -16.86 43.29 35.46
N VAL B 1003 -18.16 42.98 35.46
CA VAL B 1003 -18.73 42.04 34.50
C VAL B 1003 -18.53 42.53 33.08
N ASN B 1004 -18.91 43.78 32.82
CA ASN B 1004 -18.71 44.36 31.49
C ASN B 1004 -17.26 44.20 31.07
N ARG B 1005 -16.37 44.85 31.81
CA ARG B 1005 -14.93 44.76 31.54
C ARG B 1005 -14.53 43.37 31.09
N MET B 1006 -14.87 42.37 31.90
CA MET B 1006 -14.48 41.00 31.61
C MET B 1006 -15.02 40.53 30.27
N VAL B 1007 -16.34 40.58 30.10
CA VAL B 1007 -16.97 40.02 28.91
C VAL B 1007 -16.44 40.69 27.65
N ARG B 1008 -16.47 42.02 27.64
CA ARG B 1008 -16.03 42.76 26.47
C ARG B 1008 -14.58 42.46 26.12
N TYR B 1009 -13.72 42.32 27.13
CA TYR B 1009 -12.34 42.01 26.80
C TYR B 1009 -12.15 40.57 26.36
N SER B 1010 -13.07 39.67 26.73
CA SER B 1010 -13.04 38.33 26.16
C SER B 1010 -13.32 38.37 24.66
N ILE B 1011 -14.36 39.10 24.27
CA ILE B 1011 -14.63 39.31 22.85
C ILE B 1011 -13.39 39.86 22.16
N ALA B 1012 -12.79 40.88 22.77
CA ALA B 1012 -11.57 41.46 22.21
C ALA B 1012 -10.48 40.41 22.07
N THR B 1013 -10.40 39.47 23.01
CA THR B 1013 -9.39 38.42 22.92
C THR B 1013 -9.59 37.58 21.66
N VAL B 1014 -10.82 37.17 21.40
CA VAL B 1014 -11.08 36.42 20.18
C VAL B 1014 -10.65 37.22 18.96
N VAL B 1015 -11.14 38.46 18.84
CA VAL B 1015 -10.82 39.26 17.67
C VAL B 1015 -9.32 39.48 17.55
N ALA B 1016 -8.62 39.47 18.67
CA ALA B 1016 -7.18 39.67 18.65
C ALA B 1016 -6.47 38.45 18.09
N THR B 1017 -6.85 37.25 18.55
CA THR B 1017 -6.19 36.07 18.03
C THR B 1017 -6.49 35.91 16.54
N ARG B 1018 -7.62 36.37 16.04
CA ARG B 1018 -7.86 36.27 14.57
C ARG B 1018 -6.89 37.19 13.84
N CYS B 1019 -6.25 38.10 14.57
CA CYS B 1019 -5.33 39.02 13.94
C CYS B 1019 -3.89 38.80 14.37
N HIS B 1020 -3.63 37.77 15.18
CA HIS B 1020 -2.29 37.36 15.51
C HIS B 1020 -1.77 36.30 14.55
N LEU B 1021 -2.69 35.58 13.92
CA LEU B 1021 -2.34 34.56 12.94
C LEU B 1021 -2.06 35.13 11.57
N ARG B 1022 -2.50 36.36 11.31
CA ARG B 1022 -2.34 37.01 10.01
C ARG B 1022 -1.41 38.20 10.09
N ASN B 1023 -0.76 38.43 11.22
CA ASN B 1023 0.21 39.50 11.41
C ASN B 1023 -0.32 40.83 10.89
N THR B 1024 -1.39 41.29 11.53
CA THR B 1024 -1.97 42.59 11.24
C THR B 1024 -2.25 43.29 12.56
N ARG B 1025 -2.94 44.42 12.48
CA ARG B 1025 -3.50 45.12 13.62
C ARG B 1025 -5.01 45.25 13.41
N ILE B 1026 -5.67 45.86 14.37
CA ILE B 1026 -7.13 45.79 14.46
C ILE B 1026 -7.75 46.99 13.77
N ASP B 1027 -8.91 46.74 13.15
CA ASP B 1027 -9.70 47.80 12.55
C ASP B 1027 -10.80 48.19 13.52
N PRO B 1028 -10.83 49.43 14.01
CA PRO B 1028 -11.85 49.80 15.00
C PRO B 1028 -13.26 49.40 14.63
N ALA B 1029 -13.59 49.35 13.35
CA ALA B 1029 -14.95 49.03 12.94
C ALA B 1029 -15.40 47.68 13.49
N MET B 1030 -14.47 46.82 13.89
CA MET B 1030 -14.80 45.51 14.42
C MET B 1030 -15.03 45.53 15.92
N LEU B 1031 -14.83 46.68 16.57
CA LEU B 1031 -14.98 46.83 18.01
C LEU B 1031 -15.73 48.12 18.33
N LEU B 1032 -16.84 48.35 17.63
CA LEU B 1032 -17.53 49.63 17.73
C LEU B 1032 -18.34 49.73 19.01
N GLY B 1033 -19.34 48.87 19.17
CA GLY B 1033 -20.24 48.94 20.30
C GLY B 1033 -19.82 48.11 21.49
N VAL B 1034 -18.56 47.68 21.54
CA VAL B 1034 -18.08 46.86 22.64
C VAL B 1034 -17.03 47.57 23.48
N LEU B 1035 -16.23 48.46 22.90
CA LEU B 1035 -15.15 49.10 23.62
C LEU B 1035 -15.13 50.59 23.33
N LYS B 1036 -14.52 51.33 24.26
CA LYS B 1036 -14.24 52.74 24.04
C LYS B 1036 -12.97 52.90 23.20
N GLU B 1037 -12.86 54.05 22.55
CA GLU B 1037 -11.79 54.28 21.60
C GLU B 1037 -10.43 54.12 22.26
N GLU B 1038 -10.18 54.89 23.32
CA GLU B 1038 -8.88 54.89 23.97
C GLU B 1038 -8.40 53.48 24.25
N GLU B 1039 -9.31 52.59 24.63
CA GLU B 1039 -8.91 51.20 24.86
C GLU B 1039 -8.37 50.58 23.58
N ILE B 1040 -8.97 50.88 22.45
CA ILE B 1040 -8.51 50.33 21.17
C ILE B 1040 -7.13 50.87 20.83
N GLU B 1041 -6.94 52.19 20.94
CA GLU B 1041 -5.61 52.73 20.66
C GLU B 1041 -4.56 52.19 21.61
N GLU B 1042 -4.95 51.87 22.85
CA GLU B 1042 -3.99 51.28 23.77
C GLU B 1042 -3.68 49.84 23.40
N LEU B 1043 -4.68 49.11 22.88
CA LEU B 1043 -4.42 47.77 22.38
C LEU B 1043 -3.40 47.79 21.25
N ASN B 1044 -3.74 48.47 20.15
CA ASN B 1044 -2.89 48.43 18.97
C ASN B 1044 -1.48 48.92 19.25
N ARG B 1045 -1.23 49.50 20.42
CA ARG B 1045 0.09 49.93 20.84
C ARG B 1045 0.94 48.82 21.43
N GLN B 1046 0.42 47.59 21.48
CA GLN B 1046 1.14 46.45 22.04
C GLN B 1046 1.67 45.56 20.94
N LYS B 1047 2.42 44.54 21.36
CA LYS B 1047 3.07 43.61 20.46
C LYS B 1047 2.35 42.26 20.43
N ASN B 1048 1.97 41.74 21.58
CA ASN B 1048 1.18 40.52 21.68
C ASN B 1048 -0.11 40.83 22.43
N LEU B 1049 -1.23 40.70 21.74
CA LEU B 1049 -2.51 41.20 22.19
C LEU B 1049 -3.22 40.27 23.18
N PRO B 1050 -3.32 38.97 22.88
CA PRO B 1050 -4.02 38.07 23.81
C PRO B 1050 -3.39 38.07 25.19
N PHE B 1051 -2.07 38.11 25.25
CA PHE B 1051 -1.35 38.38 26.49
C PHE B 1051 -1.99 39.51 27.27
N TYR B 1052 -2.16 40.65 26.60
CA TYR B 1052 -2.66 41.85 27.26
C TYR B 1052 -4.08 41.63 27.77
N THR B 1053 -4.94 41.08 26.93
CA THR B 1053 -6.33 40.91 27.32
C THR B 1053 -6.44 39.98 28.53
N ALA B 1054 -5.67 38.89 28.53
CA ALA B 1054 -5.71 37.97 29.65
C ALA B 1054 -5.21 38.63 30.92
N TRP B 1055 -4.12 39.39 30.83
CA TRP B 1055 -3.61 40.13 31.99
C TRP B 1055 -4.70 41.03 32.57
N VAL B 1056 -5.38 41.77 31.69
CA VAL B 1056 -6.47 42.62 32.12
C VAL B 1056 -7.50 41.82 32.91
N ILE B 1057 -8.03 40.78 32.28
CA ILE B 1057 -9.07 39.96 32.90
C ILE B 1057 -8.63 39.51 34.29
N ARG B 1058 -7.40 39.03 34.39
CA ARG B 1058 -6.95 38.46 35.66
C ARG B 1058 -6.87 39.50 36.75
N SER B 1059 -6.25 40.64 36.46
CA SER B 1059 -6.20 41.71 37.45
C SER B 1059 -7.60 42.10 37.90
N THR B 1060 -8.54 42.15 36.96
CA THR B 1060 -9.90 42.52 37.29
C THR B 1060 -10.54 41.51 38.23
N LEU B 1061 -10.38 40.23 37.92
CA LEU B 1061 -10.94 39.18 38.77
C LEU B 1061 -10.32 39.20 40.15
N ALA B 1062 -9.04 39.55 40.26
CA ALA B 1062 -8.43 39.66 41.58
C ALA B 1062 -9.06 40.79 42.37
N GLU B 1063 -9.19 41.97 41.74
CA GLU B 1063 -9.94 43.05 42.38
C GLU B 1063 -11.26 42.55 42.93
N ALA B 1064 -12.00 41.81 42.10
CA ALA B 1064 -13.31 41.32 42.54
C ALA B 1064 -13.19 40.43 43.76
N VAL B 1065 -12.28 39.46 43.72
CA VAL B 1065 -12.19 38.48 44.80
C VAL B 1065 -11.82 39.16 46.11
N ALA B 1066 -10.99 40.19 46.04
CA ALA B 1066 -10.56 40.84 47.28
C ALA B 1066 -11.74 41.45 48.02
N GLU B 1067 -12.68 42.06 47.30
CA GLU B 1067 -13.81 42.76 47.90
C GLU B 1067 -14.98 41.84 48.19
N GLY B 1068 -14.76 40.54 48.25
CA GLY B 1068 -15.86 39.62 48.56
C GLY B 1068 -17.06 39.78 47.65
N ALA B 1069 -16.82 40.09 46.39
CA ALA B 1069 -17.89 40.20 45.40
C ALA B 1069 -18.13 38.90 44.65
N CYS B 1070 -17.39 37.84 44.96
CA CYS B 1070 -17.43 36.61 44.20
C CYS B 1070 -17.65 35.43 45.14
N LEU B 1071 -18.51 34.51 44.72
CA LEU B 1071 -18.79 33.29 45.44
C LEU B 1071 -17.58 32.37 45.41
N PRO B 1072 -17.63 31.24 46.13
CA PRO B 1072 -16.45 30.36 46.20
C PRO B 1072 -16.13 29.61 44.91
N LEU B 1073 -16.78 29.96 43.81
CA LEU B 1073 -16.64 29.23 42.55
C LEU B 1073 -15.58 29.84 41.63
N HIS B 1074 -14.54 30.46 42.18
CA HIS B 1074 -13.62 31.25 41.35
C HIS B 1074 -12.57 30.40 40.65
N MET B 1075 -12.19 29.28 41.25
CA MET B 1075 -11.19 28.42 40.63
C MET B 1075 -11.65 27.95 39.26
N ALA B 1076 -12.96 27.70 39.09
CA ALA B 1076 -13.47 27.33 37.79
C ALA B 1076 -13.20 28.42 36.76
N ILE B 1077 -13.41 29.67 37.15
CA ILE B 1077 -13.17 30.79 36.24
C ILE B 1077 -11.70 30.82 35.83
N GLU B 1078 -10.81 30.74 36.82
CA GLU B 1078 -9.38 30.73 36.50
C GLU B 1078 -9.03 29.60 35.54
N ASN B 1079 -9.59 28.41 35.78
CA ASN B 1079 -9.28 27.28 34.92
C ASN B 1079 -9.76 27.50 33.49
N ALA B 1080 -10.95 28.08 33.34
CA ALA B 1080 -11.43 28.43 32.00
C ALA B 1080 -10.46 29.36 31.28
N ILE B 1081 -9.99 30.39 31.99
CA ILE B 1081 -9.01 31.29 31.38
C ILE B 1081 -7.79 30.49 30.94
N LYS B 1082 -7.33 29.58 31.79
CA LYS B 1082 -6.17 28.77 31.43
C LYS B 1082 -6.42 27.95 30.17
N ALA B 1083 -7.63 27.45 30.02
CA ALA B 1083 -7.92 26.54 28.91
C ALA B 1083 -8.06 27.27 27.59
N ILE B 1084 -8.38 28.56 27.62
CA ILE B 1084 -8.42 29.34 26.38
C ILE B 1084 -7.05 29.37 25.70
N GLU B 1085 -6.02 29.64 26.50
CA GLU B 1085 -4.69 29.88 25.95
C GLU B 1085 -4.11 28.63 25.30
N GLN B 1086 -4.42 27.45 25.82
CA GLN B 1086 -3.98 26.21 25.20
C GLN B 1086 -4.47 26.13 23.75
N SER B 1087 -5.76 26.38 23.55
CA SER B 1087 -6.34 26.42 22.21
C SER B 1087 -5.57 27.38 21.32
N ILE B 1088 -5.30 28.58 21.86
CA ILE B 1088 -4.56 29.56 21.08
C ILE B 1088 -3.21 28.99 20.65
N ALA B 1089 -2.50 28.37 21.59
CA ALA B 1089 -1.15 27.89 21.29
C ALA B 1089 -1.17 26.80 20.24
N ASP B 1090 -2.16 25.92 20.28
CA ASP B 1090 -2.30 24.92 19.22
C ASP B 1090 -2.48 25.60 17.86
N ALA B 1091 -3.43 26.51 17.78
CA ALA B 1091 -3.63 27.25 16.55
C ALA B 1091 -2.33 27.87 16.06
N GLU B 1092 -1.46 28.27 16.98
CA GLU B 1092 -0.21 28.90 16.56
C GLU B 1092 0.80 27.88 16.09
N ARG B 1093 0.84 26.69 16.71
CA ARG B 1093 1.65 25.62 16.14
C ARG B 1093 1.35 25.43 14.68
N LEU B 1094 0.06 25.49 14.33
CA LEU B 1094 -0.32 25.07 12.97
C LEU B 1094 0.22 25.97 11.87
N LEU B 1095 1.09 26.92 12.20
CA LEU B 1095 1.72 27.78 11.20
C LEU B 1095 3.08 27.32 10.75
N THR B 1096 3.64 26.28 11.35
CA THR B 1096 4.95 25.84 10.91
C THR B 1096 4.85 25.06 9.61
N PRO B 1097 5.85 25.18 8.74
CA PRO B 1097 5.89 24.36 7.54
C PRO B 1097 6.66 23.07 7.77
N MET B 1098 6.29 22.06 7.00
CA MET B 1098 6.98 20.78 7.04
C MET B 1098 8.47 21.00 6.84
N PRO B 1099 9.31 20.07 7.26
CA PRO B 1099 10.76 20.28 7.17
C PRO B 1099 11.28 20.21 5.76
N PHE B 1100 12.40 20.89 5.54
CA PHE B 1100 12.98 21.07 4.22
C PHE B 1100 13.29 19.74 3.55
N THR B 1101 14.16 18.95 4.18
CA THR B 1101 14.65 17.69 3.63
C THR B 1101 13.54 16.86 2.99
N TYR B 1102 12.50 16.57 3.77
CA TYR B 1102 11.45 15.66 3.34
C TYR B 1102 10.73 16.18 2.11
N VAL B 1103 10.76 17.49 1.89
CA VAL B 1103 10.06 18.09 0.76
C VAL B 1103 10.96 18.12 -0.46
N VAL B 1104 12.21 18.52 -0.27
CA VAL B 1104 13.18 18.55 -1.36
C VAL B 1104 13.25 17.19 -2.03
N HIS B 1105 13.47 16.14 -1.24
CA HIS B 1105 13.59 14.79 -1.77
C HIS B 1105 12.42 14.46 -2.69
N VAL B 1106 11.21 14.54 -2.13
CA VAL B 1106 9.98 14.22 -2.85
C VAL B 1106 9.95 14.97 -4.18
N ARG B 1107 10.06 16.29 -4.11
CA ARG B 1107 9.83 17.11 -5.30
C ARG B 1107 10.83 16.78 -6.39
N THR B 1108 12.10 16.67 -6.04
CA THR B 1108 13.10 16.44 -7.08
C THR B 1108 12.88 15.09 -7.75
N PHE B 1109 12.56 14.05 -6.98
CA PHE B 1109 12.42 12.75 -7.64
C PHE B 1109 11.14 12.68 -8.45
N LEU B 1110 10.09 13.39 -8.04
CA LEU B 1110 8.92 13.52 -8.90
C LEU B 1110 9.29 14.14 -10.24
N PHE B 1111 9.98 15.27 -10.19
CA PHE B 1111 10.45 15.93 -11.41
C PHE B 1111 11.19 14.95 -12.31
N ILE B 1112 12.09 14.16 -11.72
CA ILE B 1112 12.87 13.20 -12.50
C ILE B 1112 11.96 12.21 -13.20
N TYR B 1113 11.11 11.52 -12.43
CA TYR B 1113 10.18 10.55 -13.01
C TYR B 1113 9.46 11.15 -14.21
N LEU B 1114 8.93 12.36 -14.05
CA LEU B 1114 8.15 12.96 -15.14
C LEU B 1114 9.04 13.21 -16.35
N MET B 1115 10.22 13.77 -16.14
CA MET B 1115 11.08 14.06 -17.28
C MET B 1115 11.58 12.81 -17.96
N GLY B 1116 11.47 11.65 -17.31
CA GLY B 1116 11.93 10.42 -17.91
C GLY B 1116 10.86 9.61 -18.60
N LEU B 1117 9.59 9.83 -18.24
CA LEU B 1117 8.50 9.05 -18.80
C LEU B 1117 8.49 8.92 -20.32
N PRO B 1118 8.54 10.01 -21.09
CA PRO B 1118 8.37 9.88 -22.54
C PRO B 1118 9.35 8.93 -23.19
N PHE B 1119 10.66 9.11 -22.92
CA PHE B 1119 11.67 8.29 -23.56
C PHE B 1119 11.35 6.81 -23.50
N ILE B 1120 10.55 6.38 -22.52
CA ILE B 1120 10.15 4.99 -22.42
C ILE B 1120 8.74 4.75 -22.97
N LEU B 1121 7.91 5.78 -23.04
CA LEU B 1121 6.55 5.59 -23.53
C LEU B 1121 6.42 5.72 -25.04
N VAL B 1122 7.28 6.53 -25.68
CA VAL B 1122 7.06 6.86 -27.08
C VAL B 1122 7.22 5.66 -28.00
N GLU B 1123 7.82 4.58 -27.52
CA GLU B 1123 8.06 3.42 -28.38
C GLU B 1123 6.77 2.90 -28.99
N ASP B 1124 5.68 2.92 -28.24
CA ASP B 1124 4.43 2.29 -28.68
C ASP B 1124 3.33 3.29 -29.04
N LEU B 1125 3.55 4.58 -28.83
CA LEU B 1125 2.52 5.58 -29.09
C LEU B 1125 3.14 6.83 -29.68
N GLY B 1126 2.26 7.77 -30.01
CA GLY B 1126 2.67 9.08 -30.47
C GLY B 1126 2.08 10.17 -29.61
N TRP B 1127 1.24 11.02 -30.22
CA TRP B 1127 0.58 12.09 -29.48
C TRP B 1127 -0.08 11.58 -28.20
N LEU B 1128 -0.47 10.31 -28.16
CA LEU B 1128 -1.08 9.77 -26.94
C LEU B 1128 -0.12 9.80 -25.77
N MET B 1129 1.13 9.44 -25.99
CA MET B 1129 2.16 9.62 -24.98
C MET B 1129 2.10 11.03 -24.41
N LEU B 1130 2.01 12.02 -25.31
CA LEU B 1130 1.99 13.41 -24.91
C LEU B 1130 0.80 13.73 -24.01
N VAL B 1131 -0.40 13.38 -24.45
CA VAL B 1131 -1.58 13.74 -23.68
C VAL B 1131 -1.58 13.02 -22.34
N ALA B 1132 -1.15 11.76 -22.33
CA ALA B 1132 -1.08 11.02 -21.07
C ALA B 1132 -0.11 11.65 -20.09
N VAL B 1133 1.07 12.06 -20.57
CA VAL B 1133 2.03 12.67 -19.66
C VAL B 1133 1.48 13.98 -19.13
N SER B 1134 0.79 14.75 -19.98
CA SER B 1134 0.18 15.98 -19.50
C SER B 1134 -0.78 15.70 -18.35
N PHE B 1135 -1.71 14.79 -18.55
CA PHE B 1135 -2.72 14.51 -17.52
C PHE B 1135 -2.07 14.00 -16.24
N LEU B 1136 -1.16 13.03 -16.36
CA LEU B 1136 -0.52 12.47 -15.17
C LEU B 1136 0.25 13.54 -14.40
N GLY B 1137 1.01 14.38 -15.11
CA GLY B 1137 1.68 15.49 -14.46
C GLY B 1137 0.72 16.38 -13.70
N TYR B 1138 -0.42 16.70 -14.32
CA TYR B 1138 -1.40 17.51 -13.62
C TYR B 1138 -1.82 16.84 -12.32
N LEU B 1139 -2.17 15.56 -12.38
CA LEU B 1139 -2.57 14.85 -11.17
C LEU B 1139 -1.54 15.05 -10.07
N MET B 1140 -0.29 14.69 -10.34
CA MET B 1140 0.71 14.67 -9.29
C MET B 1140 0.98 16.07 -8.75
N ILE B 1141 1.23 17.02 -9.64
CA ILE B 1141 1.60 18.36 -9.21
C ILE B 1141 0.44 19.02 -8.47
N GLY B 1142 -0.78 18.77 -8.91
CA GLY B 1142 -1.94 19.28 -8.20
C GLY B 1142 -2.06 18.69 -6.81
N LEU B 1143 -1.74 17.40 -6.67
CA LEU B 1143 -1.72 16.82 -5.33
C LEU B 1143 -0.77 17.57 -4.42
N GLU B 1144 0.44 17.82 -4.91
CA GLU B 1144 1.43 18.48 -4.08
C GLU B 1144 0.96 19.88 -3.68
N ASN B 1145 0.50 20.67 -4.66
CA ASN B 1145 0.08 22.03 -4.34
C ASN B 1145 -1.16 22.05 -3.44
N THR B 1146 -2.06 21.08 -3.60
CA THR B 1146 -3.20 20.93 -2.70
C THR B 1146 -2.73 20.71 -1.27
N ALA B 1147 -1.75 19.83 -1.09
CA ALA B 1147 -1.18 19.65 0.23
C ALA B 1147 -0.63 20.96 0.78
N VAL B 1148 0.11 21.70 -0.04
CA VAL B 1148 0.63 22.99 0.38
C VAL B 1148 -0.50 23.85 0.93
N GLN B 1149 -1.58 24.01 0.15
CA GLN B 1149 -2.71 24.79 0.59
C GLN B 1149 -3.21 24.34 1.95
N LEU B 1150 -3.60 23.07 2.05
CA LEU B 1150 -4.19 22.57 3.28
C LEU B 1150 -3.25 22.67 4.47
N GLU B 1151 -1.94 22.82 4.23
CA GLU B 1151 -0.99 22.78 5.34
C GLU B 1151 -1.29 23.87 6.36
N ASN B 1152 -1.39 25.12 5.92
CA ASN B 1152 -1.75 26.22 6.81
C ASN B 1152 -3.23 26.53 6.65
N PRO B 1153 -4.07 26.26 7.66
CA PRO B 1153 -5.50 26.46 7.45
C PRO B 1153 -5.96 27.90 7.58
N PHE B 1154 -5.12 28.78 8.12
CA PHE B 1154 -5.52 30.14 8.43
C PHE B 1154 -4.94 31.07 7.38
N GLY B 1155 -5.82 31.66 6.57
CA GLY B 1155 -5.38 32.55 5.50
C GLY B 1155 -6.56 33.06 4.72
N THR B 1156 -6.25 33.69 3.58
CA THR B 1156 -7.28 34.34 2.79
C THR B 1156 -7.87 33.40 1.76
N ASP B 1157 -7.15 32.35 1.40
CA ASP B 1157 -7.58 31.44 0.34
C ASP B 1157 -8.97 30.90 0.63
N CYS B 1158 -9.63 30.38 -0.41
CA CYS B 1158 -11.04 30.04 -0.29
C CYS B 1158 -11.24 28.68 0.38
N ASN B 1159 -10.20 27.86 0.44
CA ASN B 1159 -10.32 26.58 1.12
C ASN B 1159 -9.95 26.66 2.60
N HIS B 1160 -9.70 27.86 3.11
CA HIS B 1160 -9.26 28.04 4.48
C HIS B 1160 -10.45 28.23 5.41
N HIS B 1161 -10.15 28.40 6.69
CA HIS B 1161 -11.20 28.43 7.70
C HIS B 1161 -11.80 29.83 7.80
N PRO B 1162 -13.12 29.93 8.01
CA PRO B 1162 -13.78 31.25 8.09
C PRO B 1162 -13.78 31.85 9.50
N LEU B 1163 -12.66 32.47 9.86
CA LEU B 1163 -12.53 33.02 11.20
C LEU B 1163 -13.51 34.15 11.46
N ASP B 1164 -13.88 34.90 10.42
CA ASP B 1164 -14.59 36.14 10.62
C ASP B 1164 -16.05 35.91 11.05
N LEU B 1165 -16.55 34.69 10.85
CA LEU B 1165 -17.94 34.41 11.22
C LEU B 1165 -18.04 33.99 12.68
N TYR B 1166 -17.02 33.29 13.18
CA TYR B 1166 -17.02 32.86 14.57
C TYR B 1166 -17.03 34.06 15.51
N CYS B 1167 -16.21 35.06 15.21
CA CYS B 1167 -16.17 36.28 16.01
C CYS B 1167 -17.56 36.92 16.11
N LEU B 1168 -18.22 37.03 14.96
CA LEU B 1168 -19.58 37.57 14.91
C LEU B 1168 -20.51 36.79 15.81
N GLU B 1169 -20.52 35.47 15.65
CA GLU B 1169 -21.32 34.60 16.51
C GLU B 1169 -21.11 34.93 17.99
N VAL B 1170 -19.85 34.96 18.40
CA VAL B 1170 -19.52 35.17 19.81
C VAL B 1170 -20.06 36.52 20.29
N SER B 1171 -19.78 37.57 19.52
CA SER B 1171 -20.31 38.89 19.86
C SER B 1171 -21.81 38.84 20.12
N GLN B 1172 -22.55 38.29 19.16
CA GLN B 1172 -23.99 38.19 19.30
C GLN B 1172 -24.37 37.54 20.63
N ASP B 1173 -23.82 36.35 20.87
CA ASP B 1173 -24.23 35.58 22.04
C ASP B 1173 -23.98 36.35 23.33
N LEU B 1174 -22.77 36.87 23.50
CA LEU B 1174 -22.43 37.51 24.76
C LEU B 1174 -23.25 38.78 24.98
N LEU B 1175 -23.45 39.57 23.92
CA LEU B 1175 -24.20 40.80 24.08
C LEU B 1175 -25.67 40.53 24.36
N HIS B 1176 -26.19 39.38 23.93
CA HIS B 1176 -27.53 38.98 24.35
C HIS B 1176 -27.53 38.52 25.80
N LEU B 1177 -26.45 37.88 26.24
CA LEU B 1177 -26.37 37.38 27.59
C LEU B 1177 -26.42 38.51 28.61
N LEU B 1178 -25.70 39.58 28.36
CA LEU B 1178 -25.76 40.74 29.25
C LEU B 1178 -27.21 41.16 29.48
N ASP B 1179 -28.00 41.20 28.41
CA ASP B 1179 -29.37 41.68 28.54
C ASP B 1179 -30.23 40.69 29.29
N LEU B 1180 -30.03 39.40 29.04
CA LEU B 1180 -30.74 38.39 29.81
C LEU B 1180 -30.50 38.61 31.30
N ARG B 1181 -29.24 38.78 31.69
CA ARG B 1181 -28.93 39.02 33.09
C ARG B 1181 -29.63 40.26 33.60
N ALA B 1182 -29.51 41.37 32.86
CA ALA B 1182 -30.08 42.63 33.32
C ALA B 1182 -31.58 42.48 33.57
N SER B 1183 -32.29 41.86 32.62
CA SER B 1183 -33.72 41.68 32.79
C SER B 1183 -34.02 40.83 34.02
N ALA B 1184 -33.37 39.67 34.13
CA ALA B 1184 -33.65 38.80 35.27
C ALA B 1184 -33.27 39.46 36.59
N LYS B 1185 -32.45 40.50 36.56
CA LYS B 1185 -32.07 41.20 37.79
C LYS B 1185 -33.11 42.22 38.20
N ALA B 1186 -33.79 42.83 37.21
CA ALA B 1186 -34.82 43.81 37.48
C ALA B 1186 -36.13 43.18 37.95
N GLN B 1187 -36.13 41.90 38.26
CA GLN B 1187 -37.33 41.22 38.73
C GLN B 1187 -36.98 39.90 39.40
N SER C 62 -48.84 -35.00 24.36
CA SER C 62 -47.93 -34.55 23.33
C SER C 62 -46.50 -34.43 23.85
N ASP C 63 -45.64 -35.36 23.42
CA ASP C 63 -44.24 -35.33 23.80
C ASP C 63 -43.32 -35.66 22.63
N LEU C 64 -43.82 -35.60 21.40
CA LEU C 64 -43.03 -35.93 20.23
C LEU C 64 -41.90 -34.93 20.02
N ASN C 65 -41.09 -35.19 19.00
CA ASN C 65 -39.99 -34.32 18.62
C ASN C 65 -39.92 -34.29 17.09
N PHE C 66 -38.84 -33.74 16.56
CA PHE C 66 -38.61 -33.69 15.12
C PHE C 66 -37.65 -34.77 14.64
N ALA C 67 -36.65 -35.12 15.45
CA ALA C 67 -35.64 -36.08 15.02
C ALA C 67 -36.23 -37.48 14.93
N GLN C 68 -37.05 -37.87 15.90
CA GLN C 68 -37.59 -39.23 15.92
C GLN C 68 -38.42 -39.51 14.66
N VAL C 69 -39.25 -38.55 14.25
CA VAL C 69 -40.13 -38.76 13.11
C VAL C 69 -39.30 -38.93 11.84
N ALA C 70 -38.30 -38.07 11.65
CA ALA C 70 -37.44 -38.19 10.47
C ALA C 70 -36.69 -39.51 10.48
N ARG C 71 -36.19 -39.92 11.65
CA ARG C 71 -35.49 -41.20 11.75
C ARG C 71 -36.39 -42.34 11.34
N ASP C 72 -37.63 -42.36 11.84
CA ASP C 72 -38.55 -43.43 11.51
C ASP C 72 -38.88 -43.43 10.02
N GLU C 73 -39.16 -42.26 9.45
CA GLU C 73 -39.44 -42.18 8.02
C GLU C 73 -38.27 -42.74 7.22
N GLY C 74 -37.06 -42.30 7.54
CA GLY C 74 -35.88 -42.84 6.88
C GLY C 74 -35.80 -44.34 6.95
N ARG C 75 -35.81 -44.89 8.18
CA ARG C 75 -35.63 -46.33 8.34
C ARG C 75 -36.71 -47.12 7.59
N ARG C 76 -37.95 -46.67 7.66
CA ARG C 76 -39.02 -47.34 6.94
C ARG C 76 -38.74 -47.38 5.44
N CYS C 77 -38.49 -46.22 4.84
CA CYS C 77 -38.30 -46.18 3.40
C CYS C 77 -37.04 -46.95 2.99
N LEU C 78 -36.02 -46.98 3.83
CA LEU C 78 -34.80 -47.72 3.48
C LEU C 78 -35.06 -49.22 3.52
N LEU C 79 -35.81 -49.70 4.51
CA LEU C 79 -36.22 -51.09 4.49
C LEU C 79 -36.99 -51.42 3.21
N MET C 80 -37.92 -50.52 2.84
CA MET C 80 -38.67 -50.72 1.60
C MET C 80 -37.72 -50.89 0.41
N CYS C 81 -36.79 -49.95 0.24
CA CYS C 81 -35.89 -49.97 -0.91
C CYS C 81 -35.03 -51.24 -0.91
N VAL C 82 -34.46 -51.59 0.23
CA VAL C 82 -33.57 -52.74 0.27
C VAL C 82 -34.34 -54.02 -0.08
N ALA C 83 -35.53 -54.20 0.49
CA ALA C 83 -36.32 -55.36 0.16
C ALA C 83 -36.64 -55.41 -1.33
N PHE C 84 -37.13 -54.28 -1.87
CA PHE C 84 -37.53 -54.25 -3.27
C PHE C 84 -36.37 -54.61 -4.18
N ALA C 85 -35.18 -54.07 -3.90
CA ALA C 85 -34.03 -54.33 -4.76
C ALA C 85 -33.57 -55.78 -4.64
N ILE C 86 -33.47 -56.28 -3.41
CA ILE C 86 -32.93 -57.62 -3.20
C ILE C 86 -33.84 -58.67 -3.80
N ALA C 87 -35.16 -58.45 -3.77
CA ALA C 87 -36.06 -59.42 -4.37
C ALA C 87 -35.75 -59.61 -5.86
N ILE C 88 -35.70 -58.51 -6.60
CA ILE C 88 -35.41 -58.58 -8.03
C ILE C 88 -34.04 -59.18 -8.27
N ALA C 89 -33.05 -58.80 -7.46
CA ALA C 89 -31.70 -59.33 -7.66
C ALA C 89 -31.67 -60.84 -7.49
N HIS C 90 -32.25 -61.34 -6.39
CA HIS C 90 -32.26 -62.78 -6.14
C HIS C 90 -33.02 -63.52 -7.23
N LEU C 91 -34.16 -62.98 -7.66
CA LEU C 91 -34.91 -63.63 -8.74
C LEU C 91 -34.06 -63.72 -10.01
N TYR C 92 -33.39 -62.61 -10.38
CA TYR C 92 -32.53 -62.63 -11.55
C TYR C 92 -31.46 -63.70 -11.42
N ILE C 93 -30.83 -63.78 -10.25
CA ILE C 93 -29.74 -64.74 -10.07
C ILE C 93 -30.26 -66.16 -10.20
N TYR C 94 -31.43 -66.44 -9.63
CA TYR C 94 -31.95 -67.80 -9.60
C TYR C 94 -32.50 -68.22 -10.96
N PRO C 95 -33.15 -67.31 -11.69
CA PRO C 95 -33.87 -67.72 -12.91
C PRO C 95 -32.99 -68.14 -14.07
N ALA C 96 -31.69 -67.84 -14.03
CA ALA C 96 -30.84 -68.11 -15.19
C ALA C 96 -30.33 -69.55 -15.20
N LEU C 97 -29.61 -69.94 -14.14
CA LEU C 97 -28.96 -71.25 -14.14
C LEU C 97 -29.87 -72.34 -13.59
N PHE C 98 -30.72 -72.00 -12.62
CA PHE C 98 -31.55 -72.98 -11.92
C PHE C 98 -32.94 -73.01 -12.52
N GLY C 99 -33.51 -74.20 -12.63
CA GLY C 99 -34.88 -74.37 -13.07
C GLY C 99 -35.04 -74.22 -14.57
N VAL C 100 -36.28 -74.38 -15.00
CA VAL C 100 -36.64 -74.24 -16.42
C VAL C 100 -37.14 -72.81 -16.60
N ARG C 101 -36.20 -71.91 -16.91
CA ARG C 101 -36.48 -70.49 -17.11
C ARG C 101 -35.75 -70.03 -18.37
N ILE C 102 -36.47 -69.98 -19.49
CA ILE C 102 -35.88 -69.53 -20.74
C ILE C 102 -36.00 -68.02 -20.84
N VAL C 103 -34.89 -67.37 -21.16
CA VAL C 103 -34.80 -65.91 -21.20
C VAL C 103 -34.88 -65.45 -22.64
N ASP C 104 -35.96 -64.74 -22.98
CA ASP C 104 -36.08 -64.15 -24.29
C ASP C 104 -34.98 -63.13 -24.53
N GLN C 105 -34.88 -62.66 -25.78
CA GLN C 105 -33.87 -61.68 -26.13
C GLN C 105 -34.10 -60.38 -25.37
N ALA C 106 -33.01 -59.78 -24.90
CA ALA C 106 -33.13 -58.55 -24.10
C ALA C 106 -33.51 -57.36 -24.97
N GLU C 107 -33.12 -57.38 -26.25
CA GLU C 107 -33.27 -56.19 -27.08
C GLU C 107 -34.72 -55.94 -27.46
N VAL C 108 -35.36 -56.90 -28.10
CA VAL C 108 -36.65 -56.66 -28.76
C VAL C 108 -37.78 -56.64 -27.73
N PRO C 109 -38.83 -55.82 -27.91
CA PRO C 109 -38.98 -54.73 -28.88
C PRO C 109 -38.64 -53.36 -28.29
N ALA C 110 -38.40 -52.37 -29.15
CA ALA C 110 -38.14 -51.02 -28.67
C ALA C 110 -39.43 -50.23 -28.51
N GLU C 111 -40.48 -50.63 -29.22
CA GLU C 111 -41.71 -49.84 -29.24
C GLU C 111 -42.46 -49.91 -27.90
N GLU C 112 -42.08 -50.85 -27.03
CA GLU C 112 -42.81 -51.03 -25.78
C GLU C 112 -42.21 -50.21 -24.65
N ARG C 113 -40.95 -49.77 -24.81
CA ARG C 113 -40.27 -49.09 -23.71
C ARG C 113 -40.78 -47.65 -23.53
N THR C 114 -41.32 -47.06 -24.61
CA THR C 114 -41.84 -45.71 -24.53
C THR C 114 -42.98 -45.61 -23.53
N TYR C 115 -43.87 -46.60 -23.56
CA TYR C 115 -45.01 -46.64 -22.65
C TYR C 115 -44.54 -46.62 -21.20
N PHE C 116 -43.55 -47.45 -20.90
CA PHE C 116 -43.03 -47.55 -19.54
C PHE C 116 -42.35 -46.26 -19.13
N HIS C 117 -41.67 -45.60 -20.07
CA HIS C 117 -41.10 -44.27 -19.78
C HIS C 117 -42.20 -43.29 -19.39
N HIS C 118 -43.30 -43.29 -20.15
CA HIS C 118 -44.41 -42.41 -19.84
C HIS C 118 -44.91 -42.65 -18.42
N GLY C 119 -45.14 -43.91 -18.08
CA GLY C 119 -45.55 -44.28 -16.75
C GLY C 119 -44.59 -43.77 -15.69
N TRP C 120 -43.30 -43.95 -15.96
CA TRP C 120 -42.24 -43.51 -15.06
C TRP C 120 -42.40 -42.02 -14.71
N THR C 121 -42.50 -41.18 -15.75
CA THR C 121 -42.68 -39.74 -15.50
C THR C 121 -43.94 -39.50 -14.67
N ALA C 122 -45.09 -39.91 -15.23
CA ALA C 122 -46.37 -39.66 -14.58
C ALA C 122 -46.39 -40.11 -13.14
N MET C 123 -45.52 -41.05 -12.76
CA MET C 123 -45.41 -41.45 -11.36
C MET C 123 -44.51 -40.51 -10.57
N LEU C 124 -43.34 -40.17 -11.12
CA LEU C 124 -42.40 -39.27 -10.43
C LEU C 124 -43.06 -37.97 -10.00
N VAL C 125 -44.05 -37.55 -10.79
CA VAL C 125 -44.71 -36.26 -10.54
C VAL C 125 -45.21 -36.19 -9.09
N ILE C 126 -45.96 -37.21 -8.66
CA ILE C 126 -46.62 -37.17 -7.35
C ILE C 126 -45.58 -37.13 -6.24
N PHE C 127 -44.52 -37.93 -6.39
CA PHE C 127 -43.41 -37.85 -5.46
C PHE C 127 -43.01 -36.40 -5.26
N PHE C 128 -42.59 -35.74 -6.35
CA PHE C 128 -42.18 -34.35 -6.23
C PHE C 128 -43.20 -33.53 -5.48
N ILE C 129 -44.48 -33.67 -5.84
CA ILE C 129 -45.54 -32.91 -5.20
C ILE C 129 -45.43 -33.00 -3.68
N GLU C 130 -45.45 -34.22 -3.16
CA GLU C 130 -45.47 -34.41 -1.72
C GLU C 130 -44.17 -33.95 -1.08
N GLY C 131 -43.04 -34.37 -1.65
CA GLY C 131 -41.73 -34.05 -1.12
C GLY C 131 -41.52 -32.55 -1.02
N VAL C 132 -42.25 -31.77 -1.81
CA VAL C 132 -42.18 -30.32 -1.75
C VAL C 132 -43.19 -29.75 -0.76
N THR C 133 -44.42 -30.26 -0.77
CA THR C 133 -45.46 -29.69 0.08
C THR C 133 -45.10 -29.82 1.55
N VAL C 134 -44.70 -31.03 1.96
CA VAL C 134 -44.43 -31.25 3.38
C VAL C 134 -43.22 -30.42 3.80
N PHE C 135 -42.25 -30.28 2.90
CA PHE C 135 -41.09 -29.44 3.18
C PHE C 135 -41.50 -27.99 3.42
N LEU C 136 -42.36 -27.47 2.55
CA LEU C 136 -42.90 -26.13 2.74
C LEU C 136 -43.50 -25.98 4.13
N LYS C 137 -44.38 -26.92 4.47
CA LYS C 137 -45.07 -26.82 5.76
C LYS C 137 -44.07 -26.81 6.92
N VAL C 138 -43.15 -27.78 6.93
CA VAL C 138 -42.25 -27.90 8.08
C VAL C 138 -41.28 -26.73 8.16
N CYS C 139 -40.86 -26.17 7.04
CA CYS C 139 -39.92 -25.04 7.07
C CYS C 139 -40.61 -23.72 7.31
N SER C 140 -41.93 -23.64 7.11
CA SER C 140 -42.66 -22.39 7.31
C SER C 140 -43.07 -22.16 8.75
N THR C 141 -42.94 -23.17 9.63
CA THR C 141 -43.39 -23.02 11.00
C THR C 141 -42.42 -23.65 11.99
N ARG C 142 -41.15 -23.76 11.60
CA ARG C 142 -40.13 -24.29 12.52
C ARG C 142 -39.91 -23.40 13.73
N LYS C 143 -40.45 -22.18 13.73
CA LYS C 143 -40.23 -21.23 14.81
C LYS C 143 -41.25 -21.35 15.93
N THR C 144 -42.23 -22.23 15.80
CA THR C 144 -43.30 -22.38 16.78
C THR C 144 -43.45 -23.84 17.14
N ARG C 145 -43.31 -24.14 18.44
CA ARG C 145 -43.37 -25.53 18.88
C ARG C 145 -44.66 -26.21 18.46
N TRP C 146 -45.79 -25.54 18.68
CA TRP C 146 -47.08 -26.24 18.64
C TRP C 146 -47.57 -26.50 17.22
N LEU C 147 -47.31 -25.60 16.29
CA LEU C 147 -47.63 -25.90 14.90
C LEU C 147 -46.78 -27.06 14.40
N GLU C 148 -45.53 -27.12 14.83
CA GLU C 148 -44.70 -28.29 14.54
C GLU C 148 -45.33 -29.55 15.11
N LYS C 149 -45.75 -29.51 16.37
CA LYS C 149 -46.43 -30.67 16.95
C LYS C 149 -47.60 -31.08 16.08
N ALA C 150 -48.43 -30.12 15.68
CA ALA C 150 -49.60 -30.40 14.86
C ALA C 150 -49.20 -31.15 13.60
N VAL C 151 -48.34 -30.55 12.79
CA VAL C 151 -48.01 -31.17 11.50
C VAL C 151 -47.36 -32.53 11.71
N LEU C 152 -46.36 -32.61 12.59
CA LEU C 152 -45.72 -33.89 12.84
C LEU C 152 -46.71 -34.94 13.34
N GLN C 153 -47.83 -34.50 13.92
CA GLN C 153 -48.89 -35.44 14.27
C GLN C 153 -49.68 -35.85 13.04
N LYS C 154 -49.89 -34.92 12.11
CA LYS C 154 -50.70 -35.21 10.93
C LYS C 154 -50.02 -36.17 9.96
N LEU C 155 -48.75 -36.50 10.18
CA LEU C 155 -48.00 -37.38 9.28
C LEU C 155 -47.19 -38.38 10.09
N ASP C 156 -47.84 -39.05 11.04
CA ASP C 156 -47.18 -39.95 11.96
C ASP C 156 -46.16 -40.87 11.28
N GLY C 157 -46.61 -41.71 10.35
CA GLY C 157 -45.72 -42.68 9.74
C GLY C 157 -45.96 -42.96 8.27
N ASN C 158 -46.92 -42.26 7.66
CA ASN C 158 -47.27 -42.54 6.27
C ASN C 158 -46.21 -42.08 5.29
N ILE C 159 -45.43 -41.06 5.66
CA ILE C 159 -44.58 -40.39 4.68
C ILE C 159 -43.51 -41.33 4.15
N GLY C 160 -42.74 -41.95 5.06
CA GLY C 160 -41.67 -42.82 4.62
C GLY C 160 -42.16 -43.95 3.72
N VAL C 161 -43.30 -44.55 4.07
CA VAL C 161 -43.78 -45.69 3.30
C VAL C 161 -44.25 -45.24 1.91
N LEU C 162 -44.97 -44.12 1.84
CA LEU C 162 -45.37 -43.62 0.52
C LEU C 162 -44.16 -43.30 -0.34
N ILE C 163 -43.15 -42.68 0.26
CA ILE C 163 -41.96 -42.30 -0.49
C ILE C 163 -41.25 -43.54 -1.02
N GLY C 164 -41.11 -44.56 -0.18
CA GLY C 164 -40.51 -45.80 -0.65
C GLY C 164 -41.31 -46.44 -1.78
N GLU C 165 -42.63 -46.43 -1.67
CA GLU C 165 -43.47 -46.97 -2.74
C GLU C 165 -43.15 -46.28 -4.06
N TYR C 166 -43.21 -44.96 -4.06
CA TYR C 166 -42.98 -44.22 -5.31
C TYR C 166 -41.58 -44.48 -5.83
N ILE C 167 -40.58 -44.52 -4.95
CA ILE C 167 -39.21 -44.75 -5.39
C ILE C 167 -39.09 -46.09 -6.09
N VAL C 168 -39.60 -47.15 -5.46
CA VAL C 168 -39.43 -48.47 -6.05
C VAL C 168 -40.15 -48.58 -7.38
N VAL C 169 -41.39 -48.09 -7.46
CA VAL C 169 -42.14 -48.21 -8.71
C VAL C 169 -41.41 -47.46 -9.83
N ALA C 170 -40.93 -46.25 -9.54
CA ALA C 170 -40.22 -45.49 -10.56
C ALA C 170 -38.93 -46.18 -10.96
N ALA C 171 -38.20 -46.73 -10.01
CA ALA C 171 -36.96 -47.42 -10.33
C ALA C 171 -37.22 -48.61 -11.25
N THR C 172 -38.30 -49.36 -11.00
CA THR C 172 -38.59 -50.52 -11.83
C THR C 172 -38.95 -50.10 -13.24
N TYR C 173 -39.86 -49.12 -13.37
CA TYR C 173 -40.22 -48.66 -14.71
C TYR C 173 -39.05 -47.98 -15.41
N ILE C 174 -38.02 -47.58 -14.67
CA ILE C 174 -36.78 -47.15 -15.30
C ILE C 174 -36.01 -48.35 -15.83
N ILE C 175 -35.73 -49.31 -14.94
CA ILE C 175 -35.01 -50.52 -15.34
C ILE C 175 -35.58 -51.09 -16.62
N MET C 176 -36.90 -51.00 -16.81
CA MET C 176 -37.48 -51.51 -18.04
C MET C 176 -36.76 -50.96 -19.27
N GLY C 177 -36.40 -49.68 -19.26
CA GLY C 177 -35.64 -49.14 -20.37
C GLY C 177 -34.28 -49.77 -20.52
N ALA C 178 -33.59 -50.00 -19.40
CA ALA C 178 -32.25 -50.58 -19.44
C ALA C 178 -32.23 -51.94 -20.13
N ASN C 179 -33.37 -52.63 -20.16
CA ASN C 179 -33.45 -53.96 -20.75
C ASN C 179 -32.50 -54.93 -20.04
N LEU C 180 -32.77 -55.16 -18.75
CA LEU C 180 -31.91 -56.04 -17.97
C LEU C 180 -32.03 -57.49 -18.41
N ILE C 181 -33.25 -58.01 -18.48
CA ILE C 181 -33.44 -59.42 -18.80
C ILE C 181 -34.86 -59.66 -19.33
N PRO C 182 -35.01 -60.25 -20.53
CA PRO C 182 -36.35 -60.68 -20.95
C PRO C 182 -36.67 -62.11 -20.54
N VAL C 183 -36.84 -62.36 -19.23
CA VAL C 183 -36.96 -63.70 -18.69
C VAL C 183 -38.19 -64.42 -19.23
N PHE C 184 -39.04 -63.71 -19.96
CA PHE C 184 -40.25 -64.27 -20.54
C PHE C 184 -39.95 -65.63 -21.17
N GLU C 185 -40.71 -66.64 -20.80
CA GLU C 185 -40.52 -67.99 -21.31
C GLU C 185 -41.86 -68.64 -21.64
N ARG C 188 -46.95 -71.71 -22.69
CA ARG C 188 -47.59 -70.89 -23.71
C ARG C 188 -46.55 -70.32 -24.67
N SER C 189 -46.95 -69.32 -25.45
CA SER C 189 -46.08 -68.67 -26.41
C SER C 189 -46.27 -67.17 -26.33
N GLY C 190 -45.25 -66.44 -26.79
CA GLY C 190 -45.30 -64.99 -26.69
C GLY C 190 -45.61 -64.56 -25.27
N ARG C 191 -46.69 -63.80 -25.11
CA ARG C 191 -47.13 -63.31 -23.81
C ARG C 191 -45.94 -62.85 -22.98
N ARG C 192 -45.07 -62.07 -23.62
CA ARG C 192 -43.84 -61.64 -22.96
C ARG C 192 -44.15 -60.95 -21.64
N VAL C 193 -43.41 -61.32 -20.60
CA VAL C 193 -43.59 -60.78 -19.27
C VAL C 193 -42.23 -60.32 -18.74
N TYR C 194 -42.28 -59.48 -17.71
CA TYR C 194 -41.09 -58.95 -17.06
C TYR C 194 -41.15 -59.27 -15.58
N ALA C 195 -40.00 -59.56 -14.98
CA ALA C 195 -39.98 -60.15 -13.65
C ALA C 195 -40.12 -59.10 -12.55
N VAL C 196 -39.34 -58.02 -12.63
CA VAL C 196 -39.29 -57.04 -11.54
C VAL C 196 -40.69 -56.56 -11.17
N ARG C 197 -41.62 -56.57 -12.13
CA ARG C 197 -42.99 -56.19 -11.84
C ARG C 197 -43.52 -56.94 -10.62
N TYR C 198 -43.19 -58.24 -10.53
CA TYR C 198 -43.71 -59.04 -9.43
C TYR C 198 -43.13 -58.61 -8.09
N MET C 199 -41.82 -58.37 -8.04
CA MET C 199 -41.20 -57.92 -6.80
C MET C 199 -41.77 -56.58 -6.36
N GLU C 200 -41.83 -55.62 -7.28
CA GLU C 200 -42.34 -54.31 -6.89
C GLU C 200 -43.82 -54.38 -6.54
N TRP C 201 -44.56 -55.34 -7.10
CA TRP C 201 -45.95 -55.53 -6.68
C TRP C 201 -46.01 -56.07 -5.26
N THR C 202 -45.14 -57.02 -4.92
CA THR C 202 -45.07 -57.48 -3.54
C THR C 202 -44.89 -56.28 -2.61
N ILE C 203 -43.88 -55.46 -2.91
CA ILE C 203 -43.55 -54.35 -2.01
C ILE C 203 -44.71 -53.36 -1.93
N ASP C 204 -45.30 -53.04 -3.09
CA ASP C 204 -46.36 -52.05 -3.12
C ASP C 204 -47.56 -52.52 -2.31
N ALA C 205 -48.02 -53.75 -2.57
CA ALA C 205 -49.19 -54.26 -1.86
C ALA C 205 -48.92 -54.39 -0.38
N CYS C 206 -47.71 -54.79 0.01
CA CYS C 206 -47.40 -54.93 1.42
C CYS C 206 -47.45 -53.60 2.13
N GLY C 207 -46.78 -52.58 1.57
CA GLY C 207 -46.86 -51.25 2.15
C GLY C 207 -48.29 -50.74 2.21
N LEU C 208 -49.07 -51.00 1.16
CA LEU C 208 -50.45 -50.54 1.14
C LEU C 208 -51.26 -51.17 2.27
N VAL C 209 -51.09 -52.47 2.48
CA VAL C 209 -51.87 -53.14 3.52
C VAL C 209 -51.44 -52.66 4.89
N TYR C 210 -50.13 -52.47 5.10
CA TYR C 210 -49.67 -51.92 6.37
C TYR C 210 -50.32 -50.57 6.63
N LEU C 211 -50.31 -49.69 5.64
CA LEU C 211 -50.93 -48.38 5.80
C LEU C 211 -52.40 -48.51 6.13
N ASP C 212 -53.13 -49.31 5.35
CA ASP C 212 -54.57 -49.43 5.55
C ASP C 212 -54.89 -49.93 6.94
N CYS C 213 -54.24 -51.01 7.36
CA CYS C 213 -54.53 -51.55 8.69
C CYS C 213 -54.18 -50.55 9.78
N ARG C 214 -52.97 -49.99 9.73
CA ARG C 214 -52.58 -49.02 10.75
C ARG C 214 -53.60 -47.90 10.88
N ILE C 215 -54.00 -47.31 9.75
CA ILE C 215 -54.89 -46.15 9.81
C ILE C 215 -56.27 -46.55 10.30
N LEU C 216 -56.84 -47.60 9.70
CA LEU C 216 -58.27 -47.84 9.89
C LEU C 216 -58.55 -48.59 11.18
N PHE C 217 -57.61 -49.40 11.66
CA PHE C 217 -57.86 -50.29 12.78
C PHE C 217 -56.86 -50.18 13.91
N GLY C 218 -55.63 -49.76 13.65
CA GLY C 218 -54.65 -49.57 14.71
C GLY C 218 -54.09 -50.85 15.29
N MET C 219 -53.84 -51.84 14.44
CA MET C 219 -53.22 -53.09 14.86
C MET C 219 -51.76 -53.09 14.42
N PRO C 220 -50.81 -52.71 15.28
CA PRO C 220 -49.42 -52.57 14.82
C PRO C 220 -48.75 -53.87 14.39
N PHE C 221 -48.80 -54.90 15.25
CA PHE C 221 -47.97 -56.09 15.06
C PHE C 221 -48.73 -57.39 14.96
N SER C 222 -50.06 -57.38 15.16
CA SER C 222 -50.80 -58.64 15.23
C SER C 222 -51.35 -59.05 13.87
N LYS C 223 -52.21 -58.22 13.28
CA LYS C 223 -52.79 -58.52 11.97
C LYS C 223 -51.76 -58.29 10.87
N PHE C 224 -50.94 -57.25 11.05
CA PHE C 224 -49.95 -56.89 10.05
C PHE C 224 -49.10 -58.09 9.67
N ARG C 225 -48.56 -58.80 10.66
CA ARG C 225 -47.64 -59.90 10.36
C ARG C 225 -48.31 -60.95 9.49
N MET C 226 -49.46 -61.47 9.92
CA MET C 226 -50.13 -62.54 9.20
C MET C 226 -50.51 -62.10 7.79
N LEU C 227 -51.20 -60.96 7.67
CA LEU C 227 -51.65 -60.54 6.36
C LEU C 227 -50.49 -60.23 5.44
N LEU C 228 -49.40 -59.69 5.99
CA LEU C 228 -48.21 -59.37 5.23
C LEU C 228 -47.56 -60.63 4.67
N VAL C 229 -47.36 -61.63 5.54
CA VAL C 229 -46.74 -62.87 5.09
C VAL C 229 -47.62 -63.55 4.06
N TYR C 230 -48.94 -63.49 4.24
CA TYR C 230 -49.85 -64.04 3.23
C TYR C 230 -49.63 -63.37 1.88
N SER C 231 -49.66 -62.03 1.87
CA SER C 231 -49.46 -61.29 0.63
C SER C 231 -48.18 -61.71 -0.08
N VAL C 232 -47.05 -61.61 0.62
CA VAL C 232 -45.77 -61.93 -0.01
C VAL C 232 -45.75 -63.37 -0.48
N LEU C 233 -46.31 -64.29 0.32
CA LEU C 233 -46.23 -65.71 -0.01
C LEU C 233 -46.97 -65.99 -1.31
N TYR C 234 -48.21 -65.53 -1.43
CA TYR C 234 -48.93 -65.87 -2.64
C TYR C 234 -48.47 -65.06 -3.83
N MET C 235 -47.85 -63.89 -3.63
CA MET C 235 -47.22 -63.22 -4.76
C MET C 235 -46.03 -64.02 -5.28
N LEU C 236 -45.17 -64.51 -4.38
CA LEU C 236 -44.06 -65.34 -4.80
C LEU C 236 -44.56 -66.63 -5.46
N PHE C 237 -45.67 -67.19 -4.97
CA PHE C 237 -46.23 -68.37 -5.59
C PHE C 237 -46.70 -68.07 -7.01
N GLY C 238 -47.41 -66.97 -7.20
CA GLY C 238 -47.80 -66.58 -8.55
C GLY C 238 -46.60 -66.40 -9.46
N LEU C 239 -45.51 -65.87 -8.92
CA LEU C 239 -44.29 -65.74 -9.70
C LEU C 239 -43.78 -67.12 -10.14
N TRP C 240 -43.55 -68.01 -9.17
CA TRP C 240 -43.13 -69.37 -9.50
C TRP C 240 -44.05 -69.99 -10.56
N ALA C 241 -45.35 -69.70 -10.46
CA ALA C 241 -46.33 -70.35 -11.32
C ALA C 241 -46.23 -69.84 -12.75
N ALA C 242 -46.30 -68.53 -12.94
CA ALA C 242 -46.26 -67.97 -14.28
C ALA C 242 -44.90 -68.18 -14.92
N LEU C 243 -43.83 -68.25 -14.12
CA LEU C 243 -42.51 -68.50 -14.68
C LEU C 243 -42.49 -69.83 -15.44
N ALA C 244 -43.16 -70.84 -14.91
CA ALA C 244 -43.25 -72.12 -15.59
C ALA C 244 -44.44 -72.12 -16.55
N SER C 245 -44.49 -73.15 -17.40
CA SER C 245 -45.60 -73.28 -18.33
C SER C 245 -46.91 -73.41 -17.56
N THR C 246 -48.00 -72.99 -18.20
CA THR C 246 -49.31 -73.10 -17.57
C THR C 246 -49.64 -74.56 -17.24
N TRP C 247 -49.75 -75.40 -18.28
CA TRP C 247 -50.09 -76.80 -18.06
C TRP C 247 -49.13 -77.46 -17.08
N MET C 248 -47.86 -77.06 -17.09
CA MET C 248 -46.85 -77.73 -16.29
C MET C 248 -47.07 -77.53 -14.80
N TRP C 249 -47.27 -76.28 -14.37
CA TRP C 249 -47.24 -75.95 -12.95
C TRP C 249 -48.33 -74.95 -12.53
N TYR C 250 -49.51 -75.00 -13.16
CA TYR C 250 -50.59 -74.12 -12.71
C TYR C 250 -51.17 -74.59 -11.38
N ALA C 251 -51.47 -75.88 -11.26
CA ALA C 251 -52.16 -76.38 -10.08
C ALA C 251 -51.34 -76.20 -8.82
N ILE C 252 -50.03 -76.44 -8.91
CA ILE C 252 -49.19 -76.43 -7.72
C ILE C 252 -49.28 -75.11 -6.99
N PHE C 253 -49.22 -73.99 -7.72
CA PHE C 253 -49.07 -72.68 -7.11
C PHE C 253 -50.29 -71.77 -7.24
N LEU C 254 -50.92 -71.69 -8.42
CA LEU C 254 -51.95 -70.68 -8.62
C LEU C 254 -53.15 -70.93 -7.71
N SER C 255 -53.48 -72.20 -7.44
CA SER C 255 -54.57 -72.50 -6.54
C SER C 255 -54.28 -71.98 -5.14
N ALA C 256 -53.08 -72.26 -4.63
CA ALA C 256 -52.67 -71.70 -3.35
C ALA C 256 -52.74 -70.17 -3.38
N SER C 257 -52.42 -69.57 -4.52
CA SER C 257 -52.48 -68.11 -4.64
C SER C 257 -53.90 -67.61 -4.42
N TRP C 258 -54.86 -68.16 -5.17
CA TRP C 258 -56.26 -67.79 -4.99
C TRP C 258 -56.69 -68.01 -3.54
N PHE C 259 -56.27 -69.12 -2.94
CA PHE C 259 -56.69 -69.42 -1.58
C PHE C 259 -56.17 -68.39 -0.59
N PHE C 260 -54.90 -68.00 -0.73
CA PHE C 260 -54.35 -66.98 0.15
C PHE C 260 -55.04 -65.64 -0.05
N PHE C 261 -55.40 -65.33 -1.30
CA PHE C 261 -56.19 -64.14 -1.57
C PHE C 261 -57.49 -64.17 -0.78
N GLY C 262 -58.20 -65.29 -0.82
CA GLY C 262 -59.42 -65.42 -0.06
C GLY C 262 -59.17 -65.28 1.44
N LEU C 263 -58.06 -65.81 1.91
CA LEU C 263 -57.73 -65.71 3.34
C LEU C 263 -57.57 -64.24 3.75
N VAL C 264 -56.80 -63.48 2.97
CA VAL C 264 -56.61 -62.08 3.33
C VAL C 264 -57.92 -61.30 3.20
N CYS C 265 -58.77 -61.68 2.25
CA CYS C 265 -60.08 -61.04 2.15
C CYS C 265 -60.90 -61.29 3.42
N TYR C 266 -60.86 -62.52 3.92
CA TYR C 266 -61.59 -62.84 5.15
C TYR C 266 -61.02 -62.05 6.33
N TYR C 267 -59.70 -61.92 6.38
CA TYR C 267 -59.09 -61.12 7.45
C TYR C 267 -59.56 -59.67 7.38
N TYR C 268 -59.60 -59.11 6.16
CA TYR C 268 -60.10 -57.75 5.99
C TYR C 268 -61.53 -57.64 6.50
N TRP C 269 -62.39 -58.59 6.12
CA TRP C 269 -63.78 -58.53 6.56
C TRP C 269 -63.88 -58.60 8.08
N THR C 270 -63.08 -59.47 8.70
CA THR C 270 -63.13 -59.60 10.15
C THR C 270 -62.69 -58.31 10.83
N PHE C 271 -61.62 -57.70 10.34
CA PHE C 271 -61.15 -56.44 10.94
C PHE C 271 -62.15 -55.32 10.71
N HIS C 272 -62.89 -55.37 9.60
CA HIS C 272 -63.98 -54.41 9.41
C HIS C 272 -65.06 -54.62 10.47
N ARG C 273 -65.47 -55.88 10.67
CA ARG C 273 -66.47 -56.17 11.68
C ARG C 273 -65.98 -55.78 13.07
N GLN C 274 -64.66 -55.76 13.29
CA GLN C 274 -64.12 -55.45 14.60
C GLN C 274 -64.26 -53.97 14.92
N ASN C 275 -63.86 -53.10 14.00
CA ASN C 275 -63.88 -51.65 14.20
C ASN C 275 -64.52 -50.98 12.99
N PRO C 276 -65.84 -51.10 12.84
CA PRO C 276 -66.54 -50.45 11.70
C PRO C 276 -67.00 -49.04 12.03
N SER C 277 -66.02 -48.15 12.24
CA SER C 277 -66.30 -46.76 12.59
C SER C 277 -65.82 -45.83 11.49
N PRO C 278 -66.52 -44.73 11.23
CA PRO C 278 -66.09 -43.80 10.20
C PRO C 278 -64.95 -42.92 10.68
N LEU C 279 -64.21 -42.36 9.73
CA LEU C 279 -63.11 -41.47 10.04
C LEU C 279 -63.67 -40.13 10.54
N GLN C 280 -63.31 -39.75 11.77
CA GLN C 280 -63.79 -38.49 12.33
C GLN C 280 -63.54 -37.33 11.38
N GLN C 281 -62.49 -37.42 10.56
CA GLN C 281 -62.21 -36.36 9.59
C GLN C 281 -63.41 -36.14 8.68
N PHE C 282 -64.00 -37.22 8.18
CA PHE C 282 -65.20 -37.15 7.38
C PHE C 282 -66.43 -37.11 8.27
N GLY C 283 -67.59 -36.91 7.65
CA GLY C 283 -68.85 -36.89 8.37
C GLY C 283 -69.75 -38.02 7.91
N ARG C 284 -70.83 -37.66 7.21
CA ARG C 284 -71.77 -38.62 6.65
C ARG C 284 -71.24 -39.33 5.42
N ALA C 285 -69.95 -39.18 5.11
CA ALA C 285 -69.40 -39.78 3.91
C ALA C 285 -69.32 -41.30 4.06
N PRO C 286 -69.54 -42.06 2.98
CA PRO C 286 -69.28 -43.50 3.01
C PRO C 286 -67.81 -43.87 2.98
N ILE C 287 -66.91 -42.91 3.20
CA ILE C 287 -65.48 -43.20 3.15
C ILE C 287 -65.16 -44.36 4.08
N LYS C 288 -64.01 -44.99 3.83
CA LYS C 288 -63.53 -46.17 4.56
C LYS C 288 -64.30 -47.43 4.15
N GLN C 289 -65.36 -47.27 3.37
CA GLN C 289 -66.06 -48.43 2.83
C GLN C 289 -66.01 -48.43 1.30
N ALA C 290 -66.36 -47.30 0.69
CA ALA C 290 -66.22 -47.17 -0.75
C ALA C 290 -64.81 -47.52 -1.20
N ILE C 291 -63.80 -47.05 -0.46
CA ILE C 291 -62.42 -47.23 -0.89
C ILE C 291 -62.00 -48.69 -0.75
N LEU C 292 -62.39 -49.34 0.35
CA LEU C 292 -62.07 -50.76 0.52
C LEU C 292 -62.73 -51.59 -0.58
N VAL C 293 -64.02 -51.33 -0.83
CA VAL C 293 -64.72 -52.05 -1.89
C VAL C 293 -64.00 -51.85 -3.22
N PHE C 294 -63.64 -50.60 -3.53
CA PHE C 294 -62.97 -50.32 -4.80
C PHE C 294 -61.65 -51.08 -4.89
N VAL C 295 -60.83 -51.02 -3.83
CA VAL C 295 -59.54 -51.68 -3.85
C VAL C 295 -59.71 -53.18 -4.09
N ILE C 296 -60.69 -53.79 -3.43
CA ILE C 296 -60.79 -55.24 -3.52
C ILE C 296 -61.37 -55.67 -4.86
N VAL C 297 -62.38 -54.96 -5.37
CA VAL C 297 -62.88 -55.28 -6.71
C VAL C 297 -61.79 -55.03 -7.75
N TRP C 298 -60.89 -54.09 -7.47
CA TRP C 298 -59.79 -53.82 -8.39
C TRP C 298 -58.79 -54.97 -8.39
N TRP C 299 -58.45 -55.49 -7.21
CA TRP C 299 -57.61 -56.68 -7.14
C TRP C 299 -58.28 -57.85 -7.85
N VAL C 300 -59.61 -57.94 -7.74
CA VAL C 300 -60.35 -58.99 -8.44
C VAL C 300 -60.15 -58.86 -9.95
N LEU C 301 -60.33 -57.64 -10.48
CA LEU C 301 -60.12 -57.43 -11.91
C LEU C 301 -58.69 -57.77 -12.31
N TYR C 302 -57.73 -57.46 -11.45
CA TYR C 302 -56.34 -57.79 -11.74
C TYR C 302 -56.15 -59.29 -11.87
N GLY C 303 -56.68 -60.05 -10.91
CA GLY C 303 -56.59 -61.50 -11.01
C GLY C 303 -57.29 -62.04 -12.24
N VAL C 304 -58.43 -61.44 -12.62
CA VAL C 304 -59.13 -61.85 -13.82
C VAL C 304 -58.24 -61.67 -15.05
N LEU C 305 -57.60 -60.50 -15.14
CA LEU C 305 -56.67 -60.26 -16.25
C LEU C 305 -55.55 -61.28 -16.24
N PHE C 306 -55.02 -61.60 -15.05
CA PHE C 306 -53.96 -62.60 -14.96
C PHE C 306 -54.42 -63.92 -15.54
N MET C 307 -55.63 -64.37 -15.20
CA MET C 307 -56.12 -65.64 -15.71
C MET C 307 -56.37 -65.58 -17.20
N LEU C 308 -56.83 -64.43 -17.71
CA LEU C 308 -57.23 -64.34 -19.11
C LEU C 308 -56.07 -64.10 -20.07
N CYS C 309 -54.94 -63.59 -19.57
CA CYS C 309 -53.84 -63.28 -20.48
C CYS C 309 -53.31 -64.54 -21.15
N PHE C 310 -52.94 -65.55 -20.37
CA PHE C 310 -52.31 -66.74 -20.94
C PHE C 310 -53.34 -67.61 -21.67
N GLN C 311 -54.58 -67.62 -21.19
CA GLN C 311 -55.58 -68.54 -21.74
C GLN C 311 -55.94 -68.18 -23.18
N ALA C 312 -56.39 -66.95 -23.41
CA ALA C 312 -56.99 -66.59 -24.69
C ALA C 312 -55.93 -66.04 -25.63
N PRO C 313 -55.81 -66.55 -26.85
CA PRO C 313 -54.92 -65.90 -27.83
C PRO C 313 -55.54 -64.68 -28.47
N ASP C 314 -56.87 -64.57 -28.47
CA ASP C 314 -57.53 -63.45 -29.12
C ASP C 314 -57.00 -62.12 -28.61
N VAL C 315 -56.95 -61.94 -27.29
CA VAL C 315 -56.37 -60.73 -26.74
C VAL C 315 -54.89 -60.66 -27.09
N VAL C 316 -54.50 -59.58 -27.74
CA VAL C 316 -53.14 -59.42 -28.27
C VAL C 316 -52.20 -59.17 -27.10
N PRO C 317 -51.13 -59.94 -26.94
CA PRO C 317 -50.19 -59.69 -25.84
C PRO C 317 -49.10 -58.67 -26.16
N GLN C 318 -49.06 -58.13 -27.36
CA GLN C 318 -47.94 -57.28 -27.75
C GLN C 318 -48.03 -55.89 -27.13
N TRP C 319 -49.19 -55.25 -27.24
CA TRP C 319 -49.35 -53.88 -26.75
C TRP C 319 -50.38 -53.75 -25.64
N LEU C 320 -51.57 -54.31 -25.81
CA LEU C 320 -52.57 -54.28 -24.76
C LEU C 320 -51.97 -54.77 -23.44
N GLU C 321 -51.48 -56.02 -23.43
CA GLU C 321 -50.80 -56.57 -22.27
C GLU C 321 -49.87 -55.55 -21.63
N GLN C 322 -48.88 -55.07 -22.38
CA GLN C 322 -47.86 -54.21 -21.79
C GLN C 322 -48.45 -52.95 -21.17
N LEU C 323 -49.67 -52.57 -21.58
CA LEU C 323 -50.22 -51.29 -21.15
C LEU C 323 -51.10 -51.44 -19.92
N LEU C 324 -51.81 -52.56 -19.81
CA LEU C 324 -52.81 -52.70 -18.76
C LEU C 324 -52.19 -52.57 -17.37
N TRP C 325 -51.06 -53.22 -17.14
CA TRP C 325 -50.45 -53.20 -15.81
C TRP C 325 -49.99 -51.80 -15.43
N THR C 326 -49.35 -51.09 -16.35
CA THR C 326 -48.96 -49.71 -16.09
C THR C 326 -50.17 -48.89 -15.68
N GLY C 327 -51.19 -48.87 -16.53
CA GLY C 327 -52.39 -48.14 -16.20
C GLY C 327 -52.92 -48.49 -14.81
N MET C 328 -52.97 -49.78 -14.51
CA MET C 328 -53.63 -50.22 -13.29
C MET C 328 -52.84 -49.82 -12.05
N ASP C 329 -51.54 -50.13 -12.04
CA ASP C 329 -50.69 -49.72 -10.93
C ASP C 329 -50.82 -48.23 -10.68
N VAL C 330 -50.70 -47.44 -11.74
CA VAL C 330 -50.72 -45.99 -11.58
C VAL C 330 -52.04 -45.53 -10.95
N VAL C 331 -53.17 -45.97 -11.54
CA VAL C 331 -54.46 -45.49 -11.05
C VAL C 331 -54.69 -45.93 -9.61
N MET C 332 -54.30 -47.16 -9.29
CA MET C 332 -54.49 -47.66 -7.93
C MET C 332 -53.74 -46.79 -6.92
N LYS C 333 -52.42 -46.64 -7.13
CA LYS C 333 -51.64 -45.83 -6.20
C LYS C 333 -52.15 -44.41 -6.12
N LEU C 334 -52.67 -43.88 -7.24
CA LEU C 334 -53.13 -42.49 -7.24
C LEU C 334 -54.39 -42.34 -6.40
N SER C 335 -55.37 -43.23 -6.59
CA SER C 335 -56.56 -43.19 -5.76
C SER C 335 -56.20 -43.30 -4.28
N HIS C 336 -55.29 -44.22 -3.96
CA HIS C 336 -54.85 -44.37 -2.58
C HIS C 336 -54.32 -43.05 -2.02
N THR C 337 -53.30 -42.49 -2.68
CA THR C 337 -52.63 -41.32 -2.14
C THR C 337 -53.57 -40.11 -2.09
N VAL C 338 -54.51 -40.01 -3.03
CA VAL C 338 -55.40 -38.86 -3.02
C VAL C 338 -56.40 -38.96 -1.88
N VAL C 339 -56.96 -40.15 -1.65
CA VAL C 339 -57.83 -40.31 -0.48
C VAL C 339 -57.04 -39.97 0.79
N LEU C 340 -55.78 -40.38 0.84
CA LEU C 340 -54.96 -40.09 2.01
C LEU C 340 -54.81 -38.58 2.21
N MET C 341 -54.38 -37.87 1.16
CA MET C 341 -54.18 -36.43 1.27
C MET C 341 -55.49 -35.74 1.68
N ALA C 342 -56.62 -36.17 1.13
CA ALA C 342 -57.89 -35.59 1.52
C ALA C 342 -58.15 -35.78 3.01
N TRP C 343 -58.01 -37.01 3.49
CA TRP C 343 -58.18 -37.26 4.92
C TRP C 343 -57.23 -36.42 5.76
N ARG C 344 -56.07 -36.07 5.20
CA ARG C 344 -55.07 -35.35 5.97
C ARG C 344 -55.32 -33.85 6.03
N GLU C 345 -55.82 -33.25 4.94
CA GLU C 345 -55.92 -31.80 4.87
C GLU C 345 -57.05 -31.25 5.74
N THR C 346 -57.83 -32.10 6.39
CA THR C 346 -58.95 -31.63 7.20
C THR C 346 -58.46 -31.15 8.57
N GLN C 347 -59.17 -30.16 9.11
CA GLN C 347 -58.83 -29.62 10.41
C GLN C 347 -59.20 -30.61 11.51
N TRP C 348 -58.29 -30.78 12.47
CA TRP C 348 -58.46 -31.68 13.59
C TRP C 348 -58.68 -30.86 14.87
N GLU C 349 -58.76 -31.55 16.00
CA GLU C 349 -58.96 -30.88 17.28
C GLU C 349 -57.71 -30.11 17.72
N ILE C 350 -56.54 -30.54 17.26
CA ILE C 350 -55.30 -29.89 17.66
C ILE C 350 -55.33 -28.40 17.34
N ASP C 351 -55.94 -28.04 16.21
CA ASP C 351 -56.07 -26.62 15.88
C ASP C 351 -56.89 -25.89 16.92
N ALA C 352 -57.96 -26.52 17.42
CA ALA C 352 -58.75 -25.93 18.48
C ALA C 352 -57.92 -25.75 19.75
N VAL C 353 -57.15 -26.78 20.11
CA VAL C 353 -56.25 -26.67 21.25
C VAL C 353 -55.34 -25.46 21.11
N VAL C 354 -54.79 -25.27 19.90
CA VAL C 354 -53.81 -24.21 19.70
C VAL C 354 -54.48 -22.84 19.78
N ASP C 355 -55.65 -22.69 19.17
CA ASP C 355 -56.36 -21.41 19.26
C ASP C 355 -56.71 -21.08 20.70
N ARG C 356 -57.09 -22.11 21.48
CA ARG C 356 -57.36 -21.90 22.89
C ARG C 356 -56.13 -21.41 23.61
N GLN C 357 -54.97 -22.02 23.35
CA GLN C 357 -53.73 -21.52 23.91
C GLN C 357 -53.50 -20.07 23.51
N LYS C 358 -53.87 -19.72 22.28
CA LYS C 358 -53.53 -18.42 21.74
C LYS C 358 -54.29 -17.29 22.44
N VAL C 359 -55.62 -17.40 22.51
CA VAL C 359 -56.42 -16.31 23.07
C VAL C 359 -55.93 -15.93 24.46
N GLU C 360 -55.55 -16.93 25.26
CA GLU C 360 -55.06 -16.70 26.61
C GLU C 360 -53.91 -15.70 26.63
N ALA C 361 -53.10 -15.67 25.55
CA ALA C 361 -51.95 -14.78 25.53
C ALA C 361 -52.39 -13.32 25.44
N GLY C 362 -53.29 -13.01 24.51
CA GLY C 362 -53.85 -11.67 24.46
C GLY C 362 -54.46 -11.26 25.78
N ARG C 363 -55.13 -12.21 26.46
CA ARG C 363 -55.72 -11.88 27.75
C ARG C 363 -54.64 -11.51 28.76
N ALA C 364 -53.63 -12.36 28.91
CA ALA C 364 -52.52 -12.05 29.82
C ALA C 364 -51.88 -10.72 29.48
N ILE C 365 -51.82 -10.39 28.20
CA ILE C 365 -51.19 -9.13 27.78
C ILE C 365 -52.01 -7.95 28.28
N ALA C 366 -53.33 -8.02 28.09
CA ALA C 366 -54.19 -6.95 28.62
C ALA C 366 -54.02 -6.82 30.13
N GLN C 367 -53.85 -7.95 30.82
CA GLN C 367 -53.64 -7.90 32.26
C GLN C 367 -52.35 -7.16 32.61
N LEU C 368 -51.26 -7.51 31.92
CA LEU C 368 -50.00 -6.79 32.12
C LEU C 368 -50.19 -5.30 31.93
N ASP C 369 -50.91 -4.93 30.87
CA ASP C 369 -51.13 -3.51 30.57
C ASP C 369 -51.84 -2.81 31.72
N HIS C 370 -52.93 -3.42 32.21
CA HIS C 370 -53.68 -2.80 33.30
C HIS C 370 -52.81 -2.66 34.55
N GLN C 371 -52.04 -3.69 34.87
CA GLN C 371 -51.18 -3.64 36.04
C GLN C 371 -50.19 -2.48 35.95
N ARG C 372 -49.47 -2.40 34.83
CA ARG C 372 -48.55 -1.30 34.64
C ARG C 372 -49.26 0.05 34.69
N ALA C 373 -50.50 0.11 34.20
CA ALA C 373 -51.25 1.36 34.24
C ALA C 373 -51.45 1.82 35.68
N ILE C 374 -51.95 0.91 36.52
CA ILE C 374 -52.18 1.26 37.92
C ILE C 374 -50.88 1.70 38.60
N HIS C 375 -49.81 0.94 38.36
CA HIS C 375 -48.52 1.28 38.95
C HIS C 375 -48.08 2.68 38.54
N GLU C 376 -48.09 2.96 37.24
CA GLU C 376 -47.69 4.26 36.74
C GLU C 376 -48.55 5.37 37.34
N ARG C 377 -49.86 5.15 37.44
CA ARG C 377 -50.74 6.17 38.00
C ARG C 377 -50.32 6.51 39.42
N ASP C 378 -50.20 5.50 40.28
CA ASP C 378 -49.81 5.75 41.66
C ASP C 378 -48.46 6.47 41.72
N LEU C 379 -47.50 6.03 40.89
CA LEU C 379 -46.16 6.59 40.95
C LEU C 379 -46.14 8.06 40.54
N VAL C 380 -46.72 8.37 39.38
CA VAL C 380 -46.73 9.74 38.89
C VAL C 380 -47.50 10.64 39.85
N ARG C 381 -48.57 10.13 40.45
CA ARG C 381 -49.26 10.90 41.48
C ARG C 381 -48.31 11.24 42.62
N LEU C 382 -47.65 10.22 43.17
CA LEU C 382 -46.79 10.46 44.33
C LEU C 382 -45.70 11.48 44.02
N ARG C 383 -44.94 11.25 42.95
CA ARG C 383 -43.77 12.09 42.72
C ARG C 383 -44.16 13.51 42.32
N SER C 384 -45.11 13.65 41.40
CA SER C 384 -45.48 14.95 40.87
C SER C 384 -46.55 15.66 41.69
N ARG C 385 -46.76 15.27 42.95
CA ARG C 385 -47.82 15.87 43.77
C ARG C 385 -47.30 16.53 45.03
N VAL C 386 -46.51 15.83 45.83
CA VAL C 386 -46.32 16.22 47.23
C VAL C 386 -45.09 17.11 47.40
N TYR C 387 -43.91 16.56 47.13
CA TYR C 387 -42.67 17.21 47.48
C TYR C 387 -42.17 18.16 46.40
N TYR C 388 -42.78 18.15 45.22
CA TYR C 388 -42.30 18.94 44.10
C TYR C 388 -43.44 19.72 43.47
N PHE C 463 -78.41 -20.31 -0.11
CA PHE C 463 -77.09 -20.67 -0.61
C PHE C 463 -76.65 -19.70 -1.70
N ALA C 464 -76.18 -18.53 -1.29
CA ALA C 464 -75.80 -17.47 -2.22
C ALA C 464 -74.29 -17.32 -2.33
N ARG C 465 -73.60 -17.11 -1.20
CA ARG C 465 -72.15 -16.92 -1.24
C ARG C 465 -71.46 -18.11 -1.90
N VAL C 466 -71.91 -19.32 -1.59
CA VAL C 466 -71.30 -20.53 -2.14
C VAL C 466 -71.43 -20.54 -3.66
N ASN C 467 -72.65 -20.37 -4.17
CA ASN C 467 -72.87 -20.45 -5.60
C ASN C 467 -72.08 -19.39 -6.34
N LYS C 468 -71.91 -18.20 -5.75
CA LYS C 468 -71.15 -17.14 -6.41
C LYS C 468 -69.66 -17.43 -6.37
N ILE C 469 -69.16 -17.90 -5.23
CA ILE C 469 -67.77 -18.32 -5.15
C ILE C 469 -67.44 -19.35 -6.21
N PHE C 470 -68.44 -20.16 -6.60
CA PHE C 470 -68.24 -21.08 -7.71
C PHE C 470 -68.38 -20.40 -9.08
N MET C 471 -69.36 -19.51 -9.22
CA MET C 471 -69.69 -18.96 -10.53
C MET C 471 -68.60 -18.03 -11.05
N ARG C 472 -67.92 -17.32 -10.16
CA ARG C 472 -66.83 -16.45 -10.63
C ARG C 472 -65.76 -17.26 -11.36
N GLU C 473 -65.29 -18.34 -10.72
CA GLU C 473 -64.35 -19.25 -11.35
C GLU C 473 -64.93 -19.84 -12.64
N ALA C 474 -66.19 -20.26 -12.60
CA ALA C 474 -66.84 -20.79 -13.80
C ALA C 474 -66.73 -19.80 -14.96
N GLY C 475 -66.89 -18.51 -14.66
CA GLY C 475 -66.78 -17.50 -15.71
C GLY C 475 -65.37 -17.34 -16.21
N LEU C 476 -64.40 -17.28 -15.30
CA LEU C 476 -63.01 -17.06 -15.70
C LEU C 476 -62.53 -18.15 -16.66
N CYS C 477 -62.91 -19.40 -16.38
CA CYS C 477 -62.43 -20.49 -17.23
C CYS C 477 -62.83 -20.28 -18.69
N LEU C 478 -64.07 -19.83 -18.92
CA LEU C 478 -64.55 -19.66 -20.28
C LEU C 478 -63.80 -18.54 -21.00
N VAL C 479 -63.50 -17.46 -20.29
CA VAL C 479 -62.71 -16.39 -20.88
C VAL C 479 -61.38 -16.94 -21.37
N LEU C 480 -60.70 -17.71 -20.52
CA LEU C 480 -59.40 -18.25 -20.93
C LEU C 480 -59.52 -19.16 -22.14
N CYS C 481 -60.49 -20.06 -22.12
CA CYS C 481 -60.68 -20.97 -23.26
C CYS C 481 -60.94 -20.20 -24.54
N LEU C 482 -61.81 -19.19 -24.48
CA LEU C 482 -62.16 -18.42 -25.67
C LEU C 482 -60.94 -17.68 -26.22
N ALA C 483 -60.13 -17.11 -25.34
CA ALA C 483 -58.93 -16.44 -25.81
C ALA C 483 -57.99 -17.40 -26.53
N PHE C 484 -57.78 -18.58 -25.95
CA PHE C 484 -56.91 -19.56 -26.60
C PHE C 484 -57.47 -19.96 -27.96
N VAL C 485 -58.79 -20.14 -28.04
CA VAL C 485 -59.41 -20.50 -29.31
C VAL C 485 -59.18 -19.40 -30.35
N VAL C 486 -59.35 -18.14 -29.93
CA VAL C 486 -59.14 -17.03 -30.85
C VAL C 486 -57.73 -17.08 -31.42
N ALA C 487 -56.73 -17.24 -30.55
CA ALA C 487 -55.36 -17.36 -31.03
C ALA C 487 -55.24 -18.49 -32.03
N LEU C 488 -55.49 -19.73 -31.57
CA LEU C 488 -55.34 -20.89 -32.44
C LEU C 488 -56.04 -20.71 -33.78
N LEU C 489 -57.12 -19.93 -33.81
CA LEU C 489 -57.84 -19.71 -35.07
C LEU C 489 -57.15 -18.66 -35.94
N HIS C 490 -56.58 -17.63 -35.33
CA HIS C 490 -56.05 -16.50 -36.10
C HIS C 490 -54.60 -16.69 -36.52
N LEU C 491 -53.88 -17.64 -35.92
CA LEU C 491 -52.46 -17.77 -36.22
C LEU C 491 -52.17 -18.03 -37.69
N PRO C 492 -52.57 -19.17 -38.27
CA PRO C 492 -51.99 -19.55 -39.57
C PRO C 492 -52.46 -18.69 -40.73
N VAL C 493 -53.61 -18.02 -40.61
CA VAL C 493 -54.06 -17.18 -41.70
C VAL C 493 -53.11 -16.00 -41.89
N TYR C 494 -52.33 -15.66 -40.88
CA TYR C 494 -51.34 -14.59 -40.96
C TYR C 494 -49.91 -15.11 -41.15
N SER C 495 -49.72 -16.42 -41.18
CA SER C 495 -48.41 -17.03 -41.37
C SER C 495 -48.51 -18.12 -42.42
N GLU C 496 -47.52 -18.16 -43.32
CA GLU C 496 -47.50 -19.10 -44.43
C GLU C 496 -48.43 -18.65 -45.54
N TRP C 497 -49.21 -17.61 -45.30
CA TRP C 497 -49.91 -16.92 -46.38
C TRP C 497 -49.15 -15.67 -46.79
N PHE C 498 -48.48 -15.04 -45.83
CA PHE C 498 -47.55 -13.95 -46.08
C PHE C 498 -46.16 -14.26 -45.52
N GLY C 499 -45.85 -15.53 -45.29
CA GLY C 499 -44.61 -15.91 -44.64
C GLY C 499 -43.81 -16.93 -45.43
N VAL C 500 -42.49 -16.81 -45.40
CA VAL C 500 -41.63 -17.75 -46.11
C VAL C 500 -41.36 -18.97 -45.25
N GLU C 501 -40.85 -20.03 -45.89
CA GLU C 501 -40.60 -21.31 -45.22
C GLU C 501 -41.86 -21.77 -44.49
N VAL C 502 -42.98 -21.78 -45.21
CA VAL C 502 -44.28 -22.00 -44.58
C VAL C 502 -44.49 -23.46 -44.21
N LEU C 503 -43.91 -24.37 -45.00
CA LEU C 503 -44.27 -25.77 -44.94
C LEU C 503 -43.09 -26.63 -44.49
N ASP C 504 -43.36 -27.49 -43.52
CA ASP C 504 -42.49 -28.61 -43.17
C ASP C 504 -43.34 -29.87 -43.16
N ALA C 505 -42.99 -30.83 -44.00
CA ALA C 505 -43.81 -32.03 -44.20
C ALA C 505 -43.32 -33.11 -43.24
N GLU C 506 -44.09 -33.36 -42.19
CA GLU C 506 -43.70 -34.27 -41.12
C GLU C 506 -42.39 -33.86 -40.49
N ALA C 507 -42.35 -32.73 -39.79
CA ALA C 507 -41.12 -31.99 -39.45
C ALA C 507 -40.02 -32.99 -39.12
N VAL C 508 -40.18 -33.83 -38.11
CA VAL C 508 -39.27 -34.93 -37.83
C VAL C 508 -40.08 -36.05 -37.19
N PRO C 509 -40.55 -37.03 -37.96
CA PRO C 509 -41.52 -38.00 -37.41
C PRO C 509 -41.00 -38.79 -36.22
N HIS C 510 -39.71 -39.13 -36.22
CA HIS C 510 -39.21 -40.13 -35.29
C HIS C 510 -38.96 -39.54 -33.90
N ASP C 511 -38.35 -38.36 -33.85
CA ASP C 511 -37.82 -37.87 -32.57
C ASP C 511 -38.89 -37.11 -31.78
N GLU C 512 -39.59 -36.19 -32.43
CA GLU C 512 -40.35 -35.18 -31.69
C GLU C 512 -41.51 -35.78 -30.91
N LEU C 513 -42.34 -36.60 -31.56
CA LEU C 513 -43.57 -37.07 -30.92
C LEU C 513 -43.29 -37.77 -29.60
N GLY C 514 -42.16 -38.48 -29.52
CA GLY C 514 -41.84 -39.20 -28.29
C GLY C 514 -41.61 -38.25 -27.12
N PHE C 515 -41.16 -37.03 -27.41
CA PHE C 515 -40.99 -36.03 -26.37
C PHE C 515 -42.31 -35.39 -25.97
N PHE C 516 -43.21 -35.18 -26.93
CA PHE C 516 -44.44 -34.44 -26.68
C PHE C 516 -45.51 -35.31 -26.01
N HIS C 517 -45.49 -36.62 -26.25
CA HIS C 517 -46.54 -37.47 -25.68
C HIS C 517 -46.48 -37.55 -24.15
N HIS C 518 -45.47 -36.91 -23.53
CA HIS C 518 -45.30 -37.00 -22.07
C HIS C 518 -46.11 -35.93 -21.35
N GLY C 519 -46.06 -34.71 -21.86
CA GLY C 519 -46.56 -33.55 -21.16
C GLY C 519 -48.03 -33.59 -20.85
N TRP C 520 -48.85 -33.84 -21.87
CA TRP C 520 -50.29 -33.83 -21.66
C TRP C 520 -50.71 -34.96 -20.73
N THR C 521 -49.95 -36.05 -20.72
CA THR C 521 -50.22 -37.12 -19.77
C THR C 521 -49.99 -36.66 -18.34
N THR C 522 -48.83 -36.04 -18.10
CA THR C 522 -48.55 -35.53 -16.76
C THR C 522 -49.62 -34.53 -16.32
N MET C 523 -50.01 -33.64 -17.23
CA MET C 523 -50.99 -32.61 -16.88
C MET C 523 -52.35 -33.22 -16.59
N LEU C 524 -52.74 -34.24 -17.37
CA LEU C 524 -53.95 -35.00 -17.09
C LEU C 524 -53.92 -35.57 -15.68
N VAL C 525 -52.78 -36.17 -15.31
CA VAL C 525 -52.61 -36.70 -13.96
C VAL C 525 -52.95 -35.62 -12.93
N VAL C 526 -52.24 -34.50 -13.01
CA VAL C 526 -52.41 -33.42 -12.04
C VAL C 526 -53.87 -32.97 -11.98
N PHE C 527 -54.48 -32.82 -13.16
CA PHE C 527 -55.87 -32.43 -13.28
C PHE C 527 -56.78 -33.34 -12.45
N LEU C 528 -56.68 -34.64 -12.71
CA LEU C 528 -57.49 -35.62 -12.00
C LEU C 528 -57.29 -35.49 -10.50
N ILE C 529 -56.02 -35.35 -10.08
CA ILE C 529 -55.71 -35.24 -8.65
C ILE C 529 -56.52 -34.11 -8.05
N GLU C 530 -56.34 -32.89 -8.58
CA GLU C 530 -56.99 -31.72 -7.99
C GLU C 530 -58.50 -31.89 -7.98
N SER C 531 -59.06 -32.34 -9.10
CA SER C 531 -60.51 -32.45 -9.22
C SER C 531 -61.07 -33.36 -8.13
N ILE C 532 -60.50 -34.55 -8.00
CA ILE C 532 -61.07 -35.51 -7.04
C ILE C 532 -60.83 -35.06 -5.61
N THR C 533 -59.69 -34.41 -5.35
CA THR C 533 -59.47 -33.87 -4.01
C THR C 533 -60.59 -32.92 -3.62
N VAL C 534 -60.91 -31.99 -4.52
CA VAL C 534 -61.97 -31.03 -4.22
C VAL C 534 -63.31 -31.74 -4.05
N LEU C 535 -63.59 -32.69 -4.94
CA LEU C 535 -64.84 -33.44 -4.85
C LEU C 535 -64.97 -34.10 -3.48
N LEU C 536 -63.88 -34.68 -2.98
CA LEU C 536 -63.93 -35.37 -1.70
C LEU C 536 -64.13 -34.39 -0.55
N LYS C 537 -63.41 -33.27 -0.58
CA LYS C 537 -63.61 -32.24 0.44
C LYS C 537 -65.08 -31.86 0.53
N VAL C 538 -65.69 -31.59 -0.63
CA VAL C 538 -67.08 -31.15 -0.62
C VAL C 538 -68.00 -32.28 -0.16
N TRP C 539 -67.71 -33.52 -0.59
CA TRP C 539 -68.52 -34.65 -0.15
C TRP C 539 -68.48 -34.81 1.35
N SER C 540 -67.36 -34.46 1.97
CA SER C 540 -67.26 -34.57 3.43
C SER C 540 -67.92 -33.38 4.12
N THR C 541 -67.96 -32.23 3.47
CA THR C 541 -68.64 -31.06 4.03
C THR C 541 -69.99 -30.80 3.38
N TRP C 542 -70.62 -31.82 2.80
CA TRP C 542 -71.93 -31.63 2.18
C TRP C 542 -73.02 -31.42 3.21
N HIS C 543 -73.13 -32.33 4.17
CA HIS C 543 -74.26 -32.31 5.10
C HIS C 543 -74.26 -31.04 5.95
N ASP C 544 -73.08 -30.58 6.36
CA ASP C 544 -72.98 -29.42 7.25
C ASP C 544 -72.89 -28.15 6.43
N PRO C 545 -73.89 -27.26 6.47
CA PRO C 545 -73.77 -26.03 5.67
C PRO C 545 -72.67 -25.10 6.16
N ARG C 546 -72.56 -24.90 7.48
CA ARG C 546 -71.62 -23.91 8.00
C ARG C 546 -70.20 -24.18 7.53
N LEU C 547 -69.83 -25.46 7.43
CA LEU C 547 -68.48 -25.80 7.01
C LEU C 547 -68.26 -25.58 5.53
N ALA C 548 -69.31 -25.75 4.72
CA ALA C 548 -69.14 -25.66 3.26
C ALA C 548 -68.68 -24.27 2.82
N GLU C 549 -69.21 -23.22 3.45
CA GLU C 549 -68.85 -21.87 3.04
C GLU C 549 -67.37 -21.59 3.27
N ASN C 550 -66.78 -22.17 4.31
CA ASN C 550 -65.35 -22.00 4.54
C ASN C 550 -64.56 -22.44 3.32
N VAL C 551 -64.65 -23.72 2.97
CA VAL C 551 -63.91 -24.23 1.81
C VAL C 551 -64.29 -23.46 0.56
N ALA C 552 -65.58 -23.16 0.38
CA ALA C 552 -66.01 -22.41 -0.79
C ALA C 552 -65.24 -21.11 -0.92
N GLN C 553 -65.07 -20.39 0.20
CA GLN C 553 -64.31 -19.15 0.16
C GLN C 553 -62.83 -19.42 -0.05
N GLN C 554 -62.33 -20.57 0.41
CA GLN C 554 -60.91 -20.88 0.22
C GLN C 554 -60.57 -20.99 -1.25
N LEU C 555 -61.43 -21.66 -2.03
CA LEU C 555 -61.14 -21.97 -3.43
C LEU C 555 -61.39 -20.79 -4.37
N SER C 556 -61.78 -19.63 -3.86
CA SER C 556 -62.14 -18.52 -4.71
C SER C 556 -60.91 -17.78 -5.20
N GLY C 557 -60.97 -17.31 -6.46
CA GLY C 557 -59.91 -16.51 -7.03
C GLY C 557 -58.70 -17.29 -7.51
N ASN C 558 -58.63 -18.59 -7.23
CA ASN C 558 -57.44 -19.38 -7.54
C ASN C 558 -57.73 -20.64 -8.34
N LEU C 559 -58.88 -21.28 -8.12
CA LEU C 559 -59.12 -22.57 -8.75
C LEU C 559 -59.33 -22.45 -10.25
N GLY C 560 -60.03 -21.41 -10.69
CA GLY C 560 -60.34 -21.28 -12.11
C GLY C 560 -59.12 -21.25 -13.00
N VAL C 561 -58.01 -20.76 -12.48
CA VAL C 561 -56.82 -20.60 -13.32
C VAL C 561 -56.11 -21.93 -13.53
N LEU C 562 -56.13 -22.79 -12.51
CA LEU C 562 -55.35 -24.03 -12.55
C LEU C 562 -55.88 -24.99 -13.62
N ILE C 563 -57.20 -25.21 -13.63
CA ILE C 563 -57.78 -26.13 -14.59
C ILE C 563 -57.54 -25.63 -16.01
N ALA C 564 -57.71 -24.32 -16.23
CA ALA C 564 -57.50 -23.75 -17.56
C ALA C 564 -56.07 -23.96 -18.01
N GLU C 565 -55.11 -23.59 -17.15
CA GLU C 565 -53.70 -23.79 -17.47
C GLU C 565 -53.43 -25.24 -17.83
N TYR C 566 -53.87 -26.17 -16.97
CA TYR C 566 -53.61 -27.58 -17.20
C TYR C 566 -54.16 -28.03 -18.54
N LEU C 567 -55.45 -27.77 -18.80
CA LEU C 567 -56.08 -28.29 -20.00
C LEU C 567 -55.48 -27.67 -21.25
N VAL C 568 -55.17 -26.37 -21.23
CA VAL C 568 -54.61 -25.76 -22.42
C VAL C 568 -53.23 -26.30 -22.71
N VAL C 569 -52.40 -26.50 -21.68
CA VAL C 569 -51.08 -27.08 -21.90
C VAL C 569 -51.21 -28.47 -22.49
N GLY C 570 -52.09 -29.28 -21.89
CA GLY C 570 -52.31 -30.61 -22.42
C GLY C 570 -52.71 -30.60 -23.88
N ALA C 571 -53.68 -29.76 -24.23
CA ALA C 571 -54.16 -29.72 -25.61
C ALA C 571 -53.05 -29.31 -26.56
N THR C 572 -52.27 -28.29 -26.20
CA THR C 572 -51.21 -27.83 -27.09
C THR C 572 -50.17 -28.93 -27.31
N TYR C 573 -49.74 -29.59 -26.24
CA TYR C 573 -48.73 -30.62 -26.41
C TYR C 573 -49.29 -31.85 -27.09
N VAL C 574 -50.60 -32.07 -27.00
CA VAL C 574 -51.25 -33.13 -27.78
C VAL C 574 -51.15 -32.79 -29.26
N ILE C 575 -51.57 -31.58 -29.63
CA ILE C 575 -51.42 -31.13 -31.00
C ILE C 575 -50.00 -31.35 -31.49
N LEU C 576 -49.01 -30.98 -30.67
CA LEU C 576 -47.62 -31.16 -31.07
C LEU C 576 -47.28 -32.63 -31.26
N GLY C 577 -47.82 -33.49 -30.39
CA GLY C 577 -47.52 -34.91 -30.51
C GLY C 577 -47.77 -35.45 -31.90
N TYR C 578 -49.03 -35.47 -32.32
CA TYR C 578 -49.41 -35.74 -33.71
C TYR C 578 -49.89 -34.43 -34.31
N ASN C 579 -49.17 -33.95 -35.33
CA ASN C 579 -49.30 -32.57 -35.77
C ASN C 579 -50.50 -32.42 -36.68
N LEU C 580 -51.50 -31.69 -36.21
CA LEU C 580 -52.55 -31.14 -37.06
C LEU C 580 -52.23 -29.72 -37.52
N MET C 581 -51.17 -29.12 -36.99
CA MET C 581 -50.82 -27.74 -37.27
C MET C 581 -49.48 -27.65 -37.98
N PRO C 582 -49.28 -26.61 -38.80
CA PRO C 582 -48.06 -26.54 -39.61
C PRO C 582 -46.82 -26.27 -38.77
N VAL C 583 -45.67 -26.60 -39.36
CA VAL C 583 -44.36 -26.29 -38.79
C VAL C 583 -43.64 -25.34 -39.73
N PHE C 584 -43.07 -24.28 -39.18
CA PHE C 584 -42.35 -23.27 -39.96
C PHE C 584 -40.86 -23.39 -39.69
N VAL C 585 -40.08 -23.40 -40.77
CA VAL C 585 -38.63 -23.35 -40.67
C VAL C 585 -38.15 -21.94 -41.02
N VAL C 586 -36.89 -21.66 -40.75
CA VAL C 586 -36.32 -20.34 -40.97
C VAL C 586 -35.12 -20.45 -41.88
N HIS C 587 -34.93 -19.44 -42.72
CA HIS C 587 -33.80 -19.36 -43.64
C HIS C 587 -33.13 -18.01 -43.47
N ARG C 588 -31.85 -18.03 -43.12
CA ARG C 588 -31.11 -16.80 -42.87
C ARG C 588 -29.64 -17.06 -43.17
N PRO C 589 -28.85 -16.00 -43.34
CA PRO C 589 -27.41 -16.19 -43.54
C PRO C 589 -26.80 -16.98 -42.40
N GLY C 590 -25.68 -17.63 -42.70
CA GLY C 590 -25.08 -18.53 -41.74
C GLY C 590 -25.66 -19.91 -41.85
N VAL C 591 -26.66 -20.21 -41.02
CA VAL C 591 -27.34 -21.48 -41.03
C VAL C 591 -28.83 -21.24 -41.24
N ALA C 592 -29.52 -22.27 -41.74
CA ALA C 592 -30.95 -22.21 -41.97
C ALA C 592 -31.70 -23.44 -41.50
N SER C 593 -31.01 -24.44 -40.94
CA SER C 593 -31.67 -25.66 -40.48
C SER C 593 -32.47 -25.45 -39.20
N ARG C 594 -32.49 -24.24 -38.63
CA ARG C 594 -33.21 -24.01 -37.39
C ARG C 594 -34.70 -24.27 -37.58
N ARG C 595 -35.22 -25.24 -36.84
CA ARG C 595 -36.65 -25.54 -36.86
C ARG C 595 -37.36 -24.69 -35.83
N VAL C 596 -38.65 -24.43 -36.07
CA VAL C 596 -39.44 -23.54 -35.24
C VAL C 596 -40.88 -24.06 -35.18
N TYR C 597 -41.50 -23.94 -34.00
CA TYR C 597 -42.85 -24.41 -33.77
C TYR C 597 -43.76 -23.23 -33.42
N ALA C 598 -45.04 -23.38 -33.74
CA ALA C 598 -45.97 -22.27 -33.76
C ALA C 598 -46.74 -22.10 -32.45
N VAL C 599 -47.55 -23.10 -32.08
CA VAL C 599 -48.52 -22.90 -31.00
C VAL C 599 -47.81 -22.67 -29.66
N ARG C 600 -46.65 -23.30 -29.47
CA ARG C 600 -45.93 -23.25 -28.20
C ARG C 600 -45.93 -21.86 -27.59
N TYR C 601 -45.86 -20.83 -28.43
CA TYR C 601 -45.72 -19.48 -27.94
C TYR C 601 -47.04 -18.93 -27.42
N MET C 602 -48.11 -19.06 -28.20
CA MET C 602 -49.39 -18.49 -27.80
C MET C 602 -49.74 -18.90 -26.37
N GLU C 603 -49.89 -20.21 -26.16
CA GLU C 603 -50.22 -20.70 -24.83
C GLU C 603 -49.30 -20.06 -23.79
N TRP C 604 -47.99 -20.09 -24.04
CA TRP C 604 -47.05 -19.47 -23.10
C TRP C 604 -47.60 -18.14 -22.62
N ALA C 605 -47.78 -17.21 -23.56
CA ALA C 605 -48.29 -15.89 -23.20
C ALA C 605 -49.51 -16.03 -22.30
N VAL C 606 -50.58 -16.63 -22.84
CA VAL C 606 -51.79 -16.82 -22.04
C VAL C 606 -51.43 -17.46 -20.71
N ASP C 607 -50.72 -18.59 -20.78
CA ASP C 607 -50.25 -19.27 -19.58
C ASP C 607 -49.67 -18.27 -18.59
N ALA C 608 -48.63 -17.55 -19.02
CA ALA C 608 -47.95 -16.63 -18.13
C ALA C 608 -48.95 -15.73 -17.41
N THR C 609 -49.87 -15.13 -18.18
CA THR C 609 -50.80 -14.18 -17.59
C THR C 609 -51.48 -14.78 -16.37
N GLY C 610 -51.99 -16.00 -16.52
CA GLY C 610 -52.59 -16.69 -15.39
C GLY C 610 -51.70 -16.55 -14.18
N LEU C 611 -50.51 -17.15 -14.26
CA LEU C 611 -49.55 -17.07 -13.17
C LEU C 611 -49.48 -15.66 -12.62
N ILE C 612 -49.28 -14.67 -13.49
CA ILE C 612 -49.17 -13.29 -13.04
C ILE C 612 -50.42 -12.94 -12.22
N TRP C 613 -51.58 -12.96 -12.88
CA TRP C 613 -52.82 -12.56 -12.22
C TRP C 613 -53.02 -13.31 -10.92
N LEU C 614 -52.34 -14.44 -10.76
CA LEU C 614 -52.44 -15.23 -9.54
C LEU C 614 -51.31 -14.89 -8.57
N ASP C 615 -50.07 -14.91 -9.05
CA ASP C 615 -48.93 -14.73 -8.16
C ASP C 615 -48.80 -13.30 -7.66
N CYS C 616 -49.57 -12.37 -8.22
CA CYS C 616 -49.57 -10.98 -7.80
C CYS C 616 -50.86 -10.60 -7.08
N HIS C 617 -51.79 -11.54 -6.92
CA HIS C 617 -53.06 -11.29 -6.28
C HIS C 617 -53.21 -12.05 -4.97
N CYS C 618 -53.05 -13.38 -5.02
CA CYS C 618 -53.22 -14.19 -3.82
C CYS C 618 -52.06 -13.99 -2.85
N LEU C 619 -50.82 -14.03 -3.36
CA LEU C 619 -49.67 -13.81 -2.51
C LEU C 619 -49.63 -12.38 -2.00
N PHE C 620 -49.54 -11.43 -2.92
CA PHE C 620 -49.53 -10.01 -2.60
C PHE C 620 -50.92 -9.47 -2.90
N SER C 621 -51.69 -9.23 -1.83
CA SER C 621 -53.09 -8.85 -1.99
C SER C 621 -53.22 -7.51 -2.69
N ARG C 622 -53.62 -7.53 -3.95
CA ARG C 622 -53.76 -6.32 -4.75
C ARG C 622 -55.01 -6.43 -5.61
N ASN C 623 -55.56 -5.28 -5.98
CA ASN C 623 -56.73 -5.23 -6.84
C ASN C 623 -56.29 -5.44 -8.30
N PHE C 624 -57.21 -5.20 -9.23
CA PHE C 624 -56.90 -5.39 -10.64
C PHE C 624 -56.25 -4.15 -11.24
N ASN C 625 -56.60 -2.96 -10.76
CA ASN C 625 -56.12 -1.72 -11.37
C ASN C 625 -54.60 -1.69 -11.49
N GLU C 626 -53.89 -2.48 -10.68
CA GLU C 626 -52.43 -2.47 -10.69
C GLU C 626 -51.83 -3.64 -11.46
N PHE C 627 -52.63 -4.64 -11.83
CA PHE C 627 -52.14 -5.74 -12.64
C PHE C 627 -52.06 -5.40 -14.12
N ARG C 628 -52.81 -4.40 -14.57
CA ARG C 628 -53.01 -4.15 -16.01
C ARG C 628 -51.69 -4.17 -16.77
N MET C 629 -50.75 -3.30 -16.37
CA MET C 629 -49.54 -3.10 -17.15
C MET C 629 -48.79 -4.41 -17.41
N ALA C 630 -48.63 -5.22 -16.37
CA ALA C 630 -47.89 -6.47 -16.52
C ALA C 630 -48.52 -7.37 -17.57
N ILE C 631 -49.85 -7.47 -17.55
CA ILE C 631 -50.55 -8.29 -18.53
C ILE C 631 -50.37 -7.70 -19.92
N VAL C 632 -50.49 -6.38 -20.05
CA VAL C 632 -50.39 -5.75 -21.35
C VAL C 632 -48.99 -5.91 -21.93
N TRP C 633 -47.97 -6.06 -21.08
CA TRP C 633 -46.60 -6.14 -21.54
C TRP C 633 -46.11 -7.57 -21.74
N THR C 634 -46.68 -8.56 -21.02
CA THR C 634 -46.16 -9.91 -21.14
C THR C 634 -46.50 -10.52 -22.50
N VAL C 635 -47.78 -10.48 -22.88
CA VAL C 635 -48.17 -10.91 -24.22
C VAL C 635 -47.35 -10.15 -25.25
N ALA C 636 -47.03 -8.89 -24.97
CA ALA C 636 -46.27 -8.08 -25.92
C ALA C 636 -44.89 -8.67 -26.15
N TYR C 637 -44.13 -8.91 -25.08
CA TYR C 637 -42.78 -9.39 -25.32
C TYR C 637 -42.76 -10.83 -25.79
N MET C 638 -43.82 -11.61 -25.53
CA MET C 638 -43.88 -12.94 -26.13
C MET C 638 -44.13 -12.87 -27.63
N LEU C 639 -45.05 -12.00 -28.06
CA LEU C 639 -45.25 -11.78 -29.48
C LEU C 639 -43.97 -11.30 -30.15
N PHE C 640 -43.23 -10.41 -29.48
CA PHE C 640 -42.00 -9.89 -30.06
C PHE C 640 -40.96 -10.99 -30.18
N GLY C 641 -40.82 -11.82 -29.15
CA GLY C 641 -39.93 -12.98 -29.26
C GLY C 641 -40.29 -13.87 -30.43
N LEU C 642 -41.58 -14.10 -30.63
CA LEU C 642 -42.01 -14.92 -31.77
C LEU C 642 -41.61 -14.28 -33.09
N TRP C 643 -42.08 -13.05 -33.33
CA TRP C 643 -41.78 -12.36 -34.57
C TRP C 643 -40.28 -12.37 -34.85
N SER C 644 -39.48 -12.04 -33.84
CA SER C 644 -38.04 -12.13 -33.99
C SER C 644 -37.63 -13.52 -34.45
N ALA C 645 -37.96 -14.55 -33.67
CA ALA C 645 -37.55 -15.91 -34.00
C ALA C 645 -37.86 -16.26 -35.45
N LEU C 646 -38.98 -15.76 -35.97
CA LEU C 646 -39.37 -16.11 -37.33
C LEU C 646 -38.31 -15.69 -38.35
N ALA C 647 -37.64 -14.57 -38.12
CA ALA C 647 -36.69 -14.00 -39.08
C ALA C 647 -35.32 -13.90 -38.43
N SER C 648 -34.47 -14.90 -38.68
CA SER C 648 -33.11 -14.92 -38.16
C SER C 648 -32.12 -14.22 -39.08
N THR C 649 -32.59 -13.36 -39.99
CA THR C 649 -31.70 -12.64 -40.88
C THR C 649 -30.77 -11.71 -40.11
N TRP C 650 -31.14 -11.37 -38.88
CA TRP C 650 -30.54 -10.34 -38.03
C TRP C 650 -30.36 -9.03 -38.78
N ALA C 651 -31.19 -8.73 -39.77
CA ALA C 651 -31.30 -7.37 -40.28
C ALA C 651 -32.29 -6.57 -39.46
N TRP C 652 -33.41 -7.20 -39.10
CA TRP C 652 -34.38 -6.62 -38.17
C TRP C 652 -34.78 -7.61 -37.08
N TYR C 653 -33.93 -8.61 -36.82
CA TYR C 653 -34.18 -9.59 -35.76
C TYR C 653 -34.00 -8.96 -34.39
N TRP C 654 -32.96 -8.14 -34.23
CA TRP C 654 -32.61 -7.63 -32.91
C TRP C 654 -33.68 -6.70 -32.34
N ALA C 655 -34.46 -6.07 -33.20
CA ALA C 655 -35.43 -5.08 -32.73
C ALA C 655 -36.42 -5.69 -31.75
N PHE C 656 -37.15 -6.72 -32.19
CA PHE C 656 -38.16 -7.32 -31.35
C PHE C 656 -37.54 -8.02 -30.15
N LEU C 657 -36.35 -8.60 -30.30
CA LEU C 657 -35.67 -9.20 -29.16
C LEU C 657 -35.40 -8.16 -28.06
N LEU C 658 -34.85 -7.00 -28.45
CA LEU C 658 -34.56 -5.97 -27.47
C LEU C 658 -35.84 -5.42 -26.85
N ALA C 659 -36.87 -5.19 -27.66
CA ALA C 659 -38.14 -4.72 -27.13
C ALA C 659 -38.70 -5.73 -26.12
N SER C 660 -38.57 -7.02 -26.42
CA SER C 660 -39.07 -8.05 -25.53
C SER C 660 -38.32 -8.04 -24.20
N TRP C 661 -36.98 -8.00 -24.28
CA TRP C 661 -36.18 -7.86 -23.07
C TRP C 661 -36.64 -6.66 -22.25
N ALA C 662 -36.92 -5.54 -22.92
CA ALA C 662 -37.31 -4.33 -22.20
C ALA C 662 -38.62 -4.54 -21.45
N ALA C 663 -39.64 -5.03 -22.15
CA ALA C 663 -40.93 -5.24 -21.50
C ALA C 663 -40.80 -6.23 -20.35
N PHE C 664 -40.08 -7.33 -20.57
CA PHE C 664 -39.87 -8.32 -19.51
C PHE C 664 -39.20 -7.68 -18.30
N LEU C 665 -38.21 -6.83 -18.53
CA LEU C 665 -37.49 -6.21 -17.42
C LEU C 665 -38.40 -5.29 -16.63
N ILE C 666 -39.17 -4.44 -17.32
CA ILE C 666 -40.06 -3.54 -16.58
C ILE C 666 -41.08 -4.34 -15.80
N VAL C 667 -41.53 -5.47 -16.35
CA VAL C 667 -42.45 -6.34 -15.62
C VAL C 667 -41.79 -6.80 -14.33
N CYS C 668 -40.54 -7.26 -14.42
CA CYS C 668 -39.83 -7.71 -13.23
C CYS C 668 -39.71 -6.59 -12.20
N LEU C 669 -39.45 -5.37 -12.66
CA LEU C 669 -39.34 -4.24 -11.73
C LEU C 669 -40.65 -4.01 -11.00
N ILE C 670 -41.75 -3.93 -11.75
CA ILE C 670 -43.07 -3.78 -11.14
C ILE C 670 -43.30 -4.87 -10.11
N LEU C 671 -42.92 -6.10 -10.44
CA LEU C 671 -43.18 -7.23 -9.57
C LEU C 671 -42.41 -7.08 -8.26
N VAL C 672 -41.14 -6.72 -8.34
CA VAL C 672 -40.34 -6.59 -7.12
C VAL C 672 -40.81 -5.41 -6.29
N ARG C 673 -41.31 -4.35 -6.94
CA ARG C 673 -41.93 -3.26 -6.19
C ARG C 673 -43.14 -3.76 -5.42
N PHE C 674 -44.04 -4.47 -6.11
CA PHE C 674 -45.17 -5.11 -5.46
C PHE C 674 -44.74 -5.85 -4.20
N LEU C 675 -43.72 -6.71 -4.35
CA LEU C 675 -43.23 -7.45 -3.19
C LEU C 675 -42.81 -6.51 -2.08
N ARG C 676 -41.84 -5.63 -2.37
CA ARG C 676 -41.24 -4.80 -1.33
C ARG C 676 -42.24 -3.84 -0.70
N GLN C 677 -43.44 -3.69 -1.26
CA GLN C 677 -44.50 -2.92 -0.61
C GLN C 677 -45.63 -3.83 -0.14
N ASP C 678 -45.30 -5.02 0.32
CA ASP C 678 -46.30 -5.96 0.80
C ASP C 678 -46.81 -5.54 2.18
N PRO C 679 -48.10 -5.29 2.36
CA PRO C 679 -48.58 -4.97 3.71
C PRO C 679 -48.43 -6.12 4.69
N TYR C 680 -48.72 -7.35 4.27
CA TYR C 680 -48.67 -8.51 5.16
C TYR C 680 -47.56 -9.45 4.73
N PRO C 681 -46.30 -9.08 4.97
CA PRO C 681 -45.19 -9.95 4.54
C PRO C 681 -45.01 -11.17 5.43
N HIS C 682 -45.39 -11.09 6.70
CA HIS C 682 -45.24 -12.24 7.59
C HIS C 682 -46.33 -13.27 7.33
N GLN C 683 -47.55 -12.83 7.10
CA GLN C 683 -48.61 -13.75 6.74
C GLN C 683 -48.37 -14.28 5.32
N PRO C 684 -48.65 -15.56 5.05
CA PRO C 684 -49.10 -16.63 5.94
C PRO C 684 -47.99 -17.58 6.35
N PHE C 685 -46.82 -17.46 5.72
CA PHE C 685 -45.75 -18.44 5.89
C PHE C 685 -44.98 -18.20 7.18
N GLY C 686 -45.52 -17.38 8.08
CA GLY C 686 -45.03 -17.29 9.43
C GLY C 686 -43.61 -16.77 9.59
N LYS C 687 -43.36 -15.54 9.18
CA LYS C 687 -42.10 -14.84 9.47
C LYS C 687 -40.90 -15.63 8.95
N THR C 688 -40.88 -15.87 7.64
CA THR C 688 -39.78 -16.58 7.01
C THR C 688 -39.49 -15.94 5.66
N SER C 689 -38.42 -16.43 5.03
CA SER C 689 -37.91 -15.86 3.79
C SER C 689 -38.28 -16.70 2.57
N VAL C 690 -39.48 -17.26 2.54
CA VAL C 690 -39.86 -18.16 1.46
C VAL C 690 -40.37 -17.37 0.25
N LYS C 691 -41.08 -16.28 0.48
CA LYS C 691 -41.65 -15.51 -0.63
C LYS C 691 -40.59 -14.88 -1.52
N PRO C 692 -39.63 -14.13 -0.99
CA PRO C 692 -38.55 -13.62 -1.86
C PRO C 692 -37.82 -14.72 -2.60
N CYS C 693 -37.57 -15.85 -1.94
CA CYS C 693 -36.92 -16.97 -2.61
C CYS C 693 -37.77 -17.49 -3.77
N ILE C 694 -39.09 -17.54 -3.57
CA ILE C 694 -39.99 -17.92 -4.64
C ILE C 694 -39.81 -16.99 -5.83
N LEU C 695 -39.89 -15.69 -5.58
CA LEU C 695 -39.75 -14.71 -6.65
C LEU C 695 -38.42 -14.89 -7.38
N ALA C 696 -37.35 -15.15 -6.62
CA ALA C 696 -36.04 -15.35 -7.22
C ALA C 696 -36.04 -16.55 -8.15
N PHE C 697 -36.53 -17.68 -7.66
CA PHE C 697 -36.62 -18.89 -8.49
C PHE C 697 -37.37 -18.60 -9.78
N ILE C 698 -38.53 -17.96 -9.66
CA ILE C 698 -39.36 -17.66 -10.82
C ILE C 698 -38.56 -16.86 -11.85
N ILE C 699 -37.94 -15.77 -11.39
CA ILE C 699 -37.28 -14.87 -12.32
C ILE C 699 -36.06 -15.55 -12.96
N GLY C 700 -35.32 -16.34 -12.20
CA GLY C 700 -34.20 -17.07 -12.76
C GLY C 700 -34.64 -18.03 -13.85
N TRP C 701 -35.71 -18.80 -13.59
CA TRP C 701 -36.31 -19.63 -14.61
C TRP C 701 -36.62 -18.83 -15.88
N TRP C 702 -37.29 -17.69 -15.70
CA TRP C 702 -37.74 -16.89 -16.84
C TRP C 702 -36.55 -16.41 -17.67
N VAL C 703 -35.47 -15.99 -17.03
CA VAL C 703 -34.34 -15.49 -17.82
C VAL C 703 -33.54 -16.65 -18.41
N LEU C 704 -33.56 -17.81 -17.77
CA LEU C 704 -32.97 -19.00 -18.39
C LEU C 704 -33.61 -19.27 -19.73
N TYR C 705 -34.94 -19.13 -19.81
CA TYR C 705 -35.61 -19.26 -21.11
C TYR C 705 -34.93 -18.39 -22.16
N GLY C 706 -34.73 -17.11 -21.85
CA GLY C 706 -34.20 -16.19 -22.84
C GLY C 706 -32.77 -16.51 -23.23
N ILE C 707 -31.94 -16.88 -22.26
CA ILE C 707 -30.55 -17.17 -22.63
C ILE C 707 -30.49 -18.44 -23.46
N LEU C 708 -31.39 -19.40 -23.25
CA LEU C 708 -31.43 -20.56 -24.13
C LEU C 708 -31.87 -20.15 -25.54
N PHE C 709 -32.91 -19.33 -25.63
CA PHE C 709 -33.32 -18.78 -26.91
C PHE C 709 -32.12 -18.21 -27.67
N MET C 710 -31.32 -17.39 -26.99
CA MET C 710 -30.13 -16.82 -27.60
C MET C 710 -29.16 -17.90 -28.04
N VAL C 711 -28.69 -18.71 -27.08
CA VAL C 711 -27.69 -19.74 -27.37
C VAL C 711 -28.11 -20.60 -28.54
N CYS C 712 -29.41 -20.78 -28.73
CA CYS C 712 -29.87 -21.62 -29.83
C CYS C 712 -29.85 -20.87 -31.15
N PHE C 713 -30.54 -19.73 -31.23
CA PHE C 713 -30.71 -19.10 -32.53
C PHE C 713 -29.43 -18.43 -33.03
N GLN C 714 -28.55 -18.01 -32.13
CA GLN C 714 -27.28 -17.46 -32.57
C GLN C 714 -26.38 -18.55 -33.15
N ALA C 715 -26.14 -19.61 -32.38
CA ALA C 715 -25.24 -20.68 -32.79
C ALA C 715 -26.01 -21.99 -32.93
N PRO C 716 -26.74 -22.20 -34.03
CA PRO C 716 -27.42 -23.48 -34.21
C PRO C 716 -26.49 -24.68 -34.15
N ASP C 717 -25.19 -24.48 -34.40
CA ASP C 717 -24.23 -25.57 -34.22
C ASP C 717 -24.17 -26.02 -32.77
N ALA C 718 -24.50 -25.11 -31.84
CA ALA C 718 -24.44 -25.46 -30.42
C ALA C 718 -25.52 -26.47 -30.05
N VAL C 719 -26.68 -26.39 -30.66
CA VAL C 719 -27.88 -27.07 -30.21
C VAL C 719 -28.22 -28.19 -31.20
N PRO C 720 -28.38 -29.43 -30.75
CA PRO C 720 -28.78 -30.50 -31.68
C PRO C 720 -30.25 -30.45 -32.06
N GLN C 721 -31.02 -29.52 -31.50
CA GLN C 721 -32.36 -29.16 -31.95
C GLN C 721 -33.43 -30.17 -31.54
N TRP C 722 -33.03 -31.32 -30.98
CA TRP C 722 -34.01 -32.19 -30.33
C TRP C 722 -33.94 -32.03 -28.82
N LEU C 723 -32.72 -32.05 -28.28
CA LEU C 723 -32.50 -31.63 -26.90
C LEU C 723 -33.22 -30.32 -26.60
N GLU C 724 -33.29 -29.43 -27.60
CA GLU C 724 -33.93 -28.14 -27.40
C GLU C 724 -35.41 -28.30 -27.05
N GLN C 725 -36.14 -29.07 -27.86
CA GLN C 725 -37.55 -29.28 -27.60
C GLN C 725 -37.77 -30.05 -26.30
N PHE C 726 -36.91 -31.05 -26.03
CA PHE C 726 -37.02 -31.77 -24.77
C PHE C 726 -36.90 -30.81 -23.59
N LEU C 727 -35.93 -29.90 -23.65
CA LEU C 727 -35.73 -28.95 -22.56
C LEU C 727 -36.92 -28.02 -22.43
N TRP C 728 -37.37 -27.43 -23.54
CA TRP C 728 -38.56 -26.58 -23.50
C TRP C 728 -39.70 -27.29 -22.79
N THR C 729 -39.95 -28.55 -23.14
CA THR C 729 -41.08 -29.28 -22.58
C THR C 729 -40.89 -29.51 -21.08
N GLY C 730 -39.72 -30.01 -20.69
CA GLY C 730 -39.47 -30.24 -19.27
C GLY C 730 -39.63 -28.97 -18.45
N MET C 731 -39.17 -27.84 -18.98
CA MET C 731 -39.28 -26.59 -18.25
C MET C 731 -40.74 -26.16 -18.11
N ASP C 732 -41.49 -26.23 -19.21
CA ASP C 732 -42.91 -25.89 -19.13
C ASP C 732 -43.62 -26.73 -18.09
N VAL C 733 -43.27 -28.02 -18.00
CA VAL C 733 -43.88 -28.88 -16.99
C VAL C 733 -43.49 -28.41 -15.59
N VAL C 734 -42.19 -28.28 -15.34
CA VAL C 734 -41.69 -28.02 -14.00
C VAL C 734 -42.26 -26.72 -13.44
N MET C 735 -42.35 -25.69 -14.28
CA MET C 735 -42.84 -24.40 -13.79
C MET C 735 -44.21 -24.55 -13.16
N LYS C 736 -45.13 -25.19 -13.88
CA LYS C 736 -46.51 -25.29 -13.40
C LYS C 736 -46.59 -26.21 -12.20
N LEU C 737 -45.82 -27.29 -12.21
CA LEU C 737 -45.77 -28.18 -11.05
C LEU C 737 -45.41 -27.39 -9.80
N SER C 738 -44.34 -26.59 -9.87
CA SER C 738 -43.89 -25.83 -8.70
C SER C 738 -44.93 -24.81 -8.28
N HIS C 739 -45.46 -24.07 -9.25
CA HIS C 739 -46.46 -23.04 -8.94
C HIS C 739 -47.67 -23.65 -8.23
N THR C 740 -48.17 -24.77 -8.74
CA THR C 740 -49.36 -25.35 -8.14
C THR C 740 -49.07 -25.92 -6.76
N VAL C 741 -47.88 -26.49 -6.56
CA VAL C 741 -47.60 -27.01 -5.21
C VAL C 741 -47.50 -25.89 -4.20
N VAL C 742 -46.89 -24.76 -4.59
CA VAL C 742 -46.79 -23.66 -3.64
C VAL C 742 -48.19 -23.13 -3.31
N LEU C 743 -49.05 -22.99 -4.32
CA LEU C 743 -50.40 -22.51 -4.02
C LEU C 743 -51.17 -23.52 -3.17
N MET C 744 -50.92 -24.81 -3.40
CA MET C 744 -51.53 -25.84 -2.57
C MET C 744 -51.16 -25.64 -1.11
N ALA C 745 -49.87 -25.55 -0.82
CA ALA C 745 -49.44 -25.36 0.57
C ALA C 745 -49.98 -24.06 1.14
N TRP C 746 -50.10 -23.01 0.31
CA TRP C 746 -50.60 -21.74 0.80
C TRP C 746 -52.08 -21.81 1.14
N ARG C 747 -52.85 -22.66 0.44
CA ARG C 747 -54.29 -22.68 0.65
C ARG C 747 -54.67 -23.12 2.06
N THR C 748 -53.84 -23.94 2.70
CA THR C 748 -54.23 -24.61 3.94
C THR C 748 -53.62 -23.96 5.18
N THR C 749 -53.50 -22.65 5.19
CA THR C 749 -52.95 -21.91 6.32
C THR C 749 -54.06 -21.12 7.02
N GLU C 750 -53.77 -20.70 8.26
CA GLU C 750 -54.78 -20.05 9.08
C GLU C 750 -55.36 -18.83 8.39
N TRP C 751 -54.52 -18.05 7.70
CA TRP C 751 -55.00 -16.84 7.07
C TRP C 751 -56.19 -17.10 6.15
N ASN C 752 -56.29 -18.32 5.62
CA ASN C 752 -57.45 -18.70 4.81
C ASN C 752 -58.54 -19.32 5.68
N VAL C 753 -58.19 -20.31 6.48
CA VAL C 753 -59.15 -20.96 7.38
C VAL C 753 -59.11 -20.20 8.71
N CYS C 754 -60.15 -19.41 8.95
CA CYS C 754 -60.13 -18.45 10.05
C CYS C 754 -60.34 -19.14 11.39
N GLU C 755 -59.32 -19.09 12.25
CA GLU C 755 -59.44 -19.54 13.63
C GLU C 755 -58.59 -18.63 14.50
N LEU C 756 -59.26 -17.80 15.29
CA LEU C 756 -58.61 -16.82 16.18
C LEU C 756 -58.08 -15.62 15.39
N HIS C 757 -58.15 -15.73 14.05
CA HIS C 757 -57.78 -14.62 13.17
C HIS C 757 -57.98 -15.04 11.73
N GLY C 758 -57.85 -14.11 10.79
CA GLY C 758 -57.89 -14.44 9.38
C GLY C 758 -58.28 -13.29 8.48
N ARG C 759 -58.60 -13.60 7.23
CA ARG C 759 -59.03 -12.58 6.29
C ARG C 759 -60.29 -11.90 6.80
N ASN C 760 -60.30 -10.57 6.75
CA ASN C 760 -61.44 -9.79 7.23
C ASN C 760 -62.60 -9.87 6.25
N SER C 817 -24.84 -16.03 24.07
CA SER C 817 -23.91 -15.80 22.97
C SER C 817 -23.16 -14.48 23.15
N THR C 818 -23.54 -13.47 22.37
CA THR C 818 -22.93 -12.15 22.46
C THR C 818 -24.02 -11.11 22.29
N ASN C 819 -23.71 -9.88 22.68
CA ASN C 819 -24.66 -8.78 22.73
C ASN C 819 -24.24 -7.73 21.71
N TRP C 820 -24.87 -7.76 20.53
CA TRP C 820 -24.70 -6.74 19.52
C TRP C 820 -25.82 -5.72 19.66
N THR C 821 -25.46 -4.45 19.86
CA THR C 821 -26.46 -3.40 20.00
C THR C 821 -25.77 -2.06 20.04
N ALA C 822 -26.59 -1.01 19.98
CA ALA C 822 -26.13 0.37 20.11
C ALA C 822 -26.76 1.09 21.29
N THR C 823 -27.68 0.46 22.00
CA THR C 823 -28.41 1.07 23.11
C THR C 823 -28.39 0.14 24.31
N PRO C 824 -27.20 -0.10 24.88
CA PRO C 824 -27.07 -1.07 25.97
C PRO C 824 -27.72 -0.65 27.28
N GLY C 825 -28.22 0.58 27.38
CA GLY C 825 -28.85 1.03 28.61
C GLY C 825 -30.35 1.13 28.49
N LEU C 826 -30.84 1.16 27.27
CA LEU C 826 -32.27 1.23 27.01
C LEU C 826 -32.90 -0.15 27.05
N ARG C 827 -33.79 -0.35 28.01
CA ARG C 827 -34.54 -1.62 28.12
C ARG C 827 -36.02 -1.23 28.03
N VAL C 828 -36.83 -1.98 27.31
CA VAL C 828 -38.23 -1.69 27.09
C VAL C 828 -39.10 -2.80 27.69
N ASP C 829 -40.39 -2.53 27.79
CA ASP C 829 -41.36 -3.47 28.35
C ASP C 829 -42.27 -4.02 27.25
N LEU C 830 -42.82 -5.21 27.50
CA LEU C 830 -43.60 -5.92 26.48
C LEU C 830 -44.75 -5.06 25.98
N SER C 831 -45.50 -4.45 26.89
CA SER C 831 -46.66 -3.66 26.48
C SER C 831 -46.29 -2.65 25.41
N SER C 832 -45.14 -1.98 25.59
CA SER C 832 -44.72 -0.99 24.61
C SER C 832 -44.34 -1.65 23.29
N MET C 833 -43.62 -2.78 23.35
CA MET C 833 -43.25 -3.48 22.13
C MET C 833 -44.47 -3.83 21.30
N VAL C 834 -45.49 -4.38 21.94
CA VAL C 834 -46.67 -4.83 21.21
C VAL C 834 -47.50 -3.64 20.74
N ARG C 835 -47.69 -2.65 21.62
CA ARG C 835 -48.34 -1.41 21.20
C ARG C 835 -47.68 -0.85 19.96
N LEU C 836 -46.36 -0.93 19.90
CA LEU C 836 -45.61 -0.39 18.77
C LEU C 836 -45.84 -1.22 17.52
N GLU C 837 -45.57 -2.52 17.60
CA GLU C 837 -45.83 -3.41 16.47
C GLU C 837 -47.24 -3.22 15.92
N GLY C 838 -48.18 -2.84 16.78
CA GLY C 838 -49.53 -2.57 16.34
C GLY C 838 -49.68 -1.24 15.63
N GLN C 839 -49.23 -0.17 16.31
CA GLN C 839 -49.38 1.18 15.75
C GLN C 839 -48.62 1.36 14.44
N LEU C 840 -47.78 0.42 14.05
CA LEU C 840 -46.99 0.50 12.84
C LEU C 840 -47.51 -0.49 11.81
N ALA C 841 -46.79 -0.58 10.70
CA ALA C 841 -47.08 -1.54 9.64
C ALA C 841 -46.15 -2.74 9.74
N GLN C 842 -46.67 -3.91 9.39
CA GLN C 842 -45.91 -5.14 9.52
C GLN C 842 -44.61 -5.06 8.71
N GLY C 843 -43.52 -5.49 9.33
CA GLY C 843 -42.25 -5.58 8.66
C GLY C 843 -41.26 -4.47 8.96
N LEU C 844 -41.58 -3.56 9.88
CA LEU C 844 -40.66 -2.50 10.24
C LEU C 844 -39.82 -2.86 11.45
N VAL C 845 -40.41 -3.55 12.42
CA VAL C 845 -39.64 -4.12 13.52
C VAL C 845 -39.14 -5.50 13.10
N THR C 846 -38.08 -5.95 13.76
CA THR C 846 -37.43 -7.20 13.42
C THR C 846 -37.07 -7.94 14.71
N ASP C 847 -36.42 -9.09 14.54
CA ASP C 847 -36.03 -9.88 15.70
C ASP C 847 -34.88 -9.21 16.46
N VAL C 848 -33.92 -8.64 15.74
CA VAL C 848 -32.74 -8.08 16.39
C VAL C 848 -33.03 -6.69 16.94
N HIS C 849 -33.85 -5.90 16.24
CA HIS C 849 -34.40 -4.69 16.83
C HIS C 849 -34.85 -4.94 18.26
N ARG C 850 -35.51 -6.08 18.47
CA ARG C 850 -36.03 -6.43 19.78
C ARG C 850 -34.93 -6.99 20.68
N LYS C 851 -34.06 -7.83 20.13
CA LYS C 851 -32.98 -8.40 20.93
C LYS C 851 -32.04 -7.32 21.46
N GLY C 852 -32.06 -6.13 20.89
CA GLY C 852 -31.17 -5.08 21.33
C GLY C 852 -31.78 -4.13 22.34
N MET C 853 -33.09 -3.89 22.22
CA MET C 853 -33.79 -2.94 23.07
C MET C 853 -34.64 -3.63 24.14
N MET C 854 -34.27 -4.85 24.51
CA MET C 854 -35.03 -5.59 25.51
C MET C 854 -34.09 -6.46 26.33
N ARG C 855 -34.55 -6.79 27.53
CA ARG C 855 -33.81 -7.70 28.40
C ARG C 855 -33.88 -9.12 27.84
N SER C 856 -33.19 -10.03 28.52
CA SER C 856 -33.18 -11.42 28.09
C SER C 856 -34.38 -12.18 28.62
N GLU C 857 -34.72 -11.98 29.89
CA GLU C 857 -35.80 -12.75 30.50
C GLU C 857 -37.15 -12.38 29.91
N ASP C 858 -37.41 -11.08 29.78
CA ASP C 858 -38.66 -10.66 29.17
C ASP C 858 -38.76 -11.16 27.73
N LEU C 859 -37.64 -11.22 27.02
CA LEU C 859 -37.64 -11.71 25.66
C LEU C 859 -37.98 -13.20 25.62
N ALA C 860 -37.36 -13.99 26.51
CA ALA C 860 -37.69 -15.40 26.57
C ALA C 860 -39.17 -15.62 26.90
N GLU C 861 -39.69 -14.81 27.83
CA GLU C 861 -41.11 -14.92 28.17
C GLU C 861 -41.99 -14.63 26.97
N LEU C 862 -41.72 -13.54 26.27
CA LEU C 862 -42.48 -13.21 25.08
C LEU C 862 -42.40 -14.32 24.04
N LYS C 863 -41.21 -14.87 23.85
CA LYS C 863 -41.04 -15.95 22.88
C LYS C 863 -41.90 -17.14 23.24
N ARG C 864 -41.83 -17.57 24.50
CA ARG C 864 -42.71 -18.65 24.96
C ARG C 864 -44.17 -18.31 24.71
N LEU C 865 -44.54 -17.05 24.92
CA LEU C 865 -45.92 -16.64 24.80
C LEU C 865 -46.38 -16.55 23.35
N GLU C 866 -45.45 -16.48 22.41
CA GLU C 866 -45.77 -16.39 20.99
C GLU C 866 -45.69 -17.74 20.29
N GLU C 867 -45.58 -18.83 21.04
CA GLU C 867 -45.51 -20.16 20.43
C GLU C 867 -46.76 -20.47 19.63
N SER C 868 -47.90 -19.88 20.01
CA SER C 868 -49.16 -20.27 19.39
C SER C 868 -49.43 -19.49 18.10
N GLY C 869 -49.05 -18.22 18.06
CA GLY C 869 -49.38 -17.41 16.90
C GLY C 869 -48.63 -16.09 16.89
N PHE C 870 -49.25 -15.10 16.26
CA PHE C 870 -48.59 -13.82 16.05
C PHE C 870 -48.85 -12.85 17.19
N LEU C 871 -50.00 -12.97 17.85
CA LEU C 871 -50.29 -12.16 19.04
C LEU C 871 -50.48 -10.69 18.68
N GLN C 872 -51.30 -10.42 17.66
CA GLN C 872 -51.70 -9.06 17.33
C GLN C 872 -52.92 -8.68 18.15
N ALA C 873 -52.84 -7.57 18.88
CA ALA C 873 -53.93 -7.13 19.75
C ALA C 873 -53.75 -5.66 20.08
N GLN C 874 -54.80 -5.07 20.66
CA GLN C 874 -54.81 -3.65 21.02
C GLN C 874 -55.62 -3.46 22.29
N GLN C 875 -54.97 -2.93 23.33
CA GLN C 875 -55.68 -2.67 24.59
C GLN C 875 -56.38 -1.32 24.56
N HIS C 876 -55.79 -0.33 23.89
CA HIS C 876 -56.38 1.00 23.78
C HIS C 876 -56.34 1.76 25.11
N ARG C 877 -55.17 1.66 25.77
CA ARG C 877 -54.95 2.37 27.06
C ARG C 877 -53.96 3.49 26.78
N ASN C 878 -54.17 4.67 27.36
CA ASN C 878 -53.34 5.84 27.10
C ASN C 878 -52.84 6.42 28.42
N TRP C 879 -51.64 7.02 28.37
CA TRP C 879 -51.07 7.72 29.51
C TRP C 879 -50.26 8.91 29.01
N GLU C 880 -49.56 9.55 29.95
CA GLU C 880 -48.70 10.68 29.59
C GLU C 880 -47.35 10.18 29.08
N SER C 881 -46.93 8.98 29.50
CA SER C 881 -45.62 8.48 29.10
C SER C 881 -45.70 7.69 27.78
N GLN C 882 -46.84 7.05 27.53
CA GLN C 882 -47.01 6.32 26.28
C GLN C 882 -46.80 7.24 25.08
N THR C 883 -47.34 8.45 25.15
CA THR C 883 -47.18 9.41 24.06
C THR C 883 -45.71 9.69 23.79
N ARG C 884 -44.95 10.00 24.85
CA ARG C 884 -43.53 10.27 24.71
C ARG C 884 -42.80 9.10 24.08
N GLU C 885 -43.03 7.90 24.62
CA GLU C 885 -42.36 6.71 24.09
C GLU C 885 -42.68 6.51 22.62
N MET C 886 -43.95 6.70 22.23
CA MET C 886 -44.31 6.56 20.83
C MET C 886 -43.58 7.58 19.97
N THR C 887 -43.66 8.86 20.36
CA THR C 887 -43.02 9.91 19.58
C THR C 887 -41.56 9.60 19.33
N PHE C 888 -40.89 8.99 20.31
CA PHE C 888 -39.48 8.70 20.13
C PHE C 888 -39.25 7.46 19.27
N LEU C 889 -39.94 6.35 19.58
CA LEU C 889 -39.67 5.09 18.90
C LEU C 889 -40.06 5.15 17.43
N ALA C 890 -41.20 5.78 17.12
CA ALA C 890 -41.61 5.89 15.72
C ALA C 890 -40.50 6.46 14.86
N HIS C 891 -39.73 7.41 15.39
CA HIS C 891 -38.61 7.95 14.65
C HIS C 891 -37.41 7.02 14.71
N GLY C 892 -37.17 6.41 15.87
CA GLY C 892 -35.90 5.74 16.09
C GLY C 892 -35.79 4.41 15.35
N ILE C 893 -36.92 3.78 15.04
CA ILE C 893 -36.85 2.43 14.49
C ILE C 893 -36.20 2.41 13.11
N ASN C 894 -36.41 3.47 12.31
CA ASN C 894 -36.02 3.43 10.91
C ASN C 894 -34.57 2.99 10.73
N HIS C 895 -33.70 3.35 11.67
CA HIS C 895 -32.30 2.98 11.55
C HIS C 895 -32.14 1.47 11.65
N ILE C 896 -31.06 0.96 11.08
CA ILE C 896 -30.90 -0.47 10.84
C ILE C 896 -30.10 -1.10 11.97
N ALA C 897 -30.50 -2.31 12.34
CA ALA C 897 -29.73 -3.16 13.24
C ALA C 897 -29.56 -4.52 12.57
N TYR C 898 -28.36 -5.08 12.67
CA TYR C 898 -28.03 -6.28 11.92
C TYR C 898 -27.05 -7.14 12.70
N ASP C 899 -27.08 -8.44 12.41
CA ASP C 899 -26.20 -9.40 13.04
C ASP C 899 -25.03 -9.68 12.10
N PRO C 900 -23.81 -9.25 12.44
CA PRO C 900 -22.71 -9.40 11.49
C PRO C 900 -22.41 -10.84 11.09
N ARG C 901 -22.76 -11.80 11.93
CA ARG C 901 -22.38 -13.17 11.67
C ARG C 901 -23.08 -13.73 10.43
N SER C 902 -24.25 -13.18 10.09
CA SER C 902 -24.96 -13.66 8.92
C SER C 902 -24.37 -13.07 7.66
N TRP C 903 -24.20 -13.92 6.65
CA TRP C 903 -23.66 -13.51 5.37
C TRP C 903 -24.74 -13.27 4.32
N MET C 904 -25.90 -13.91 4.45
CA MET C 904 -26.96 -13.73 3.47
C MET C 904 -27.49 -12.30 3.50
N LYS C 905 -27.96 -11.86 4.66
CA LYS C 905 -28.62 -10.56 4.78
C LYS C 905 -27.70 -9.40 4.51
N THR C 906 -26.42 -9.64 4.24
CA THR C 906 -25.51 -8.60 3.79
C THR C 906 -25.41 -8.53 2.27
N LEU C 907 -25.33 -9.69 1.61
CA LEU C 907 -25.25 -9.71 0.15
C LEU C 907 -26.58 -9.36 -0.48
N THR C 908 -27.61 -10.13 -0.16
CA THR C 908 -28.94 -9.97 -0.73
C THR C 908 -29.63 -8.69 -0.31
N ALA C 909 -28.98 -7.82 0.45
CA ALA C 909 -29.65 -6.65 0.97
C ALA C 909 -29.66 -5.52 -0.05
N VAL C 910 -30.73 -4.74 -0.02
CA VAL C 910 -31.01 -3.70 -1.00
C VAL C 910 -31.15 -2.36 -0.28
N ARG C 911 -31.84 -2.38 0.87
CA ARG C 911 -32.27 -1.15 1.50
C ARG C 911 -31.11 -0.25 1.87
N GLY C 912 -30.15 -0.77 2.64
CA GLY C 912 -29.12 0.10 3.20
C GLY C 912 -27.98 0.37 2.24
N ARG C 913 -28.04 -0.18 1.04
CA ARG C 913 -26.96 0.00 0.08
C ARG C 913 -26.80 1.46 -0.29
N ALA C 914 -25.73 1.75 -1.01
CA ALA C 914 -25.43 3.12 -1.36
C ALA C 914 -26.05 3.46 -2.73
N PRO C 915 -26.47 4.70 -2.93
CA PRO C 915 -26.95 5.09 -4.25
C PRO C 915 -25.80 5.27 -5.22
N THR C 916 -26.14 5.30 -6.50
CA THR C 916 -25.19 5.58 -7.55
C THR C 916 -25.56 6.87 -8.26
N SER C 917 -24.80 7.20 -9.29
CA SER C 917 -24.91 8.48 -9.97
C SER C 917 -25.13 8.26 -11.46
N PHE C 918 -25.31 9.37 -12.16
CA PHE C 918 -25.55 9.36 -13.61
C PHE C 918 -24.34 8.93 -14.40
N LEU C 919 -23.22 8.65 -13.75
CA LEU C 919 -21.98 8.33 -14.46
C LEU C 919 -22.03 6.96 -15.10
N LEU C 920 -22.47 5.95 -14.33
CA LEU C 920 -22.54 4.60 -14.86
C LEU C 920 -23.22 4.58 -16.22
N TRP C 921 -24.31 5.32 -16.38
CA TRP C 921 -25.00 5.35 -17.66
C TRP C 921 -24.11 5.92 -18.76
N VAL C 922 -23.40 7.00 -18.46
CA VAL C 922 -22.46 7.56 -19.43
C VAL C 922 -21.45 6.52 -19.86
N VAL C 923 -20.89 5.79 -18.90
CA VAL C 923 -19.83 4.84 -19.20
C VAL C 923 -20.37 3.68 -20.03
N LEU C 924 -21.57 3.21 -19.70
CA LEU C 924 -22.19 2.15 -20.50
C LEU C 924 -22.43 2.62 -21.92
N ILE C 925 -22.92 3.84 -22.09
CA ILE C 925 -23.10 4.42 -23.41
C ILE C 925 -21.78 4.35 -24.18
N GLU C 926 -20.73 4.92 -23.60
CA GLU C 926 -19.43 4.96 -24.24
C GLU C 926 -18.97 3.57 -24.67
N SER C 927 -19.03 2.61 -23.74
CA SER C 927 -18.56 1.26 -24.02
C SER C 927 -19.36 0.60 -25.13
N SER C 928 -20.69 0.76 -25.10
CA SER C 928 -21.53 0.14 -26.10
C SER C 928 -21.21 0.67 -27.49
N ILE C 929 -21.07 2.00 -27.61
CA ILE C 929 -20.74 2.54 -28.93
C ILE C 929 -19.36 2.04 -29.36
N VAL C 930 -18.42 1.97 -28.42
CA VAL C 930 -17.07 1.53 -28.78
C VAL C 930 -17.12 0.12 -29.33
N LEU C 931 -17.90 -0.75 -28.71
CA LEU C 931 -17.94 -2.15 -29.15
C LEU C 931 -18.60 -2.26 -30.52
N ALA C 932 -19.81 -1.74 -30.65
CA ALA C 932 -20.50 -1.82 -31.93
C ALA C 932 -19.66 -1.21 -33.04
N LEU C 933 -18.94 -0.13 -32.72
CA LEU C 933 -18.16 0.58 -33.72
C LEU C 933 -16.86 -0.13 -34.05
N SER C 934 -16.26 -0.82 -33.08
CA SER C 934 -15.09 -1.62 -33.38
C SER C 934 -15.45 -2.78 -34.30
N LYS C 935 -16.66 -3.32 -34.13
CA LYS C 935 -17.06 -4.41 -35.01
C LYS C 935 -17.42 -3.89 -36.41
N PHE C 936 -18.23 -2.83 -36.48
CA PHE C 936 -18.60 -2.27 -37.78
C PHE C 936 -17.36 -1.80 -38.54
N PHE C 937 -16.46 -1.10 -37.85
CA PHE C 937 -15.20 -0.68 -38.42
C PHE C 937 -14.20 -1.83 -38.55
N GLY C 938 -14.55 -3.01 -38.06
CA GLY C 938 -13.69 -4.16 -38.26
C GLY C 938 -12.46 -4.13 -37.39
N GLU C 939 -11.29 -4.30 -38.02
CA GLU C 939 -10.06 -4.54 -37.26
C GLU C 939 -9.28 -3.26 -37.03
N SER C 940 -9.54 -2.22 -37.83
CA SER C 940 -8.70 -1.03 -37.85
C SER C 940 -8.98 -0.14 -36.64
N PHE C 941 -8.69 -0.68 -35.45
CA PHE C 941 -8.78 0.12 -34.23
C PHE C 941 -7.41 0.60 -33.79
N ASP C 942 -6.42 -0.29 -33.78
CA ASP C 942 -5.07 0.04 -33.35
C ASP C 942 -5.07 0.56 -31.92
N LEU C 943 -5.54 -0.27 -31.00
CA LEU C 943 -5.64 0.15 -29.59
C LEU C 943 -4.29 0.60 -29.06
N GLY C 944 -3.25 -0.20 -29.27
CA GLY C 944 -1.93 0.11 -28.76
C GLY C 944 -1.96 0.39 -27.27
N VAL C 945 -2.44 -0.59 -26.49
CA VAL C 945 -2.53 -0.40 -25.06
C VAL C 945 -1.16 -0.06 -24.49
N SER C 946 -1.16 0.61 -23.35
CA SER C 946 0.07 1.05 -22.70
C SER C 946 -0.07 0.83 -21.20
N SER C 947 1.01 0.35 -20.58
CA SER C 947 0.94 -0.02 -19.16
C SER C 947 0.96 1.21 -18.27
N GLY C 948 1.65 2.27 -18.69
CA GLY C 948 1.77 3.45 -17.85
C GLY C 948 0.43 4.14 -17.64
N ILE C 949 -0.32 4.32 -18.73
CA ILE C 949 -1.59 5.05 -18.64
C ILE C 949 -2.61 4.27 -17.82
N HIS C 950 -2.46 2.94 -17.75
CA HIS C 950 -3.45 2.11 -17.07
C HIS C 950 -3.07 1.79 -15.63
N SER C 951 -1.95 1.10 -15.43
CA SER C 951 -1.62 0.57 -14.11
C SER C 951 -1.36 1.69 -13.11
N LEU C 952 -0.64 2.72 -13.54
CA LEU C 952 -0.31 3.82 -12.65
C LEU C 952 -1.56 4.53 -12.16
N PHE C 953 -2.38 5.00 -13.10
CA PHE C 953 -3.66 5.59 -12.73
C PHE C 953 -4.42 4.69 -11.78
N GLY C 954 -4.44 3.38 -12.07
CA GLY C 954 -5.18 2.47 -11.22
C GLY C 954 -4.72 2.51 -9.78
N VAL C 955 -3.42 2.31 -9.57
CA VAL C 955 -2.91 2.26 -8.20
C VAL C 955 -3.15 3.59 -7.49
N LEU C 956 -2.89 4.70 -8.18
CA LEU C 956 -3.09 6.00 -7.55
C LEU C 956 -4.53 6.17 -7.09
N VAL C 957 -5.48 6.05 -8.01
CA VAL C 957 -6.87 6.31 -7.67
C VAL C 957 -7.34 5.34 -6.60
N SER C 958 -6.81 4.12 -6.60
CA SER C 958 -7.22 3.16 -5.58
C SER C 958 -6.77 3.60 -4.19
N PHE C 959 -5.48 3.88 -4.05
CA PHE C 959 -4.99 4.50 -2.82
C PHE C 959 -5.94 5.59 -2.36
N LEU C 960 -6.17 6.57 -3.24
CA LEU C 960 -6.93 7.75 -2.86
C LEU C 960 -8.31 7.39 -2.36
N VAL C 961 -9.01 6.52 -3.09
CA VAL C 961 -10.41 6.26 -2.80
C VAL C 961 -10.55 5.48 -1.50
N VAL C 962 -9.58 4.62 -1.17
CA VAL C 962 -9.70 3.89 0.08
C VAL C 962 -9.31 4.78 1.27
N PHE C 963 -8.36 5.69 1.06
CA PHE C 963 -7.99 6.58 2.14
C PHE C 963 -9.14 7.53 2.49
N ARG C 964 -9.82 8.06 1.46
CA ARG C 964 -10.94 8.95 1.69
C ARG C 964 -12.08 8.28 2.44
N THR C 965 -12.07 6.96 2.56
CA THR C 965 -13.09 6.20 3.27
C THR C 965 -12.66 5.84 4.68
N GLN C 966 -11.40 5.43 4.83
CA GLN C 966 -10.84 5.25 6.15
C GLN C 966 -10.83 6.56 6.92
N ALA C 967 -10.93 7.69 6.23
CA ALA C 967 -10.98 8.96 6.93
C ALA C 967 -12.38 9.30 7.42
N ALA C 968 -13.41 8.70 6.83
CA ALA C 968 -14.77 9.01 7.25
C ALA C 968 -15.25 8.06 8.34
N PHE C 969 -14.82 6.80 8.27
CA PHE C 969 -15.14 5.87 9.36
C PHE C 969 -14.75 6.47 10.72
N LYS C 970 -13.63 7.19 10.75
CA LYS C 970 -13.14 7.75 12.01
C LYS C 970 -14.10 8.81 12.55
N LYS C 971 -14.62 9.67 11.68
CA LYS C 971 -15.57 10.68 12.12
C LYS C 971 -16.83 10.03 12.66
N TRP C 972 -17.33 9.01 11.96
CA TRP C 972 -18.46 8.24 12.48
C TRP C 972 -18.20 7.80 13.93
N TRP C 973 -17.04 7.17 14.15
CA TRP C 973 -16.74 6.67 15.49
C TRP C 973 -16.66 7.80 16.51
N SER C 974 -16.01 8.91 16.15
CA SER C 974 -15.88 10.02 17.07
C SER C 974 -17.24 10.55 17.49
N GLY C 975 -18.19 10.59 16.56
CA GLY C 975 -19.53 11.00 16.92
C GLY C 975 -20.17 10.06 17.93
N ARG C 976 -20.01 8.75 17.70
CA ARG C 976 -20.50 7.80 18.69
C ARG C 976 -19.96 8.10 20.07
N SER C 977 -18.65 8.32 20.16
CA SER C 977 -18.01 8.59 21.44
C SER C 977 -18.60 9.84 22.10
N ALA C 978 -18.74 10.91 21.32
CA ALA C 978 -19.31 12.14 21.84
C ALA C 978 -20.67 11.90 22.48
N VAL C 979 -21.55 11.21 21.76
CA VAL C 979 -22.89 10.95 22.28
C VAL C 979 -22.83 10.21 23.61
N SER C 980 -22.04 9.14 23.66
CA SER C 980 -21.96 8.37 24.89
C SER C 980 -21.50 9.24 26.06
N SER C 981 -20.47 10.06 25.82
CA SER C 981 -19.95 10.90 26.89
C SER C 981 -21.00 11.87 27.39
N LEU C 982 -21.75 12.48 26.47
CA LEU C 982 -22.81 13.40 26.85
C LEU C 982 -23.81 12.72 27.79
N VAL C 983 -24.30 11.56 27.38
CA VAL C 983 -25.26 10.83 28.23
C VAL C 983 -24.70 10.61 29.62
N GLN C 984 -23.47 10.08 29.67
CA GLN C 984 -22.88 9.74 30.97
C GLN C 984 -22.75 10.98 31.87
N MET C 985 -22.32 12.10 31.30
CA MET C 985 -22.18 13.31 32.11
C MET C 985 -23.53 13.75 32.64
N SER C 986 -24.57 13.68 31.82
CA SER C 986 -25.89 14.08 32.30
C SER C 986 -26.29 13.26 33.52
N ARG C 987 -26.11 11.95 33.44
CA ARG C 987 -26.50 11.11 34.57
C ARG C 987 -25.71 11.44 35.83
N THR C 988 -24.40 11.64 35.69
CA THR C 988 -23.61 11.97 36.87
C THR C 988 -24.05 13.28 37.49
N PHE C 989 -24.31 14.28 36.65
CA PHE C 989 -24.82 15.56 37.15
C PHE C 989 -26.08 15.38 37.96
N ALA C 990 -27.03 14.60 37.44
CA ALA C 990 -28.28 14.42 38.15
C ALA C 990 -28.07 13.76 39.50
N GLN C 991 -27.26 12.70 39.53
CA GLN C 991 -27.00 12.03 40.81
C GLN C 991 -26.37 13.00 41.81
N GLN C 992 -25.30 13.68 41.39
CA GLN C 992 -24.64 14.65 42.25
C GLN C 992 -25.64 15.62 42.84
N VAL C 993 -26.52 16.17 42.00
CA VAL C 993 -27.50 17.14 42.49
C VAL C 993 -28.41 16.49 43.52
N CYS C 994 -29.01 15.35 43.17
CA CYS C 994 -30.01 14.77 44.04
C CYS C 994 -29.42 14.28 45.35
N ALA C 995 -28.10 14.15 45.44
CA ALA C 995 -27.50 13.71 46.69
C ALA C 995 -26.92 14.85 47.51
N TYR C 996 -26.18 15.76 46.89
CA TYR C 996 -25.48 16.81 47.60
C TYR C 996 -26.29 18.09 47.73
N VAL C 997 -27.61 18.01 47.55
CA VAL C 997 -28.48 19.16 47.72
C VAL C 997 -29.68 18.73 48.56
N LYS C 998 -30.18 19.67 49.37
CA LYS C 998 -31.16 19.37 50.40
C LYS C 998 -32.53 19.95 50.13
N ASP C 999 -32.63 20.97 49.29
CA ASP C 999 -33.93 21.53 48.95
C ASP C 999 -34.59 20.63 47.91
N GLU C 1000 -35.78 21.01 47.47
CA GLU C 1000 -36.54 20.18 46.54
C GLU C 1000 -37.09 20.93 45.34
N ALA C 1001 -37.18 22.26 45.38
CA ALA C 1001 -37.68 22.99 44.23
C ALA C 1001 -36.57 23.30 43.24
N TYR C 1002 -35.33 23.40 43.72
CA TYR C 1002 -34.20 23.58 42.81
C TYR C 1002 -33.89 22.29 42.07
N VAL C 1003 -34.04 21.15 42.74
CA VAL C 1003 -33.68 19.86 42.18
C VAL C 1003 -34.47 19.59 40.91
N ASN C 1004 -35.80 19.71 40.99
CA ASN C 1004 -36.64 19.53 39.82
C ASN C 1004 -36.13 20.38 38.67
N ARG C 1005 -36.18 21.69 38.85
CA ARG C 1005 -35.71 22.65 37.85
C ARG C 1005 -34.46 22.13 37.16
N MET C 1006 -33.44 21.79 37.94
CA MET C 1006 -32.17 21.36 37.38
C MET C 1006 -32.33 20.12 36.51
N VAL C 1007 -32.86 19.05 37.09
CA VAL C 1007 -32.93 17.77 36.38
C VAL C 1007 -33.73 17.90 35.09
N ARG C 1008 -34.92 18.46 35.20
CA ARG C 1008 -35.79 18.59 34.05
C ARG C 1008 -35.13 19.41 32.95
N TYR C 1009 -34.42 20.47 33.31
CA TYR C 1009 -33.78 21.26 32.28
C TYR C 1009 -32.56 20.56 31.70
N SER C 1010 -31.95 19.63 32.43
CA SER C 1010 -30.91 18.79 31.83
C SER C 1010 -31.49 17.93 30.73
N ILE C 1011 -32.61 17.25 31.02
CA ILE C 1011 -33.30 16.49 29.98
C ILE C 1011 -33.57 17.38 28.78
N ALA C 1012 -34.10 18.57 29.04
CA ALA C 1012 -34.38 19.51 27.97
C ALA C 1012 -33.12 19.82 27.18
N THR C 1013 -31.98 19.90 27.86
CA THR C 1013 -30.72 20.17 27.16
C THR C 1013 -30.41 19.09 26.15
N VAL C 1014 -30.54 17.83 26.55
CA VAL C 1014 -30.32 16.73 25.61
C VAL C 1014 -31.25 16.87 24.42
N VAL C 1015 -32.54 16.98 24.69
CA VAL C 1015 -33.51 17.04 23.59
C VAL C 1015 -33.24 18.24 22.70
N ALA C 1016 -32.66 19.30 23.26
CA ALA C 1016 -32.35 20.48 22.48
C ALA C 1016 -31.19 20.24 21.54
N THR C 1017 -30.12 19.63 22.04
CA THR C 1017 -28.99 19.37 21.15
C THR C 1017 -29.38 18.40 20.05
N ARG C 1018 -30.32 17.49 20.29
CA ARG C 1018 -30.75 16.60 19.18
C ARG C 1018 -31.46 17.42 18.11
N CYS C 1019 -31.85 18.64 18.43
CA CYS C 1019 -32.55 19.48 17.48
C CYS C 1019 -31.73 20.69 17.05
N HIS C 1020 -30.50 20.80 17.51
CA HIS C 1020 -29.57 21.81 17.03
C HIS C 1020 -28.73 21.30 15.88
N LEU C 1021 -28.59 19.97 15.78
CA LEU C 1021 -27.84 19.36 14.70
C LEU C 1021 -28.67 19.20 13.44
N ARG C 1022 -29.99 19.28 13.55
CA ARG C 1022 -30.89 19.10 12.43
C ARG C 1022 -31.63 20.38 12.08
N ASN C 1023 -31.28 21.49 12.70
CA ASN C 1023 -31.85 22.81 12.40
C ASN C 1023 -33.38 22.75 12.35
N THR C 1024 -33.95 22.42 13.50
CA THR C 1024 -35.40 22.41 13.67
C THR C 1024 -35.74 23.11 14.98
N ARG C 1025 -37.00 23.03 15.36
CA ARG C 1025 -37.47 23.43 16.68
C ARG C 1025 -38.15 22.23 17.32
N ILE C 1026 -38.64 22.43 18.53
CA ILE C 1026 -39.05 21.32 19.38
C ILE C 1026 -40.53 21.05 19.24
N ASP C 1027 -40.89 19.77 19.32
CA ASP C 1027 -42.28 19.34 19.32
C ASP C 1027 -42.72 19.11 20.76
N PRO C 1028 -43.69 19.87 21.28
CA PRO C 1028 -44.06 19.69 22.69
C PRO C 1028 -44.30 18.26 23.11
N ALA C 1029 -44.75 17.40 22.21
CA ALA C 1029 -45.02 16.02 22.56
C ALA C 1029 -43.82 15.32 23.17
N MET C 1030 -42.62 15.85 22.95
CA MET C 1030 -41.40 15.25 23.48
C MET C 1030 -41.05 15.77 24.86
N LEU C 1031 -41.81 16.74 25.38
CA LEU C 1031 -41.58 17.34 26.69
C LEU C 1031 -42.89 17.48 27.44
N LEU C 1032 -43.67 16.40 27.47
CA LEU C 1032 -45.02 16.48 28.02
C LEU C 1032 -45.01 16.48 29.55
N GLY C 1033 -44.53 15.40 30.15
CA GLY C 1033 -44.55 15.25 31.58
C GLY C 1033 -43.32 15.76 32.30
N VAL C 1034 -42.49 16.55 31.63
CA VAL C 1034 -41.28 17.07 32.23
C VAL C 1034 -41.31 18.58 32.43
N LEU C 1035 -42.00 19.33 31.57
CA LEU C 1035 -42.01 20.78 31.65
C LEU C 1035 -43.41 21.32 31.50
N LYS C 1036 -43.60 22.54 32.01
CA LYS C 1036 -44.82 23.27 31.77
C LYS C 1036 -44.79 23.93 30.40
N GLU C 1037 -45.97 24.23 29.88
CA GLU C 1037 -46.10 24.73 28.52
C GLU C 1037 -45.31 26.02 28.33
N GLU C 1038 -45.60 27.03 29.15
CA GLU C 1038 -44.96 28.33 28.99
C GLU C 1038 -43.46 28.21 28.86
N GLU C 1039 -42.84 27.28 29.60
CA GLU C 1039 -41.41 27.08 29.48
C GLU C 1039 -41.04 26.65 28.07
N ILE C 1040 -41.86 25.79 27.46
CA ILE C 1040 -41.59 25.32 26.11
C ILE C 1040 -41.71 26.46 25.11
N GLU C 1041 -42.79 27.25 25.21
CA GLU C 1041 -42.91 28.39 24.29
C GLU C 1041 -41.79 29.40 24.48
N GLU C 1042 -41.27 29.52 25.70
CA GLU C 1042 -40.14 30.42 25.92
C GLU C 1042 -38.87 29.85 25.33
N LEU C 1043 -38.70 28.52 25.38
CA LEU C 1043 -37.56 27.90 24.73
C LEU C 1043 -37.58 28.18 23.23
N ASN C 1044 -38.63 27.71 22.54
CA ASN C 1044 -38.65 27.82 21.09
C ASN C 1044 -38.53 29.25 20.60
N ARG C 1045 -38.61 30.24 21.49
CA ARG C 1045 -38.44 31.63 21.14
C ARG C 1045 -36.98 32.07 21.11
N GLN C 1046 -36.04 31.15 21.34
CA GLN C 1046 -34.62 31.46 21.34
C GLN C 1046 -33.96 30.97 20.06
N LYS C 1047 -32.67 31.28 19.95
CA LYS C 1047 -31.88 30.96 18.76
C LYS C 1047 -30.94 29.80 19.02
N ASN C 1048 -30.26 29.79 20.17
CA ASN C 1048 -29.40 28.70 20.58
C ASN C 1048 -29.89 28.18 21.92
N LEU C 1049 -30.36 26.94 21.94
CA LEU C 1049 -31.10 26.38 23.05
C LEU C 1049 -30.22 25.88 24.19
N PRO C 1050 -29.19 25.09 23.90
CA PRO C 1050 -28.34 24.58 24.99
C PRO C 1050 -27.71 25.69 25.81
N PHE C 1051 -27.28 26.76 25.14
CA PHE C 1051 -26.92 28.00 25.82
C PHE C 1051 -27.92 28.36 26.90
N TYR C 1052 -29.19 28.42 26.51
CA TYR C 1052 -30.24 28.88 27.42
C TYR C 1052 -30.38 27.92 28.60
N THR C 1053 -30.41 26.62 28.32
CA THR C 1053 -30.61 25.65 29.39
C THR C 1053 -29.47 25.70 30.39
N ALA C 1054 -28.24 25.82 29.90
CA ALA C 1054 -27.09 25.89 30.78
C ALA C 1054 -27.14 27.16 31.64
N TRP C 1055 -27.48 28.29 31.02
CA TRP C 1055 -27.62 29.52 31.78
C TRP C 1055 -28.62 29.36 32.92
N VAL C 1056 -29.77 28.76 32.60
CA VAL C 1056 -30.78 28.49 33.63
C VAL C 1056 -30.17 27.71 34.77
N ILE C 1057 -29.61 26.54 34.45
CA ILE C 1057 -29.04 25.67 35.46
C ILE C 1057 -28.08 26.43 36.36
N ARG C 1058 -27.20 27.23 35.75
CA ARG C 1058 -26.16 27.89 36.53
C ARG C 1058 -26.75 28.92 37.49
N SER C 1059 -27.66 29.76 36.98
CA SER C 1059 -28.29 30.73 37.87
C SER C 1059 -28.97 30.03 39.04
N THR C 1060 -29.61 28.90 38.76
CA THR C 1060 -30.31 28.16 39.80
C THR C 1060 -29.34 27.64 40.85
N LEU C 1061 -28.23 27.07 40.41
CA LEU C 1061 -27.24 26.55 41.35
C LEU C 1061 -26.63 27.67 42.18
N ALA C 1062 -26.49 28.86 41.61
CA ALA C 1062 -25.99 29.99 42.39
C ALA C 1062 -26.99 30.36 43.48
N GLU C 1063 -28.26 30.50 43.11
CA GLU C 1063 -29.29 30.70 44.12
C GLU C 1063 -29.13 29.69 45.25
N ALA C 1064 -28.95 28.42 44.92
CA ALA C 1064 -28.83 27.39 45.95
C ALA C 1064 -27.63 27.65 46.84
N VAL C 1065 -26.47 27.90 46.23
CA VAL C 1065 -25.25 28.03 47.03
C VAL C 1065 -25.35 29.22 47.98
N ALA C 1066 -26.00 30.29 47.56
CA ALA C 1066 -26.08 31.47 48.41
C ALA C 1066 -26.79 31.16 49.72
N GLU C 1067 -27.88 30.39 49.66
CA GLU C 1067 -28.70 30.09 50.81
C GLU C 1067 -28.20 28.91 51.63
N GLY C 1068 -26.94 28.53 51.46
CA GLY C 1068 -26.39 27.42 52.24
C GLY C 1068 -27.21 26.16 52.15
N ALA C 1069 -27.78 25.90 50.98
CA ALA C 1069 -28.52 24.67 50.74
C ALA C 1069 -27.67 23.57 50.14
N CYS C 1070 -26.38 23.82 49.93
CA CYS C 1070 -25.52 22.89 49.22
C CYS C 1070 -24.26 22.63 50.04
N LEU C 1071 -23.87 21.37 50.07
CA LEU C 1071 -22.64 20.94 50.74
C LEU C 1071 -21.42 21.45 50.00
N PRO C 1072 -20.22 21.25 50.53
CA PRO C 1072 -19.01 21.80 49.89
C PRO C 1072 -18.61 21.13 48.59
N LEU C 1073 -19.46 20.27 48.04
CA LEU C 1073 -19.15 19.49 46.85
C LEU C 1073 -19.60 20.15 45.55
N HIS C 1074 -19.65 21.48 45.51
CA HIS C 1074 -20.29 22.16 44.38
C HIS C 1074 -19.38 22.27 43.16
N MET C 1075 -18.07 22.34 43.37
CA MET C 1075 -17.16 22.45 42.24
C MET C 1075 -17.29 21.26 41.30
N ALA C 1076 -17.56 20.08 41.85
CA ALA C 1076 -17.80 18.91 41.02
C ALA C 1076 -18.97 19.13 40.08
N ILE C 1077 -20.05 19.71 40.62
CA ILE C 1077 -21.23 19.97 39.81
C ILE C 1077 -20.89 20.94 38.68
N GLU C 1078 -20.23 22.03 39.01
CA GLU C 1078 -19.83 22.99 37.98
C GLU C 1078 -18.98 22.31 36.91
N ASN C 1079 -18.04 21.47 37.31
CA ASN C 1079 -17.17 20.81 36.34
C ASN C 1079 -17.95 19.89 35.42
N ALA C 1080 -18.93 19.16 35.97
CA ALA C 1080 -19.79 18.33 35.13
C ALA C 1080 -20.50 19.17 34.08
N ILE C 1081 -21.06 20.31 34.50
CA ILE C 1081 -21.71 21.18 33.52
C ILE C 1081 -20.72 21.57 32.44
N LYS C 1082 -19.50 21.90 32.84
CA LYS C 1082 -18.50 22.29 31.84
C LYS C 1082 -18.23 21.16 30.86
N ALA C 1083 -18.22 19.92 31.35
CA ALA C 1083 -17.83 18.80 30.50
C ALA C 1083 -18.92 18.40 29.53
N ILE C 1084 -20.18 18.75 29.82
CA ILE C 1084 -21.25 18.49 28.86
C ILE C 1084 -21.02 19.25 27.56
N GLU C 1085 -20.68 20.53 27.69
CA GLU C 1085 -20.60 21.42 26.54
C GLU C 1085 -19.48 21.02 25.59
N GLN C 1086 -18.38 20.49 26.10
CA GLN C 1086 -17.31 19.99 25.24
C GLN C 1086 -17.83 18.92 24.29
N SER C 1087 -18.55 17.94 24.84
CA SER C 1087 -19.17 16.91 24.03
C SER C 1087 -20.03 17.52 22.94
N ILE C 1088 -20.86 18.49 23.33
CA ILE C 1088 -21.71 19.15 22.35
C ILE C 1088 -20.88 19.74 21.22
N ALA C 1089 -19.82 20.45 21.58
CA ALA C 1089 -19.02 21.14 20.58
C ALA C 1089 -18.36 20.16 19.61
N ASP C 1090 -17.89 19.02 20.12
CA ASP C 1090 -17.36 17.99 19.22
C ASP C 1090 -18.42 17.54 18.23
N ALA C 1091 -19.59 17.17 18.76
CA ALA C 1091 -20.68 16.77 17.87
C ALA C 1091 -20.94 17.83 16.82
N GLU C 1092 -20.74 19.09 17.15
CA GLU C 1092 -21.00 20.15 16.17
C GLU C 1092 -19.88 20.26 15.15
N ARG C 1093 -18.63 20.05 15.56
CA ARG C 1093 -17.56 19.95 14.57
C ARG C 1093 -17.93 18.96 13.49
N LEU C 1094 -18.52 17.83 13.89
CA LEU C 1094 -18.67 16.74 12.94
C LEU C 1094 -19.62 17.05 11.78
N LEU C 1095 -20.08 18.29 11.66
CA LEU C 1095 -20.93 18.70 10.56
C LEU C 1095 -20.19 19.34 9.40
N THR C 1096 -18.91 19.58 9.53
CA THR C 1096 -18.20 20.20 8.42
C THR C 1096 -17.91 19.19 7.32
N PRO C 1097 -17.95 19.62 6.06
CA PRO C 1097 -17.54 18.73 4.97
C PRO C 1097 -16.07 18.86 4.65
N MET C 1098 -15.51 17.78 4.13
CA MET C 1098 -14.13 17.77 3.70
C MET C 1098 -13.88 18.93 2.74
N PRO C 1099 -12.64 19.35 2.58
CA PRO C 1099 -12.37 20.52 1.74
C PRO C 1099 -12.56 20.25 0.26
N PHE C 1100 -12.85 21.31 -0.46
CA PHE C 1100 -13.21 21.23 -1.88
C PHE C 1100 -12.10 20.58 -2.70
N THR C 1101 -10.92 21.19 -2.70
CA THR C 1101 -9.79 20.77 -3.53
C THR C 1101 -9.61 19.25 -3.53
N TYR C 1102 -9.48 18.67 -2.33
CA TYR C 1102 -9.15 17.26 -2.20
C TYR C 1102 -10.22 16.38 -2.80
N VAL C 1103 -11.44 16.87 -2.90
CA VAL C 1103 -12.55 16.08 -3.43
C VAL C 1103 -12.64 16.23 -4.94
N VAL C 1104 -12.51 17.46 -5.41
CA VAL C 1104 -12.54 17.72 -6.85
C VAL C 1104 -11.49 16.88 -7.57
N HIS C 1105 -10.25 16.95 -7.09
CA HIS C 1105 -9.16 16.19 -7.70
C HIS C 1105 -9.53 14.72 -7.86
N VAL C 1106 -9.84 14.09 -6.74
CA VAL C 1106 -10.19 12.67 -6.70
C VAL C 1106 -11.25 12.36 -7.74
N ARG C 1107 -12.38 13.07 -7.64
CA ARG C 1107 -13.53 12.71 -8.46
C ARG C 1107 -13.23 12.83 -9.94
N THR C 1108 -12.59 13.93 -10.34
CA THR C 1108 -12.36 14.12 -11.77
C THR C 1108 -11.43 13.05 -12.32
N PHE C 1109 -10.38 12.70 -11.58
CA PHE C 1109 -9.46 11.72 -12.14
C PHE C 1109 -10.06 10.31 -12.15
N LEU C 1110 -10.94 10.01 -11.18
CA LEU C 1110 -11.71 8.78 -11.25
C LEU C 1110 -12.53 8.72 -12.53
N PHE C 1111 -13.29 9.77 -12.78
CA PHE C 1111 -14.08 9.87 -14.01
C PHE C 1111 -13.22 9.61 -15.24
N ILE C 1112 -12.04 10.21 -15.28
CA ILE C 1112 -11.15 10.04 -16.43
C ILE C 1112 -10.78 8.57 -16.60
N TYR C 1113 -10.22 7.96 -15.55
CA TYR C 1113 -9.84 6.56 -15.61
C TYR C 1113 -10.97 5.71 -16.18
N LEU C 1114 -12.19 5.91 -15.67
CA LEU C 1114 -13.30 5.09 -16.13
C LEU C 1114 -13.59 5.31 -17.60
N MET C 1115 -13.63 6.57 -18.02
CA MET C 1115 -13.93 6.86 -19.41
C MET C 1115 -12.84 6.36 -20.35
N GLY C 1116 -11.66 6.07 -19.82
CA GLY C 1116 -10.58 5.60 -20.67
C GLY C 1116 -10.42 4.11 -20.73
N LEU C 1117 -10.95 3.40 -19.73
CA LEU C 1117 -10.77 1.95 -19.66
C LEU C 1117 -11.12 1.19 -20.95
N PRO C 1118 -12.30 1.37 -21.54
CA PRO C 1118 -12.67 0.51 -22.69
C PRO C 1118 -11.68 0.55 -23.83
N PHE C 1119 -11.32 1.76 -24.28
CA PHE C 1119 -10.43 1.89 -25.42
C PHE C 1119 -9.20 1.01 -25.31
N ILE C 1120 -8.80 0.66 -24.09
CA ILE C 1120 -7.67 -0.23 -23.90
C ILE C 1120 -8.09 -1.66 -23.62
N LEU C 1121 -9.31 -1.89 -23.15
CA LEU C 1121 -9.73 -3.25 -22.85
C LEU C 1121 -10.34 -3.97 -24.03
N VAL C 1122 -10.97 -3.26 -24.97
CA VAL C 1122 -11.76 -3.91 -26.01
C VAL C 1122 -10.90 -4.75 -26.95
N GLU C 1123 -9.58 -4.54 -26.94
CA GLU C 1123 -8.72 -5.26 -27.88
C GLU C 1123 -8.88 -6.76 -27.75
N ASP C 1124 -9.03 -7.25 -26.52
CA ASP C 1124 -9.02 -8.68 -26.27
C ASP C 1124 -10.39 -9.26 -25.90
N LEU C 1125 -11.41 -8.43 -25.74
CA LEU C 1125 -12.72 -8.90 -25.34
C LEU C 1125 -13.81 -8.14 -26.07
N GLY C 1126 -15.05 -8.56 -25.82
CA GLY C 1126 -16.21 -7.87 -26.33
C GLY C 1126 -17.14 -7.46 -25.19
N TRP C 1127 -18.35 -8.00 -25.19
CA TRP C 1127 -19.31 -7.70 -24.14
C TRP C 1127 -18.72 -7.86 -22.74
N LEU C 1128 -17.68 -8.68 -22.59
CA LEU C 1128 -17.05 -8.85 -21.29
C LEU C 1128 -16.41 -7.56 -20.81
N MET C 1129 -15.72 -6.86 -21.71
CA MET C 1129 -15.25 -5.52 -21.39
C MET C 1129 -16.36 -4.68 -20.79
N LEU C 1130 -17.54 -4.73 -21.41
CA LEU C 1130 -18.67 -3.94 -20.96
C LEU C 1130 -19.09 -4.30 -19.55
N VAL C 1131 -19.31 -5.59 -19.30
CA VAL C 1131 -19.80 -5.99 -17.98
C VAL C 1131 -18.76 -5.69 -16.91
N ALA C 1132 -17.49 -5.91 -17.22
CA ALA C 1132 -16.42 -5.62 -16.27
C ALA C 1132 -16.39 -4.14 -15.93
N VAL C 1133 -16.49 -3.27 -16.92
CA VAL C 1133 -16.44 -1.84 -16.64
C VAL C 1133 -17.65 -1.44 -15.80
N SER C 1134 -18.81 -2.03 -16.08
CA SER C 1134 -19.98 -1.73 -15.26
C SER C 1134 -19.72 -2.06 -13.79
N PHE C 1135 -19.27 -3.29 -13.52
CA PHE C 1135 -19.06 -3.71 -12.14
C PHE C 1135 -18.00 -2.86 -11.45
N LEU C 1136 -16.87 -2.64 -12.11
CA LEU C 1136 -15.80 -1.84 -11.51
C LEU C 1136 -16.27 -0.43 -11.19
N GLY C 1137 -16.98 0.20 -12.14
CA GLY C 1137 -17.54 1.51 -11.88
C GLY C 1137 -18.44 1.50 -10.66
N TYR C 1138 -19.30 0.49 -10.53
CA TYR C 1138 -20.14 0.42 -9.35
C TYR C 1138 -19.30 0.39 -8.09
N LEU C 1139 -18.29 -0.48 -8.05
CA LEU C 1139 -17.43 -0.55 -6.87
C LEU C 1139 -16.95 0.83 -6.48
N MET C 1140 -16.29 1.51 -7.42
CA MET C 1140 -15.60 2.76 -7.08
C MET C 1140 -16.61 3.84 -6.66
N ILE C 1141 -17.64 4.04 -7.47
CA ILE C 1141 -18.59 5.11 -7.21
C ILE C 1141 -19.34 4.86 -5.91
N GLY C 1142 -19.66 3.59 -5.65
CA GLY C 1142 -20.30 3.25 -4.39
C GLY C 1142 -19.41 3.54 -3.21
N LEU C 1143 -18.11 3.28 -3.35
CA LEU C 1143 -17.18 3.64 -2.28
C LEU C 1143 -17.26 5.13 -1.98
N GLU C 1144 -17.22 5.95 -3.03
CA GLU C 1144 -17.23 7.39 -2.81
C GLU C 1144 -18.52 7.83 -2.12
N ASN C 1145 -19.67 7.37 -2.63
CA ASN C 1145 -20.93 7.79 -2.03
C ASN C 1145 -21.10 7.25 -0.61
N THR C 1146 -20.58 6.05 -0.34
CA THR C 1146 -20.57 5.52 1.02
C THR C 1146 -19.80 6.44 1.96
N ALA C 1147 -18.63 6.90 1.51
CA ALA C 1147 -17.88 7.86 2.30
C ALA C 1147 -18.71 9.11 2.57
N VAL C 1148 -19.36 9.63 1.53
CA VAL C 1148 -20.22 10.80 1.71
C VAL C 1148 -21.20 10.55 2.84
N GLN C 1149 -21.93 9.43 2.77
CA GLN C 1149 -22.90 9.11 3.81
C GLN C 1149 -22.25 9.15 5.19
N LEU C 1150 -21.22 8.32 5.38
CA LEU C 1150 -20.60 8.22 6.70
C LEU C 1150 -20.04 9.53 7.20
N GLU C 1151 -19.79 10.49 6.31
CA GLU C 1151 -19.11 11.71 6.72
C GLU C 1151 -19.88 12.44 7.83
N ASN C 1152 -21.16 12.72 7.60
CA ASN C 1152 -22.01 13.33 8.62
C ASN C 1152 -22.82 12.24 9.31
N PRO C 1153 -22.58 11.94 10.57
CA PRO C 1153 -23.30 10.82 11.20
C PRO C 1153 -24.70 11.17 11.66
N PHE C 1154 -25.04 12.45 11.73
CA PHE C 1154 -26.30 12.89 12.30
C PHE C 1154 -27.26 13.27 11.17
N GLY C 1155 -28.32 12.49 11.02
CA GLY C 1155 -29.26 12.72 9.95
C GLY C 1155 -30.36 11.67 9.97
N THR C 1156 -31.15 11.68 8.90
CA THR C 1156 -32.32 10.81 8.83
C THR C 1156 -31.98 9.46 8.22
N ASP C 1157 -30.90 9.40 7.45
CA ASP C 1157 -30.55 8.18 6.72
C ASP C 1157 -30.45 6.99 7.67
N CYS C 1158 -30.51 5.79 7.12
CA CYS C 1158 -30.64 4.60 7.96
C CYS C 1158 -29.31 4.15 8.53
N ASN C 1159 -28.20 4.61 7.96
CA ASN C 1159 -26.89 4.27 8.49
C ASN C 1159 -26.42 5.26 9.54
N HIS C 1160 -27.25 6.23 9.92
CA HIS C 1160 -26.84 7.26 10.84
C HIS C 1160 -27.15 6.85 12.28
N HIS C 1161 -26.81 7.75 13.21
CA HIS C 1161 -26.90 7.41 14.62
C HIS C 1161 -28.32 7.61 15.14
N PRO C 1162 -28.80 6.74 16.03
CA PRO C 1162 -30.17 6.85 16.55
C PRO C 1162 -30.30 7.75 17.78
N LEU C 1163 -30.37 9.06 17.52
CA LEU C 1163 -30.41 10.02 18.62
C LEU C 1163 -31.68 9.87 19.45
N ASP C 1164 -32.77 9.44 18.83
CA ASP C 1164 -34.08 9.53 19.48
C ASP C 1164 -34.22 8.51 20.59
N LEU C 1165 -33.37 7.48 20.61
CA LEU C 1165 -33.47 6.46 21.65
C LEU C 1165 -32.71 6.87 22.90
N TYR C 1166 -31.58 7.57 22.72
CA TYR C 1166 -30.79 8.02 23.85
C TYR C 1166 -31.59 8.97 24.73
N CYS C 1167 -32.30 9.92 24.12
CA CYS C 1167 -33.15 10.85 24.86
C CYS C 1167 -34.14 10.10 25.74
N LEU C 1168 -34.80 9.11 25.14
CA LEU C 1168 -35.76 8.28 25.87
C LEU C 1168 -35.12 7.62 27.08
N GLU C 1169 -33.98 6.96 26.85
CA GLU C 1169 -33.22 6.35 27.93
C GLU C 1169 -33.00 7.33 29.08
N VAL C 1170 -32.49 8.51 28.75
CA VAL C 1170 -32.15 9.50 29.77
C VAL C 1170 -33.39 9.90 30.56
N SER C 1171 -34.47 10.23 29.85
CA SER C 1171 -35.73 10.56 30.51
C SER C 1171 -36.11 9.50 31.53
N GLN C 1172 -36.15 8.24 31.08
CA GLN C 1172 -36.51 7.16 31.98
C GLN C 1172 -35.66 7.19 33.25
N ASP C 1173 -34.33 7.19 33.07
CA ASP C 1173 -33.44 7.06 34.21
C ASP C 1173 -33.67 8.19 35.21
N LEU C 1174 -33.67 9.43 34.74
CA LEU C 1174 -33.76 10.55 35.67
C LEU C 1174 -35.11 10.59 36.38
N LEU C 1175 -36.19 10.29 35.66
CA LEU C 1175 -37.50 10.32 36.30
C LEU C 1175 -37.67 9.19 37.30
N HIS C 1176 -36.93 8.09 37.13
CA HIS C 1176 -36.91 7.08 38.18
C HIS C 1176 -36.07 7.53 39.36
N LEU C 1177 -35.01 8.28 39.09
CA LEU C 1177 -34.13 8.75 40.16
C LEU C 1177 -34.85 9.66 41.12
N LEU C 1178 -35.64 10.59 40.59
CA LEU C 1178 -36.44 11.45 41.46
C LEU C 1178 -37.24 10.64 42.47
N ASP C 1179 -37.85 9.54 42.01
CA ASP C 1179 -38.71 8.76 42.89
C ASP C 1179 -37.89 8.00 43.91
N LEU C 1180 -36.74 7.47 43.49
CA LEU C 1180 -35.85 6.84 44.44
C LEU C 1180 -35.53 7.79 45.59
N ARG C 1181 -35.13 9.02 45.25
CA ARG C 1181 -34.83 10.00 46.27
C ARG C 1181 -36.03 10.25 47.17
N ALA C 1182 -37.19 10.50 46.57
CA ALA C 1182 -38.38 10.82 47.36
C ALA C 1182 -38.68 9.71 48.35
N SER C 1183 -38.65 8.46 47.90
CA SER C 1183 -38.92 7.35 48.79
C SER C 1183 -37.89 7.31 49.93
N ALA C 1184 -36.61 7.34 49.59
CA ALA C 1184 -35.59 7.26 50.63
C ALA C 1184 -35.65 8.45 51.58
N LYS C 1185 -36.31 9.53 51.19
CA LYS C 1185 -36.44 10.69 52.07
C LYS C 1185 -37.60 10.52 53.04
N ALA C 1186 -38.66 9.83 52.63
CA ALA C 1186 -39.81 9.57 53.49
C ALA C 1186 -39.55 8.50 54.54
N GLN C 1187 -38.30 8.07 54.70
CA GLN C 1187 -37.96 7.07 55.69
C GLN C 1187 -36.46 7.06 55.96
N SER D 62 22.04 -42.06 44.19
CA SER D 62 21.63 -41.63 42.85
C SER D 62 22.17 -40.24 42.53
N ASP D 63 23.16 -40.18 41.63
CA ASP D 63 23.73 -38.91 41.19
C ASP D 63 23.98 -38.88 39.69
N LEU D 64 23.39 -39.80 38.94
CA LEU D 64 23.61 -39.87 37.50
C LEU D 64 23.02 -38.65 36.80
N ASN D 65 23.23 -38.60 35.49
CA ASN D 65 22.71 -37.55 34.64
C ASN D 65 22.26 -38.18 33.33
N PHE D 66 21.98 -37.34 32.33
CA PHE D 66 21.59 -37.81 31.01
C PHE D 66 22.73 -37.75 30.01
N ALA D 67 23.61 -36.76 30.12
CA ALA D 67 24.69 -36.62 29.15
C ALA D 67 25.72 -37.73 29.28
N GLN D 68 26.08 -38.09 30.51
CA GLN D 68 27.12 -39.10 30.71
C GLN D 68 26.72 -40.44 30.09
N VAL D 69 25.46 -40.83 30.27
CA VAL D 69 25.01 -42.14 29.76
C VAL D 69 25.07 -42.15 28.24
N ALA D 70 24.58 -41.09 27.60
CA ALA D 70 24.63 -41.01 26.15
C ALA D 70 26.07 -41.00 25.64
N ARG D 71 26.94 -40.27 26.33
CA ARG D 71 28.35 -40.25 25.95
C ARG D 71 28.95 -41.64 26.00
N ASP D 72 28.69 -42.37 27.08
CA ASP D 72 29.24 -43.71 27.21
C ASP D 72 28.70 -44.65 26.14
N GLU D 73 27.39 -44.60 25.91
CA GLU D 73 26.80 -45.43 24.86
C GLU D 73 27.46 -45.16 23.52
N GLY D 74 27.57 -43.87 23.17
CA GLY D 74 28.24 -43.50 21.94
C GLY D 74 29.64 -44.08 21.85
N ARG D 75 30.49 -43.77 22.83
CA ARG D 75 31.89 -44.19 22.78
C ARG D 75 32.01 -45.70 22.67
N ARG D 76 31.20 -46.44 23.44
CA ARG D 76 31.23 -47.89 23.35
C ARG D 76 30.92 -48.38 21.94
N CYS D 77 29.79 -47.93 21.38
CA CYS D 77 29.40 -48.43 20.07
C CYS D 77 30.38 -48.00 18.99
N LEU D 78 31.00 -46.83 19.15
CA LEU D 78 31.97 -46.38 18.15
C LEU D 78 33.23 -47.22 18.20
N LEU D 79 33.70 -47.57 19.40
CA LEU D 79 34.80 -48.51 19.51
C LEU D 79 34.45 -49.82 18.83
N MET D 80 33.23 -50.32 19.07
CA MET D 80 32.78 -51.55 18.42
C MET D 80 32.90 -51.44 16.91
N CYS D 81 32.33 -50.37 16.34
CA CYS D 81 32.32 -50.22 14.88
C CYS D 81 33.73 -50.12 14.32
N VAL D 82 34.59 -49.30 14.95
CA VAL D 82 35.93 -49.11 14.41
C VAL D 82 36.70 -50.43 14.43
N ALA D 83 36.63 -51.17 15.54
CA ALA D 83 37.31 -52.45 15.61
C ALA D 83 36.80 -53.40 14.53
N PHE D 84 35.48 -53.52 14.42
CA PHE D 84 34.88 -54.45 13.46
C PHE D 84 35.33 -54.13 12.04
N ALA D 85 35.34 -52.85 11.68
CA ALA D 85 35.70 -52.47 10.32
C ALA D 85 37.18 -52.70 10.06
N ILE D 86 38.03 -52.28 11.01
CA ILE D 86 39.47 -52.36 10.79
C ILE D 86 39.92 -53.81 10.70
N ALA D 87 39.29 -54.71 11.46
CA ALA D 87 39.68 -56.12 11.37
C ALA D 87 39.52 -56.63 9.94
N ILE D 88 38.33 -56.44 9.36
CA ILE D 88 38.07 -56.91 8.01
C ILE D 88 39.00 -56.22 7.02
N ALA D 89 39.23 -54.92 7.19
CA ALA D 89 40.09 -54.20 6.26
C ALA D 89 41.52 -54.77 6.27
N HIS D 90 42.07 -54.95 7.47
CA HIS D 90 43.44 -55.47 7.58
C HIS D 90 43.53 -56.88 7.02
N LEU D 91 42.53 -57.73 7.31
CA LEU D 91 42.55 -59.08 6.76
C LEU D 91 42.53 -59.04 5.23
N TYR D 92 41.65 -58.21 4.65
CA TYR D 92 41.61 -58.08 3.20
C TYR D 92 42.96 -57.67 2.65
N ILE D 93 43.60 -56.68 3.29
CA ILE D 93 44.87 -56.19 2.78
C ILE D 93 45.94 -57.27 2.84
N TYR D 94 45.95 -58.04 3.93
CA TYR D 94 47.01 -59.03 4.14
C TYR D 94 46.80 -60.27 3.26
N PRO D 95 45.55 -60.70 3.07
CA PRO D 95 45.32 -62.00 2.41
C PRO D 95 45.65 -62.02 0.92
N ALA D 96 45.82 -60.87 0.27
CA ALA D 96 46.01 -60.86 -1.17
C ALA D 96 47.47 -61.11 -1.56
N LEU D 97 48.37 -60.25 -1.09
CA LEU D 97 49.76 -60.32 -1.54
C LEU D 97 50.58 -61.26 -0.67
N PHE D 98 50.29 -61.32 0.63
CA PHE D 98 51.08 -62.06 1.58
C PHE D 98 50.46 -63.43 1.83
N GLY D 99 51.32 -64.45 1.96
CA GLY D 99 50.87 -65.77 2.32
C GLY D 99 50.23 -66.52 1.16
N VAL D 100 49.83 -67.76 1.46
CA VAL D 100 49.17 -68.61 0.46
C VAL D 100 47.67 -68.44 0.69
N ARG D 101 47.09 -67.47 -0.01
CA ARG D 101 45.66 -67.15 0.08
C ARG D 101 45.13 -66.95 -1.34
N ILE D 102 44.51 -68.00 -1.88
CA ILE D 102 43.93 -67.92 -3.22
C ILE D 102 42.52 -67.39 -3.13
N VAL D 103 42.21 -66.39 -3.95
CA VAL D 103 40.93 -65.69 -3.92
C VAL D 103 40.06 -66.21 -5.05
N ASP D 104 38.97 -66.87 -4.70
CA ASP D 104 38.01 -67.31 -5.69
C ASP D 104 37.39 -66.13 -6.41
N GLN D 105 36.64 -66.41 -7.48
CA GLN D 105 36.01 -65.36 -8.24
C GLN D 105 34.99 -64.61 -7.39
N ALA D 106 34.95 -63.29 -7.52
CA ALA D 106 34.06 -62.48 -6.70
C ALA D 106 32.62 -62.64 -7.14
N GLU D 107 32.38 -62.92 -8.42
CA GLU D 107 31.02 -62.90 -8.95
C GLU D 107 30.20 -64.08 -8.47
N VAL D 108 30.65 -65.30 -8.74
CA VAL D 108 29.81 -66.48 -8.57
C VAL D 108 29.71 -66.87 -7.10
N PRO D 109 28.57 -67.40 -6.63
CA PRO D 109 27.26 -67.48 -7.28
C PRO D 109 26.33 -66.34 -6.87
N ALA D 110 25.26 -66.12 -7.64
CA ALA D 110 24.29 -65.09 -7.29
C ALA D 110 23.19 -65.67 -6.39
N GLU D 111 22.98 -66.99 -6.45
CA GLU D 111 21.86 -67.59 -5.73
C GLU D 111 22.07 -67.59 -4.23
N GLU D 112 23.30 -67.32 -3.77
CA GLU D 112 23.58 -67.39 -2.35
C GLU D 112 23.38 -66.04 -1.65
N ARG D 113 23.36 -64.96 -2.43
CA ARG D 113 23.30 -63.63 -1.83
C ARG D 113 21.91 -63.31 -1.29
N THR D 114 20.88 -63.94 -1.86
CA THR D 114 19.51 -63.72 -1.42
C THR D 114 19.35 -64.10 0.04
N TYR D 115 19.91 -65.24 0.42
CA TYR D 115 19.84 -65.71 1.80
C TYR D 115 20.41 -64.68 2.76
N PHE D 116 21.57 -64.15 2.42
CA PHE D 116 22.24 -63.17 3.27
C PHE D 116 21.43 -61.87 3.35
N HIS D 117 20.79 -61.49 2.23
CA HIS D 117 19.89 -60.35 2.28
C HIS D 117 18.75 -60.57 3.27
N HIS D 118 18.16 -61.76 3.23
CA HIS D 118 17.09 -62.10 4.15
C HIS D 118 17.55 -61.94 5.60
N GLY D 119 18.71 -62.51 5.90
CA GLY D 119 19.29 -62.39 7.23
C GLY D 119 19.47 -60.94 7.63
N TRP D 120 20.00 -60.15 6.69
CA TRP D 120 20.20 -58.73 6.91
C TRP D 120 18.94 -58.04 7.40
N THR D 121 17.84 -58.21 6.65
CA THR D 121 16.58 -57.60 7.06
C THR D 121 16.18 -58.09 8.45
N ALA D 122 15.98 -59.41 8.57
CA ALA D 122 15.52 -60.00 9.82
C ALA D 122 16.35 -59.55 11.01
N MET D 123 17.60 -59.12 10.78
CA MET D 123 18.40 -58.57 11.87
C MET D 123 18.09 -57.09 12.12
N LEU D 124 18.04 -56.29 11.06
CA LEU D 124 17.75 -54.86 11.20
C LEU D 124 16.48 -54.61 12.01
N VAL D 125 15.53 -55.53 11.90
CA VAL D 125 14.25 -55.37 12.59
C VAL D 125 14.43 -55.06 14.06
N ILE D 126 15.23 -55.89 14.76
CA ILE D 126 15.35 -55.78 16.21
C ILE D 126 16.01 -54.45 16.59
N PHE D 127 17.03 -54.06 15.82
CA PHE D 127 17.60 -52.74 16.01
C PHE D 127 16.50 -51.70 16.07
N PHE D 128 15.73 -51.59 14.99
CA PHE D 128 14.66 -50.59 14.96
C PHE D 128 13.79 -50.68 16.22
N ILE D 129 13.39 -51.90 16.58
CA ILE D 129 12.54 -52.09 17.76
C ILE D 129 13.12 -51.34 18.95
N GLU D 130 14.35 -51.67 19.31
CA GLU D 130 14.94 -51.11 20.52
C GLU D 130 15.15 -49.60 20.39
N GLY D 131 15.74 -49.18 19.27
CA GLY D 131 16.04 -47.79 19.03
C GLY D 131 14.81 -46.91 19.11
N VAL D 132 13.64 -47.50 18.91
CA VAL D 132 12.38 -46.77 19.02
C VAL D 132 11.83 -46.84 20.44
N THR D 133 11.86 -48.02 21.05
CA THR D 133 11.25 -48.19 22.37
C THR D 133 11.93 -47.30 23.40
N VAL D 134 13.27 -47.34 23.45
CA VAL D 134 13.97 -46.57 24.47
C VAL D 134 13.76 -45.08 24.24
N PHE D 135 13.69 -44.68 22.97
CA PHE D 135 13.42 -43.29 22.64
C PHE D 135 12.07 -42.86 23.17
N LEU D 136 11.05 -43.68 22.94
CA LEU D 136 9.72 -43.42 23.49
C LEU D 136 9.80 -43.18 24.98
N LYS D 137 10.44 -44.12 25.69
CA LYS D 137 10.50 -44.03 27.14
C LYS D 137 11.17 -42.72 27.58
N VAL D 138 12.35 -42.43 27.02
CA VAL D 138 13.10 -41.27 27.49
C VAL D 138 12.41 -39.95 27.13
N CYS D 139 11.72 -39.89 25.99
CA CYS D 139 11.04 -38.67 25.60
C CYS D 139 9.68 -38.51 26.27
N SER D 140 9.12 -39.57 26.82
CA SER D 140 7.82 -39.50 27.47
C SER D 140 7.89 -39.06 28.92
N THR D 141 9.09 -39.00 29.51
CA THR D 141 9.22 -38.65 30.92
C THR D 141 10.40 -37.73 31.17
N ARG D 142 10.81 -36.97 30.17
CA ARG D 142 11.89 -36.01 30.33
C ARG D 142 11.54 -34.90 31.30
N LYS D 143 10.27 -34.77 31.69
CA LYS D 143 9.81 -33.68 32.54
C LYS D 143 9.91 -34.01 34.02
N THR D 144 10.33 -35.21 34.38
CA THR D 144 10.38 -35.66 35.77
C THR D 144 11.75 -36.26 36.04
N ARG D 145 12.44 -35.70 37.04
CA ARG D 145 13.80 -36.14 37.33
C ARG D 145 13.84 -37.64 37.64
N TRP D 146 12.93 -38.11 38.48
CA TRP D 146 13.11 -39.43 39.07
C TRP D 146 12.77 -40.57 38.14
N LEU D 147 11.77 -40.40 37.28
CA LEU D 147 11.52 -41.42 36.26
C LEU D 147 12.69 -41.51 35.29
N GLU D 148 13.30 -40.37 34.98
CA GLU D 148 14.53 -40.37 34.21
C GLU D 148 15.62 -41.16 34.92
N LYS D 149 15.81 -40.90 36.22
CA LYS D 149 16.79 -41.66 36.98
C LYS D 149 16.50 -43.15 36.85
N ALA D 150 15.25 -43.54 37.03
CA ALA D 150 14.87 -44.95 36.96
C ALA D 150 15.29 -45.55 35.62
N VAL D 151 14.82 -44.99 34.52
CA VAL D 151 15.09 -45.59 33.22
C VAL D 151 16.59 -45.60 32.94
N LEU D 152 17.27 -44.47 33.15
CA LEU D 152 18.70 -44.41 32.91
C LEU D 152 19.44 -45.42 33.78
N GLN D 153 18.85 -45.82 34.90
CA GLN D 153 19.44 -46.90 35.70
C GLN D 153 19.16 -48.25 35.07
N LYS D 154 17.99 -48.43 34.46
CA LYS D 154 17.63 -49.72 33.89
C LYS D 154 18.43 -50.06 32.65
N LEU D 155 19.22 -49.13 32.11
CA LEU D 155 19.99 -49.34 30.89
C LEU D 155 21.41 -48.80 31.06
N ASP D 156 22.06 -49.17 32.16
CA ASP D 156 23.36 -48.62 32.50
C ASP D 156 24.32 -48.55 31.32
N GLY D 157 24.65 -49.70 30.72
CA GLY D 157 25.64 -49.72 29.65
C GLY D 157 25.37 -50.71 28.53
N ASN D 158 24.24 -51.41 28.59
CA ASN D 158 23.96 -52.45 27.59
C ASN D 158 23.62 -51.86 26.23
N ILE D 159 23.08 -50.65 26.19
CA ILE D 159 22.48 -50.14 24.97
C ILE D 159 23.53 -49.97 23.88
N GLY D 160 24.60 -49.23 24.18
CA GLY D 160 25.62 -48.99 23.16
C GLY D 160 26.18 -50.28 22.58
N VAL D 161 26.44 -51.26 23.44
CA VAL D 161 27.07 -52.49 22.98
C VAL D 161 26.11 -53.29 22.10
N LEU D 162 24.84 -53.39 22.51
CA LEU D 162 23.87 -54.07 21.67
C LEU D 162 23.74 -53.40 20.31
N ILE D 163 23.69 -52.06 20.32
CA ILE D 163 23.54 -51.32 19.07
C ILE D 163 24.72 -51.57 18.15
N GLY D 164 25.94 -51.53 18.70
CA GLY D 164 27.11 -51.83 17.90
C GLY D 164 27.08 -53.23 17.33
N GLU D 165 26.65 -54.20 18.14
CA GLU D 165 26.53 -55.57 17.66
C GLU D 165 25.64 -55.64 16.42
N TYR D 166 24.43 -55.10 16.55
CA TYR D 166 23.49 -55.16 15.44
C TYR D 166 24.04 -54.43 14.22
N ILE D 167 24.67 -53.28 14.42
CA ILE D 167 25.20 -52.51 13.31
C ILE D 167 26.24 -53.33 12.55
N VAL D 168 27.19 -53.92 13.27
CA VAL D 168 28.26 -54.64 12.59
C VAL D 168 27.72 -55.86 11.85
N VAL D 169 26.84 -56.63 12.49
CA VAL D 169 26.33 -57.82 11.83
C VAL D 169 25.57 -57.44 10.56
N ALA D 170 24.74 -56.40 10.64
CA ALA D 170 23.99 -55.98 9.45
C ALA D 170 24.92 -55.49 8.36
N ALA D 171 25.95 -54.72 8.73
CA ALA D 171 26.89 -54.22 7.74
C ALA D 171 27.59 -55.36 7.03
N THR D 172 27.98 -56.41 7.75
CA THR D 172 28.67 -57.53 7.13
C THR D 172 27.75 -58.27 6.17
N TYR D 173 26.54 -58.60 6.62
CA TYR D 173 25.61 -59.29 5.74
C TYR D 173 25.18 -58.40 4.57
N ILE D 174 25.39 -57.09 4.66
CA ILE D 174 25.24 -56.23 3.50
C ILE D 174 26.41 -56.41 2.55
N ILE D 175 27.63 -56.22 3.07
CA ILE D 175 28.84 -56.38 2.26
C ILE D 175 28.77 -57.65 1.44
N MET D 176 28.19 -58.70 2.01
CA MET D 176 28.08 -59.95 1.25
C MET D 176 27.48 -59.72 -0.13
N GLY D 177 26.46 -58.86 -0.23
CA GLY D 177 25.90 -58.54 -1.52
C GLY D 177 26.89 -57.84 -2.43
N ALA D 178 27.65 -56.90 -1.87
CA ALA D 178 28.60 -56.14 -2.69
C ALA D 178 29.62 -57.04 -3.37
N ASN D 179 29.85 -58.24 -2.83
CA ASN D 179 30.84 -59.16 -3.39
C ASN D 179 32.24 -58.53 -3.37
N LEU D 180 32.73 -58.25 -2.16
CA LEU D 180 34.04 -57.62 -2.03
C LEU D 180 35.16 -58.56 -2.45
N ILE D 181 35.19 -59.76 -1.88
CA ILE D 181 36.30 -60.69 -2.16
C ILE D 181 35.89 -62.12 -1.85
N PRO D 182 36.00 -63.03 -2.82
CA PRO D 182 35.81 -64.47 -2.49
C PRO D 182 37.10 -65.14 -2.07
N VAL D 183 37.64 -64.80 -0.91
CA VAL D 183 38.97 -65.24 -0.48
C VAL D 183 39.05 -66.75 -0.32
N PHE D 184 37.90 -67.43 -0.43
CA PHE D 184 37.82 -68.88 -0.31
C PHE D 184 38.95 -69.53 -1.10
N GLU D 185 39.70 -70.40 -0.45
CA GLU D 185 40.83 -71.08 -1.08
C GLU D 185 40.86 -72.55 -0.68
N ARG D 188 41.58 -78.32 0.95
CA ARG D 188 40.32 -78.91 0.50
C ARG D 188 39.89 -78.29 -0.82
N SER D 189 38.63 -78.52 -1.19
CA SER D 189 38.05 -78.00 -2.42
C SER D 189 36.68 -77.44 -2.14
N GLY D 190 36.23 -76.55 -3.02
CA GLY D 190 34.94 -75.90 -2.80
C GLY D 190 34.88 -75.30 -1.41
N ARG D 191 33.88 -75.72 -0.64
CA ARG D 191 33.68 -75.25 0.73
C ARG D 191 33.91 -73.75 0.83
N ARG D 192 33.33 -73.02 -0.13
CA ARG D 192 33.54 -71.59 -0.21
C ARG D 192 33.22 -70.92 1.12
N VAL D 193 34.11 -70.03 1.57
CA VAL D 193 33.95 -69.32 2.82
C VAL D 193 34.17 -67.83 2.57
N TYR D 194 33.70 -67.03 3.52
CA TYR D 194 33.82 -65.58 3.46
C TYR D 194 34.51 -65.10 4.72
N ALA D 195 35.33 -64.06 4.58
CA ALA D 195 36.27 -63.70 5.64
C ALA D 195 35.61 -62.84 6.71
N VAL D 196 34.88 -61.79 6.31
CA VAL D 196 34.35 -60.84 7.27
C VAL D 196 33.55 -61.52 8.36
N ARG D 197 32.96 -62.68 8.06
CA ARG D 197 32.25 -63.45 9.08
C ARG D 197 33.10 -63.63 10.32
N TYR D 198 34.39 -63.90 10.13
CA TYR D 198 35.27 -64.16 11.27
C TYR D 198 35.47 -62.90 12.11
N MET D 199 35.72 -61.76 11.46
CA MET D 199 35.89 -60.52 12.20
C MET D 199 34.63 -60.16 12.99
N GLU D 200 33.47 -60.21 12.32
CA GLU D 200 32.24 -59.85 13.01
C GLU D 200 31.92 -60.86 14.11
N TRP D 201 32.36 -62.12 13.96
CA TRP D 201 32.19 -63.07 15.04
C TRP D 201 33.07 -62.72 16.23
N THR D 202 34.32 -62.31 15.98
CA THR D 202 35.15 -61.82 17.06
C THR D 202 34.42 -60.73 17.83
N ILE D 203 33.93 -59.73 17.11
CA ILE D 203 33.32 -58.57 17.76
C ILE D 203 32.07 -58.99 18.52
N ASP D 204 31.25 -59.83 17.89
CA ASP D 204 29.99 -60.23 18.51
C ASP D 204 30.24 -61.00 19.80
N ALA D 205 31.12 -62.01 19.74
CA ALA D 205 31.38 -62.82 20.93
C ALA D 205 32.03 -61.99 22.02
N CYS D 206 32.91 -61.05 21.66
CA CYS D 206 33.57 -60.24 22.67
C CYS D 206 32.55 -59.36 23.39
N GLY D 207 31.71 -58.65 22.64
CA GLY D 207 30.67 -57.86 23.27
C GLY D 207 29.75 -58.71 24.12
N LEU D 208 29.40 -59.90 23.63
CA LEU D 208 28.52 -60.78 24.40
C LEU D 208 29.14 -61.16 25.74
N VAL D 209 30.43 -61.51 25.73
CA VAL D 209 31.07 -61.94 26.97
C VAL D 209 31.20 -60.76 27.93
N TYR D 210 31.53 -59.57 27.41
CA TYR D 210 31.56 -58.39 28.26
C TYR D 210 30.21 -58.18 28.94
N LEU D 211 29.14 -58.23 28.16
CA LEU D 211 27.81 -58.06 28.73
C LEU D 211 27.53 -59.10 29.79
N ASP D 212 27.76 -60.37 29.47
CA ASP D 212 27.44 -61.45 30.40
C ASP D 212 28.19 -61.28 31.71
N CYS D 213 29.50 -61.07 31.63
CA CYS D 213 30.29 -60.92 32.86
C CYS D 213 29.83 -59.71 33.67
N ARG D 214 29.71 -58.55 33.02
CA ARG D 214 29.29 -57.35 33.73
C ARG D 214 27.98 -57.60 34.48
N ILE D 215 26.98 -58.15 33.78
CA ILE D 215 25.67 -58.29 34.39
C ILE D 215 25.70 -59.32 35.52
N LEU D 216 26.26 -60.50 35.25
CA LEU D 216 26.06 -61.62 36.15
C LEU D 216 27.01 -61.59 37.34
N PHE D 217 28.21 -60.99 37.16
CA PHE D 217 29.24 -61.08 38.19
C PHE D 217 29.82 -59.72 38.60
N GLY D 218 29.78 -58.71 37.74
CA GLY D 218 30.25 -57.40 38.13
C GLY D 218 31.76 -57.26 38.21
N MET D 219 32.47 -57.90 37.29
CA MET D 219 33.92 -57.77 37.22
C MET D 219 34.28 -56.85 36.06
N PRO D 220 34.53 -55.56 36.30
CA PRO D 220 34.73 -54.63 35.18
C PRO D 220 35.99 -54.89 34.36
N PHE D 221 37.14 -54.98 35.03
CA PHE D 221 38.43 -54.96 34.33
C PHE D 221 39.30 -56.17 34.57
N SER D 222 38.92 -57.09 35.44
CA SER D 222 39.80 -58.19 35.81
C SER D 222 39.59 -59.42 34.93
N LYS D 223 38.39 -59.98 34.97
CA LYS D 223 38.07 -61.16 34.16
C LYS D 223 37.88 -60.77 32.70
N PHE D 224 37.30 -59.59 32.49
CA PHE D 224 37.01 -59.13 31.14
C PHE D 224 38.25 -59.18 30.27
N ARG D 225 39.36 -58.62 30.76
CA ARG D 225 40.56 -58.53 29.94
C ARG D 225 41.02 -59.91 29.48
N MET D 226 41.22 -60.83 30.42
CA MET D 226 41.74 -62.15 30.10
C MET D 226 40.80 -62.89 29.16
N LEU D 227 39.53 -62.98 29.51
CA LEU D 227 38.59 -63.75 28.69
C LEU D 227 38.44 -63.13 27.31
N LEU D 228 38.49 -61.80 27.23
CA LEU D 228 38.37 -61.09 25.97
C LEU D 228 39.56 -61.39 25.06
N VAL D 229 40.77 -61.28 25.60
CA VAL D 229 41.96 -61.56 24.80
C VAL D 229 41.97 -63.01 24.36
N TYR D 230 41.52 -63.93 25.23
CA TYR D 230 41.40 -65.33 24.83
C TYR D 230 40.48 -65.48 23.63
N SER D 231 39.27 -64.91 23.73
CA SER D 231 38.31 -64.99 22.64
C SER D 231 38.91 -64.52 21.33
N VAL D 232 39.42 -63.28 21.32
CA VAL D 232 39.94 -62.72 20.07
C VAL D 232 41.11 -63.56 19.56
N LEU D 233 41.97 -64.03 20.46
CA LEU D 233 43.16 -64.74 20.03
C LEU D 233 42.79 -66.03 19.32
N TYR D 234 41.92 -66.85 19.93
CA TYR D 234 41.62 -68.11 19.27
C TYR D 234 40.70 -67.94 18.08
N MET D 235 39.92 -66.85 18.00
CA MET D 235 39.20 -66.58 16.77
C MET D 235 40.16 -66.26 15.63
N LEU D 236 41.15 -65.40 15.89
CA LEU D 236 42.16 -65.10 14.88
C LEU D 236 42.94 -66.35 14.49
N PHE D 237 43.21 -67.23 15.46
CA PHE D 237 43.89 -68.48 15.16
C PHE D 237 43.05 -69.35 14.24
N GLY D 238 41.76 -69.50 14.55
CA GLY D 238 40.90 -70.25 13.66
C GLY D 238 40.86 -69.66 12.26
N LEU D 239 40.92 -68.34 12.16
CA LEU D 239 40.99 -67.69 10.86
C LEU D 239 42.25 -68.11 10.11
N TRP D 240 43.41 -67.88 10.73
CA TRP D 240 44.67 -68.31 10.13
C TRP D 240 44.60 -69.77 9.69
N ALA D 241 43.94 -70.61 10.50
CA ALA D 241 43.94 -72.04 10.26
C ALA D 241 43.09 -72.40 9.04
N ALA D 242 41.83 -71.96 9.02
CA ALA D 242 40.95 -72.29 7.91
C ALA D 242 41.41 -71.62 6.62
N LEU D 243 42.06 -70.47 6.72
CA LEU D 243 42.58 -69.82 5.51
C LEU D 243 43.54 -70.72 4.76
N ALA D 244 44.39 -71.45 5.50
CA ALA D 244 45.29 -72.41 4.88
C ALA D 244 44.60 -73.75 4.71
N SER D 245 45.25 -74.64 3.96
CA SER D 245 44.73 -75.98 3.77
C SER D 245 44.63 -76.70 5.11
N THR D 246 43.69 -77.65 5.18
CA THR D 246 43.55 -78.42 6.42
C THR D 246 44.83 -79.16 6.75
N TRP D 247 45.24 -80.09 5.88
CA TRP D 247 46.44 -80.88 6.15
C TRP D 247 47.65 -79.98 6.40
N MET D 248 47.70 -78.83 5.74
CA MET D 248 48.89 -77.98 5.81
C MET D 248 49.07 -77.38 7.20
N TRP D 249 48.01 -76.78 7.77
CA TRP D 249 48.15 -75.97 8.97
C TRP D 249 47.02 -76.17 9.97
N TYR D 250 46.47 -77.40 10.09
CA TYR D 250 45.46 -77.63 11.11
C TYR D 250 46.07 -77.68 12.50
N ALA D 251 47.16 -78.43 12.66
CA ALA D 251 47.72 -78.65 13.99
C ALA D 251 48.22 -77.35 14.62
N ILE D 252 48.83 -76.49 13.81
CA ILE D 252 49.47 -75.30 14.36
C ILE D 252 48.47 -74.45 15.13
N PHE D 253 47.28 -74.24 14.57
CA PHE D 253 46.34 -73.26 15.09
C PHE D 253 45.08 -73.87 15.70
N LEU D 254 44.44 -74.86 15.06
CA LEU D 254 43.14 -75.30 15.53
C LEU D 254 43.23 -75.92 16.92
N SER D 255 44.32 -76.61 17.22
CA SER D 255 44.49 -77.18 18.55
C SER D 255 44.55 -76.09 19.61
N ALA D 256 45.34 -75.04 19.36
CA ALA D 256 45.35 -73.89 20.25
C ALA D 256 43.96 -73.30 20.39
N SER D 257 43.19 -73.30 19.30
CA SER D 257 41.84 -72.75 19.34
C SER D 257 40.98 -73.53 20.33
N TRP D 258 40.92 -74.85 20.17
CA TRP D 258 40.18 -75.68 21.10
C TRP D 258 40.65 -75.46 22.54
N PHE D 259 41.97 -75.34 22.74
CA PHE D 259 42.49 -75.19 24.08
C PHE D 259 42.04 -73.87 24.71
N PHE D 260 42.07 -72.78 23.93
CA PHE D 260 41.62 -71.50 24.45
C PHE D 260 40.12 -71.54 24.76
N PHE D 261 39.36 -72.26 23.93
CA PHE D 261 37.95 -72.45 24.21
C PHE D 261 37.77 -73.11 25.57
N GLY D 262 38.52 -74.18 25.83
CA GLY D 262 38.44 -74.82 27.13
C GLY D 262 38.84 -73.89 28.26
N LEU D 263 39.84 -73.05 28.02
CA LEU D 263 40.28 -72.10 29.04
C LEU D 263 39.15 -71.15 29.41
N VAL D 264 38.49 -70.56 28.40
CA VAL D 264 37.40 -69.63 28.70
C VAL D 264 36.23 -70.36 29.35
N CYS D 265 36.00 -71.62 28.99
CA CYS D 265 34.97 -72.39 29.66
C CYS D 265 35.29 -72.56 31.15
N TYR D 266 36.55 -72.85 31.45
CA TYR D 266 36.94 -72.98 32.86
C TYR D 266 36.78 -71.66 33.60
N TYR D 267 37.13 -70.55 32.94
CA TYR D 267 36.93 -69.25 33.56
C TYR D 267 35.46 -69.00 33.87
N TYR D 268 34.58 -69.33 32.91
CA TYR D 268 33.15 -69.20 33.14
C TYR D 268 32.71 -70.02 34.34
N TRP D 269 33.16 -71.27 34.42
CA TRP D 269 32.77 -72.12 35.54
C TRP D 269 33.26 -71.54 36.86
N THR D 270 34.48 -71.02 36.89
CA THR D 270 35.01 -70.46 38.13
C THR D 270 34.20 -69.24 38.55
N PHE D 271 33.88 -68.36 37.61
CA PHE D 271 33.09 -67.18 37.96
C PHE D 271 31.68 -67.55 38.38
N HIS D 272 31.15 -68.66 37.85
CA HIS D 272 29.87 -69.16 38.35
C HIS D 272 30.00 -69.60 39.80
N ARG D 273 31.04 -70.38 40.09
CA ARG D 273 31.27 -70.81 41.47
C ARG D 273 31.50 -69.63 42.40
N GLN D 274 31.98 -68.51 41.86
CA GLN D 274 32.28 -67.36 42.71
C GLN D 274 31.01 -66.66 43.16
N ASN D 275 30.09 -66.39 42.23
CA ASN D 275 28.84 -65.68 42.52
C ASN D 275 27.68 -66.42 41.90
N PRO D 276 27.29 -67.56 42.47
CA PRO D 276 26.14 -68.33 41.95
C PRO D 276 24.81 -67.91 42.57
N SER D 277 24.42 -66.67 42.29
CA SER D 277 23.19 -66.11 42.84
C SER D 277 22.19 -65.83 41.71
N PRO D 278 20.89 -66.01 41.96
CA PRO D 278 19.90 -65.73 40.93
C PRO D 278 19.65 -64.23 40.79
N LEU D 279 19.11 -63.86 39.63
CA LEU D 279 18.77 -62.47 39.37
C LEU D 279 17.54 -62.10 40.18
N GLN D 280 17.68 -61.08 41.05
CA GLN D 280 16.57 -60.64 41.86
C GLN D 280 15.34 -60.36 41.03
N GLN D 281 15.52 -59.97 39.77
CA GLN D 281 14.39 -59.73 38.89
C GLN D 281 13.51 -60.98 38.78
N PHE D 282 14.13 -62.13 38.61
CA PHE D 282 13.42 -63.39 38.58
C PHE D 282 13.23 -63.91 40.00
N GLY D 283 12.49 -65.01 40.11
CA GLY D 283 12.26 -65.64 41.39
C GLY D 283 12.83 -67.05 41.42
N ARG D 284 11.93 -68.04 41.43
CA ARG D 284 12.32 -69.46 41.41
C ARG D 284 12.76 -69.91 40.03
N ALA D 285 12.96 -69.00 39.09
CA ALA D 285 13.33 -69.38 37.74
C ALA D 285 14.76 -69.92 37.71
N PRO D 286 15.05 -70.92 36.87
CA PRO D 286 16.44 -71.34 36.65
C PRO D 286 17.25 -70.39 35.80
N ILE D 287 16.77 -69.16 35.57
CA ILE D 287 17.49 -68.21 34.74
C ILE D 287 18.91 -68.05 35.26
N LYS D 288 19.79 -67.57 34.38
CA LYS D 288 21.22 -67.38 34.65
C LYS D 288 21.96 -68.71 34.62
N GLN D 289 21.24 -69.82 34.55
CA GLN D 289 21.87 -71.12 34.38
C GLN D 289 21.45 -71.79 33.09
N ALA D 290 20.14 -71.83 32.84
CA ALA D 290 19.64 -72.32 31.57
C ALA D 290 20.29 -71.59 30.40
N ILE D 291 20.44 -70.27 30.51
CA ILE D 291 20.93 -69.48 29.39
C ILE D 291 22.42 -69.73 29.17
N LEU D 292 23.19 -69.82 30.26
CA LEU D 292 24.61 -70.12 30.12
C LEU D 292 24.81 -71.50 29.50
N VAL D 293 24.07 -72.50 30.00
CA VAL D 293 24.16 -73.84 29.44
C VAL D 293 23.84 -73.80 27.95
N PHE D 294 22.75 -73.13 27.58
CA PHE D 294 22.35 -73.05 26.18
C PHE D 294 23.45 -72.40 25.34
N VAL D 295 23.98 -71.27 25.79
CA VAL D 295 25.01 -70.58 25.03
C VAL D 295 26.21 -71.47 24.81
N ILE D 296 26.63 -72.21 25.84
CA ILE D 296 27.86 -72.97 25.72
C ILE D 296 27.65 -74.21 24.87
N VAL D 297 26.52 -74.91 25.04
CA VAL D 297 26.25 -76.05 24.16
C VAL D 297 26.09 -75.57 22.72
N TRP D 298 25.63 -74.33 22.53
CA TRP D 298 25.48 -73.79 21.20
C TRP D 298 26.85 -73.52 20.57
N TRP D 299 27.77 -72.95 21.34
CA TRP D 299 29.15 -72.79 20.86
C TRP D 299 29.76 -74.16 20.54
N VAL D 300 29.42 -75.17 21.33
CA VAL D 300 29.90 -76.53 21.06
C VAL D 300 29.41 -77.01 19.71
N LEU D 301 28.11 -76.85 19.44
CA LEU D 301 27.57 -77.25 18.16
C LEU D 301 28.22 -76.48 17.02
N TYR D 302 28.54 -75.21 17.26
CA TYR D 302 29.21 -74.41 16.23
C TYR D 302 30.58 -74.98 15.91
N GLY D 303 31.36 -75.29 16.94
CA GLY D 303 32.66 -75.92 16.71
C GLY D 303 32.54 -77.26 16.00
N VAL D 304 31.51 -78.04 16.35
CA VAL D 304 31.29 -79.31 15.67
C VAL D 304 31.06 -79.10 14.19
N LEU D 305 30.20 -78.13 13.85
CA LEU D 305 29.98 -77.82 12.44
C LEU D 305 31.28 -77.40 11.77
N PHE D 306 32.08 -76.59 12.46
CA PHE D 306 33.36 -76.17 11.89
C PHE D 306 34.22 -77.38 11.54
N MET D 307 34.30 -78.34 12.46
CA MET D 307 35.13 -79.51 12.19
C MET D 307 34.54 -80.38 11.08
N LEU D 308 33.22 -80.46 10.99
CA LEU D 308 32.58 -81.37 10.04
C LEU D 308 32.47 -80.80 8.63
N CYS D 309 32.55 -79.47 8.47
CA CYS D 309 32.38 -78.89 7.14
C CYS D 309 33.48 -79.36 6.20
N PHE D 310 34.74 -79.16 6.58
CA PHE D 310 35.85 -79.46 5.67
C PHE D 310 36.06 -80.97 5.54
N GLN D 311 35.80 -81.71 6.62
CA GLN D 311 36.12 -83.14 6.63
C GLN D 311 35.26 -83.92 5.65
N ALA D 312 33.93 -83.83 5.79
CA ALA D 312 33.02 -84.71 5.06
C ALA D 312 32.62 -84.07 3.74
N PRO D 313 32.75 -84.78 2.62
CA PRO D 313 32.18 -84.24 1.36
C PRO D 313 30.68 -84.47 1.25
N ASP D 314 30.15 -85.46 1.98
CA ASP D 314 28.73 -85.77 1.87
C ASP D 314 27.86 -84.53 2.11
N VAL D 315 28.12 -83.81 3.20
CA VAL D 315 27.40 -82.57 3.44
C VAL D 315 27.73 -81.57 2.35
N VAL D 316 26.69 -81.08 1.68
CA VAL D 316 26.86 -80.21 0.52
C VAL D 316 27.29 -78.84 1.01
N PRO D 317 28.40 -78.28 0.51
CA PRO D 317 28.81 -76.94 0.95
C PRO D 317 28.18 -75.79 0.17
N GLN D 318 27.34 -76.08 -0.83
CA GLN D 318 26.85 -75.00 -1.70
C GLN D 318 25.76 -74.19 -1.02
N TRP D 319 24.77 -74.84 -0.44
CA TRP D 319 23.64 -74.14 0.16
C TRP D 319 23.50 -74.37 1.66
N LEU D 320 23.54 -75.62 2.11
CA LEU D 320 23.50 -75.89 3.54
C LEU D 320 24.52 -75.04 4.29
N GLU D 321 25.81 -75.20 3.93
CA GLU D 321 26.88 -74.40 4.50
C GLU D 321 26.46 -72.94 4.61
N GLN D 322 26.15 -72.31 3.49
CA GLN D 322 25.89 -70.87 3.49
C GLN D 322 24.75 -70.48 4.43
N LEU D 323 23.88 -71.44 4.77
CA LEU D 323 22.68 -71.11 5.52
C LEU D 323 22.88 -71.29 7.02
N LEU D 324 23.68 -72.29 7.40
CA LEU D 324 23.77 -72.64 8.81
C LEU D 324 24.27 -71.48 9.66
N TRP D 325 25.31 -70.78 9.19
CA TRP D 325 25.88 -69.69 9.99
C TRP D 325 24.91 -68.55 10.16
N THR D 326 24.22 -68.16 9.09
CA THR D 326 23.19 -67.13 9.20
C THR D 326 22.17 -67.51 10.26
N GLY D 327 21.55 -68.68 10.10
CA GLY D 327 20.59 -69.13 11.09
C GLY D 327 21.14 -69.06 12.50
N MET D 328 22.37 -69.53 12.69
CA MET D 328 22.90 -69.68 14.04
C MET D 328 23.17 -68.32 14.67
N ASP D 329 23.89 -67.46 13.96
CA ASP D 329 24.14 -66.11 14.46
C ASP D 329 22.83 -65.43 14.86
N VAL D 330 21.85 -65.48 13.97
CA VAL D 330 20.59 -64.77 14.22
C VAL D 330 19.93 -65.32 15.49
N VAL D 331 19.76 -66.65 15.56
CA VAL D 331 19.05 -67.21 16.71
C VAL D 331 19.80 -66.92 18.00
N MET D 332 21.13 -67.02 17.98
CA MET D 332 21.90 -66.76 19.18
C MET D 332 21.67 -65.34 19.69
N LYS D 333 21.93 -64.35 18.82
CA LYS D 333 21.74 -62.97 19.23
C LYS D 333 20.33 -62.70 19.69
N LEU D 334 19.34 -63.37 19.07
CA LEU D 334 17.95 -63.11 19.42
C LEU D 334 17.63 -63.64 20.81
N SER D 335 18.04 -64.87 21.11
CA SER D 335 17.85 -65.40 22.46
C SER D 335 18.51 -64.49 23.49
N HIS D 336 19.74 -64.05 23.20
CA HIS D 336 20.42 -63.14 24.11
C HIS D 336 19.58 -61.90 24.39
N THR D 337 19.25 -61.16 23.33
CA THR D 337 18.57 -59.88 23.52
C THR D 337 17.20 -60.05 24.15
N VAL D 338 16.51 -61.16 23.87
CA VAL D 338 15.18 -61.33 24.44
C VAL D 338 15.27 -61.62 25.94
N VAL D 339 16.21 -62.48 26.34
CA VAL D 339 16.42 -62.68 27.78
C VAL D 339 16.74 -61.35 28.44
N LEU D 340 17.55 -60.53 27.77
CA LEU D 340 17.91 -59.23 28.34
C LEU D 340 16.68 -58.36 28.54
N MET D 341 15.88 -58.20 27.48
CA MET D 341 14.68 -57.37 27.57
C MET D 341 13.76 -57.87 28.67
N ALA D 342 13.60 -59.18 28.78
CA ALA D 342 12.76 -59.74 29.84
C ALA D 342 13.28 -59.33 31.22
N TRP D 343 14.59 -59.56 31.46
CA TRP D 343 15.17 -59.14 32.73
C TRP D 343 14.98 -57.65 32.98
N ARG D 344 14.89 -56.86 31.91
CA ARG D 344 14.82 -55.41 32.07
C ARG D 344 13.41 -54.92 32.37
N GLU D 345 12.39 -55.53 31.77
CA GLU D 345 11.03 -55.00 31.88
C GLU D 345 10.41 -55.24 33.26
N THR D 346 11.11 -55.92 34.16
CA THR D 346 10.55 -56.20 35.47
C THR D 346 10.69 -54.99 36.39
N GLN D 347 9.72 -54.85 37.30
CA GLN D 347 9.74 -53.76 38.25
C GLN D 347 10.82 -53.98 39.31
N TRP D 348 11.57 -52.92 39.60
CA TRP D 348 12.64 -52.94 40.57
C TRP D 348 12.21 -52.16 41.82
N GLU D 349 13.14 -52.00 42.77
CA GLU D 349 12.85 -51.28 43.99
C GLU D 349 12.72 -49.78 43.75
N ILE D 350 13.36 -49.27 42.69
CA ILE D 350 13.32 -47.84 42.41
C ILE D 350 11.88 -47.36 42.27
N ASP D 351 11.01 -48.18 41.67
CA ASP D 351 9.61 -47.81 41.58
C ASP D 351 8.98 -47.64 42.95
N ALA D 352 9.33 -48.52 43.89
CA ALA D 352 8.85 -48.39 45.26
C ALA D 352 9.35 -47.08 45.88
N VAL D 353 10.64 -46.78 45.70
CA VAL D 353 11.18 -45.52 46.18
C VAL D 353 10.36 -44.34 45.65
N VAL D 354 10.02 -44.39 44.36
CA VAL D 354 9.34 -43.25 43.74
C VAL D 354 7.92 -43.12 44.27
N ASP D 355 7.20 -44.24 44.40
CA ASP D 355 5.85 -44.18 44.95
C ASP D 355 5.86 -43.66 46.38
N ARG D 356 6.88 -44.04 47.16
CA ARG D 356 7.02 -43.52 48.51
C ARG D 356 7.21 -42.01 48.48
N GLN D 357 8.08 -41.52 47.60
CA GLN D 357 8.21 -40.08 47.43
C GLN D 357 6.87 -39.44 47.08
N LYS D 358 6.07 -40.14 46.27
CA LYS D 358 4.85 -39.54 45.73
C LYS D 358 3.82 -39.31 46.82
N VAL D 359 3.48 -40.35 47.58
CA VAL D 359 2.39 -40.23 48.56
C VAL D 359 2.64 -39.05 49.51
N GLU D 360 3.90 -38.84 49.89
CA GLU D 360 4.25 -37.74 50.77
C GLU D 360 3.75 -36.41 50.24
N ALA D 361 3.67 -36.26 48.92
CA ALA D 361 3.26 -34.99 48.33
C ALA D 361 1.79 -34.72 48.60
N GLY D 362 0.93 -35.71 48.33
CA GLY D 362 -0.48 -35.57 48.69
C GLY D 362 -0.65 -35.25 50.16
N ARG D 363 0.16 -35.88 51.02
CA ARG D 363 0.06 -35.60 52.45
C ARG D 363 0.39 -34.14 52.74
N ALA D 364 1.54 -33.66 52.25
CA ALA D 364 1.90 -32.26 52.45
C ALA D 364 0.83 -31.33 51.92
N ILE D 365 0.17 -31.72 50.83
CA ILE D 365 -0.87 -30.88 50.24
C ILE D 365 -2.06 -30.75 51.18
N ALA D 366 -2.49 -31.89 51.73
CA ALA D 366 -3.57 -31.84 52.71
C ALA D 366 -3.19 -30.97 53.91
N GLN D 367 -1.92 -31.02 54.30
CA GLN D 367 -1.46 -30.18 55.40
C GLN D 367 -1.59 -28.69 55.05
N LEU D 368 -1.11 -28.31 53.87
CA LEU D 368 -1.27 -26.93 53.41
C LEU D 368 -2.73 -26.51 53.46
N ASP D 369 -3.61 -27.38 52.98
CA ASP D 369 -5.04 -27.07 52.95
C ASP D 369 -5.56 -26.78 54.36
N HIS D 370 -5.25 -27.67 55.31
CA HIS D 370 -5.73 -27.47 56.68
C HIS D 370 -5.19 -26.17 57.27
N GLN D 371 -3.91 -25.88 57.04
CA GLN D 371 -3.33 -24.66 57.57
C GLN D 371 -4.06 -23.43 57.04
N ARG D 372 -4.21 -23.35 55.72
CA ARG D 372 -4.95 -22.23 55.15
C ARG D 372 -6.38 -22.17 55.67
N ALA D 373 -7.00 -23.33 55.93
CA ALA D 373 -8.35 -23.33 56.46
C ALA D 373 -8.40 -22.63 57.81
N ILE D 374 -7.51 -23.02 58.73
CA ILE D 374 -7.50 -22.41 60.06
C ILE D 374 -7.25 -20.91 59.94
N HIS D 375 -6.27 -20.52 59.12
CA HIS D 375 -5.96 -19.11 58.94
C HIS D 375 -7.19 -18.33 58.47
N GLU D 376 -7.82 -18.81 57.39
CA GLU D 376 -9.02 -18.16 56.86
C GLU D 376 -10.11 -18.05 57.91
N ARG D 377 -10.32 -19.13 58.68
CA ARG D 377 -11.36 -19.10 59.70
C ARG D 377 -11.10 -17.97 60.69
N ASP D 378 -9.90 -17.93 61.27
CA ASP D 378 -9.60 -16.88 62.24
C ASP D 378 -9.77 -15.50 61.61
N LEU D 379 -9.31 -15.33 60.38
CA LEU D 379 -9.32 -14.02 59.74
C LEU D 379 -10.75 -13.54 59.49
N VAL D 380 -11.57 -14.38 58.86
CA VAL D 380 -12.95 -14.00 58.55
C VAL D 380 -13.72 -13.77 59.84
N ARG D 381 -13.44 -14.55 60.88
CA ARG D 381 -14.06 -14.27 62.17
C ARG D 381 -13.72 -12.87 62.64
N LEU D 382 -12.42 -12.55 62.68
CA LEU D 382 -11.99 -11.26 63.20
C LEU D 382 -12.64 -10.12 62.43
N ARG D 383 -12.49 -10.11 61.10
CA ARG D 383 -12.91 -8.93 60.35
C ARG D 383 -14.43 -8.79 60.33
N SER D 384 -15.14 -9.89 60.09
CA SER D 384 -16.59 -9.83 59.92
C SER D 384 -17.35 -9.97 61.24
N ARG D 385 -16.71 -9.74 62.38
CA ARG D 385 -17.35 -9.91 63.68
C ARG D 385 -17.39 -8.64 64.52
N VAL D 386 -16.26 -7.97 64.72
CA VAL D 386 -16.14 -7.02 65.81
C VAL D 386 -16.46 -5.60 65.37
N TYR D 387 -15.65 -5.07 64.45
CA TYR D 387 -15.71 -3.65 64.13
C TYR D 387 -16.71 -3.34 63.02
N TYR D 388 -17.25 -4.35 62.37
CA TYR D 388 -18.13 -4.14 61.23
C TYR D 388 -19.41 -4.96 61.37
N PHE D 463 -8.29 -69.56 40.67
CA PHE D 463 -7.68 -68.93 39.52
C PHE D 463 -8.72 -68.67 38.44
N ALA D 464 -9.49 -67.60 38.61
CA ALA D 464 -10.58 -67.25 37.70
C ALA D 464 -10.23 -66.07 36.81
N ARG D 465 -9.86 -64.94 37.40
CA ARG D 465 -9.55 -63.75 36.60
C ARG D 465 -8.45 -64.05 35.59
N VAL D 466 -7.43 -64.79 36.00
CA VAL D 466 -6.30 -65.10 35.11
C VAL D 466 -6.78 -65.90 33.91
N ASN D 467 -7.49 -67.00 34.16
CA ASN D 467 -7.92 -67.86 33.06
C ASN D 467 -8.83 -67.11 32.09
N LYS D 468 -9.66 -66.19 32.59
CA LYS D 468 -10.53 -65.44 31.71
C LYS D 468 -9.77 -64.40 30.90
N ILE D 469 -8.84 -63.69 31.56
CA ILE D 469 -7.97 -62.76 30.85
C ILE D 469 -7.26 -63.47 29.71
N PHE D 470 -6.99 -64.76 29.86
CA PHE D 470 -6.43 -65.53 28.75
C PHE D 470 -7.49 -65.96 27.73
N MET D 471 -8.65 -66.38 28.20
CA MET D 471 -9.64 -67.00 27.33
C MET D 471 -10.25 -65.99 26.37
N ARG D 472 -10.41 -64.74 26.80
CA ARG D 472 -10.94 -63.72 25.89
C ARG D 472 -10.08 -63.59 24.64
N GLU D 473 -8.77 -63.42 24.84
CA GLU D 473 -7.82 -63.38 23.74
C GLU D 473 -7.88 -64.67 22.92
N ALA D 474 -7.91 -65.81 23.60
CA ALA D 474 -8.02 -67.09 22.91
C ALA D 474 -9.20 -67.10 21.95
N GLY D 475 -10.33 -66.52 22.39
CA GLY D 475 -11.49 -66.47 21.52
C GLY D 475 -11.31 -65.53 20.35
N LEU D 476 -10.77 -64.35 20.60
CA LEU D 476 -10.62 -63.35 19.53
C LEU D 476 -9.77 -63.90 18.38
N CYS D 477 -8.69 -64.62 18.73
CA CYS D 477 -7.81 -65.14 17.68
C CYS D 477 -8.56 -66.01 16.69
N LEU D 478 -9.45 -66.87 17.19
CA LEU D 478 -10.17 -67.79 16.32
C LEU D 478 -11.12 -67.04 15.40
N VAL D 479 -11.78 -66.00 15.91
CA VAL D 479 -12.65 -65.19 15.07
C VAL D 479 -11.85 -64.63 13.90
N LEU D 480 -10.68 -64.06 14.19
CA LEU D 480 -9.88 -63.48 13.11
C LEU D 480 -9.48 -64.53 12.09
N CYS D 481 -8.98 -65.68 12.57
CA CYS D 481 -8.57 -66.74 11.65
C CYS D 481 -9.72 -67.19 10.77
N LEU D 482 -10.91 -67.38 11.36
CA LEU D 482 -12.06 -67.85 10.60
C LEU D 482 -12.47 -66.84 9.54
N ALA D 483 -12.45 -65.56 9.88
CA ALA D 483 -12.79 -64.54 8.89
C ALA D 483 -11.82 -64.58 7.71
N PHE D 484 -10.52 -64.68 8.00
CA PHE D 484 -9.55 -64.74 6.91
C PHE D 484 -9.78 -65.97 6.04
N VAL D 485 -10.09 -67.10 6.67
CA VAL D 485 -10.36 -68.32 5.92
C VAL D 485 -11.57 -68.12 5.01
N VAL D 486 -12.62 -67.51 5.54
CA VAL D 486 -13.82 -67.27 4.74
C VAL D 486 -13.48 -66.47 3.49
N ALA D 487 -12.73 -65.37 3.67
CA ALA D 487 -12.31 -64.58 2.52
C ALA D 487 -11.55 -65.45 1.53
N LEU D 488 -10.40 -65.99 1.96
CA LEU D 488 -9.55 -66.77 1.08
C LEU D 488 -10.35 -67.84 0.33
N LEU D 489 -11.42 -68.34 0.94
CA LEU D 489 -12.23 -69.38 0.29
C LEU D 489 -13.19 -68.78 -0.73
N HIS D 490 -13.75 -67.60 -0.44
CA HIS D 490 -14.81 -67.06 -1.30
C HIS D 490 -14.27 -66.21 -2.45
N LEU D 491 -13.00 -65.80 -2.40
CA LEU D 491 -12.48 -64.90 -3.43
C LEU D 491 -12.60 -65.46 -4.84
N PRO D 492 -11.89 -66.54 -5.20
CA PRO D 492 -11.73 -66.86 -6.62
C PRO D 492 -13.00 -67.36 -7.28
N VAL D 493 -13.96 -67.89 -6.51
CA VAL D 493 -15.18 -68.37 -7.12
C VAL D 493 -15.98 -67.21 -7.71
N TYR D 494 -15.71 -65.99 -7.25
CA TYR D 494 -16.36 -64.79 -7.77
C TYR D 494 -15.47 -64.01 -8.73
N SER D 495 -14.23 -64.45 -8.95
CA SER D 495 -13.32 -63.79 -9.87
C SER D 495 -12.69 -64.83 -10.79
N GLU D 496 -12.58 -64.49 -12.07
CA GLU D 496 -12.06 -65.40 -13.08
C GLU D 496 -13.10 -66.44 -13.48
N TRP D 497 -14.23 -66.46 -12.77
CA TRP D 497 -15.39 -67.19 -13.27
C TRP D 497 -16.38 -66.24 -13.92
N PHE D 498 -16.43 -65.00 -13.43
CA PHE D 498 -17.17 -63.92 -14.06
C PHE D 498 -16.26 -62.73 -14.37
N GLY D 499 -14.95 -62.95 -14.43
CA GLY D 499 -13.99 -61.87 -14.58
C GLY D 499 -13.05 -62.06 -15.76
N VAL D 500 -12.70 -60.97 -16.43
CA VAL D 500 -11.79 -61.04 -17.57
C VAL D 500 -10.34 -60.98 -17.08
N GLU D 501 -9.42 -61.35 -17.97
CA GLU D 501 -8.00 -61.41 -17.63
C GLU D 501 -7.79 -62.25 -16.37
N VAL D 502 -8.36 -63.46 -16.38
CA VAL D 502 -8.43 -64.26 -15.16
C VAL D 502 -7.08 -64.90 -14.86
N LEU D 503 -6.31 -65.22 -15.89
CA LEU D 503 -5.16 -66.10 -15.76
C LEU D 503 -3.87 -65.36 -16.06
N ASP D 504 -2.89 -65.50 -15.17
CA ASP D 504 -1.50 -65.17 -15.44
C ASP D 504 -0.65 -66.38 -15.06
N ALA D 505 0.08 -66.92 -16.03
CA ALA D 505 0.81 -68.17 -15.85
C ALA D 505 2.23 -67.83 -15.39
N GLU D 506 2.50 -68.06 -14.09
CA GLU D 506 3.76 -67.68 -13.48
C GLU D 506 4.03 -66.18 -13.63
N ALA D 507 3.23 -65.33 -12.97
CA ALA D 507 3.08 -63.91 -13.31
C ALA D 507 4.45 -63.35 -13.70
N VAL D 508 5.45 -63.38 -12.82
CA VAL D 508 6.82 -63.03 -13.16
C VAL D 508 7.73 -63.87 -12.27
N PRO D 509 8.23 -65.01 -12.74
CA PRO D 509 8.92 -65.93 -11.82
C PRO D 509 10.16 -65.35 -11.17
N HIS D 510 10.89 -64.50 -11.89
CA HIS D 510 12.24 -64.13 -11.45
C HIS D 510 12.20 -63.05 -10.38
N ASP D 511 11.37 -62.02 -10.57
CA ASP D 511 11.48 -60.82 -9.74
C ASP D 511 10.68 -60.94 -8.45
N GLU D 512 9.42 -61.38 -8.55
CA GLU D 512 8.48 -61.18 -7.44
C GLU D 512 8.87 -61.99 -6.20
N LEU D 513 9.13 -63.29 -6.37
CA LEU D 513 9.33 -64.15 -5.21
C LEU D 513 10.43 -63.63 -4.30
N GLY D 514 11.48 -63.04 -4.88
CA GLY D 514 12.58 -62.55 -4.08
C GLY D 514 12.17 -61.42 -3.16
N PHE D 515 11.14 -60.67 -3.56
CA PHE D 515 10.61 -59.62 -2.70
C PHE D 515 9.71 -60.17 -1.61
N PHE D 516 8.93 -61.21 -1.91
CA PHE D 516 7.94 -61.73 -0.97
C PHE D 516 8.55 -62.62 0.09
N HIS D 517 9.66 -63.29 -0.21
CA HIS D 517 10.23 -64.22 0.76
C HIS D 517 10.77 -63.51 2.01
N HIS D 518 10.73 -62.17 2.03
CA HIS D 518 11.30 -61.41 3.15
C HIS D 518 10.28 -61.24 4.28
N GLY D 519 9.05 -60.89 3.92
CA GLY D 519 8.05 -60.44 4.85
C GLY D 519 7.68 -61.45 5.91
N TRP D 520 7.33 -62.67 5.48
CA TRP D 520 6.90 -63.67 6.43
C TRP D 520 8.04 -64.07 7.36
N THR D 521 9.27 -63.96 6.87
CA THR D 521 10.42 -64.22 7.73
C THR D 521 10.52 -63.18 8.84
N THR D 522 10.41 -61.90 8.46
CA THR D 522 10.45 -60.84 9.47
C THR D 522 9.33 -61.02 10.49
N MET D 523 8.13 -61.35 10.01
CA MET D 523 6.99 -61.49 10.90
C MET D 523 7.16 -62.68 11.84
N LEU D 524 7.71 -63.78 11.31
CA LEU D 524 8.06 -64.93 12.14
C LEU D 524 9.00 -64.51 13.27
N VAL D 525 10.02 -63.72 12.93
CA VAL D 525 10.96 -63.22 13.93
C VAL D 525 10.19 -62.53 15.05
N VAL D 526 9.39 -61.52 14.68
CA VAL D 526 8.66 -60.74 15.68
C VAL D 526 7.79 -61.64 16.54
N PHE D 527 7.10 -62.58 15.90
CA PHE D 527 6.25 -63.54 16.58
C PHE D 527 7.00 -64.26 17.69
N LEU D 528 8.12 -64.89 17.32
CA LEU D 528 8.93 -65.61 18.28
C LEU D 528 9.32 -64.71 19.44
N ILE D 529 9.75 -63.49 19.12
CA ILE D 529 10.18 -62.54 20.16
C ILE D 529 9.07 -62.39 21.19
N GLU D 530 7.89 -61.95 20.74
CA GLU D 530 6.80 -61.67 21.66
C GLU D 530 6.43 -62.91 22.47
N SER D 531 6.32 -64.05 21.80
CA SER D 531 5.90 -65.28 22.47
C SER D 531 6.84 -65.61 23.62
N ILE D 532 8.14 -65.64 23.34
CA ILE D 532 9.08 -66.06 24.38
C ILE D 532 9.19 -65.02 25.48
N THR D 533 9.08 -63.74 25.14
CA THR D 533 9.07 -62.72 26.18
C THR D 533 7.94 -62.99 27.19
N VAL D 534 6.74 -63.24 26.67
CA VAL D 534 5.61 -63.49 27.57
C VAL D 534 5.85 -64.76 28.38
N LEU D 535 6.34 -65.80 27.71
CA LEU D 535 6.61 -67.05 28.40
C LEU D 535 7.57 -66.83 29.57
N LEU D 536 8.60 -66.01 29.37
CA LEU D 536 9.58 -65.77 30.41
C LEU D 536 8.97 -64.97 31.56
N LYS D 537 8.21 -63.93 31.22
CA LYS D 537 7.53 -63.16 32.27
C LYS D 537 6.71 -64.08 33.16
N VAL D 538 5.93 -64.97 32.54
CA VAL D 538 5.07 -65.84 33.33
C VAL D 538 5.91 -66.84 34.13
N TRP D 539 6.98 -67.36 33.52
CA TRP D 539 7.84 -68.29 34.23
C TRP D 539 8.46 -67.64 35.47
N SER D 540 8.70 -66.34 35.41
CA SER D 540 9.26 -65.65 36.57
C SER D 540 8.19 -65.30 37.59
N THR D 541 6.94 -65.13 37.15
CA THR D 541 5.83 -64.89 38.08
C THR D 541 4.95 -66.11 38.28
N TRP D 542 5.48 -67.32 38.06
CA TRP D 542 4.68 -68.52 38.25
C TRP D 542 4.43 -68.80 39.73
N HIS D 543 5.50 -68.85 40.52
CA HIS D 543 5.38 -69.29 41.91
C HIS D 543 4.49 -68.34 42.72
N ASP D 544 4.59 -67.04 42.46
CA ASP D 544 3.86 -66.05 43.24
C ASP D 544 2.51 -65.78 42.60
N PRO D 545 1.39 -66.14 43.24
CA PRO D 545 0.09 -65.87 42.60
C PRO D 545 -0.22 -64.39 42.48
N ARG D 546 0.02 -63.61 43.54
CA ARG D 546 -0.39 -62.22 43.56
C ARG D 546 0.19 -61.45 42.37
N LEU D 547 1.43 -61.77 41.99
CA LEU D 547 2.07 -61.07 40.89
C LEU D 547 1.50 -61.49 39.54
N ALA D 548 1.06 -62.73 39.40
CA ALA D 548 0.61 -63.23 38.10
C ALA D 548 -0.60 -62.46 37.59
N GLU D 549 -1.54 -62.12 38.48
CA GLU D 549 -2.75 -61.44 38.04
C GLU D 549 -2.43 -60.07 37.46
N ASN D 550 -1.40 -59.39 37.97
CA ASN D 550 -1.01 -58.11 37.40
C ASN D 550 -0.71 -58.23 35.92
N VAL D 551 0.31 -59.04 35.58
CA VAL D 551 0.66 -59.22 34.18
C VAL D 551 -0.52 -59.76 33.39
N ALA D 552 -1.27 -60.69 33.96
CA ALA D 552 -2.44 -61.23 33.26
C ALA D 552 -3.38 -60.12 32.83
N GLN D 553 -3.64 -59.16 33.73
CA GLN D 553 -4.50 -58.04 33.38
C GLN D 553 -3.82 -57.11 32.39
N GLN D 554 -2.49 -57.03 32.42
CA GLN D 554 -1.78 -56.17 31.48
C GLN D 554 -2.01 -56.62 30.04
N LEU D 555 -1.93 -57.93 29.81
CA LEU D 555 -1.96 -58.48 28.45
C LEU D 555 -3.37 -58.58 27.88
N SER D 556 -4.40 -58.14 28.61
CA SER D 556 -5.77 -58.32 28.17
C SER D 556 -6.16 -57.26 27.15
N GLY D 557 -6.98 -57.68 26.17
CA GLY D 557 -7.50 -56.76 25.17
C GLY D 557 -6.53 -56.39 24.07
N ASN D 558 -5.26 -56.78 24.16
CA ASN D 558 -4.25 -56.35 23.21
C ASN D 558 -3.45 -57.50 22.60
N LEU D 559 -3.21 -58.58 23.35
CA LEU D 559 -2.32 -59.62 22.86
C LEU D 559 -2.95 -60.41 21.72
N GLY D 560 -4.25 -60.70 21.80
CA GLY D 560 -4.88 -61.53 20.79
C GLY D 560 -4.76 -60.98 19.39
N VAL D 561 -4.67 -59.66 19.25
CA VAL D 561 -4.65 -59.05 17.93
C VAL D 561 -3.28 -59.20 17.27
N LEU D 562 -2.22 -59.12 18.07
CA LEU D 562 -0.88 -59.09 17.52
C LEU D 562 -0.52 -60.41 16.85
N ILE D 563 -0.76 -61.53 17.52
CA ILE D 563 -0.42 -62.83 16.96
C ILE D 563 -1.21 -63.07 15.68
N ALA D 564 -2.49 -62.72 15.69
CA ALA D 564 -3.32 -62.92 14.50
C ALA D 564 -2.80 -62.10 13.34
N GLU D 565 -2.54 -60.81 13.57
CA GLU D 565 -1.98 -59.96 12.53
C GLU D 565 -0.70 -60.55 11.97
N TYR D 566 0.23 -60.91 12.86
CA TYR D 566 1.52 -61.44 12.43
C TYR D 566 1.33 -62.67 11.56
N LEU D 567 0.59 -63.66 12.06
CA LEU D 567 0.48 -64.94 11.35
C LEU D 567 -0.23 -64.77 10.02
N VAL D 568 -1.28 -63.95 9.97
CA VAL D 568 -2.00 -63.79 8.71
C VAL D 568 -1.14 -63.09 7.68
N VAL D 569 -0.38 -62.08 8.09
CA VAL D 569 0.52 -61.41 7.15
C VAL D 569 1.55 -62.40 6.63
N GLY D 570 2.16 -63.16 7.54
CA GLY D 570 3.12 -64.16 7.12
C GLY D 570 2.54 -65.14 6.12
N ALA D 571 1.37 -65.68 6.40
CA ALA D 571 0.76 -66.65 5.51
C ALA D 571 0.48 -66.05 4.14
N THR D 572 -0.06 -64.83 4.10
CA THR D 572 -0.37 -64.21 2.81
C THR D 572 0.89 -63.99 1.99
N TYR D 573 1.94 -63.45 2.61
CA TYR D 573 3.15 -63.21 1.84
C TYR D 573 3.86 -64.51 1.48
N VAL D 574 3.65 -65.58 2.26
CA VAL D 574 4.14 -66.90 1.86
C VAL D 574 3.44 -67.35 0.59
N ILE D 575 2.11 -67.31 0.60
CA ILE D 575 1.34 -67.62 -0.60
C ILE D 575 1.88 -66.84 -1.79
N LEU D 576 2.12 -65.55 -1.61
CA LEU D 576 2.62 -64.74 -2.71
C LEU D 576 4.01 -65.21 -3.16
N GLY D 577 4.85 -65.60 -2.21
CA GLY D 577 6.19 -66.06 -2.58
C GLY D 577 6.17 -67.13 -3.64
N TYR D 578 5.63 -68.30 -3.32
CA TYR D 578 5.34 -69.34 -4.30
C TYR D 578 3.83 -69.41 -4.45
N ASN D 579 3.35 -69.11 -5.64
CA ASN D 579 1.93 -68.79 -5.86
C ASN D 579 1.12 -70.08 -5.96
N LEU D 580 0.27 -70.31 -4.97
CA LEU D 580 -0.83 -71.26 -5.08
C LEU D 580 -2.12 -70.60 -5.53
N MET D 581 -2.14 -69.26 -5.61
CA MET D 581 -3.34 -68.53 -5.93
C MET D 581 -3.18 -67.78 -7.25
N PRO D 582 -4.28 -67.53 -7.96
CA PRO D 582 -4.17 -66.93 -9.29
C PRO D 582 -3.75 -65.47 -9.24
N VAL D 583 -3.24 -64.98 -10.37
CA VAL D 583 -2.91 -63.58 -10.58
C VAL D 583 -3.80 -63.04 -11.68
N PHE D 584 -4.39 -61.87 -11.45
CA PHE D 584 -5.28 -61.23 -12.42
C PHE D 584 -4.58 -60.01 -13.01
N VAL D 585 -4.64 -59.90 -14.34
CA VAL D 585 -4.16 -58.72 -15.04
C VAL D 585 -5.36 -57.89 -15.47
N VAL D 586 -5.11 -56.67 -15.91
CA VAL D 586 -6.17 -55.75 -16.30
C VAL D 586 -5.92 -55.28 -17.72
N HIS D 587 -7.01 -55.07 -18.45
CA HIS D 587 -6.97 -54.59 -19.83
C HIS D 587 -7.90 -53.39 -19.94
N ARG D 588 -7.36 -52.25 -20.35
CA ARG D 588 -8.13 -51.02 -20.44
C ARG D 588 -7.49 -50.14 -21.50
N PRO D 589 -8.22 -49.14 -22.00
CA PRO D 589 -7.63 -48.20 -22.95
C PRO D 589 -6.37 -47.56 -22.38
N GLY D 590 -5.50 -47.11 -23.28
CA GLY D 590 -4.21 -46.61 -22.86
C GLY D 590 -3.21 -47.73 -22.76
N VAL D 591 -3.04 -48.24 -21.54
CA VAL D 591 -2.13 -49.34 -21.27
C VAL D 591 -2.91 -50.48 -20.62
N ALA D 592 -2.37 -51.69 -20.76
CA ALA D 592 -2.98 -52.88 -20.17
C ALA D 592 -1.99 -53.79 -19.46
N SER D 593 -0.70 -53.45 -19.44
CA SER D 593 0.31 -54.28 -18.79
C SER D 593 0.24 -54.23 -17.27
N ARG D 594 -0.69 -53.45 -16.69
CA ARG D 594 -0.77 -53.33 -15.24
C ARG D 594 -1.10 -54.67 -14.62
N ARG D 595 -0.19 -55.18 -13.79
CA ARG D 595 -0.41 -56.42 -13.07
C ARG D 595 -1.11 -56.12 -11.74
N VAL D 596 -1.84 -57.12 -11.24
CA VAL D 596 -2.66 -56.96 -10.05
C VAL D 596 -2.65 -58.26 -9.27
N TYR D 597 -2.62 -58.15 -7.94
CA TYR D 597 -2.59 -59.29 -7.05
C TYR D 597 -3.84 -59.32 -6.18
N ALA D 598 -4.23 -60.52 -5.76
CA ALA D 598 -5.56 -60.76 -5.19
C ALA D 598 -5.57 -60.68 -3.67
N VAL D 599 -4.85 -61.57 -2.99
CA VAL D 599 -5.03 -61.74 -1.55
C VAL D 599 -4.60 -60.47 -0.80
N ARG D 600 -3.60 -59.77 -1.31
CA ARG D 600 -3.02 -58.62 -0.62
C ARG D 600 -4.09 -57.72 -0.01
N TYR D 601 -5.22 -57.60 -0.68
CA TYR D 601 -6.24 -56.67 -0.24
C TYR D 601 -7.02 -57.20 0.95
N MET D 602 -7.51 -58.44 0.87
CA MET D 602 -8.33 -58.99 1.93
C MET D 602 -7.66 -58.81 3.28
N GLU D 603 -6.48 -59.40 3.45
CA GLU D 603 -5.75 -59.26 4.70
C GLU D 603 -5.70 -57.79 5.13
N TRP D 604 -5.31 -56.91 4.21
CA TRP D 604 -5.26 -55.48 4.53
C TRP D 604 -6.50 -55.10 5.34
N ALA D 605 -7.68 -55.25 4.72
CA ALA D 605 -8.91 -54.91 5.39
C ALA D 605 -8.93 -55.50 6.79
N VAL D 606 -8.92 -56.82 6.88
CA VAL D 606 -8.92 -57.48 8.18
C VAL D 606 -7.84 -56.88 9.05
N ASP D 607 -6.61 -56.86 8.53
CA ASP D 607 -5.48 -56.26 9.23
C ASP D 607 -5.89 -54.91 9.82
N ALA D 608 -6.31 -53.99 8.96
CA ALA D 608 -6.64 -52.65 9.42
C ALA D 608 -7.58 -52.70 10.61
N THR D 609 -8.64 -53.49 10.51
CA THR D 609 -9.64 -53.51 11.58
C THR D 609 -8.97 -53.76 12.92
N GLY D 610 -8.09 -54.76 12.99
CA GLY D 610 -7.34 -55.01 14.20
C GLY D 610 -6.81 -53.71 14.75
N LEU D 611 -5.90 -53.09 14.00
CA LEU D 611 -5.32 -51.82 14.40
C LEU D 611 -6.40 -50.89 14.94
N ILE D 612 -7.47 -50.69 14.16
CA ILE D 612 -8.53 -49.80 14.60
C ILE D 612 -9.03 -50.22 15.97
N TRP D 613 -9.60 -51.43 16.04
CA TRP D 613 -10.17 -51.91 17.29
C TRP D 613 -9.19 -51.81 18.44
N LEU D 614 -7.90 -51.71 18.13
CA LEU D 614 -6.87 -51.58 19.14
C LEU D 614 -6.50 -50.12 19.37
N ASP D 615 -6.20 -49.38 18.29
CA ASP D 615 -5.72 -48.01 18.44
C ASP D 615 -6.81 -47.06 18.90
N CYS D 616 -8.06 -47.49 18.91
CA CYS D 616 -9.19 -46.68 19.38
C CYS D 616 -9.75 -47.18 20.69
N HIS D 617 -9.17 -48.24 21.26
CA HIS D 617 -9.64 -48.82 22.51
C HIS D 617 -8.61 -48.68 23.62
N CYS D 618 -7.39 -49.17 23.40
CA CYS D 618 -6.37 -49.11 24.43
C CYS D 618 -5.88 -47.68 24.64
N LEU D 619 -5.56 -46.98 23.54
CA LEU D 619 -5.12 -45.60 23.65
C LEU D 619 -6.24 -44.70 24.17
N PHE D 620 -7.33 -44.63 23.42
CA PHE D 620 -8.51 -43.85 23.79
C PHE D 620 -9.55 -44.82 24.33
N SER D 621 -9.69 -44.83 25.65
CA SER D 621 -10.55 -45.81 26.30
C SER D 621 -12.01 -45.62 25.88
N ARG D 622 -12.50 -46.53 25.04
CA ARG D 622 -13.87 -46.47 24.54
C ARG D 622 -14.43 -47.87 24.48
N ASN D 623 -15.76 -47.95 24.54
CA ASN D 623 -16.46 -49.23 24.45
C ASN D 623 -16.56 -49.64 22.99
N PHE D 624 -17.35 -50.69 22.72
CA PHE D 624 -17.49 -51.17 21.35
C PHE D 624 -18.56 -50.40 20.58
N ASN D 625 -19.60 -49.93 21.27
CA ASN D 625 -20.71 -49.27 20.60
C ASN D 625 -20.28 -48.14 19.68
N GLU D 626 -19.09 -47.58 19.91
CA GLU D 626 -18.61 -46.45 19.12
C GLU D 626 -17.59 -46.85 18.07
N PHE D 627 -17.08 -48.09 18.11
CA PHE D 627 -16.16 -48.56 17.08
C PHE D 627 -16.88 -49.03 15.82
N ARG D 628 -18.17 -49.38 15.92
CA ARG D 628 -18.87 -50.06 14.85
C ARG D 628 -18.65 -49.41 13.49
N MET D 629 -18.97 -48.12 13.39
CA MET D 629 -18.98 -47.45 12.09
C MET D 629 -17.64 -47.57 11.37
N ALA D 630 -16.55 -47.33 12.10
CA ALA D 630 -15.23 -47.37 11.47
C ALA D 630 -14.95 -48.75 10.88
N ILE D 631 -15.29 -49.80 11.60
CA ILE D 631 -15.09 -51.15 11.09
C ILE D 631 -15.97 -51.39 9.87
N VAL D 632 -17.23 -50.95 9.93
CA VAL D 632 -18.15 -51.19 8.82
C VAL D 632 -17.70 -50.45 7.58
N TRP D 633 -16.97 -49.34 7.74
CA TRP D 633 -16.57 -48.53 6.59
C TRP D 633 -15.18 -48.88 6.06
N THR D 634 -14.29 -49.42 6.89
CA THR D 634 -12.93 -49.67 6.42
C THR D 634 -12.91 -50.83 5.41
N VAL D 635 -13.49 -51.96 5.79
CA VAL D 635 -13.64 -53.06 4.84
C VAL D 635 -14.33 -52.57 3.58
N ALA D 636 -15.28 -51.64 3.74
CA ALA D 636 -16.02 -51.14 2.60
C ALA D 636 -15.10 -50.43 1.62
N TYR D 637 -14.32 -49.47 2.09
CA TYR D 637 -13.49 -48.74 1.13
C TYR D 637 -12.35 -49.59 0.62
N MET D 638 -11.93 -50.62 1.34
CA MET D 638 -10.93 -51.52 0.78
C MET D 638 -11.52 -52.37 -0.35
N LEU D 639 -12.74 -52.88 -0.14
CA LEU D 639 -13.42 -53.60 -1.22
C LEU D 639 -13.62 -52.71 -2.43
N PHE D 640 -13.97 -51.44 -2.20
CA PHE D 640 -14.18 -50.53 -3.31
C PHE D 640 -12.88 -50.26 -4.06
N GLY D 641 -11.79 -50.05 -3.33
CA GLY D 641 -10.50 -49.93 -3.98
C GLY D 641 -10.17 -51.13 -4.84
N LEU D 642 -10.45 -52.33 -4.33
CA LEU D 642 -10.20 -53.54 -5.10
C LEU D 642 -11.03 -53.55 -6.38
N TRP D 643 -12.35 -53.48 -6.24
CA TRP D 643 -13.24 -53.51 -7.40
C TRP D 643 -12.81 -52.48 -8.43
N SER D 644 -12.53 -51.25 -7.99
CA SER D 644 -12.01 -50.25 -8.91
C SER D 644 -10.77 -50.76 -9.63
N ALA D 645 -9.73 -51.12 -8.86
CA ALA D 645 -8.47 -51.55 -9.46
C ALA D 645 -8.70 -52.60 -10.53
N LEU D 646 -9.67 -53.50 -10.33
CA LEU D 646 -9.89 -54.56 -11.30
C LEU D 646 -10.20 -54.02 -12.68
N ALA D 647 -10.92 -52.91 -12.76
CA ALA D 647 -11.39 -52.36 -14.03
C ALA D 647 -10.83 -50.96 -14.23
N SER D 648 -9.73 -50.86 -14.98
CA SER D 648 -9.08 -49.59 -15.27
C SER D 648 -9.64 -48.93 -16.53
N THR D 649 -10.85 -49.33 -16.97
CA THR D 649 -11.45 -48.72 -18.15
C THR D 649 -11.75 -47.25 -17.93
N TRP D 650 -11.82 -46.82 -16.67
CA TRP D 650 -12.28 -45.52 -16.21
C TRP D 650 -13.62 -45.14 -16.83
N ALA D 651 -14.45 -46.10 -17.19
CA ALA D 651 -15.85 -45.82 -17.47
C ALA D 651 -16.66 -45.86 -16.19
N TRP D 652 -16.38 -46.83 -15.32
CA TRP D 652 -16.94 -46.91 -13.98
C TRP D 652 -15.86 -47.15 -12.92
N TYR D 653 -14.60 -46.81 -13.24
CA TYR D 653 -13.51 -46.96 -12.27
C TYR D 653 -13.60 -45.91 -11.17
N TRP D 654 -13.94 -44.68 -11.54
CA TRP D 654 -13.88 -43.58 -10.59
C TRP D 654 -14.90 -43.73 -9.47
N ALA D 655 -15.99 -44.45 -9.73
CA ALA D 655 -17.07 -44.55 -8.74
C ALA D 655 -16.56 -45.13 -7.43
N PHE D 656 -16.01 -46.35 -7.48
CA PHE D 656 -15.56 -47.01 -6.27
C PHE D 656 -14.38 -46.29 -5.64
N LEU D 657 -13.52 -45.69 -6.46
CA LEU D 657 -12.41 -44.92 -5.91
C LEU D 657 -12.93 -43.76 -5.06
N LEU D 658 -13.87 -42.99 -5.60
CA LEU D 658 -14.42 -41.87 -4.85
C LEU D 658 -15.16 -42.33 -3.60
N ALA D 659 -15.95 -43.39 -3.72
CA ALA D 659 -16.63 -43.92 -2.54
C ALA D 659 -15.64 -44.34 -1.47
N SER D 660 -14.52 -44.94 -1.90
CA SER D 660 -13.51 -45.38 -0.95
C SER D 660 -12.87 -44.19 -0.25
N TRP D 661 -12.48 -43.17 -1.02
CA TRP D 661 -11.98 -41.94 -0.44
C TRP D 661 -12.96 -41.39 0.59
N ALA D 662 -14.25 -41.42 0.27
CA ALA D 662 -15.26 -40.86 1.17
C ALA D 662 -15.29 -41.61 2.50
N ALA D 663 -15.40 -42.95 2.42
CA ALA D 663 -15.45 -43.74 3.65
C ALA D 663 -14.18 -43.55 4.48
N PHE D 664 -13.03 -43.57 3.82
CA PHE D 664 -11.76 -43.36 4.51
C PHE D 664 -11.74 -42.02 5.23
N LEU D 665 -12.23 -40.98 4.55
CA LEU D 665 -12.22 -39.64 5.14
C LEU D 665 -13.11 -39.57 6.36
N ILE D 666 -14.33 -40.10 6.26
CA ILE D 666 -15.22 -40.06 7.42
C ILE D 666 -14.63 -40.85 8.58
N VAL D 667 -13.94 -41.95 8.27
CA VAL D 667 -13.24 -42.71 9.32
C VAL D 667 -12.22 -41.82 10.01
N CYS D 668 -11.42 -41.10 9.22
CA CYS D 668 -10.43 -40.20 9.81
C CYS D 668 -11.08 -39.15 10.70
N LEU D 669 -12.22 -38.61 10.26
CA LEU D 669 -12.92 -37.60 11.05
C LEU D 669 -13.36 -38.18 12.40
N ILE D 670 -14.02 -39.34 12.36
CA ILE D 670 -14.42 -40.00 13.59
C ILE D 670 -13.22 -40.20 14.51
N LEU D 671 -12.10 -40.61 13.93
CA LEU D 671 -10.90 -40.90 14.72
C LEU D 671 -10.39 -39.65 15.43
N VAL D 672 -10.31 -38.54 14.68
CA VAL D 672 -9.80 -37.31 15.28
C VAL D 672 -10.76 -36.77 16.33
N ARG D 673 -12.07 -36.99 16.14
CA ARG D 673 -13.02 -36.64 17.18
C ARG D 673 -12.77 -37.45 18.44
N PHE D 674 -12.64 -38.77 18.29
CA PHE D 674 -12.26 -39.63 19.41
C PHE D 674 -11.07 -39.05 20.16
N LEU D 675 -10.01 -38.71 19.44
CA LEU D 675 -8.84 -38.13 20.09
C LEU D 675 -9.22 -36.87 20.86
N ARG D 676 -9.76 -35.87 20.15
CA ARG D 676 -10.00 -34.57 20.77
C ARG D 676 -11.00 -34.63 21.91
N GLN D 677 -11.70 -35.74 22.10
CA GLN D 677 -12.55 -35.93 23.26
C GLN D 677 -11.99 -37.00 24.20
N ASP D 678 -10.67 -37.05 24.32
CA ASP D 678 -10.03 -38.03 25.20
C ASP D 678 -10.16 -37.59 26.65
N PRO D 679 -10.78 -38.40 27.53
CA PRO D 679 -10.81 -38.01 28.95
C PRO D 679 -9.44 -37.95 29.60
N TYR D 680 -8.57 -38.91 29.31
CA TYR D 680 -7.27 -38.98 29.94
C TYR D 680 -6.17 -38.73 28.91
N PRO D 681 -6.01 -37.49 28.46
CA PRO D 681 -4.98 -37.21 27.45
C PRO D 681 -3.57 -37.21 28.00
N HIS D 682 -3.39 -36.87 29.28
CA HIS D 682 -2.05 -36.88 29.85
C HIS D 682 -1.56 -38.28 30.14
N GLN D 683 -2.44 -39.14 30.64
CA GLN D 683 -2.09 -40.53 30.84
C GLN D 683 -1.96 -41.23 29.48
N PRO D 684 -0.98 -42.13 29.31
CA PRO D 684 0.09 -42.55 30.22
C PRO D 684 1.44 -41.92 29.90
N PHE D 685 1.54 -41.26 28.75
CA PHE D 685 2.81 -40.78 28.25
C PHE D 685 3.25 -39.49 28.93
N GLY D 686 2.59 -39.14 30.03
CA GLY D 686 3.08 -38.10 30.91
C GLY D 686 3.15 -36.71 30.32
N LYS D 687 2.00 -36.16 29.93
CA LYS D 687 1.89 -34.75 29.55
C LYS D 687 2.84 -34.40 28.40
N THR D 688 2.68 -35.09 27.29
CA THR D 688 3.49 -34.84 26.11
C THR D 688 2.62 -34.94 24.86
N SER D 689 3.23 -34.63 23.72
CA SER D 689 2.54 -34.55 22.44
C SER D 689 2.80 -35.76 21.55
N VAL D 690 2.88 -36.96 22.15
CA VAL D 690 3.24 -38.14 21.37
C VAL D 690 2.01 -38.74 20.69
N LYS D 691 0.86 -38.70 21.35
CA LYS D 691 -0.34 -39.30 20.78
C LYS D 691 -0.81 -38.61 19.51
N PRO D 692 -1.01 -37.29 19.48
CA PRO D 692 -1.36 -36.63 18.22
C PRO D 692 -0.34 -36.89 17.12
N CYS D 693 0.94 -36.91 17.46
CA CYS D 693 1.97 -37.21 16.46
C CYS D 693 1.81 -38.61 15.91
N ILE D 694 1.46 -39.57 16.78
CA ILE D 694 1.18 -40.92 16.35
C ILE D 694 0.06 -40.91 15.32
N LEU D 695 -1.06 -40.28 15.67
CA LEU D 695 -2.20 -40.23 14.75
C LEU D 695 -1.80 -39.62 13.42
N ALA D 696 -0.99 -38.56 13.47
CA ALA D 696 -0.55 -37.90 12.23
C ALA D 696 0.25 -38.86 11.36
N PHE D 697 1.25 -39.52 11.96
CA PHE D 697 2.05 -40.50 11.22
C PHE D 697 1.16 -41.54 10.56
N ILE D 698 0.23 -42.10 11.34
CA ILE D 698 -0.67 -43.14 10.83
C ILE D 698 -1.41 -42.63 9.61
N ILE D 699 -2.05 -41.47 9.72
CA ILE D 699 -2.90 -40.98 8.66
C ILE D 699 -2.08 -40.64 7.42
N GLY D 700 -0.89 -40.06 7.61
CA GLY D 700 -0.03 -39.79 6.47
C GLY D 700 0.36 -41.05 5.72
N TRP D 701 0.76 -42.08 6.46
CA TRP D 701 1.00 -43.40 5.86
C TRP D 701 -0.19 -43.84 5.02
N TRP D 702 -1.38 -43.77 5.62
CA TRP D 702 -2.58 -44.29 4.96
C TRP D 702 -2.86 -43.55 3.66
N VAL D 703 -2.69 -42.23 3.65
CA VAL D 703 -2.97 -41.50 2.41
C VAL D 703 -1.85 -41.67 1.40
N LEU D 704 -0.62 -41.90 1.86
CA LEU D 704 0.45 -42.25 0.94
C LEU D 704 0.08 -43.49 0.14
N TYR D 705 -0.52 -44.48 0.80
CA TYR D 705 -1.02 -45.64 0.06
C TYR D 705 -1.88 -45.22 -1.13
N GLY D 706 -2.86 -44.35 -0.87
CA GLY D 706 -3.80 -43.98 -1.92
C GLY D 706 -3.15 -43.21 -3.05
N ILE D 707 -2.25 -42.28 -2.71
CA ILE D 707 -1.63 -41.51 -3.78
C ILE D 707 -0.72 -42.41 -4.62
N LEU D 708 -0.11 -43.43 -4.01
CA LEU D 708 0.66 -44.38 -4.82
C LEU D 708 -0.27 -45.17 -5.73
N PHE D 709 -1.38 -45.66 -5.19
CA PHE D 709 -2.39 -46.32 -6.01
C PHE D 709 -2.71 -45.48 -7.25
N MET D 710 -2.97 -44.19 -7.04
CA MET D 710 -3.26 -43.30 -8.16
C MET D 710 -2.09 -43.22 -9.13
N VAL D 711 -0.94 -42.79 -8.63
CA VAL D 711 0.23 -42.60 -9.49
C VAL D 711 0.51 -43.84 -10.32
N CYS D 712 0.18 -45.02 -9.79
CA CYS D 712 0.45 -46.25 -10.52
C CYS D 712 -0.61 -46.49 -11.59
N PHE D 713 -1.88 -46.56 -11.20
CA PHE D 713 -2.88 -47.01 -12.15
C PHE D 713 -3.19 -45.96 -13.20
N GLN D 714 -3.01 -44.67 -12.89
CA GLN D 714 -3.20 -43.65 -13.91
C GLN D 714 -2.10 -43.70 -14.96
N ALA D 715 -0.85 -43.63 -14.53
CA ALA D 715 0.30 -43.60 -15.43
C ALA D 715 1.17 -44.84 -15.24
N PRO D 716 0.78 -45.99 -15.78
CA PRO D 716 1.66 -47.17 -15.66
C PRO D 716 3.05 -46.95 -16.20
N ASP D 717 3.23 -45.97 -17.09
CA ASP D 717 4.58 -45.64 -17.54
C ASP D 717 5.43 -45.12 -16.39
N ALA D 718 4.79 -44.56 -15.37
CA ALA D 718 5.53 -44.03 -14.24
C ALA D 718 6.20 -45.12 -13.42
N VAL D 719 5.54 -46.27 -13.30
CA VAL D 719 5.89 -47.29 -12.32
C VAL D 719 6.47 -48.50 -13.06
N PRO D 720 7.68 -48.97 -12.68
CA PRO D 720 8.22 -50.18 -13.32
C PRO D 720 7.55 -51.46 -12.86
N GLN D 721 6.63 -51.38 -11.90
CA GLN D 721 5.73 -52.46 -11.52
C GLN D 721 6.39 -53.55 -10.68
N TRP D 722 7.71 -53.49 -10.50
CA TRP D 722 8.36 -54.34 -9.50
C TRP D 722 8.69 -53.53 -8.26
N LEU D 723 9.26 -52.34 -8.46
CA LEU D 723 9.38 -51.36 -7.39
C LEU D 723 8.05 -51.20 -6.66
N GLU D 724 6.94 -51.32 -7.38
CA GLU D 724 5.63 -51.15 -6.77
C GLU D 724 5.38 -52.21 -5.71
N GLN D 725 5.59 -53.48 -6.05
CA GLN D 725 5.37 -54.54 -5.09
C GLN D 725 6.37 -54.45 -3.93
N PHE D 726 7.62 -54.12 -4.25
CA PHE D 726 8.60 -53.94 -3.18
C PHE D 726 8.14 -52.88 -2.19
N LEU D 727 7.64 -51.76 -2.69
CA LEU D 727 7.18 -50.69 -1.82
C LEU D 727 5.98 -51.14 -0.99
N TRP D 728 4.98 -51.73 -1.64
CA TRP D 728 3.83 -52.25 -0.90
C TRP D 728 4.29 -53.12 0.27
N THR D 729 5.23 -54.03 0.00
CA THR D 729 5.66 -54.97 1.04
C THR D 729 6.38 -54.25 2.17
N GLY D 730 7.34 -53.38 1.83
CA GLY D 730 8.05 -52.64 2.86
C GLY D 730 7.10 -51.84 3.74
N MET D 731 6.10 -51.22 3.13
CA MET D 731 5.15 -50.42 3.89
C MET D 731 4.32 -51.29 4.83
N ASP D 732 3.80 -52.40 4.32
CA ASP D 732 3.03 -53.31 5.16
C ASP D 732 3.86 -53.76 6.36
N VAL D 733 5.14 -54.02 6.14
CA VAL D 733 6.01 -54.40 7.25
C VAL D 733 6.14 -53.25 8.26
N VAL D 734 6.54 -52.08 7.78
CA VAL D 734 6.87 -50.96 8.66
C VAL D 734 5.68 -50.59 9.53
N MET D 735 4.48 -50.57 8.95
CA MET D 735 3.31 -50.16 9.71
C MET D 735 3.17 -50.99 10.98
N LYS D 736 3.21 -52.32 10.82
CA LYS D 736 2.98 -53.21 11.95
C LYS D 736 4.13 -53.14 12.94
N LEU D 737 5.36 -53.02 12.43
CA LEU D 737 6.50 -52.85 13.31
C LEU D 737 6.29 -51.64 14.23
N SER D 738 5.92 -50.50 13.65
CA SER D 738 5.74 -49.28 14.45
C SER D 738 4.59 -49.45 15.44
N HIS D 739 3.47 -49.96 14.97
CA HIS D 739 2.30 -50.14 15.84
C HIS D 739 2.65 -51.02 17.04
N THR D 740 3.34 -52.12 16.80
CA THR D 740 3.63 -53.04 17.90
C THR D 740 4.65 -52.44 18.86
N VAL D 741 5.62 -51.67 18.35
CA VAL D 741 6.58 -51.07 19.28
C VAL D 741 5.90 -50.03 20.16
N VAL D 742 4.98 -49.24 19.59
CA VAL D 742 4.30 -48.25 20.43
C VAL D 742 3.46 -48.95 21.48
N LEU D 743 2.75 -50.01 21.12
CA LEU D 743 1.96 -50.70 22.13
C LEU D 743 2.86 -51.34 23.17
N MET D 744 4.02 -51.84 22.77
CA MET D 744 4.98 -52.38 23.70
C MET D 744 5.35 -51.35 24.75
N ALA D 745 5.80 -50.16 24.30
CA ALA D 745 6.18 -49.12 25.25
C ALA D 745 5.01 -48.71 26.12
N TRP D 746 3.79 -48.71 25.56
CA TRP D 746 2.62 -48.32 26.34
C TRP D 746 2.29 -49.33 27.42
N ARG D 747 2.58 -50.61 27.18
CA ARG D 747 2.18 -51.65 28.13
C ARG D 747 2.86 -51.50 29.49
N THR D 748 4.06 -50.92 29.52
CA THR D 748 4.90 -50.95 30.72
C THR D 748 4.89 -49.63 31.47
N THR D 749 3.76 -48.94 31.52
CA THR D 749 3.63 -47.68 32.24
C THR D 749 2.74 -47.86 33.46
N GLU D 750 2.84 -46.89 34.38
CA GLU D 750 2.16 -47.01 35.67
C GLU D 750 0.66 -47.22 35.50
N TRP D 751 0.05 -46.55 34.52
CA TRP D 751 -1.39 -46.68 34.34
C TRP D 751 -1.81 -48.13 34.18
N ASN D 752 -0.92 -49.00 33.70
CA ASN D 752 -1.21 -50.42 33.62
C ASN D 752 -0.78 -51.15 34.89
N VAL D 753 0.47 -50.95 35.31
CA VAL D 753 1.00 -51.56 36.52
C VAL D 753 0.73 -50.59 37.68
N CYS D 754 -0.26 -50.92 38.50
CA CYS D 754 -0.80 -49.99 39.48
C CYS D 754 0.15 -49.85 40.67
N GLU D 755 0.70 -48.65 40.84
CA GLU D 755 1.48 -48.31 42.03
C GLU D 755 1.21 -46.85 42.38
N LEU D 756 0.47 -46.64 43.46
CA LEU D 756 0.07 -45.31 43.92
C LEU D 756 -1.05 -44.72 43.06
N HIS D 757 -1.37 -45.43 41.98
CA HIS D 757 -2.49 -45.06 41.12
C HIS D 757 -2.62 -46.06 39.98
N GLY D 758 -3.69 -45.96 39.20
CA GLY D 758 -3.81 -46.79 38.01
C GLY D 758 -5.24 -47.00 37.56
N ARG D 759 -5.44 -47.95 36.65
CA ARG D 759 -6.78 -48.26 36.17
C ARG D 759 -7.67 -48.71 37.33
N ASN D 760 -8.87 -48.15 37.39
CA ASN D 760 -9.80 -48.46 38.47
C ASN D 760 -10.41 -49.84 38.26
N SER D 817 13.09 -15.27 32.41
CA SER D 817 12.87 -14.96 31.00
C SER D 817 11.99 -13.72 30.85
N THR D 818 10.74 -13.91 30.47
CA THR D 818 9.79 -12.83 30.31
C THR D 818 8.44 -13.28 30.85
N ASN D 819 7.56 -12.31 31.09
CA ASN D 819 6.27 -12.55 31.72
C ASN D 819 5.16 -12.22 30.72
N TRP D 820 4.63 -13.26 30.08
CA TRP D 820 3.48 -13.13 29.20
C TRP D 820 2.23 -13.48 30.00
N THR D 821 1.29 -12.56 30.07
CA THR D 821 0.06 -12.80 30.80
C THR D 821 -0.91 -11.66 30.57
N ALA D 822 -2.13 -11.85 31.04
CA ALA D 822 -3.17 -10.83 30.99
C ALA D 822 -3.68 -10.46 32.38
N THR D 823 -3.22 -11.12 33.43
CA THR D 823 -3.69 -10.90 34.80
C THR D 823 -2.49 -10.75 35.72
N PRO D 824 -1.71 -9.68 35.54
CA PRO D 824 -0.48 -9.52 36.32
C PRO D 824 -0.68 -9.23 37.80
N GLY D 825 -1.92 -9.02 38.25
CA GLY D 825 -2.17 -8.75 39.64
C GLY D 825 -2.80 -9.92 40.36
N LEU D 826 -3.35 -10.85 39.60
CA LEU D 826 -3.98 -12.04 40.15
C LEU D 826 -2.94 -13.12 40.43
N ARG D 827 -2.78 -13.46 41.71
CA ARG D 827 -1.87 -14.54 42.11
C ARG D 827 -2.74 -15.56 42.85
N VAL D 828 -2.55 -16.85 42.63
CA VAL D 828 -3.35 -17.90 43.22
C VAL D 828 -2.47 -18.77 44.11
N ASP D 829 -3.11 -19.61 44.92
CA ASP D 829 -2.44 -20.53 45.83
C ASP D 829 -2.58 -21.97 45.35
N LEU D 830 -1.63 -22.81 45.78
CA LEU D 830 -1.57 -24.18 45.29
C LEU D 830 -2.86 -24.93 45.55
N SER D 831 -3.39 -24.82 46.77
CA SER D 831 -4.61 -25.54 47.12
C SER D 831 -5.69 -25.30 46.08
N SER D 832 -5.87 -24.05 45.67
CA SER D 832 -6.90 -23.73 44.70
C SER D 832 -6.57 -24.33 43.34
N MET D 833 -5.30 -24.25 42.92
CA MET D 833 -4.91 -24.82 41.64
C MET D 833 -5.26 -26.30 41.57
N VAL D 834 -4.92 -27.04 42.61
CA VAL D 834 -5.13 -28.48 42.60
C VAL D 834 -6.61 -28.81 42.75
N ARG D 835 -7.31 -28.12 43.67
CA ARG D 835 -8.76 -28.26 43.76
C ARG D 835 -9.40 -28.07 42.39
N LEU D 836 -8.89 -27.12 41.62
CA LEU D 836 -9.46 -26.82 40.31
C LEU D 836 -9.16 -27.93 39.33
N GLU D 837 -7.89 -28.27 39.15
CA GLU D 837 -7.52 -29.37 38.28
C GLU D 837 -8.32 -30.62 38.59
N GLY D 838 -8.72 -30.78 39.86
CA GLY D 838 -9.54 -31.92 40.23
C GLY D 838 -10.99 -31.75 39.82
N GLN D 839 -11.62 -30.64 40.21
CA GLN D 839 -13.02 -30.42 39.93
C GLN D 839 -13.32 -30.34 38.44
N LEU D 840 -12.30 -30.28 37.58
CA LEU D 840 -12.48 -30.19 36.15
C LEU D 840 -12.06 -31.50 35.49
N ALA D 841 -12.07 -31.50 34.16
CA ALA D 841 -11.63 -32.63 33.35
C ALA D 841 -10.21 -32.40 32.86
N GLN D 842 -9.45 -33.48 32.75
CA GLN D 842 -8.04 -33.37 32.36
C GLN D 842 -7.93 -32.70 31.00
N GLY D 843 -6.99 -31.76 30.89
CA GLY D 843 -6.68 -31.13 29.63
C GLY D 843 -7.25 -29.74 29.44
N LEU D 844 -7.90 -29.17 30.45
CA LEU D 844 -8.43 -27.82 30.33
C LEU D 844 -7.46 -26.78 30.87
N VAL D 845 -6.76 -27.10 31.94
CA VAL D 845 -5.67 -26.26 32.42
C VAL D 845 -4.40 -26.66 31.69
N THR D 846 -3.44 -25.74 31.63
CA THR D 846 -2.19 -25.95 30.91
C THR D 846 -1.04 -25.41 31.73
N ASP D 847 0.16 -25.49 31.17
CA ASP D 847 1.35 -25.01 31.86
C ASP D 847 1.36 -23.49 31.94
N VAL D 848 0.96 -22.82 30.85
CA VAL D 848 1.05 -21.37 30.81
C VAL D 848 -0.13 -20.73 31.54
N HIS D 849 -1.32 -21.33 31.45
CA HIS D 849 -2.42 -20.94 32.33
C HIS D 849 -1.91 -20.75 33.75
N ARG D 850 -1.06 -21.67 34.19
CA ARG D 850 -0.53 -21.63 35.55
C ARG D 850 0.61 -20.62 35.67
N LYS D 851 1.48 -20.56 34.68
CA LYS D 851 2.59 -19.61 34.73
C LYS D 851 2.11 -18.17 34.74
N GLY D 852 0.87 -17.93 34.36
CA GLY D 852 0.35 -16.57 34.33
C GLY D 852 -0.40 -16.17 35.58
N MET D 853 -1.09 -17.12 36.21
CA MET D 853 -1.93 -16.85 37.37
C MET D 853 -1.28 -17.32 38.67
N MET D 854 0.05 -17.41 38.69
CA MET D 854 0.74 -17.87 39.87
C MET D 854 2.08 -17.16 40.00
N ARG D 855 2.58 -17.10 41.22
CA ARG D 855 3.89 -16.55 41.49
C ARG D 855 4.98 -17.48 40.95
N SER D 856 6.23 -17.03 41.09
CA SER D 856 7.35 -17.83 40.61
C SER D 856 7.77 -18.87 41.65
N GLU D 857 7.86 -18.46 42.91
CA GLU D 857 8.37 -19.34 43.95
C GLU D 857 7.41 -20.50 44.21
N ASP D 858 6.12 -20.18 44.35
CA ASP D 858 5.14 -21.25 44.53
C ASP D 858 5.12 -22.20 43.35
N LEU D 859 5.35 -21.67 42.14
CA LEU D 859 5.39 -22.52 40.95
C LEU D 859 6.59 -23.45 41.00
N ALA D 860 7.76 -22.94 41.35
CA ALA D 860 8.94 -23.78 41.48
C ALA D 860 8.72 -24.86 42.54
N GLU D 861 8.10 -24.48 43.66
CA GLU D 861 7.83 -25.47 44.70
C GLU D 861 6.91 -26.57 44.19
N LEU D 862 5.82 -26.19 43.53
CA LEU D 862 4.91 -27.18 42.98
C LEU D 862 5.63 -28.09 41.99
N LYS D 863 6.47 -27.50 41.13
CA LYS D 863 7.19 -28.29 40.15
C LYS D 863 8.09 -29.32 40.82
N ARG D 864 8.87 -28.88 41.81
CA ARG D 864 9.67 -29.82 42.59
C ARG D 864 8.80 -30.90 43.20
N LEU D 865 7.60 -30.54 43.66
CA LEU D 865 6.74 -31.49 44.33
C LEU D 865 6.08 -32.47 43.37
N GLU D 866 6.05 -32.15 42.08
CA GLU D 866 5.45 -33.01 41.07
C GLU D 866 6.47 -33.86 40.34
N GLU D 867 7.71 -33.91 40.83
CA GLU D 867 8.74 -34.72 40.19
C GLU D 867 8.36 -36.19 40.16
N SER D 868 7.56 -36.63 41.13
CA SER D 868 7.30 -38.06 41.27
C SER D 868 6.13 -38.51 40.39
N GLY D 869 5.10 -37.68 40.25
CA GLY D 869 3.93 -38.10 39.51
C GLY D 869 3.01 -36.95 39.21
N PHE D 870 1.71 -37.28 39.08
CA PHE D 870 0.74 -36.30 38.64
C PHE D 870 0.12 -35.55 39.81
N LEU D 871 0.04 -36.17 40.98
CA LEU D 871 -0.45 -35.50 42.18
C LEU D 871 -1.93 -35.17 42.09
N GLN D 872 -2.73 -36.16 41.71
CA GLN D 872 -4.18 -36.01 41.75
C GLN D 872 -4.70 -36.41 43.13
N ALA D 873 -5.45 -35.52 43.77
CA ALA D 873 -5.95 -35.77 45.12
C ALA D 873 -7.11 -34.82 45.41
N GLN D 874 -7.82 -35.12 46.50
CA GLN D 874 -8.98 -34.33 46.92
C GLN D 874 -9.05 -34.29 48.44
N GLN D 875 -9.00 -33.08 49.00
CA GLN D 875 -9.10 -32.93 50.45
C GLN D 875 -10.54 -32.90 50.91
N HIS D 876 -11.43 -32.31 50.11
CA HIS D 876 -12.85 -32.22 50.43
C HIS D 876 -13.12 -31.26 51.57
N ARG D 877 -12.45 -30.09 51.50
CA ARG D 877 -12.62 -29.02 52.51
C ARG D 877 -13.38 -27.89 51.83
N ASN D 878 -14.33 -27.26 52.51
CA ASN D 878 -15.17 -26.22 51.94
C ASN D 878 -15.13 -24.97 52.81
N TRP D 879 -15.28 -23.81 52.17
CA TRP D 879 -15.37 -22.53 52.87
C TRP D 879 -16.31 -21.61 52.11
N GLU D 880 -16.38 -20.36 52.56
CA GLU D 880 -17.19 -19.36 51.87
C GLU D 880 -16.44 -18.76 50.68
N SER D 881 -15.11 -18.80 50.72
CA SER D 881 -14.33 -18.19 49.65
C SER D 881 -14.05 -19.19 48.53
N GLN D 882 -13.94 -20.47 48.88
CA GLN D 882 -13.71 -21.50 47.86
C GLN D 882 -14.81 -21.48 46.83
N THR D 883 -16.06 -21.33 47.26
CA THR D 883 -17.19 -21.28 46.33
C THR D 883 -17.02 -20.13 45.33
N ARG D 884 -16.73 -18.94 45.83
CA ARG D 884 -16.54 -17.77 44.97
C ARG D 884 -15.43 -18.02 43.96
N GLU D 885 -14.27 -18.48 44.44
CA GLU D 885 -13.14 -18.73 43.56
C GLU D 885 -13.50 -19.75 42.48
N MET D 886 -14.22 -20.81 42.85
CA MET D 886 -14.63 -21.80 41.87
C MET D 886 -15.55 -21.17 40.83
N THR D 887 -16.60 -20.48 41.28
CA THR D 887 -17.55 -19.89 40.36
C THR D 887 -16.86 -19.00 39.35
N PHE D 888 -15.80 -18.33 39.77
CA PHE D 888 -15.11 -17.44 38.82
C PHE D 888 -14.18 -18.21 37.89
N LEU D 889 -13.33 -19.09 38.44
CA LEU D 889 -12.33 -19.74 37.63
C LEU D 889 -12.94 -20.70 36.61
N ALA D 890 -13.98 -21.43 37.00
CA ALA D 890 -14.63 -22.34 36.07
C ALA D 890 -15.02 -21.63 34.79
N HIS D 891 -15.45 -20.37 34.89
CA HIS D 891 -15.78 -19.61 33.70
C HIS D 891 -14.52 -19.05 33.04
N GLY D 892 -13.56 -18.61 33.85
CA GLY D 892 -12.46 -17.84 33.29
C GLY D 892 -11.45 -18.66 32.52
N ILE D 893 -11.37 -19.96 32.81
CA ILE D 893 -10.29 -20.76 32.21
C ILE D 893 -10.47 -20.90 30.71
N ASN D 894 -11.71 -20.96 30.23
CA ASN D 894 -11.97 -21.31 28.83
C ASN D 894 -11.14 -20.46 27.87
N HIS D 895 -10.89 -19.20 28.21
CA HIS D 895 -10.11 -18.35 27.33
C HIS D 895 -8.68 -18.85 27.23
N ILE D 896 -8.03 -18.50 26.12
CA ILE D 896 -6.77 -19.12 25.72
C ILE D 896 -5.61 -18.26 26.19
N ALA D 897 -4.55 -18.92 26.64
CA ALA D 897 -3.26 -18.31 26.91
C ALA D 897 -2.20 -19.08 26.16
N TYR D 898 -1.26 -18.36 25.55
CA TYR D 898 -0.30 -18.98 24.66
C TYR D 898 1.03 -18.25 24.73
N ASP D 899 2.10 -18.98 24.40
CA ASP D 899 3.44 -18.43 24.37
C ASP D 899 3.81 -18.08 22.94
N PRO D 900 3.94 -16.79 22.60
CA PRO D 900 4.16 -16.44 21.18
C PRO D 900 5.43 -17.03 20.59
N ARG D 901 6.42 -17.35 21.42
CA ARG D 901 7.70 -17.78 20.89
C ARG D 901 7.58 -19.12 20.18
N SER D 902 6.61 -19.93 20.57
CA SER D 902 6.44 -21.24 19.94
C SER D 902 5.76 -21.10 18.60
N TRP D 903 6.27 -21.80 17.60
CA TRP D 903 5.70 -21.80 16.26
C TRP D 903 4.81 -23.00 15.97
N MET D 904 5.04 -24.11 16.67
CA MET D 904 4.22 -25.30 16.44
C MET D 904 2.77 -25.06 16.85
N LYS D 905 2.57 -24.70 18.12
CA LYS D 905 1.22 -24.57 18.67
C LYS D 905 0.41 -23.47 18.02
N THR D 906 0.98 -22.73 17.09
CA THR D 906 0.22 -21.77 16.29
C THR D 906 -0.25 -22.36 14.98
N LEU D 907 0.61 -23.11 14.29
CA LEU D 907 0.24 -23.71 13.02
C LEU D 907 -0.72 -24.88 13.24
N THR D 908 -0.28 -25.87 14.02
CA THR D 908 -1.04 -27.09 14.25
C THR D 908 -2.29 -26.87 15.08
N ALA D 909 -2.63 -25.63 15.43
CA ALA D 909 -3.75 -25.39 16.31
C ALA D 909 -5.07 -25.36 15.54
N VAL D 910 -6.11 -25.84 16.21
CA VAL D 910 -7.43 -26.03 15.62
C VAL D 910 -8.46 -25.23 16.39
N ARG D 911 -8.33 -25.23 17.72
CA ARG D 911 -9.39 -24.74 18.59
C ARG D 911 -9.69 -23.26 18.34
N GLY D 912 -8.68 -22.41 18.42
CA GLY D 912 -8.94 -20.98 18.41
C GLY D 912 -9.08 -20.41 17.00
N ARG D 913 -8.98 -21.25 15.99
CA ARG D 913 -9.04 -20.78 14.62
C ARG D 913 -10.42 -20.17 14.33
N ALA D 914 -10.53 -19.55 13.17
CA ALA D 914 -11.76 -18.87 12.81
C ALA D 914 -12.66 -19.82 12.03
N PRO D 915 -13.98 -19.69 12.17
CA PRO D 915 -14.88 -20.50 11.35
C PRO D 915 -14.94 -19.97 9.93
N THR D 916 -15.46 -20.80 9.04
CA THR D 916 -15.69 -20.42 7.66
C THR D 916 -17.19 -20.47 7.37
N SER D 917 -17.52 -20.20 6.12
CA SER D 917 -18.90 -20.04 5.70
C SER D 917 -19.23 -20.97 4.55
N PHE D 918 -20.50 -20.96 4.14
CA PHE D 918 -20.99 -21.80 3.07
C PHE D 918 -20.43 -21.43 1.71
N LEU D 919 -19.61 -20.38 1.63
CA LEU D 919 -19.13 -19.89 0.35
C LEU D 919 -18.10 -20.83 -0.26
N LEU D 920 -17.12 -21.26 0.54
CA LEU D 920 -16.09 -22.16 0.05
C LEU D 920 -16.69 -23.31 -0.74
N TRP D 921 -17.78 -23.89 -0.23
CA TRP D 921 -18.42 -25.00 -0.93
C TRP D 921 -18.94 -24.57 -2.29
N VAL D 922 -19.58 -23.41 -2.35
CA VAL D 922 -20.07 -22.87 -3.62
C VAL D 922 -18.91 -22.75 -4.61
N VAL D 923 -17.79 -22.20 -4.15
CA VAL D 923 -16.67 -21.94 -5.04
C VAL D 923 -16.07 -23.25 -5.53
N LEU D 924 -15.95 -24.24 -4.65
CA LEU D 924 -15.44 -25.53 -5.07
C LEU D 924 -16.36 -26.17 -6.10
N ILE D 925 -17.68 -26.08 -5.88
CA ILE D 925 -18.64 -26.56 -6.86
C ILE D 925 -18.37 -25.94 -8.22
N GLU D 926 -18.34 -24.60 -8.25
CA GLU D 926 -18.14 -23.87 -9.49
C GLU D 926 -16.87 -24.33 -10.19
N SER D 927 -15.75 -24.38 -9.45
CA SER D 927 -14.47 -24.74 -10.05
C SER D 927 -14.49 -26.16 -10.60
N SER D 928 -15.06 -27.09 -9.84
CA SER D 928 -15.08 -28.48 -10.28
C SER D 928 -15.86 -28.62 -11.58
N ILE D 929 -17.04 -28.00 -11.66
CA ILE D 929 -17.80 -28.10 -12.89
C ILE D 929 -17.02 -27.45 -14.03
N VAL D 930 -16.36 -26.32 -13.76
CA VAL D 930 -15.62 -25.64 -14.82
C VAL D 930 -14.53 -26.55 -15.37
N LEU D 931 -13.83 -27.26 -14.49
CA LEU D 931 -12.73 -28.11 -14.93
C LEU D 931 -13.26 -29.29 -15.74
N ALA D 932 -14.17 -30.06 -15.15
CA ALA D 932 -14.71 -31.22 -15.87
C ALA D 932 -15.30 -30.80 -17.21
N LEU D 933 -15.91 -29.62 -17.26
CA LEU D 933 -16.59 -29.17 -18.46
C LEU D 933 -15.62 -28.62 -19.48
N SER D 934 -14.51 -28.02 -19.04
CA SER D 934 -13.49 -27.61 -19.99
C SER D 934 -12.85 -28.82 -20.64
N LYS D 935 -12.72 -29.91 -19.89
CA LYS D 935 -12.14 -31.11 -20.49
C LYS D 935 -13.14 -31.80 -21.43
N PHE D 936 -14.38 -31.99 -20.98
CA PHE D 936 -15.39 -32.61 -21.82
C PHE D 936 -15.61 -31.80 -23.09
N PHE D 937 -15.74 -30.49 -22.96
CA PHE D 937 -15.86 -29.58 -24.08
C PHE D 937 -14.54 -29.38 -24.81
N GLY D 938 -13.46 -29.94 -24.30
CA GLY D 938 -12.19 -29.89 -25.01
C GLY D 938 -11.55 -28.51 -24.95
N GLU D 939 -11.19 -27.98 -26.11
CA GLU D 939 -10.34 -26.79 -26.16
C GLU D 939 -11.15 -25.51 -26.29
N SER D 940 -12.40 -25.63 -26.75
CA SER D 940 -13.19 -24.46 -27.13
C SER D 940 -13.73 -23.72 -25.90
N PHE D 941 -12.79 -23.20 -25.10
CA PHE D 941 -13.18 -22.36 -23.96
C PHE D 941 -13.00 -20.89 -24.30
N ASP D 942 -11.88 -20.51 -24.89
CA ASP D 942 -11.58 -19.12 -25.23
C ASP D 942 -11.64 -18.24 -24.00
N LEU D 943 -10.77 -18.56 -23.02
CA LEU D 943 -10.77 -17.81 -21.78
C LEU D 943 -10.56 -16.32 -22.02
N GLY D 944 -9.55 -15.97 -22.82
CA GLY D 944 -9.24 -14.57 -23.06
C GLY D 944 -9.05 -13.80 -21.78
N VAL D 945 -8.12 -14.24 -20.95
CA VAL D 945 -7.89 -13.58 -19.67
C VAL D 945 -7.55 -12.11 -19.91
N SER D 946 -7.83 -11.29 -18.91
CA SER D 946 -7.61 -9.85 -18.99
C SER D 946 -7.02 -9.37 -17.67
N SER D 947 -6.04 -8.46 -17.77
CA SER D 947 -5.32 -8.04 -16.57
C SER D 947 -6.14 -7.07 -15.74
N GLY D 948 -6.98 -6.25 -16.39
CA GLY D 948 -7.75 -5.26 -15.65
C GLY D 948 -8.76 -5.89 -14.71
N ILE D 949 -9.49 -6.90 -15.20
CA ILE D 949 -10.55 -7.51 -14.39
C ILE D 949 -9.95 -8.27 -13.21
N HIS D 950 -8.69 -8.70 -13.33
CA HIS D 950 -8.08 -9.52 -12.29
C HIS D 950 -7.24 -8.71 -11.31
N SER D 951 -6.18 -8.06 -11.80
CA SER D 951 -5.21 -7.44 -10.91
C SER D 951 -5.83 -6.29 -10.13
N LEU D 952 -6.63 -5.48 -10.80
CA LEU D 952 -7.24 -4.33 -10.15
C LEU D 952 -8.15 -4.76 -9.01
N PHE D 953 -9.13 -5.60 -9.32
CA PHE D 953 -9.99 -6.17 -8.28
C PHE D 953 -9.14 -6.72 -7.14
N GLY D 954 -8.07 -7.44 -7.47
CA GLY D 954 -7.26 -8.04 -6.42
C GLY D 954 -6.71 -6.99 -5.46
N VAL D 955 -6.02 -5.99 -6.00
CA VAL D 955 -5.41 -5.00 -5.13
C VAL D 955 -6.46 -4.27 -4.31
N LEU D 956 -7.57 -3.90 -4.94
CA LEU D 956 -8.62 -3.18 -4.21
C LEU D 956 -9.13 -4.00 -3.04
N VAL D 957 -9.61 -5.21 -3.30
CA VAL D 957 -10.21 -6.02 -2.25
C VAL D 957 -9.18 -6.32 -1.17
N SER D 958 -7.91 -6.45 -1.54
CA SER D 958 -6.89 -6.73 -0.54
C SER D 958 -6.72 -5.55 0.42
N PHE D 959 -6.49 -4.36 -0.14
CA PHE D 959 -6.52 -3.16 0.68
C PHE D 959 -7.69 -3.19 1.65
N LEU D 960 -8.89 -3.34 1.11
CA LEU D 960 -10.10 -3.23 1.93
C LEU D 960 -10.08 -4.23 3.07
N VAL D 961 -9.76 -5.48 2.76
CA VAL D 961 -9.91 -6.54 3.74
C VAL D 961 -8.88 -6.41 4.85
N VAL D 962 -7.69 -5.88 4.54
CA VAL D 962 -6.71 -5.73 5.60
C VAL D 962 -7.02 -4.50 6.46
N PHE D 963 -7.58 -3.46 5.83
CA PHE D 963 -7.93 -2.28 6.61
C PHE D 963 -9.06 -2.58 7.58
N ARG D 964 -10.06 -3.34 7.13
CA ARG D 964 -11.17 -3.72 8.00
C ARG D 964 -10.73 -4.56 9.19
N THR D 965 -9.52 -5.08 9.19
CA THR D 965 -8.97 -5.87 10.28
C THR D 965 -8.09 -5.05 11.20
N GLN D 966 -7.24 -4.20 10.62
CA GLN D 966 -6.51 -3.23 11.41
C GLN D 966 -7.45 -2.30 12.15
N ALA D 967 -8.70 -2.20 11.70
CA ALA D 967 -9.65 -1.34 12.41
C ALA D 967 -10.27 -2.06 13.61
N ALA D 968 -10.25 -3.38 13.63
CA ALA D 968 -10.87 -4.11 14.73
C ALA D 968 -9.86 -4.40 15.84
N PHE D 969 -8.61 -4.65 15.45
CA PHE D 969 -7.57 -4.81 16.47
C PHE D 969 -7.57 -3.64 17.43
N LYS D 970 -7.83 -2.44 16.92
CA LYS D 970 -7.80 -1.24 17.75
C LYS D 970 -8.89 -1.26 18.80
N LYS D 971 -10.10 -1.68 18.41
CA LYS D 971 -11.19 -1.77 19.36
C LYS D 971 -10.88 -2.78 20.45
N TRP D 972 -10.35 -3.93 20.06
CA TRP D 972 -9.88 -4.91 21.05
C TRP D 972 -8.98 -4.25 22.08
N TRP D 973 -7.96 -3.52 21.61
CA TRP D 973 -7.01 -2.90 22.53
C TRP D 973 -7.69 -1.87 23.43
N SER D 974 -8.56 -1.05 22.86
CA SER D 974 -9.24 -0.03 23.64
C SER D 974 -10.05 -0.66 24.76
N GLY D 975 -10.68 -1.80 24.50
CA GLY D 975 -11.39 -2.49 25.56
C GLY D 975 -10.47 -2.93 26.68
N ARG D 976 -9.33 -3.50 26.31
CA ARG D 976 -8.34 -3.85 27.33
C ARG D 976 -8.02 -2.66 28.22
N SER D 977 -7.75 -1.52 27.59
CA SER D 977 -7.40 -0.32 28.35
C SER D 977 -8.52 0.08 29.31
N ALA D 978 -9.75 0.10 28.81
CA ALA D 978 -10.90 0.43 29.65
C ALA D 978 -10.94 -0.43 30.90
N VAL D 979 -10.83 -1.75 30.72
CA VAL D 979 -10.91 -2.66 31.86
C VAL D 979 -9.83 -2.32 32.89
N SER D 980 -8.59 -2.18 32.43
CA SER D 980 -7.51 -1.88 33.36
C SER D 980 -7.79 -0.61 34.15
N SER D 981 -8.24 0.43 33.46
CA SER D 981 -8.50 1.70 34.14
C SER D 981 -9.58 1.54 35.20
N LEU D 982 -10.64 0.82 34.86
CA LEU D 982 -11.71 0.57 35.84
C LEU D 982 -11.16 -0.07 37.11
N VAL D 983 -10.41 -1.15 36.95
CA VAL D 983 -9.84 -1.83 38.11
C VAL D 983 -9.03 -0.85 38.97
N GLN D 984 -8.13 -0.12 38.32
CA GLN D 984 -7.25 0.78 39.05
C GLN D 984 -8.04 1.83 39.83
N MET D 985 -9.07 2.41 39.20
CA MET D 985 -9.87 3.41 39.90
C MET D 985 -10.56 2.82 41.11
N SER D 986 -11.09 1.61 40.97
CA SER D 986 -11.74 0.97 42.11
C SER D 986 -10.79 0.88 43.29
N ARG D 987 -9.58 0.40 43.03
CA ARG D 987 -8.63 0.23 44.13
C ARG D 987 -8.28 1.56 44.78
N THR D 988 -8.06 2.61 43.98
CA THR D 988 -7.73 3.91 44.57
C THR D 988 -8.88 4.42 45.42
N PHE D 989 -10.11 4.29 44.93
CA PHE D 989 -11.28 4.68 45.70
C PHE D 989 -11.29 4.00 47.06
N ALA D 990 -11.07 2.70 47.08
CA ALA D 990 -11.13 1.96 48.34
C ALA D 990 -10.07 2.44 49.31
N GLN D 991 -8.83 2.62 48.82
CA GLN D 991 -7.78 3.11 49.70
C GLN D 991 -8.13 4.48 50.28
N GLN D 992 -8.50 5.41 49.39
CA GLN D 992 -8.89 6.74 49.83
C GLN D 992 -9.92 6.67 50.95
N VAL D 993 -10.96 5.85 50.75
CA VAL D 993 -12.00 5.75 51.76
C VAL D 993 -11.43 5.23 53.07
N CYS D 994 -10.73 4.10 53.02
CA CYS D 994 -10.28 3.47 54.25
C CYS D 994 -9.26 4.30 54.99
N ALA D 995 -8.66 5.31 54.35
CA ALA D 995 -7.70 6.15 55.03
C ALA D 995 -8.29 7.48 55.49
N TYR D 996 -9.03 8.17 54.64
CA TYR D 996 -9.53 9.50 54.94
C TYR D 996 -10.90 9.49 55.59
N VAL D 997 -11.33 8.37 56.13
CA VAL D 997 -12.60 8.27 56.84
C VAL D 997 -12.38 7.55 58.15
N LYS D 998 -13.14 7.94 59.16
CA LYS D 998 -12.90 7.52 60.53
C LYS D 998 -13.96 6.59 61.09
N ASP D 999 -15.16 6.59 60.51
CA ASP D 999 -16.19 5.67 60.97
C ASP D 999 -15.91 4.29 60.40
N GLU D 1000 -16.78 3.33 60.69
CA GLU D 1000 -16.58 1.96 60.26
C GLU D 1000 -17.78 1.32 59.61
N ALA D 1001 -18.99 1.85 59.78
CA ALA D 1001 -20.16 1.28 59.14
C ALA D 1001 -20.36 1.82 57.73
N TYR D 1002 -19.88 3.03 57.48
CA TYR D 1002 -19.93 3.58 56.12
C TYR D 1002 -18.90 2.90 55.23
N VAL D 1003 -17.73 2.59 55.80
CA VAL D 1003 -16.62 2.03 55.03
C VAL D 1003 -17.02 0.72 54.38
N ASN D 1004 -17.55 -0.20 55.17
CA ASN D 1004 -18.02 -1.47 54.63
C ASN D 1004 -18.95 -1.22 53.45
N ARG D 1005 -20.08 -0.60 53.73
CA ARG D 1005 -21.07 -0.27 52.71
C ARG D 1005 -20.39 0.14 51.40
N MET D 1006 -19.51 1.14 51.49
CA MET D 1006 -18.86 1.68 50.30
C MET D 1006 -18.06 0.62 49.56
N VAL D 1007 -17.12 -0.02 50.26
CA VAL D 1007 -16.21 -0.95 49.61
C VAL D 1007 -16.98 -2.10 48.97
N ARG D 1008 -17.85 -2.73 49.75
CA ARG D 1008 -18.59 -3.87 49.26
C ARG D 1008 -19.43 -3.50 48.04
N TYR D 1009 -20.04 -2.31 48.04
CA TYR D 1009 -20.83 -1.94 46.88
C TYR D 1009 -19.96 -1.56 45.69
N SER D 1010 -18.72 -1.17 45.90
CA SER D 1010 -17.79 -1.02 44.78
C SER D 1010 -17.54 -2.36 44.10
N ILE D 1011 -17.23 -3.38 44.89
CA ILE D 1011 -17.08 -4.73 44.35
C ILE D 1011 -18.33 -5.10 43.55
N ALA D 1012 -19.49 -4.86 44.15
CA ALA D 1012 -20.75 -5.14 43.46
C ALA D 1012 -20.84 -4.39 42.14
N THR D 1013 -20.32 -3.17 42.09
CA THR D 1013 -20.34 -2.40 40.86
C THR D 1013 -19.56 -3.10 39.76
N VAL D 1014 -18.36 -3.57 40.08
CA VAL D 1014 -17.58 -4.30 39.09
C VAL D 1014 -18.37 -5.51 38.60
N VAL D 1015 -18.84 -6.34 39.54
CA VAL D 1015 -19.54 -7.57 39.13
C VAL D 1015 -20.78 -7.23 38.34
N ALA D 1016 -21.36 -6.06 38.56
CA ALA D 1016 -22.55 -5.66 37.83
C ALA D 1016 -22.22 -5.30 36.40
N THR D 1017 -21.17 -4.50 36.20
CA THR D 1017 -20.81 -4.16 34.82
C THR D 1017 -20.40 -5.39 34.04
N ARG D 1018 -19.84 -6.42 34.67
CA ARG D 1018 -19.51 -7.65 33.91
C ARG D 1018 -20.80 -8.32 33.47
N CYS D 1019 -21.93 -7.92 34.03
CA CYS D 1019 -23.20 -8.54 33.66
C CYS D 1019 -24.14 -7.56 32.96
N HIS D 1020 -23.68 -6.35 32.70
CA HIS D 1020 -24.40 -5.41 31.87
C HIS D 1020 -24.01 -5.52 30.40
N LEU D 1021 -22.81 -6.02 30.14
CA LEU D 1021 -22.33 -6.22 28.79
C LEU D 1021 -22.83 -7.52 28.17
N ARG D 1022 -23.32 -8.44 28.98
CA ARG D 1022 -23.80 -9.73 28.51
C ARG D 1022 -25.30 -9.90 28.70
N ASN D 1023 -25.98 -8.85 29.13
CA ASN D 1023 -27.44 -8.85 29.28
C ASN D 1023 -27.92 -10.07 30.06
N THR D 1024 -27.48 -10.14 31.32
CA THR D 1024 -27.91 -11.18 32.23
C THR D 1024 -28.25 -10.53 33.56
N ARG D 1025 -28.50 -11.36 34.56
CA ARG D 1025 -28.63 -10.95 35.94
C ARG D 1025 -27.60 -11.71 36.77
N ILE D 1026 -27.58 -11.46 38.06
CA ILE D 1026 -26.47 -11.86 38.91
C ILE D 1026 -26.77 -13.20 39.56
N ASP D 1027 -25.72 -14.01 39.73
CA ASP D 1027 -25.81 -15.26 40.45
C ASP D 1027 -25.33 -15.04 41.87
N PRO D 1028 -26.17 -15.22 42.89
CA PRO D 1028 -25.73 -14.95 44.27
C PRO D 1028 -24.40 -15.57 44.63
N ALA D 1029 -24.05 -16.71 44.05
CA ALA D 1029 -22.80 -17.37 44.40
C ALA D 1029 -21.60 -16.47 44.21
N MET D 1030 -21.73 -15.42 43.41
CA MET D 1030 -20.63 -14.50 43.16
C MET D 1030 -20.57 -13.36 44.18
N LEU D 1031 -21.53 -13.29 45.08
CA LEU D 1031 -21.61 -12.24 46.10
C LEU D 1031 -21.95 -12.86 47.45
N LEU D 1032 -21.24 -13.91 47.82
CA LEU D 1032 -21.60 -14.67 49.02
C LEU D 1032 -21.15 -13.97 50.29
N GLY D 1033 -19.84 -13.80 50.46
CA GLY D 1033 -19.29 -13.22 51.66
C GLY D 1033 -19.12 -11.73 51.64
N VAL D 1034 -19.75 -11.04 50.69
CA VAL D 1034 -19.63 -9.60 50.58
C VAL D 1034 -20.93 -8.87 50.86
N LEU D 1035 -22.08 -9.46 50.59
CA LEU D 1035 -23.35 -8.79 50.74
C LEU D 1035 -24.36 -9.70 51.43
N LYS D 1036 -25.36 -9.09 52.04
CA LYS D 1036 -26.51 -9.81 52.56
C LYS D 1036 -27.49 -10.11 51.44
N GLU D 1037 -28.31 -11.13 51.67
CA GLU D 1037 -29.20 -11.63 50.63
C GLU D 1037 -30.14 -10.54 50.13
N GLU D 1038 -30.89 -9.94 51.05
CA GLU D 1038 -31.90 -8.95 50.68
C GLU D 1038 -31.31 -7.90 49.75
N GLU D 1039 -30.06 -7.50 49.98
CA GLU D 1039 -29.43 -6.54 49.08
C GLU D 1039 -29.34 -7.09 47.66
N ILE D 1040 -29.03 -8.37 47.53
CA ILE D 1040 -28.92 -8.98 46.22
C ILE D 1040 -30.28 -9.03 45.53
N GLU D 1041 -31.32 -9.48 46.25
CA GLU D 1041 -32.63 -9.49 45.63
C GLU D 1041 -33.11 -8.09 45.26
N GLU D 1042 -32.68 -7.07 46.02
CA GLU D 1042 -33.04 -5.71 45.66
C GLU D 1042 -32.27 -5.24 44.44
N LEU D 1043 -31.02 -5.67 44.29
CA LEU D 1043 -30.27 -5.38 43.07
C LEU D 1043 -30.97 -5.95 41.85
N ASN D 1044 -31.11 -7.27 41.81
CA ASN D 1044 -31.64 -7.91 40.60
C ASN D 1044 -33.03 -7.41 40.24
N ARG D 1045 -33.66 -6.63 41.09
CA ARG D 1045 -34.96 -6.03 40.83
C ARG D 1045 -34.86 -4.73 40.04
N GLN D 1046 -33.67 -4.31 39.66
CA GLN D 1046 -33.46 -3.07 38.93
C GLN D 1046 -33.18 -3.37 37.46
N LYS D 1047 -33.06 -2.29 36.68
CA LYS D 1047 -32.86 -2.36 35.25
C LYS D 1047 -31.43 -2.03 34.86
N ASN D 1048 -30.86 -0.98 35.46
CA ASN D 1048 -29.46 -0.61 35.27
C ASN D 1048 -28.77 -0.60 36.62
N LEU D 1049 -27.82 -1.51 36.79
CA LEU D 1049 -27.23 -1.83 38.09
C LEU D 1049 -26.15 -0.84 38.52
N PRO D 1050 -25.18 -0.53 37.66
CA PRO D 1050 -24.12 0.40 38.08
C PRO D 1050 -24.66 1.75 38.52
N PHE D 1051 -25.67 2.24 37.81
CA PHE D 1051 -26.45 3.39 38.26
C PHE D 1051 -26.79 3.26 39.74
N TYR D 1052 -27.39 2.14 40.10
CA TYR D 1052 -27.88 1.95 41.47
C TYR D 1052 -26.72 1.95 42.46
N THR D 1053 -25.65 1.22 42.14
CA THR D 1053 -24.54 1.14 43.08
C THR D 1053 -23.90 2.49 43.30
N ALA D 1054 -23.73 3.26 42.23
CA ALA D 1054 -23.15 4.59 42.37
C ALA D 1054 -24.05 5.50 43.21
N TRP D 1055 -25.36 5.46 42.96
CA TRP D 1055 -26.30 6.24 43.76
C TRP D 1055 -26.13 5.92 45.24
N VAL D 1056 -26.09 4.63 45.55
CA VAL D 1056 -25.89 4.19 46.94
C VAL D 1056 -24.64 4.84 47.51
N ILE D 1057 -23.51 4.61 46.85
CA ILE D 1057 -22.23 5.12 47.33
C ILE D 1057 -22.32 6.61 47.62
N ARG D 1058 -22.92 7.37 46.70
CA ARG D 1058 -22.94 8.81 46.84
C ARG D 1058 -23.77 9.25 48.03
N SER D 1059 -24.97 8.70 48.16
CA SER D 1059 -25.79 9.05 49.32
C SER D 1059 -25.05 8.73 50.62
N THR D 1060 -24.34 7.62 50.64
CA THR D 1060 -23.61 7.22 51.84
C THR D 1060 -22.51 8.22 52.17
N LEU D 1061 -21.74 8.63 51.15
CA LEU D 1061 -20.68 9.59 51.36
C LEU D 1061 -21.23 10.93 51.82
N ALA D 1062 -22.41 11.31 51.35
CA ALA D 1062 -23.02 12.54 51.82
C ALA D 1062 -23.36 12.45 53.29
N GLU D 1063 -24.02 11.35 53.69
CA GLU D 1063 -24.25 11.10 55.10
C GLU D 1063 -22.97 11.31 55.89
N ALA D 1064 -21.87 10.72 55.42
CA ALA D 1064 -20.61 10.83 56.15
C ALA D 1064 -20.17 12.28 56.26
N VAL D 1065 -20.18 13.02 55.15
CA VAL D 1065 -19.65 14.37 55.17
C VAL D 1065 -20.46 15.26 56.10
N ALA D 1066 -21.77 15.03 56.19
CA ALA D 1066 -22.59 15.88 57.03
C ALA D 1066 -22.17 15.79 58.49
N GLU D 1067 -21.86 14.59 58.97
CA GLU D 1067 -21.53 14.35 60.36
C GLU D 1067 -20.06 14.59 60.69
N GLY D 1068 -19.36 15.32 59.84
CA GLY D 1068 -17.95 15.60 60.11
C GLY D 1068 -17.12 14.37 60.38
N ALA D 1069 -17.42 13.28 59.70
CA ALA D 1069 -16.65 12.05 59.79
C ALA D 1069 -15.55 11.95 58.74
N CYS D 1070 -15.40 12.96 57.90
CA CYS D 1070 -14.49 12.90 56.77
C CYS D 1070 -13.60 14.12 56.75
N LEU D 1071 -12.32 13.89 56.49
CA LEU D 1071 -11.33 14.95 56.35
C LEU D 1071 -11.60 15.78 55.11
N PRO D 1072 -10.85 16.85 54.89
CA PRO D 1072 -11.12 17.74 53.75
C PRO D 1072 -10.77 17.16 52.38
N LEU D 1073 -10.46 15.87 52.32
CA LEU D 1073 -10.01 15.23 51.09
C LEU D 1073 -11.14 14.58 50.30
N HIS D 1074 -12.36 15.10 50.39
CA HIS D 1074 -13.51 14.40 49.84
C HIS D 1074 -13.66 14.59 48.33
N MET D 1075 -13.23 15.73 47.81
CA MET D 1075 -13.35 15.97 46.38
C MET D 1075 -12.61 14.91 45.57
N ALA D 1076 -11.48 14.43 46.09
CA ALA D 1076 -10.77 13.36 45.42
C ALA D 1076 -11.63 12.11 45.29
N ILE D 1077 -12.35 11.77 46.36
CA ILE D 1077 -13.23 10.62 46.35
C ILE D 1077 -14.30 10.79 45.28
N GLU D 1078 -14.96 11.94 45.29
CA GLU D 1078 -15.98 12.20 44.29
C GLU D 1078 -15.42 12.06 42.87
N ASN D 1079 -14.22 12.60 42.64
CA ASN D 1079 -13.64 12.54 41.31
C ASN D 1079 -13.35 11.11 40.89
N ALA D 1080 -12.87 10.29 41.82
CA ALA D 1080 -12.66 8.87 41.52
C ALA D 1080 -13.96 8.21 41.09
N ILE D 1081 -15.03 8.47 41.81
CA ILE D 1081 -16.32 7.91 41.42
C ILE D 1081 -16.66 8.35 40.01
N LYS D 1082 -16.43 9.62 39.70
CA LYS D 1082 -16.73 10.12 38.36
C LYS D 1082 -15.92 9.38 37.31
N ALA D 1083 -14.66 9.06 37.62
CA ALA D 1083 -13.78 8.47 36.62
C ALA D 1083 -14.08 7.01 36.36
N ILE D 1084 -14.73 6.33 37.31
CA ILE D 1084 -15.13 4.94 37.06
C ILE D 1084 -16.13 4.87 35.90
N GLU D 1085 -17.12 5.76 35.92
CA GLU D 1085 -18.23 5.67 34.97
C GLU D 1085 -17.77 5.93 33.54
N GLN D 1086 -16.78 6.79 33.35
CA GLN D 1086 -16.22 7.00 32.01
C GLN D 1086 -15.73 5.69 31.41
N SER D 1087 -14.92 4.96 32.19
CA SER D 1087 -14.45 3.65 31.77
C SER D 1087 -15.61 2.76 31.37
N ILE D 1088 -16.64 2.73 32.21
CA ILE D 1088 -17.81 1.91 31.89
C ILE D 1088 -18.39 2.30 30.55
N ALA D 1089 -18.56 3.60 30.33
CA ALA D 1089 -19.21 4.06 29.09
C ALA D 1089 -18.39 3.69 27.86
N ASP D 1090 -17.07 3.79 27.95
CA ASP D 1090 -16.23 3.33 26.84
C ASP D 1090 -16.48 1.86 26.55
N ALA D 1091 -16.39 1.03 27.59
CA ALA D 1091 -16.66 -0.39 27.40
C ALA D 1091 -18.00 -0.60 26.74
N GLU D 1092 -18.98 0.27 27.00
CA GLU D 1092 -20.29 0.08 26.41
C GLU D 1092 -20.32 0.52 24.94
N ARG D 1093 -19.58 1.58 24.60
CA ARG D 1093 -19.42 1.92 23.18
C ARG D 1093 -18.98 0.70 22.41
N LEU D 1094 -18.06 -0.07 22.97
CA LEU D 1094 -17.42 -1.11 22.18
C LEU D 1094 -18.36 -2.23 21.75
N LEU D 1095 -19.66 -2.09 21.98
CA LEU D 1095 -20.64 -3.08 21.55
C LEU D 1095 -21.30 -2.75 20.21
N THR D 1096 -21.04 -1.59 19.65
CA THR D 1096 -21.69 -1.27 18.39
C THR D 1096 -21.00 -2.01 17.24
N PRO D 1097 -21.77 -2.41 16.24
CA PRO D 1097 -21.18 -2.99 15.03
C PRO D 1097 -20.88 -1.94 13.98
N MET D 1098 -19.88 -2.24 13.17
CA MET D 1098 -19.53 -1.37 12.05
C MET D 1098 -20.77 -1.10 11.20
N PRO D 1099 -20.78 -0.03 10.43
CA PRO D 1099 -21.98 0.32 9.67
C PRO D 1099 -22.23 -0.63 8.51
N PHE D 1100 -23.51 -0.71 8.13
CA PHE D 1100 -23.97 -1.67 7.14
C PHE D 1100 -23.26 -1.48 5.81
N THR D 1101 -23.41 -0.30 5.21
CA THR D 1101 -22.89 0.00 3.88
C THR D 1101 -21.48 -0.52 3.67
N TYR D 1102 -20.57 -0.12 4.55
CA TYR D 1102 -19.14 -0.43 4.39
C TYR D 1102 -18.89 -1.93 4.39
N VAL D 1103 -19.79 -2.70 5.00
CA VAL D 1103 -19.60 -4.14 5.10
C VAL D 1103 -20.21 -4.83 3.89
N VAL D 1104 -21.42 -4.41 3.50
CA VAL D 1104 -22.08 -4.96 2.34
C VAL D 1104 -21.18 -4.86 1.11
N HIS D 1105 -20.69 -3.65 0.85
CA HIS D 1105 -19.82 -3.43 -0.31
C HIS D 1105 -18.68 -4.43 -0.36
N VAL D 1106 -17.88 -4.44 0.71
CA VAL D 1106 -16.72 -5.32 0.82
C VAL D 1106 -17.12 -6.76 0.51
N ARG D 1107 -18.09 -7.28 1.24
CA ARG D 1107 -18.41 -8.70 1.16
C ARG D 1107 -18.85 -9.08 -0.24
N THR D 1108 -19.74 -8.29 -0.84
CA THR D 1108 -20.25 -8.67 -2.14
C THR D 1108 -19.15 -8.68 -3.19
N PHE D 1109 -18.26 -7.68 -3.16
CA PHE D 1109 -17.24 -7.68 -4.20
C PHE D 1109 -16.19 -8.76 -3.98
N LEU D 1110 -15.92 -9.12 -2.72
CA LEU D 1110 -15.10 -10.30 -2.46
C LEU D 1110 -15.70 -11.54 -3.10
N PHE D 1111 -16.98 -11.79 -2.82
CA PHE D 1111 -17.69 -12.91 -3.42
C PHE D 1111 -17.53 -12.93 -4.93
N ILE D 1112 -17.69 -11.76 -5.56
CA ILE D 1112 -17.57 -11.67 -7.01
C ILE D 1112 -16.18 -12.11 -7.47
N TYR D 1113 -15.15 -11.47 -6.93
CA TYR D 1113 -13.78 -11.83 -7.29
C TYR D 1113 -13.57 -13.34 -7.22
N LEU D 1114 -14.01 -13.95 -6.13
CA LEU D 1114 -13.78 -15.39 -5.97
C LEU D 1114 -14.52 -16.18 -7.03
N MET D 1115 -15.79 -15.85 -7.27
CA MET D 1115 -16.55 -16.60 -8.26
C MET D 1115 -16.02 -16.39 -9.67
N GLY D 1116 -15.20 -15.37 -9.89
CA GLY D 1116 -14.67 -15.12 -11.22
C GLY D 1116 -13.29 -15.69 -11.46
N LEU D 1117 -12.55 -15.96 -10.39
CA LEU D 1117 -11.16 -16.43 -10.54
C LEU D 1117 -11.00 -17.62 -11.49
N PRO D 1118 -11.72 -18.74 -11.33
CA PRO D 1118 -11.41 -19.91 -12.16
C PRO D 1118 -11.46 -19.65 -13.64
N PHE D 1119 -12.55 -19.05 -14.13
CA PHE D 1119 -12.71 -18.83 -15.56
C PHE D 1119 -11.47 -18.22 -16.19
N ILE D 1120 -10.66 -17.51 -15.40
CA ILE D 1120 -9.43 -16.93 -15.92
C ILE D 1120 -8.20 -17.76 -15.57
N LEU D 1121 -8.28 -18.59 -14.53
CA LEU D 1121 -7.11 -19.38 -14.15
C LEU D 1121 -7.03 -20.72 -14.87
N VAL D 1122 -8.15 -21.30 -15.27
CA VAL D 1122 -8.14 -22.68 -15.76
C VAL D 1122 -7.39 -22.82 -17.07
N GLU D 1123 -7.13 -21.71 -17.77
CA GLU D 1123 -6.48 -21.79 -19.07
C GLU D 1123 -5.13 -22.52 -18.99
N ASP D 1124 -4.39 -22.29 -17.91
CA ASP D 1124 -3.03 -22.80 -17.81
C ASP D 1124 -2.86 -23.94 -16.82
N LEU D 1125 -3.91 -24.29 -16.06
CA LEU D 1125 -3.80 -25.34 -15.06
C LEU D 1125 -5.07 -26.17 -15.02
N GLY D 1126 -5.04 -27.19 -14.17
CA GLY D 1126 -6.19 -28.02 -13.92
C GLY D 1126 -6.55 -28.03 -12.44
N TRP D 1127 -6.47 -29.21 -11.83
CA TRP D 1127 -6.75 -29.35 -10.40
C TRP D 1127 -6.00 -28.31 -9.56
N LEU D 1128 -4.86 -27.81 -10.05
CA LEU D 1128 -4.11 -26.81 -9.31
C LEU D 1128 -4.91 -25.52 -9.16
N MET D 1129 -5.58 -25.09 -10.23
CA MET D 1129 -6.52 -23.98 -10.12
C MET D 1129 -7.46 -24.20 -8.95
N LEU D 1130 -8.00 -25.41 -8.85
CA LEU D 1130 -8.96 -25.73 -7.80
C LEU D 1130 -8.35 -25.56 -6.42
N VAL D 1131 -7.20 -26.20 -6.18
CA VAL D 1131 -6.62 -26.15 -4.84
C VAL D 1131 -6.22 -24.72 -4.48
N ALA D 1132 -5.69 -23.98 -5.45
CA ALA D 1132 -5.31 -22.60 -5.20
C ALA D 1132 -6.52 -21.75 -4.83
N VAL D 1133 -7.62 -21.91 -5.55
CA VAL D 1133 -8.79 -21.11 -5.22
C VAL D 1133 -9.32 -21.48 -3.84
N SER D 1134 -9.27 -22.76 -3.49
CA SER D 1134 -9.68 -23.16 -2.15
C SER D 1134 -8.86 -22.43 -1.09
N PHE D 1135 -7.54 -22.51 -1.20
CA PHE D 1135 -6.68 -21.90 -0.19
C PHE D 1135 -6.88 -20.38 -0.10
N LEU D 1136 -6.89 -19.72 -1.26
CA LEU D 1136 -7.06 -18.27 -1.27
C LEU D 1136 -8.40 -17.87 -0.64
N GLY D 1137 -9.48 -18.56 -1.01
CA GLY D 1137 -10.75 -18.29 -0.38
C GLY D 1137 -10.70 -18.44 1.12
N TYR D 1138 -10.05 -19.49 1.60
CA TYR D 1138 -9.92 -19.64 3.05
C TYR D 1138 -9.23 -18.43 3.66
N LEU D 1139 -8.10 -18.01 3.09
CA LEU D 1139 -7.40 -16.84 3.60
C LEU D 1139 -8.36 -15.67 3.78
N MET D 1140 -9.02 -15.29 2.68
CA MET D 1140 -9.81 -14.06 2.69
C MET D 1140 -10.98 -14.16 3.66
N ILE D 1141 -11.76 -15.24 3.55
CA ILE D 1141 -12.96 -15.38 4.36
C ILE D 1141 -12.59 -15.50 5.83
N GLY D 1142 -11.49 -16.17 6.14
CA GLY D 1142 -11.04 -16.24 7.51
C GLY D 1142 -10.64 -14.88 8.04
N LEU D 1143 -10.01 -14.06 7.20
CA LEU D 1143 -9.71 -12.69 7.63
C LEU D 1143 -10.97 -11.96 8.03
N GLU D 1144 -12.00 -12.04 7.20
CA GLU D 1144 -13.23 -11.32 7.50
C GLU D 1144 -13.85 -11.81 8.80
N ASN D 1145 -13.98 -13.13 8.96
CA ASN D 1145 -14.60 -13.64 10.18
C ASN D 1145 -13.76 -13.36 11.41
N THR D 1146 -12.44 -13.37 11.28
CA THR D 1146 -11.56 -12.98 12.37
C THR D 1146 -11.84 -11.55 12.81
N ALA D 1147 -11.98 -10.65 11.83
CA ALA D 1147 -12.36 -9.28 12.17
C ALA D 1147 -13.68 -9.24 12.92
N VAL D 1148 -14.67 -9.99 12.44
CA VAL D 1148 -15.94 -10.05 13.15
C VAL D 1148 -15.73 -10.41 14.61
N GLN D 1149 -14.99 -11.50 14.86
CA GLN D 1149 -14.72 -11.91 16.24
C GLN D 1149 -14.13 -10.76 17.04
N LEU D 1150 -12.98 -10.24 16.58
CA LEU D 1150 -12.29 -9.21 17.36
C LEU D 1150 -13.13 -7.97 17.56
N GLU D 1151 -14.17 -7.76 16.76
CA GLU D 1151 -14.91 -6.50 16.83
C GLU D 1151 -15.49 -6.28 18.21
N ASN D 1152 -16.24 -7.25 18.73
CA ASN D 1152 -16.76 -7.17 20.09
C ASN D 1152 -15.87 -7.96 21.03
N PRO D 1153 -15.14 -7.32 21.95
CA PRO D 1153 -14.20 -8.09 22.76
C PRO D 1153 -14.85 -8.81 23.94
N PHE D 1154 -16.07 -8.47 24.27
CA PHE D 1154 -16.73 -9.00 25.47
C PHE D 1154 -17.72 -10.07 25.07
N GLY D 1155 -17.42 -11.31 25.44
CA GLY D 1155 -18.28 -12.43 25.08
C GLY D 1155 -17.71 -13.72 25.61
N THR D 1156 -18.29 -14.82 25.13
CA THR D 1156 -17.93 -16.14 25.65
C THR D 1156 -16.79 -16.76 24.84
N ASP D 1157 -16.59 -16.30 23.61
CA ASP D 1157 -15.61 -16.90 22.72
C ASP D 1157 -14.24 -16.91 23.38
N CYS D 1158 -13.33 -17.74 22.87
CA CYS D 1158 -12.08 -17.99 23.54
C CYS D 1158 -11.05 -16.90 23.28
N ASN D 1159 -11.25 -16.11 22.23
CA ASN D 1159 -10.36 -15.00 21.95
C ASN D 1159 -10.77 -13.70 22.64
N HIS D 1160 -11.80 -13.75 23.48
CA HIS D 1160 -12.32 -12.56 24.12
C HIS D 1160 -11.64 -12.32 25.46
N HIS D 1161 -12.05 -11.25 26.13
CA HIS D 1161 -11.36 -10.82 27.33
C HIS D 1161 -11.85 -11.60 28.54
N PRO D 1162 -10.97 -11.93 29.49
CA PRO D 1162 -11.39 -12.71 30.68
C PRO D 1162 -11.87 -11.85 31.84
N LEU D 1163 -13.13 -11.44 31.75
CA LEU D 1163 -13.69 -10.55 32.77
C LEU D 1163 -13.74 -11.21 34.14
N ASP D 1164 -13.91 -12.53 34.18
CA ASP D 1164 -14.23 -13.20 35.43
C ASP D 1164 -13.04 -13.26 36.37
N LEU D 1165 -11.83 -13.05 35.85
CA LEU D 1165 -10.64 -13.10 36.70
C LEU D 1165 -10.38 -11.75 37.36
N TYR D 1166 -10.68 -10.67 36.66
CA TYR D 1166 -10.48 -9.34 37.21
C TYR D 1166 -11.34 -9.12 38.46
N CYS D 1167 -12.60 -9.54 38.39
CA CYS D 1167 -13.49 -9.44 39.54
C CYS D 1167 -12.92 -10.15 40.76
N LEU D 1168 -12.42 -11.36 40.55
CA LEU D 1168 -11.79 -12.14 41.60
C LEU D 1168 -10.62 -11.38 42.22
N GLU D 1169 -9.72 -10.90 41.38
CA GLU D 1169 -8.60 -10.09 41.83
C GLU D 1169 -9.06 -8.96 42.75
N VAL D 1170 -10.05 -8.18 42.28
CA VAL D 1170 -10.51 -7.03 43.03
C VAL D 1170 -11.05 -7.44 44.39
N SER D 1171 -11.91 -8.45 44.40
CA SER D 1171 -12.44 -8.98 45.65
C SER D 1171 -11.33 -9.27 46.64
N GLN D 1172 -10.35 -10.07 46.20
CA GLN D 1172 -9.23 -10.41 47.06
C GLN D 1172 -8.59 -9.18 47.66
N ASP D 1173 -8.21 -8.23 46.79
CA ASP D 1173 -7.46 -7.08 47.27
C ASP D 1173 -8.24 -6.29 48.31
N LEU D 1174 -9.49 -5.96 48.01
CA LEU D 1174 -10.24 -5.11 48.93
C LEU D 1174 -10.52 -5.82 50.25
N LEU D 1175 -10.83 -7.10 50.21
CA LEU D 1175 -11.12 -7.81 51.44
C LEU D 1175 -9.87 -7.98 52.29
N HIS D 1176 -8.69 -7.98 51.67
CA HIS D 1176 -7.46 -7.94 52.47
C HIS D 1176 -7.23 -6.54 53.05
N LEU D 1177 -7.63 -5.51 52.30
CA LEU D 1177 -7.43 -4.14 52.75
C LEU D 1177 -8.22 -3.86 54.02
N LEU D 1178 -9.46 -4.30 54.07
CA LEU D 1178 -10.24 -4.14 55.30
C LEU D 1178 -9.48 -4.65 56.50
N ASP D 1179 -8.85 -5.82 56.37
CA ASP D 1179 -8.18 -6.42 57.51
C ASP D 1179 -6.93 -5.67 57.87
N LEU D 1180 -6.19 -5.20 56.86
CA LEU D 1180 -5.04 -4.35 57.13
C LEU D 1180 -5.44 -3.17 57.99
N ARG D 1181 -6.50 -2.48 57.58
CA ARG D 1181 -6.98 -1.34 58.35
C ARG D 1181 -7.34 -1.75 59.77
N ALA D 1182 -8.13 -2.81 59.91
CA ALA D 1182 -8.59 -3.22 61.23
C ALA D 1182 -7.41 -3.49 62.15
N SER D 1183 -6.41 -4.23 61.66
CA SER D 1183 -5.24 -4.52 62.48
C SER D 1183 -4.53 -3.23 62.88
N ALA D 1184 -4.23 -2.37 61.89
CA ALA D 1184 -3.50 -1.15 62.21
C ALA D 1184 -4.30 -0.24 63.13
N LYS D 1185 -5.61 -0.45 63.25
CA LYS D 1185 -6.43 0.36 64.14
C LYS D 1185 -6.38 -0.15 65.57
N ALA D 1186 -6.24 -1.46 65.74
CA ALA D 1186 -6.15 -2.08 67.05
C ALA D 1186 -4.79 -1.87 67.72
N GLN D 1187 -3.94 -1.02 67.16
CA GLN D 1187 -2.63 -0.75 67.73
C GLN D 1187 -2.04 0.53 67.15
N SER E 62 58.10 18.58 22.07
CA SER E 62 57.19 17.86 21.20
C SER E 62 56.03 18.74 20.75
N ASP E 63 56.05 19.12 19.47
CA ASP E 63 54.98 19.92 18.89
C ASP E 63 54.59 19.43 17.49
N LEU E 64 54.99 18.23 17.11
CA LEU E 64 54.70 17.72 15.78
C LEU E 64 53.21 17.49 15.59
N ASN E 65 52.85 17.06 14.39
CA ASN E 65 51.48 16.74 14.03
C ASN E 65 51.50 15.51 13.13
N PHE E 66 50.36 15.21 12.51
CA PHE E 66 50.25 14.10 11.58
C PHE E 66 50.30 14.55 10.12
N ALA E 67 49.75 15.72 9.82
CA ALA E 67 49.69 16.17 8.43
C ALA E 67 51.07 16.53 7.91
N GLN E 68 51.88 17.22 8.71
CA GLN E 68 53.19 17.66 8.25
C GLN E 68 54.07 16.48 7.84
N VAL E 69 54.05 15.41 8.64
CA VAL E 69 54.91 14.27 8.36
C VAL E 69 54.50 13.60 7.06
N ALA E 70 53.20 13.41 6.86
CA ALA E 70 52.71 12.81 5.62
C ALA E 70 53.05 13.69 4.42
N ARG E 71 52.88 15.01 4.58
CA ARG E 71 53.22 15.92 3.50
C ARG E 71 54.68 15.80 3.11
N ASP E 72 55.58 15.78 4.11
CA ASP E 72 57.00 15.67 3.83
C ASP E 72 57.33 14.35 3.15
N GLU E 73 56.78 13.24 3.67
CA GLU E 73 57.02 11.94 3.04
C GLU E 73 56.60 11.96 1.58
N GLY E 74 55.38 12.45 1.33
CA GLY E 74 54.92 12.57 -0.05
C GLY E 74 55.87 13.36 -0.91
N ARG E 75 56.17 14.60 -0.52
CA ARG E 75 57.00 15.47 -1.36
C ARG E 75 58.36 14.84 -1.63
N ARG E 76 58.97 14.24 -0.60
CA ARG E 76 60.27 13.59 -0.80
C ARG E 76 60.18 12.49 -1.85
N CYS E 77 59.23 11.55 -1.67
CA CYS E 77 59.16 10.44 -2.60
C CYS E 77 58.78 10.90 -4.00
N LEU E 78 58.00 11.97 -4.12
CA LEU E 78 57.62 12.45 -5.44
C LEU E 78 58.81 13.08 -6.15
N LEU E 79 59.64 13.84 -5.41
CA LEU E 79 60.88 14.32 -6.00
C LEU E 79 61.74 13.15 -6.47
N MET E 80 61.85 12.10 -5.65
CA MET E 80 62.60 10.92 -6.05
C MET E 80 62.09 10.37 -7.37
N CYS E 81 60.77 10.14 -7.47
CA CYS E 81 60.21 9.54 -8.66
C CYS E 81 60.42 10.41 -9.90
N VAL E 82 60.17 11.72 -9.76
CA VAL E 82 60.29 12.59 -10.93
C VAL E 82 61.74 12.61 -11.42
N ALA E 83 62.70 12.74 -10.49
CA ALA E 83 64.10 12.73 -10.91
C ALA E 83 64.45 11.43 -11.60
N PHE E 84 64.08 10.30 -10.99
CA PHE E 84 64.43 8.99 -11.55
C PHE E 84 63.88 8.83 -12.96
N ALA E 85 62.62 9.24 -13.17
CA ALA E 85 62.01 9.07 -14.48
C ALA E 85 62.64 10.00 -15.51
N ILE E 86 62.83 11.26 -15.15
CA ILE E 86 63.32 12.24 -16.11
C ILE E 86 64.74 11.91 -16.54
N ALA E 87 65.56 11.36 -15.62
CA ALA E 87 66.92 11.00 -16.02
C ALA E 87 66.90 9.99 -17.16
N ILE E 88 66.16 8.89 -16.99
CA ILE E 88 66.09 7.87 -18.02
C ILE E 88 65.51 8.44 -19.30
N ALA E 89 64.47 9.29 -19.18
CA ALA E 89 63.84 9.83 -20.38
C ALA E 89 64.82 10.69 -21.18
N HIS E 90 65.53 11.59 -20.49
CA HIS E 90 66.49 12.45 -21.18
C HIS E 90 67.61 11.65 -21.79
N LEU E 91 68.12 10.65 -21.07
CA LEU E 91 69.17 9.80 -21.65
C LEU E 91 68.68 9.11 -22.91
N TYR E 92 67.47 8.54 -22.87
CA TYR E 92 66.91 7.89 -24.06
C TYR E 92 66.84 8.88 -25.22
N ILE E 93 66.36 10.09 -24.95
CA ILE E 93 66.19 11.06 -26.02
C ILE E 93 67.54 11.43 -26.62
N TYR E 94 68.56 11.60 -25.79
CA TYR E 94 69.86 12.07 -26.25
C TYR E 94 70.62 10.96 -26.96
N PRO E 95 70.53 9.71 -26.49
CA PRO E 95 71.42 8.66 -27.00
C PRO E 95 71.12 8.23 -28.43
N ALA E 96 69.96 8.57 -28.98
CA ALA E 96 69.59 8.06 -30.31
C ALA E 96 70.17 8.90 -31.43
N LEU E 97 69.86 10.20 -31.46
CA LEU E 97 70.26 11.03 -32.59
C LEU E 97 71.63 11.66 -32.37
N PHE E 98 71.97 11.98 -31.12
CA PHE E 98 73.19 12.71 -30.81
C PHE E 98 74.27 11.74 -30.37
N GLY E 99 75.51 12.00 -30.80
CA GLY E 99 76.65 11.23 -30.36
C GLY E 99 76.76 9.89 -31.04
N VAL E 100 77.81 9.17 -30.67
CA VAL E 100 78.06 7.82 -31.21
C VAL E 100 77.48 6.85 -30.20
N ARG E 101 76.19 6.51 -30.40
CA ARG E 101 75.45 5.59 -29.53
C ARG E 101 74.69 4.61 -30.42
N ILE E 102 75.26 3.42 -30.62
CA ILE E 102 74.59 2.41 -31.43
C ILE E 102 73.67 1.59 -30.54
N VAL E 103 72.43 1.43 -30.99
CA VAL E 103 71.39 0.76 -30.22
C VAL E 103 71.22 -0.66 -30.75
N ASP E 104 71.54 -1.63 -29.91
CA ASP E 104 71.33 -3.03 -30.26
C ASP E 104 69.84 -3.30 -30.44
N GLN E 105 69.54 -4.50 -30.95
CA GLN E 105 68.15 -4.86 -31.17
C GLN E 105 67.39 -4.94 -29.85
N ALA E 106 66.16 -4.44 -29.86
CA ALA E 106 65.37 -4.40 -28.63
C ALA E 106 64.90 -5.79 -28.22
N GLU E 107 64.70 -6.68 -29.19
CA GLU E 107 64.06 -7.96 -28.90
C GLU E 107 64.98 -8.91 -28.14
N VAL E 108 66.15 -9.21 -28.70
CA VAL E 108 66.97 -10.31 -28.19
C VAL E 108 67.72 -9.88 -26.93
N PRO E 109 67.95 -10.78 -25.96
CA PRO E 109 67.39 -12.13 -25.81
C PRO E 109 66.18 -12.16 -24.87
N ALA E 110 65.39 -13.23 -24.94
CA ALA E 110 64.25 -13.37 -24.03
C ALA E 110 64.67 -14.06 -22.74
N GLU E 111 65.75 -14.84 -22.77
CA GLU E 111 66.12 -15.64 -21.62
C GLU E 111 66.63 -14.78 -20.47
N GLU E 112 66.94 -13.51 -20.71
CA GLU E 112 67.52 -12.67 -19.67
C GLU E 112 66.46 -11.91 -18.89
N ARG E 113 65.25 -11.80 -19.45
CA ARG E 113 64.22 -10.98 -18.81
C ARG E 113 63.62 -11.68 -17.60
N THR E 114 63.68 -13.01 -17.57
CA THR E 114 63.14 -13.77 -16.43
C THR E 114 63.85 -13.39 -15.14
N TYR E 115 65.17 -13.28 -15.22
CA TYR E 115 65.99 -12.93 -14.06
C TYR E 115 65.55 -11.58 -13.48
N PHE E 116 65.36 -10.61 -14.36
CA PHE E 116 64.96 -9.28 -13.94
C PHE E 116 63.55 -9.29 -13.34
N HIS E 117 62.67 -10.12 -13.90
CA HIS E 117 61.35 -10.30 -13.29
C HIS E 117 61.47 -10.82 -11.86
N HIS E 118 62.31 -11.83 -11.67
CA HIS E 118 62.52 -12.38 -10.34
C HIS E 118 62.97 -11.29 -9.37
N GLY E 119 63.97 -10.51 -9.78
CA GLY E 119 64.44 -9.41 -8.97
C GLY E 119 63.33 -8.44 -8.62
N TRP E 120 62.50 -8.12 -9.62
CA TRP E 120 61.38 -7.22 -9.45
C TRP E 120 60.47 -7.68 -8.31
N THR E 121 60.03 -8.94 -8.37
CA THR E 121 59.20 -9.46 -7.29
C THR E 121 59.91 -9.35 -5.94
N ALA E 122 61.06 -10.03 -5.83
CA ALA E 122 61.80 -10.07 -4.58
C ALA E 122 62.02 -8.69 -3.99
N MET E 123 61.99 -7.64 -4.82
CA MET E 123 62.10 -6.28 -4.31
C MET E 123 60.75 -5.75 -3.83
N LEU E 124 59.69 -5.93 -4.62
CA LEU E 124 58.36 -5.45 -4.25
C LEU E 124 57.94 -5.93 -2.86
N VAL E 125 58.42 -7.13 -2.50
CA VAL E 125 58.04 -7.75 -1.23
C VAL E 125 58.27 -6.78 -0.06
N ILE E 126 59.48 -6.22 0.03
CA ILE E 126 59.85 -5.42 1.19
C ILE E 126 58.99 -4.15 1.25
N PHE E 127 58.76 -3.54 0.09
CA PHE E 127 57.83 -2.43 0.03
C PHE E 127 56.55 -2.79 0.76
N PHE E 128 55.87 -3.83 0.27
CA PHE E 128 54.62 -4.23 0.89
C PHE E 128 54.77 -4.36 2.41
N ILE E 129 55.84 -5.05 2.83
CA ILE E 129 56.07 -5.25 4.27
C ILE E 129 55.95 -3.94 5.02
N GLU E 130 56.76 -2.96 4.63
CA GLU E 130 56.82 -1.71 5.37
C GLU E 130 55.49 -0.93 5.26
N GLY E 131 54.99 -0.81 4.03
CA GLY E 131 53.77 -0.06 3.78
C GLY E 131 52.61 -0.59 4.58
N VAL E 132 52.67 -1.85 4.98
CA VAL E 132 51.63 -2.44 5.82
C VAL E 132 51.93 -2.25 7.30
N THR E 133 53.17 -2.48 7.71
CA THR E 133 53.50 -2.42 9.13
C THR E 133 53.24 -1.02 9.70
N VAL E 134 53.75 0.01 9.01
CA VAL E 134 53.60 1.36 9.55
C VAL E 134 52.13 1.76 9.57
N PHE E 135 51.37 1.30 8.58
CA PHE E 135 49.94 1.55 8.55
C PHE E 135 49.26 0.94 9.77
N LEU E 136 49.58 -0.32 10.05
CA LEU E 136 49.05 -0.98 11.24
C LEU E 136 49.32 -0.12 12.47
N LYS E 137 50.58 0.27 12.65
CA LYS E 137 50.95 1.03 13.84
C LYS E 137 50.13 2.32 13.94
N VAL E 138 50.10 3.11 12.87
CA VAL E 138 49.45 4.41 12.94
C VAL E 138 47.95 4.30 13.10
N CYS E 139 47.32 3.26 12.53
CA CYS E 139 45.88 3.10 12.66
C CYS E 139 45.47 2.44 13.97
N SER E 140 46.40 1.77 14.65
CA SER E 140 46.08 1.10 15.90
C SER E 140 46.15 2.01 17.11
N THR E 141 46.67 3.24 16.97
CA THR E 141 46.82 4.13 18.11
C THR E 141 46.48 5.57 17.74
N ARG E 142 45.63 5.77 16.73
CA ARG E 142 45.20 7.11 16.37
C ARG E 142 44.35 7.77 17.46
N LYS E 143 43.93 7.02 18.47
CA LYS E 143 43.07 7.52 19.51
C LYS E 143 43.82 8.13 20.68
N THR E 144 45.15 8.09 20.67
CA THR E 144 45.97 8.57 21.77
C THR E 144 47.05 9.49 21.22
N ARG E 145 47.07 10.73 21.72
CA ARG E 145 48.01 11.71 21.20
C ARG E 145 49.46 11.22 21.32
N TRP E 146 49.83 10.69 22.48
CA TRP E 146 51.25 10.53 22.80
C TRP E 146 51.87 9.32 22.11
N LEU E 147 51.13 8.23 21.94
CA LEU E 147 51.65 7.12 21.14
C LEU E 147 51.84 7.56 19.70
N GLU E 148 50.93 8.38 19.18
CA GLU E 148 51.12 8.98 17.87
C GLU E 148 52.40 9.80 17.82
N LYS E 149 52.62 10.65 18.82
CA LYS E 149 53.86 11.42 18.89
C LYS E 149 55.06 10.49 18.82
N ALA E 150 55.03 9.42 19.62
CA ALA E 150 56.13 8.48 19.65
C ALA E 150 56.43 7.93 18.27
N VAL E 151 55.43 7.30 17.63
CA VAL E 151 55.69 6.65 16.35
C VAL E 151 56.11 7.68 15.31
N LEU E 152 55.39 8.79 15.21
CA LEU E 152 55.76 9.82 14.23
C LEU E 152 57.17 10.34 14.49
N GLN E 153 57.65 10.22 15.72
CA GLN E 153 59.04 10.56 15.99
C GLN E 153 59.98 9.47 15.51
N LYS E 154 59.56 8.21 15.63
CA LYS E 154 60.43 7.10 15.25
C LYS E 154 60.63 7.00 13.74
N LEU E 155 59.91 7.77 12.95
CA LEU E 155 60.00 7.72 11.49
C LEU E 155 60.04 9.12 10.89
N ASP E 156 60.91 9.97 11.44
CA ASP E 156 60.97 11.38 11.07
C ASP E 156 60.88 11.60 9.56
N GLY E 157 61.83 11.07 8.80
CA GLY E 157 61.87 11.34 7.37
C GLY E 157 62.33 10.18 6.50
N ASN E 158 62.60 9.02 7.10
CA ASN E 158 63.14 7.91 6.35
C ASN E 158 62.10 7.27 5.42
N ILE E 159 60.82 7.37 5.77
CA ILE E 159 59.80 6.58 5.11
C ILE E 159 59.68 6.96 3.65
N GLY E 160 59.46 8.25 3.37
CA GLY E 160 59.30 8.69 1.99
C GLY E 160 60.47 8.28 1.11
N VAL E 161 61.70 8.44 1.61
CA VAL E 161 62.86 8.17 0.79
C VAL E 161 62.99 6.68 0.52
N LEU E 162 62.78 5.84 1.54
CA LEU E 162 62.81 4.40 1.30
C LEU E 162 61.76 3.98 0.29
N ILE E 163 60.55 4.54 0.40
CA ILE E 163 59.48 4.17 -0.50
C ILE E 163 59.82 4.57 -1.92
N GLY E 164 60.36 5.77 -2.11
CA GLY E 164 60.78 6.18 -3.45
C GLY E 164 61.85 5.28 -4.00
N GLU E 165 62.82 4.88 -3.17
CA GLU E 165 63.87 3.97 -3.62
C GLU E 165 63.26 2.69 -4.16
N TYR E 166 62.40 2.05 -3.37
CA TYR E 166 61.81 0.79 -3.80
C TYR E 166 60.99 0.97 -5.07
N ILE E 167 60.23 2.07 -5.15
CA ILE E 167 59.40 2.30 -6.32
C ILE E 167 60.25 2.39 -7.57
N VAL E 168 61.31 3.20 -7.53
CA VAL E 168 62.11 3.41 -8.73
C VAL E 168 62.80 2.11 -9.14
N VAL E 169 63.37 1.38 -8.19
CA VAL E 169 64.08 0.15 -8.56
C VAL E 169 63.12 -0.85 -9.19
N ALA E 170 61.92 -0.99 -8.60
CA ALA E 170 60.95 -1.93 -9.15
C ALA E 170 60.50 -1.48 -10.54
N ALA E 171 60.28 -0.18 -10.72
CA ALA E 171 59.84 0.31 -12.03
C ALA E 171 60.89 0.02 -13.09
N THR E 172 62.17 0.19 -12.76
CA THR E 172 63.22 -0.06 -13.74
C THR E 172 63.29 -1.53 -14.10
N TYR E 173 63.31 -2.40 -13.09
CA TYR E 173 63.35 -3.83 -13.39
C TYR E 173 62.07 -4.30 -14.08
N ILE E 174 61.00 -3.52 -14.01
CA ILE E 174 59.83 -3.79 -14.85
C ILE E 174 60.10 -3.40 -16.29
N ILE E 175 60.50 -2.14 -16.49
CA ILE E 175 60.81 -1.65 -17.83
C ILE E 175 61.69 -2.63 -18.58
N MET E 176 62.60 -3.29 -17.87
CA MET E 176 63.45 -4.27 -18.54
C MET E 176 62.63 -5.25 -19.35
N GLY E 177 61.49 -5.71 -18.82
CA GLY E 177 60.64 -6.60 -19.58
C GLY E 177 60.07 -5.94 -20.83
N ALA E 178 59.65 -4.68 -20.70
CA ALA E 178 59.06 -3.98 -21.83
C ALA E 178 60.00 -3.91 -23.02
N ASN E 179 61.31 -4.02 -22.79
CA ASN E 179 62.30 -3.90 -23.85
C ASN E 179 62.22 -2.54 -24.54
N LEU E 180 62.49 -1.49 -23.77
CA LEU E 180 62.39 -0.14 -24.33
C LEU E 180 63.50 0.13 -25.36
N ILE E 181 64.75 -0.12 -24.99
CA ILE E 181 65.87 0.19 -25.88
C ILE E 181 67.10 -0.62 -25.51
N PRO E 182 67.68 -1.38 -26.45
CA PRO E 182 68.98 -2.00 -26.17
C PRO E 182 70.15 -1.12 -26.57
N VAL E 183 70.36 -0.01 -25.86
CA VAL E 183 71.33 1.02 -26.25
C VAL E 183 72.76 0.47 -26.27
N PHE E 184 72.95 -0.75 -25.80
CA PHE E 184 74.25 -1.40 -25.75
C PHE E 184 74.98 -1.19 -27.08
N GLU E 185 76.20 -0.68 -27.00
CA GLU E 185 77.01 -0.41 -28.19
C GLU E 185 78.44 -0.85 -27.98
N ARG E 188 84.34 -2.10 -27.42
CA ARG E 188 84.29 -3.54 -27.17
C ARG E 188 83.21 -4.21 -28.00
N SER E 189 82.89 -5.45 -27.65
CA SER E 189 81.86 -6.22 -28.34
C SER E 189 80.98 -6.92 -27.31
N GLY E 190 79.76 -7.27 -27.74
CA GLY E 190 78.82 -7.86 -26.82
C GLY E 190 78.68 -7.02 -25.58
N ARG E 191 78.95 -7.62 -24.42
CA ARG E 191 78.87 -6.94 -23.13
C ARG E 191 77.62 -6.07 -23.06
N ARG E 192 76.49 -6.62 -23.50
CA ARG E 192 75.26 -5.86 -23.57
C ARG E 192 74.94 -5.21 -22.22
N VAL E 193 74.58 -3.93 -22.26
CA VAL E 193 74.27 -3.15 -21.08
C VAL E 193 72.94 -2.45 -21.29
N TYR E 194 72.34 -2.02 -20.19
CA TYR E 194 71.07 -1.32 -20.20
C TYR E 194 71.24 0.00 -19.47
N ALA E 195 70.55 1.04 -19.96
CA ALA E 195 70.85 2.40 -19.55
C ALA E 195 70.18 2.77 -18.23
N VAL E 196 68.88 2.48 -18.09
CA VAL E 196 68.12 2.93 -16.93
C VAL E 196 68.80 2.50 -15.64
N ARG E 197 69.55 1.40 -15.66
CA ARG E 197 70.29 0.98 -14.47
C ARG E 197 71.10 2.13 -13.91
N TYR E 198 71.73 2.92 -14.78
CA TYR E 198 72.59 4.00 -14.32
C TYR E 198 71.78 5.10 -13.63
N MET E 199 70.66 5.49 -14.22
CA MET E 199 69.83 6.51 -13.59
C MET E 199 69.31 6.05 -12.24
N GLU E 200 68.77 4.83 -12.17
CA GLU E 200 68.24 4.37 -10.90
C GLU E 200 69.35 4.16 -9.89
N TRP E 201 70.58 3.89 -10.34
CA TRP E 201 71.70 3.83 -9.41
C TRP E 201 72.03 5.21 -8.86
N THR E 202 72.01 6.23 -9.72
CA THR E 202 72.17 7.59 -9.22
C THR E 202 71.18 7.86 -8.10
N ILE E 203 69.91 7.59 -8.37
CA ILE E 203 68.86 7.94 -7.40
C ILE E 203 69.03 7.12 -6.12
N ASP E 204 69.32 5.83 -6.27
CA ASP E 204 69.45 4.96 -5.10
C ASP E 204 70.60 5.41 -4.21
N ALA E 205 71.78 5.62 -4.81
CA ALA E 205 72.94 6.00 -4.03
C ALA E 205 72.74 7.37 -3.39
N CYS E 206 72.09 8.29 -4.10
CA CYS E 206 71.88 9.63 -3.54
C CYS E 206 70.97 9.57 -2.33
N GLY E 207 69.84 8.88 -2.46
CA GLY E 207 68.96 8.71 -1.31
C GLY E 207 69.66 8.02 -0.15
N LEU E 208 70.47 7.00 -0.46
CA LEU E 208 71.18 6.28 0.58
C LEU E 208 72.13 7.20 1.34
N VAL E 209 72.88 8.04 0.61
CA VAL E 209 73.83 8.91 1.29
C VAL E 209 73.10 9.97 2.11
N TYR E 210 72.01 10.51 1.58
CA TYR E 210 71.22 11.46 2.37
C TYR E 210 70.78 10.82 3.67
N LEU E 211 70.23 9.60 3.60
CA LEU E 211 69.79 8.91 4.81
C LEU E 211 70.95 8.72 5.78
N ASP E 212 72.06 8.19 5.28
CA ASP E 212 73.19 7.89 6.16
C ASP E 212 73.68 9.14 6.87
N CYS E 213 73.91 10.22 6.11
CA CYS E 213 74.40 11.44 6.73
C CYS E 213 73.41 11.98 7.73
N ARG E 214 72.14 12.12 7.34
CA ARG E 214 71.14 12.65 8.26
C ARG E 214 71.13 11.87 9.56
N ILE E 215 71.09 10.54 9.49
CA ILE E 215 70.95 9.75 10.70
C ILE E 215 72.21 9.83 11.54
N LEU E 216 73.37 9.62 10.93
CA LEU E 216 74.57 9.38 11.70
C LEU E 216 75.21 10.67 12.20
N PHE E 217 75.04 11.77 11.46
CA PHE E 217 75.76 13.00 11.75
C PHE E 217 74.87 14.24 11.88
N GLY E 218 73.70 14.26 11.26
CA GLY E 218 72.80 15.38 11.43
C GLY E 218 73.20 16.64 10.70
N MET E 219 73.75 16.50 9.49
CA MET E 219 74.10 17.64 8.66
C MET E 219 73.06 17.80 7.56
N PRO E 220 72.06 18.66 7.72
CA PRO E 220 70.97 18.71 6.74
C PRO E 220 71.37 19.20 5.36
N PHE E 221 72.04 20.36 5.28
CA PHE E 221 72.24 21.04 4.01
C PHE E 221 73.70 21.29 3.65
N SER E 222 74.65 20.98 4.53
CA SER E 222 76.04 21.35 4.27
C SER E 222 76.81 20.24 3.56
N LYS E 223 76.92 19.08 4.20
CA LYS E 223 77.62 17.94 3.60
C LYS E 223 76.78 17.31 2.50
N PHE E 224 75.47 17.27 2.74
CA PHE E 224 74.55 16.64 1.79
C PHE E 224 74.76 17.18 0.39
N ARG E 225 74.78 18.50 0.25
CA ARG E 225 74.86 19.10 -1.09
C ARG E 225 76.12 18.63 -1.82
N MET E 226 77.28 18.81 -1.21
CA MET E 226 78.55 18.49 -1.87
C MET E 226 78.61 17.00 -2.21
N LEU E 227 78.36 16.14 -1.22
CA LEU E 227 78.50 14.71 -1.46
C LEU E 227 77.48 14.23 -2.49
N LEU E 228 76.29 14.82 -2.48
CA LEU E 228 75.24 14.47 -3.44
C LEU E 228 75.64 14.84 -4.85
N VAL E 229 76.11 16.07 -5.05
CA VAL E 229 76.52 16.50 -6.38
C VAL E 229 77.69 15.65 -6.86
N TYR E 230 78.61 15.31 -5.96
CA TYR E 230 79.71 14.42 -6.34
C TYR E 230 79.18 13.09 -6.85
N SER E 231 78.30 12.45 -6.08
CA SER E 231 77.72 11.16 -6.47
C SER E 231 77.12 11.24 -7.87
N VAL E 232 76.18 12.18 -8.05
CA VAL E 232 75.48 12.26 -9.34
C VAL E 232 76.47 12.55 -10.46
N LEU E 233 77.45 13.43 -10.21
CA LEU E 233 78.37 13.84 -11.26
C LEU E 233 79.18 12.66 -11.75
N TYR E 234 79.79 11.90 -10.83
CA TYR E 234 80.64 10.81 -11.32
C TYR E 234 79.81 9.63 -11.81
N MET E 235 78.56 9.48 -11.38
CA MET E 235 77.71 8.48 -12.00
C MET E 235 77.41 8.84 -13.45
N LEU E 236 77.05 10.11 -13.70
CA LEU E 236 76.82 10.55 -15.07
C LEU E 236 78.10 10.42 -15.91
N PHE E 237 79.25 10.68 -15.30
CA PHE E 237 80.51 10.52 -16.02
C PHE E 237 80.74 9.07 -16.40
N GLY E 238 80.52 8.14 -15.46
CA GLY E 238 80.63 6.74 -15.79
C GLY E 238 79.69 6.34 -16.91
N LEU E 239 78.49 6.92 -16.92
CA LEU E 239 77.55 6.66 -18.02
C LEU E 239 78.14 7.11 -19.34
N TRP E 240 78.50 8.39 -19.44
CA TRP E 240 79.14 8.90 -20.65
C TRP E 240 80.29 8.00 -21.08
N ALA E 241 81.05 7.49 -20.12
CA ALA E 241 82.27 6.75 -20.43
C ALA E 241 81.93 5.38 -21.02
N ALA E 242 81.12 4.59 -20.32
CA ALA E 242 80.79 3.26 -20.81
C ALA E 242 79.96 3.31 -22.09
N LEU E 243 79.17 4.38 -22.27
CA LEU E 243 78.41 4.50 -23.51
C LEU E 243 79.33 4.51 -24.72
N ALA E 244 80.48 5.17 -24.61
CA ALA E 244 81.45 5.17 -25.69
C ALA E 244 82.38 3.97 -25.56
N SER E 245 83.16 3.74 -26.61
CA SER E 245 84.13 2.65 -26.59
C SER E 245 85.13 2.87 -25.46
N THR E 246 85.69 1.77 -24.96
CA THR E 246 86.70 1.87 -23.91
C THR E 246 87.90 2.69 -24.37
N TRP E 247 88.60 2.19 -25.39
CA TRP E 247 89.79 2.89 -25.88
C TRP E 247 89.47 4.34 -26.24
N MET E 248 88.26 4.59 -26.75
CA MET E 248 87.93 5.91 -27.26
C MET E 248 87.86 6.95 -26.15
N TRP E 249 87.14 6.66 -25.06
CA TRP E 249 86.81 7.67 -24.07
C TRP E 249 86.91 7.16 -22.63
N TYR E 250 87.86 6.26 -22.34
CA TYR E 250 88.02 5.84 -20.94
C TYR E 250 88.69 6.93 -20.11
N ALA E 251 89.77 7.51 -20.62
CA ALA E 251 90.55 8.45 -19.82
C ALA E 251 89.74 9.69 -19.47
N ILE E 252 88.94 10.19 -20.41
CA ILE E 252 88.25 11.46 -20.21
C ILE E 252 87.38 11.41 -18.96
N PHE E 253 86.62 10.33 -18.78
CA PHE E 253 85.59 10.27 -17.75
C PHE E 253 85.89 9.31 -16.61
N LEU E 254 86.37 8.08 -16.88
CA LEU E 254 86.46 7.10 -15.81
C LEU E 254 87.45 7.52 -14.74
N SER E 255 88.53 8.20 -15.13
CA SER E 255 89.49 8.69 -14.14
C SER E 255 88.84 9.70 -13.20
N ALA E 256 88.11 10.66 -13.77
CA ALA E 256 87.35 11.59 -12.94
C ALA E 256 86.38 10.84 -12.03
N SER E 257 85.80 9.75 -12.53
CA SER E 257 84.87 8.97 -11.72
C SER E 257 85.57 8.41 -10.49
N TRP E 258 86.68 7.70 -10.69
CA TRP E 258 87.45 7.18 -9.56
C TRP E 258 87.84 8.30 -8.60
N PHE E 259 88.23 9.46 -9.14
CA PHE E 259 88.67 10.56 -8.28
C PHE E 259 87.52 11.07 -7.42
N PHE E 260 86.34 11.23 -8.00
CA PHE E 260 85.19 11.68 -7.22
C PHE E 260 84.81 10.64 -6.17
N PHE E 261 84.95 9.36 -6.50
CA PHE E 261 84.73 8.31 -5.51
C PHE E 261 85.66 8.51 -4.32
N GLY E 262 86.95 8.73 -4.60
CA GLY E 262 87.89 8.98 -3.52
C GLY E 262 87.52 10.22 -2.71
N LEU E 263 87.03 11.26 -3.39
CA LEU E 263 86.63 12.47 -2.70
C LEU E 263 85.51 12.19 -1.71
N VAL E 264 84.47 11.48 -2.15
CA VAL E 264 83.36 11.20 -1.25
C VAL E 264 83.81 10.27 -0.13
N CYS E 265 84.75 9.36 -0.41
CA CYS E 265 85.28 8.53 0.67
C CYS E 265 85.98 9.38 1.73
N TYR E 266 86.75 10.37 1.29
CA TYR E 266 87.42 11.26 2.24
C TYR E 266 86.41 12.05 3.04
N TYR E 267 85.34 12.51 2.39
CA TYR E 267 84.29 13.22 3.12
C TYR E 267 83.67 12.33 4.18
N TYR E 268 83.38 11.07 3.83
CA TYR E 268 82.85 10.12 4.81
C TYR E 268 83.79 9.98 5.99
N TRP E 269 85.08 9.81 5.72
CA TRP E 269 86.05 9.64 6.81
C TRP E 269 86.08 10.87 7.70
N THR E 270 86.04 12.07 7.10
CA THR E 270 86.08 13.29 7.89
C THR E 270 84.84 13.40 8.77
N PHE E 271 83.66 13.11 8.22
CA PHE E 271 82.45 13.18 9.03
C PHE E 271 82.44 12.12 10.12
N HIS E 272 83.08 10.98 9.88
CA HIS E 272 83.24 10.00 10.94
C HIS E 272 84.11 10.56 12.05
N ARG E 273 85.25 11.15 11.68
CA ARG E 273 86.13 11.77 12.68
C ARG E 273 85.41 12.89 13.43
N GLN E 274 84.42 13.51 12.80
CA GLN E 274 83.73 14.64 13.43
C GLN E 274 82.82 14.17 14.55
N ASN E 275 81.99 13.16 14.29
CA ASN E 275 81.02 12.65 15.26
C ASN E 275 81.11 11.13 15.31
N PRO E 276 82.17 10.59 15.91
CA PRO E 276 82.32 9.13 16.03
C PRO E 276 81.68 8.58 17.30
N SER E 277 80.35 8.69 17.37
CA SER E 277 79.60 8.23 18.52
C SER E 277 78.68 7.07 18.15
N PRO E 278 78.47 6.10 19.05
CA PRO E 278 77.58 4.99 18.74
C PRO E 278 76.12 5.40 18.86
N LEU E 279 75.27 4.61 18.20
CA LEU E 279 73.83 4.85 18.28
C LEU E 279 73.32 4.43 19.65
N GLN E 280 72.72 5.39 20.37
CA GLN E 280 72.19 5.10 21.69
C GLN E 280 71.28 3.88 21.68
N GLN E 281 70.62 3.63 20.55
CA GLN E 281 69.76 2.45 20.44
C GLN E 281 70.54 1.18 20.73
N PHE E 282 71.74 1.07 20.16
CA PHE E 282 72.62 -0.05 20.42
C PHE E 282 73.44 0.22 21.69
N GLY E 283 74.20 -0.79 22.10
CA GLY E 283 75.07 -0.66 23.24
C GLY E 283 76.53 -0.83 22.86
N ARG E 284 77.11 -1.94 23.28
CA ARG E 284 78.50 -2.29 22.94
C ARG E 284 78.65 -2.78 21.51
N ALA E 285 77.63 -2.65 20.68
CA ALA E 285 77.69 -3.15 19.33
C ALA E 285 78.65 -2.30 18.49
N PRO E 286 79.39 -2.90 17.56
CA PRO E 286 80.17 -2.12 16.59
C PRO E 286 79.34 -1.45 15.51
N ILE E 287 78.02 -1.39 15.68
CA ILE E 287 77.16 -0.80 14.66
C ILE E 287 77.64 0.61 14.34
N LYS E 288 77.26 1.11 13.16
CA LYS E 288 77.65 2.41 12.63
C LYS E 288 79.08 2.39 12.11
N GLN E 289 79.81 1.29 12.36
CA GLN E 289 81.14 1.15 11.78
C GLN E 289 81.20 -0.07 10.87
N ALA E 290 80.72 -1.21 11.37
CA ALA E 290 80.63 -2.41 10.54
C ALA E 290 79.85 -2.11 9.25
N ILE E 291 78.75 -1.37 9.37
CA ILE E 291 77.88 -1.15 8.22
C ILE E 291 78.55 -0.20 7.22
N LEU E 292 79.20 0.85 7.71
CA LEU E 292 79.91 1.75 6.81
C LEU E 292 81.03 1.02 6.07
N VAL E 293 81.81 0.23 6.82
CA VAL E 293 82.87 -0.56 6.19
C VAL E 293 82.30 -1.47 5.12
N PHE E 294 81.21 -2.17 5.45
CA PHE E 294 80.60 -3.08 4.50
C PHE E 294 80.14 -2.35 3.25
N VAL E 295 79.44 -1.23 3.42
CA VAL E 295 78.93 -0.48 2.29
C VAL E 295 80.08 -0.04 1.39
N ILE E 296 81.18 0.43 1.97
CA ILE E 296 82.24 0.99 1.15
C ILE E 296 83.04 -0.11 0.45
N VAL E 297 83.33 -1.21 1.15
CA VAL E 297 84.00 -2.33 0.48
C VAL E 297 83.09 -2.90 -0.61
N TRP E 298 81.77 -2.79 -0.42
CA TRP E 298 80.84 -3.27 -1.44
C TRP E 298 80.88 -2.39 -2.68
N TRP E 299 80.90 -1.07 -2.48
CA TRP E 299 81.09 -0.17 -3.61
C TRP E 299 82.42 -0.44 -4.31
N VAL E 300 83.44 -0.79 -3.53
CA VAL E 300 84.74 -1.14 -4.12
C VAL E 300 84.60 -2.34 -5.03
N LEU E 301 83.95 -3.40 -4.54
CA LEU E 301 83.74 -4.59 -5.36
C LEU E 301 82.93 -4.25 -6.62
N TYR E 302 81.97 -3.34 -6.49
CA TYR E 302 81.18 -2.94 -7.65
C TYR E 302 82.07 -2.29 -8.71
N GLY E 303 82.91 -1.35 -8.28
CA GLY E 303 83.84 -0.73 -9.23
C GLY E 303 84.79 -1.74 -9.85
N VAL E 304 85.23 -2.72 -9.06
CA VAL E 304 86.11 -3.76 -9.60
C VAL E 304 85.40 -4.52 -10.70
N LEU E 305 84.14 -4.92 -10.46
CA LEU E 305 83.37 -5.59 -11.50
C LEU E 305 83.23 -4.71 -12.73
N PHE E 306 82.98 -3.41 -12.52
CA PHE E 306 82.87 -2.50 -13.65
C PHE E 306 84.14 -2.53 -14.50
N MET E 307 85.30 -2.47 -13.85
CA MET E 307 86.55 -2.47 -14.61
C MET E 307 86.80 -3.82 -15.29
N LEU E 308 86.40 -4.92 -14.66
CA LEU E 308 86.71 -6.24 -15.18
C LEU E 308 85.75 -6.71 -16.26
N CYS E 309 84.54 -6.14 -16.33
CA CYS E 309 83.57 -6.63 -17.32
C CYS E 309 84.08 -6.42 -18.75
N PHE E 310 84.44 -5.18 -19.09
CA PHE E 310 84.82 -4.87 -20.46
C PHE E 310 86.20 -5.43 -20.79
N GLN E 311 87.09 -5.48 -19.80
CA GLN E 311 88.48 -5.85 -20.07
C GLN E 311 88.60 -7.31 -20.49
N ALA E 312 88.10 -8.23 -19.66
CA ALA E 312 88.38 -9.64 -19.84
C ALA E 312 87.28 -10.29 -20.68
N PRO E 313 87.63 -11.02 -21.76
CA PRO E 313 86.58 -11.79 -22.45
C PRO E 313 86.25 -13.09 -21.76
N ASP E 314 87.16 -13.61 -20.93
CA ASP E 314 86.94 -14.90 -20.28
C ASP E 314 85.61 -14.91 -19.53
N VAL E 315 85.37 -13.89 -18.69
CA VAL E 315 84.09 -13.80 -18.00
C VAL E 315 82.98 -13.59 -19.02
N VAL E 316 82.01 -14.49 -19.00
CA VAL E 316 80.94 -14.50 -20.00
C VAL E 316 79.99 -13.33 -19.71
N PRO E 317 79.73 -12.46 -20.69
CA PRO E 317 78.79 -11.35 -20.44
C PRO E 317 77.33 -11.69 -20.67
N GLN E 318 77.00 -12.91 -21.09
CA GLN E 318 75.63 -13.21 -21.47
C GLN E 318 74.72 -13.39 -20.26
N TRP E 319 75.15 -14.18 -19.28
CA TRP E 319 74.31 -14.47 -18.12
C TRP E 319 74.91 -14.00 -16.80
N LEU E 320 76.18 -14.30 -16.54
CA LEU E 320 76.83 -13.80 -15.33
C LEU E 320 76.65 -12.29 -15.19
N GLU E 321 77.11 -11.55 -16.19
CA GLU E 321 76.92 -10.10 -16.23
C GLU E 321 75.51 -9.72 -15.80
N GLN E 322 74.50 -10.20 -16.54
CA GLN E 322 73.14 -9.76 -16.29
C GLN E 322 72.68 -10.04 -14.86
N LEU E 323 73.35 -10.98 -14.17
CA LEU E 323 72.86 -11.41 -12.87
C LEU E 323 73.54 -10.66 -11.73
N LEU E 324 74.81 -10.30 -11.92
CA LEU E 324 75.58 -9.75 -10.81
C LEU E 324 74.95 -8.46 -10.28
N TRP E 325 74.54 -7.56 -11.18
CA TRP E 325 74.00 -6.28 -10.75
C TRP E 325 72.69 -6.45 -9.98
N THR E 326 71.80 -7.30 -10.49
CA THR E 326 70.57 -7.58 -9.76
C THR E 326 70.87 -8.06 -8.35
N GLY E 327 71.67 -9.13 -8.25
CA GLY E 327 72.04 -9.62 -6.93
C GLY E 327 72.58 -8.52 -6.03
N MET E 328 73.46 -7.69 -6.57
CA MET E 328 74.17 -6.72 -5.74
C MET E 328 73.25 -5.62 -5.25
N ASP E 329 72.50 -5.01 -6.17
CA ASP E 329 71.53 -3.99 -5.78
C ASP E 329 70.60 -4.52 -4.70
N VAL E 330 70.05 -5.72 -4.92
CA VAL E 330 69.08 -6.25 -3.98
C VAL E 330 69.71 -6.43 -2.60
N VAL E 331 70.86 -7.11 -2.54
CA VAL E 331 71.46 -7.39 -1.24
C VAL E 331 71.84 -6.10 -0.52
N MET E 332 72.37 -5.12 -1.27
CA MET E 332 72.76 -3.84 -0.66
C MET E 332 71.55 -3.17 -0.01
N LYS E 333 70.50 -2.94 -0.80
CA LYS E 333 69.33 -2.27 -0.26
C LYS E 333 68.74 -3.05 0.91
N LEU E 334 68.82 -4.38 0.87
CA LEU E 334 68.23 -5.18 1.94
C LEU E 334 69.01 -5.03 3.24
N SER E 335 70.34 -5.12 3.16
CA SER E 335 71.13 -4.88 4.36
C SER E 335 70.86 -3.51 4.94
N HIS E 336 70.79 -2.49 4.07
CA HIS E 336 70.47 -1.14 4.53
C HIS E 336 69.17 -1.11 5.32
N THR E 337 68.08 -1.54 4.67
CA THR E 337 66.76 -1.41 5.28
C THR E 337 66.63 -2.26 6.53
N VAL E 338 67.31 -3.41 6.59
CA VAL E 338 67.20 -4.25 7.77
C VAL E 338 67.93 -3.62 8.95
N VAL E 339 69.13 -3.08 8.73
CA VAL E 339 69.81 -2.36 9.80
C VAL E 339 68.92 -1.22 10.28
N LEU E 340 68.27 -0.53 9.35
CA LEU E 340 67.39 0.58 9.73
C LEU E 340 66.25 0.09 10.62
N MET E 341 65.52 -0.93 10.18
CA MET E 341 64.40 -1.44 10.97
C MET E 341 64.87 -1.88 12.34
N ALA E 342 66.03 -2.52 12.43
CA ALA E 342 66.55 -2.93 13.73
C ALA E 342 66.77 -1.73 14.62
N TRP E 343 67.47 -0.72 14.11
CA TRP E 343 67.68 0.50 14.90
C TRP E 343 66.36 1.13 15.31
N ARG E 344 65.31 0.92 14.53
CA ARG E 344 64.04 1.58 14.80
C ARG E 344 63.20 0.85 15.85
N GLU E 345 63.24 -0.49 15.85
CA GLU E 345 62.34 -1.25 16.72
C GLU E 345 62.75 -1.20 18.19
N THR E 346 63.86 -0.56 18.52
CA THR E 346 64.31 -0.52 19.90
C THR E 346 63.54 0.54 20.69
N GLN E 347 63.37 0.28 21.98
CA GLN E 347 62.67 1.21 22.86
C GLN E 347 63.54 2.43 23.14
N TRP E 348 62.94 3.61 23.06
CA TRP E 348 63.60 4.88 23.30
C TRP E 348 63.12 5.46 24.64
N GLU E 349 63.58 6.67 24.94
CA GLU E 349 63.20 7.34 26.18
C GLU E 349 61.74 7.78 26.15
N ILE E 350 61.19 8.02 24.97
CA ILE E 350 59.82 8.49 24.85
C ILE E 350 58.85 7.53 25.54
N ASP E 351 59.13 6.23 25.46
CA ASP E 351 58.29 5.26 26.15
C ASP E 351 58.34 5.47 27.67
N ALA E 352 59.52 5.79 28.19
CA ALA E 352 59.63 6.10 29.61
C ALA E 352 58.82 7.34 29.96
N VAL E 353 58.93 8.39 29.14
CA VAL E 353 58.13 9.59 29.33
C VAL E 353 56.66 9.23 29.43
N VAL E 354 56.20 8.36 28.52
CA VAL E 354 54.76 8.06 28.46
C VAL E 354 54.33 7.25 29.68
N ASP E 355 55.13 6.27 30.08
CA ASP E 355 54.78 5.50 31.29
C ASP E 355 54.73 6.40 32.52
N ARG E 356 55.66 7.37 32.59
CA ARG E 356 55.63 8.33 33.68
C ARG E 356 54.34 9.13 33.68
N GLN E 357 53.93 9.60 32.50
CA GLN E 357 52.64 10.27 32.40
C GLN E 357 51.52 9.35 32.87
N LYS E 358 51.63 8.06 32.57
CA LYS E 358 50.52 7.14 32.81
C LYS E 358 50.29 6.93 34.30
N VAL E 359 51.33 6.57 35.04
CA VAL E 359 51.15 6.23 36.46
C VAL E 359 50.45 7.37 37.22
N GLU E 360 50.80 8.61 36.87
CA GLU E 360 50.20 9.77 37.51
C GLU E 360 48.68 9.74 37.42
N ALA E 361 48.13 9.14 36.37
CA ALA E 361 46.69 9.11 36.20
C ALA E 361 46.03 8.21 37.24
N GLY E 362 46.54 6.99 37.40
CA GLY E 362 46.06 6.14 38.47
C GLY E 362 46.14 6.82 39.82
N ARG E 363 47.23 7.55 40.05
CA ARG E 363 47.37 8.26 41.33
C ARG E 363 46.25 9.28 41.51
N ALA E 364 46.08 10.16 40.52
CA ALA E 364 45.01 11.15 40.59
C ALA E 364 43.65 10.49 40.79
N ILE E 365 43.46 9.31 40.20
CA ILE E 365 42.18 8.62 40.32
C ILE E 365 41.95 8.18 41.77
N ALA E 366 42.98 7.59 42.39
CA ALA E 366 42.86 7.23 43.79
C ALA E 366 42.56 8.45 44.65
N GLN E 367 43.16 9.59 44.29
CA GLN E 367 42.88 10.82 45.03
C GLN E 367 41.41 11.22 44.91
N LEU E 368 40.88 11.22 43.70
CA LEU E 368 39.46 11.49 43.50
C LEU E 368 38.60 10.58 44.36
N ASP E 369 38.95 9.28 44.37
CA ASP E 369 38.17 8.32 45.13
C ASP E 369 38.17 8.67 46.62
N HIS E 370 39.34 8.96 47.18
CA HIS E 370 39.41 9.30 48.60
C HIS E 370 38.59 10.56 48.91
N GLN E 371 38.70 11.58 48.05
CA GLN E 371 37.96 12.81 48.27
C GLN E 371 36.47 12.56 48.32
N ARG E 372 35.95 11.86 47.30
CA ARG E 372 34.53 11.53 47.29
C ARG E 372 34.15 10.69 48.51
N ALA E 373 35.05 9.82 48.97
CA ALA E 373 34.75 9.02 50.14
C ALA E 373 34.51 9.89 51.36
N ILE E 374 35.43 10.83 51.61
CA ILE E 374 35.29 11.72 52.77
C ILE E 374 33.99 12.53 52.65
N HIS E 375 33.73 13.07 51.46
CA HIS E 375 32.52 13.86 51.26
C HIS E 375 31.27 13.03 51.56
N GLU E 376 31.17 11.85 50.97
CA GLU E 376 30.03 10.97 51.22
C GLU E 376 29.88 10.65 52.70
N ARG E 377 30.99 10.36 53.38
CA ARG E 377 30.91 10.04 54.80
C ARG E 377 30.28 11.19 55.57
N ASP E 378 30.83 12.40 55.42
CA ASP E 378 30.28 13.54 56.14
C ASP E 378 28.81 13.74 55.81
N LEU E 379 28.45 13.60 54.54
CA LEU E 379 27.08 13.87 54.11
C LEU E 379 26.09 12.87 54.70
N VAL E 380 26.38 11.57 54.55
CA VAL E 380 25.49 10.55 55.07
C VAL E 380 25.40 10.64 56.58
N ARG E 381 26.50 10.98 57.25
CA ARG E 381 26.42 11.21 58.68
C ARG E 381 25.43 12.32 59.00
N LEU E 382 25.58 13.48 58.35
CA LEU E 382 24.73 14.61 58.66
C LEU E 382 23.26 14.27 58.44
N ARG E 383 22.91 13.78 57.25
CA ARG E 383 21.49 13.63 56.93
C ARG E 383 20.84 12.51 57.75
N SER E 384 21.52 11.37 57.85
CA SER E 384 20.94 10.19 58.49
C SER E 384 21.20 10.16 60.00
N ARG E 385 21.54 11.28 60.62
CA ARG E 385 21.86 11.30 62.05
C ARG E 385 20.97 12.20 62.87
N VAL E 386 20.81 13.46 62.48
CA VAL E 386 20.32 14.49 63.39
C VAL E 386 18.81 14.66 63.30
N TYR E 387 18.33 15.10 62.14
CA TYR E 387 16.94 15.53 62.01
C TYR E 387 16.00 14.40 61.64
N TYR E 388 16.53 13.23 61.30
CA TYR E 388 15.71 12.12 60.84
C TYR E 388 16.07 10.83 61.59
N PHE E 463 71.45 -18.58 33.43
CA PHE E 463 70.74 -18.36 32.17
C PHE E 463 69.84 -19.54 31.85
N ALA E 464 68.66 -19.58 32.50
CA ALA E 464 67.72 -20.68 32.34
C ALA E 464 66.52 -20.31 31.49
N ARG E 465 65.80 -19.24 31.88
CA ARG E 465 64.62 -18.85 31.12
C ARG E 465 64.95 -18.59 29.66
N VAL E 466 66.08 -17.94 29.40
CA VAL E 466 66.48 -17.62 28.03
C VAL E 466 66.67 -18.89 27.21
N ASN E 467 67.49 -19.81 27.72
CA ASN E 467 67.79 -21.02 26.98
C ASN E 467 66.53 -21.84 26.71
N LYS E 468 65.58 -21.84 27.64
CA LYS E 468 64.35 -22.60 27.42
C LYS E 468 63.44 -21.90 26.42
N ILE E 469 63.31 -20.57 26.51
CA ILE E 469 62.57 -19.82 25.53
C ILE E 469 63.10 -20.09 24.13
N PHE E 470 64.39 -20.40 24.01
CA PHE E 470 64.94 -20.81 22.72
C PHE E 470 64.66 -22.29 22.41
N MET E 471 64.79 -23.16 23.41
CA MET E 471 64.75 -24.59 23.16
C MET E 471 63.36 -25.06 22.75
N ARG E 472 62.31 -24.43 23.29
CA ARG E 472 60.96 -24.81 22.89
C ARG E 472 60.76 -24.65 21.38
N GLU E 473 61.11 -23.47 20.86
CA GLU E 473 61.07 -23.23 19.43
C GLU E 473 61.95 -24.22 18.68
N ALA E 474 63.17 -24.43 19.18
CA ALA E 474 64.07 -25.40 18.57
C ALA E 474 63.40 -26.75 18.40
N GLY E 475 62.63 -27.17 19.41
CA GLY E 475 61.94 -28.45 19.32
C GLY E 475 60.82 -28.42 18.31
N LEU E 476 60.01 -27.35 18.32
CA LEU E 476 58.86 -27.30 17.41
C LEU E 476 59.30 -27.40 15.95
N CYS E 477 60.40 -26.74 15.60
CA CYS E 477 60.85 -26.75 14.21
C CYS E 477 61.08 -28.19 13.72
N LEU E 478 61.71 -29.02 14.55
CA LEU E 478 62.03 -30.38 14.14
C LEU E 478 60.76 -31.20 13.94
N VAL E 479 59.76 -31.02 14.80
CA VAL E 479 58.49 -31.72 14.62
C VAL E 479 57.92 -31.39 13.25
N LEU E 480 57.90 -30.10 12.91
CA LEU E 480 57.32 -29.73 11.61
C LEU E 480 58.10 -30.34 10.46
N CYS E 481 59.43 -30.25 10.51
CA CYS E 481 60.24 -30.81 9.44
C CYS E 481 60.01 -32.31 9.29
N LEU E 482 59.95 -33.04 10.41
CA LEU E 482 59.76 -34.48 10.36
C LEU E 482 58.40 -34.83 9.76
N ALA E 483 57.36 -34.09 10.13
CA ALA E 483 56.05 -34.35 9.57
C ALA E 483 56.06 -34.17 8.05
N PHE E 484 56.66 -33.07 7.58
CA PHE E 484 56.72 -32.84 6.14
C PHE E 484 57.49 -33.96 5.45
N VAL E 485 58.59 -34.42 6.06
CA VAL E 485 59.36 -35.51 5.47
C VAL E 485 58.51 -36.77 5.38
N VAL E 486 57.76 -37.07 6.43
CA VAL E 486 56.90 -38.26 6.43
C VAL E 486 55.94 -38.20 5.25
N ALA E 487 55.27 -37.07 5.09
CA ALA E 487 54.37 -36.91 3.96
C ALA E 487 55.11 -37.16 2.65
N LEU E 488 56.09 -36.31 2.35
CA LEU E 488 56.82 -36.42 1.09
C LEU E 488 57.30 -37.84 0.82
N LEU E 489 57.55 -38.62 1.87
CA LEU E 489 58.01 -39.99 1.69
C LEU E 489 56.85 -40.94 1.39
N HIS E 490 55.70 -40.72 2.02
CA HIS E 490 54.61 -41.68 1.91
C HIS E 490 53.68 -41.42 0.72
N LEU E 491 53.76 -40.23 0.11
CA LEU E 491 52.82 -39.91 -0.96
C LEU E 491 52.88 -40.88 -2.13
N PRO E 492 53.97 -40.98 -2.89
CA PRO E 492 53.88 -41.66 -4.20
C PRO E 492 53.72 -43.16 -4.10
N VAL E 493 54.10 -43.77 -2.98
CA VAL E 493 53.94 -45.22 -2.87
C VAL E 493 52.45 -45.58 -2.83
N TYR E 494 51.59 -44.63 -2.51
CA TYR E 494 50.14 -44.84 -2.51
C TYR E 494 49.45 -44.24 -3.74
N SER E 495 50.20 -43.58 -4.62
CA SER E 495 49.65 -43.00 -5.84
C SER E 495 50.53 -43.40 -7.02
N GLU E 496 49.88 -43.75 -8.13
CA GLU E 496 50.57 -44.22 -9.34
C GLU E 496 51.03 -45.66 -9.18
N TRP E 497 50.87 -46.22 -7.98
CA TRP E 497 50.99 -47.66 -7.82
C TRP E 497 49.61 -48.30 -7.77
N PHE E 498 48.63 -47.58 -7.24
CA PHE E 498 47.23 -47.95 -7.29
C PHE E 498 46.39 -46.87 -7.94
N GLY E 499 47.00 -45.97 -8.73
CA GLY E 499 46.31 -44.83 -9.29
C GLY E 499 46.45 -44.72 -10.79
N VAL E 500 45.39 -44.28 -11.47
CA VAL E 500 45.43 -44.13 -12.91
C VAL E 500 46.01 -42.76 -13.28
N GLU E 501 46.39 -42.62 -14.55
CA GLU E 501 47.03 -41.39 -15.04
C GLU E 501 48.22 -41.03 -14.15
N VAL E 502 49.10 -42.01 -13.94
CA VAL E 502 50.16 -41.86 -12.94
C VAL E 502 51.28 -40.97 -13.46
N LEU E 503 51.52 -40.98 -14.77
CA LEU E 503 52.72 -40.41 -15.35
C LEU E 503 52.40 -39.23 -16.24
N ASP E 504 53.12 -38.13 -16.04
CA ASP E 504 53.22 -37.03 -16.99
C ASP E 504 54.69 -36.75 -17.22
N ALA E 505 55.13 -36.86 -18.46
CA ALA E 505 56.56 -36.77 -18.80
C ALA E 505 56.87 -35.31 -19.15
N GLU E 506 57.54 -34.61 -18.22
CA GLU E 506 57.80 -33.19 -18.36
C GLU E 506 56.51 -32.39 -18.52
N ALA E 507 55.68 -32.33 -17.48
CA ALA E 507 54.27 -31.97 -17.57
C ALA E 507 54.11 -30.84 -18.59
N VAL E 508 54.73 -29.69 -18.40
CA VAL E 508 54.78 -28.63 -19.40
C VAL E 508 56.10 -27.89 -19.21
N PRO E 509 57.15 -28.22 -19.95
CA PRO E 509 58.48 -27.68 -19.62
C PRO E 509 58.57 -26.16 -19.70
N HIS E 510 57.85 -25.55 -20.64
CA HIS E 510 58.09 -24.14 -20.96
C HIS E 510 57.43 -23.20 -19.96
N ASP E 511 56.18 -23.49 -19.60
CA ASP E 511 55.38 -22.49 -18.88
C ASP E 511 55.61 -22.57 -17.37
N GLU E 512 55.54 -23.77 -16.81
CA GLU E 512 55.37 -23.91 -15.36
C GLU E 512 56.59 -23.41 -14.59
N LEU E 513 57.80 -23.85 -14.97
CA LEU E 513 58.98 -23.56 -14.16
C LEU E 513 59.16 -22.05 -13.96
N GLY E 514 58.81 -21.26 -14.96
CA GLY E 514 58.98 -19.82 -14.85
C GLY E 514 58.10 -19.23 -13.77
N PHE E 515 56.96 -19.86 -13.50
CA PHE E 515 56.10 -19.41 -12.41
C PHE E 515 56.61 -19.86 -11.05
N PHE E 516 57.19 -21.05 -10.96
CA PHE E 516 57.60 -21.61 -9.68
C PHE E 516 58.92 -21.06 -9.18
N HIS E 517 59.80 -20.64 -10.08
CA HIS E 517 61.11 -20.16 -9.63
C HIS E 517 61.03 -18.85 -8.83
N HIS E 518 59.82 -18.28 -8.68
CA HIS E 518 59.67 -17.01 -8.00
C HIS E 518 59.49 -17.20 -6.50
N GLY E 519 58.66 -18.16 -6.11
CA GLY E 519 58.20 -18.29 -4.75
C GLY E 519 59.30 -18.56 -3.74
N TRP E 520 60.13 -19.57 -4.01
CA TRP E 520 61.17 -19.91 -3.05
C TRP E 520 62.18 -18.77 -2.92
N THR E 521 62.36 -18.00 -3.99
CA THR E 521 63.24 -16.82 -3.91
C THR E 521 62.66 -15.79 -2.94
N THR E 522 61.38 -15.47 -3.10
CA THR E 522 60.74 -14.51 -2.20
C THR E 522 60.83 -14.99 -0.75
N MET E 523 60.57 -16.29 -0.54
CA MET E 523 60.57 -16.82 0.82
C MET E 523 61.97 -16.79 1.42
N LEU E 524 62.99 -17.10 0.60
CA LEU E 524 64.38 -16.94 1.03
C LEU E 524 64.66 -15.52 1.49
N VAL E 525 64.20 -14.54 0.71
CA VAL E 525 64.35 -13.14 1.09
C VAL E 525 63.81 -12.91 2.50
N VAL E 526 62.54 -13.26 2.69
CA VAL E 526 61.88 -13.01 3.98
C VAL E 526 62.65 -13.70 5.10
N PHE E 527 63.06 -14.95 4.86
CA PHE E 527 63.84 -15.70 5.83
C PHE E 527 65.06 -14.93 6.30
N LEU E 528 65.89 -14.52 5.33
CA LEU E 528 67.09 -13.78 5.65
C LEU E 528 66.76 -12.54 6.49
N ILE E 529 65.71 -11.81 6.06
CA ILE E 529 65.32 -10.61 6.78
C ILE E 529 65.12 -10.91 8.26
N GLU E 530 64.19 -11.84 8.54
CA GLU E 530 63.85 -12.14 9.93
C GLU E 530 65.08 -12.59 10.72
N SER E 531 65.86 -13.49 10.13
CA SER E 531 67.01 -14.05 10.82
C SER E 531 67.97 -12.95 11.26
N ILE E 532 68.35 -12.07 10.33
CA ILE E 532 69.35 -11.07 10.65
C ILE E 532 68.78 -10.02 11.60
N THR E 533 67.49 -9.70 11.47
CA THR E 533 66.89 -8.78 12.43
C THR E 533 67.04 -9.30 13.85
N VAL E 534 66.71 -10.58 14.05
CA VAL E 534 66.82 -11.15 15.39
C VAL E 534 68.27 -11.17 15.85
N LEU E 535 69.18 -11.55 14.95
CA LEU E 535 70.59 -11.57 15.30
C LEU E 535 71.07 -10.21 15.78
N LEU E 536 70.62 -9.15 15.10
CA LEU E 536 71.04 -7.80 15.47
C LEU E 536 70.46 -7.39 16.81
N LYS E 537 69.17 -7.68 17.03
CA LYS E 537 68.56 -7.38 18.32
C LYS E 537 69.37 -8.01 19.45
N VAL E 538 69.71 -9.29 19.29
CA VAL E 538 70.46 -9.99 20.35
C VAL E 538 71.86 -9.41 20.48
N TRP E 539 72.50 -9.09 19.36
CA TRP E 539 73.84 -8.51 19.42
C TRP E 539 73.82 -7.19 20.18
N SER E 540 72.72 -6.44 20.10
CA SER E 540 72.64 -5.19 20.82
C SER E 540 72.28 -5.39 22.28
N THR E 541 71.57 -6.47 22.60
CA THR E 541 71.25 -6.80 23.98
C THR E 541 72.11 -7.93 24.54
N TRP E 542 73.30 -8.15 23.99
CA TRP E 542 74.16 -9.21 24.48
C TRP E 542 74.77 -8.86 25.83
N HIS E 543 75.41 -7.69 25.93
CA HIS E 543 76.16 -7.35 27.12
C HIS E 543 75.26 -7.24 28.34
N ASP E 544 74.06 -6.70 28.17
CA ASP E 544 73.15 -6.48 29.29
C ASP E 544 72.27 -7.69 29.50
N PRO E 545 72.40 -8.43 30.61
CA PRO E 545 71.53 -9.60 30.80
C PRO E 545 70.07 -9.25 30.99
N ARG E 546 69.77 -8.22 31.80
CA ARG E 546 68.39 -7.92 32.13
C ARG E 546 67.56 -7.67 30.89
N LEU E 547 68.14 -7.03 29.88
CA LEU E 547 67.40 -6.73 28.66
C LEU E 547 67.19 -7.97 27.80
N ALA E 548 68.11 -8.93 27.83
CA ALA E 548 68.02 -10.08 26.95
C ALA E 548 66.78 -10.91 27.23
N GLU E 549 66.41 -11.08 28.51
CA GLU E 549 65.26 -11.91 28.84
C GLU E 549 63.98 -11.34 28.28
N ASN E 550 63.87 -10.00 28.21
CA ASN E 550 62.69 -9.40 27.62
C ASN E 550 62.46 -9.90 26.20
N VAL E 551 63.43 -9.62 25.31
CA VAL E 551 63.30 -10.07 23.93
C VAL E 551 63.13 -11.58 23.86
N ALA E 552 63.89 -12.31 24.68
CA ALA E 552 63.77 -13.78 24.67
C ALA E 552 62.34 -14.21 24.90
N GLN E 553 61.66 -13.57 25.87
CA GLN E 553 60.27 -13.90 26.12
C GLN E 553 59.36 -13.41 25.00
N GLN E 554 59.75 -12.34 24.31
CA GLN E 554 58.94 -11.84 23.20
C GLN E 554 58.85 -12.87 22.08
N LEU E 555 59.97 -13.50 21.74
CA LEU E 555 60.05 -14.38 20.60
C LEU E 555 59.49 -15.78 20.87
N SER E 556 58.97 -16.04 22.06
CA SER E 556 58.55 -17.39 22.42
C SER E 556 57.16 -17.69 21.85
N GLY E 557 56.97 -18.94 21.44
CA GLY E 557 55.69 -19.40 20.94
C GLY E 557 55.35 -18.99 19.53
N ASN E 558 56.15 -18.15 18.89
CA ASN E 558 55.83 -17.61 17.58
C ASN E 558 56.94 -17.78 16.56
N LEU E 559 58.21 -17.73 16.97
CA LEU E 559 59.31 -17.72 16.00
C LEU E 559 59.45 -19.08 15.32
N GLY E 560 59.30 -20.16 16.08
CA GLY E 560 59.53 -21.48 15.52
C GLY E 560 58.67 -21.79 14.31
N VAL E 561 57.48 -21.20 14.24
CA VAL E 561 56.55 -21.52 13.17
C VAL E 561 56.94 -20.83 11.87
N LEU E 562 57.48 -19.61 11.97
CA LEU E 562 57.74 -18.81 10.79
C LEU E 562 58.83 -19.42 9.93
N ILE E 563 59.95 -19.79 10.55
CA ILE E 563 61.06 -20.36 9.79
C ILE E 563 60.64 -21.67 9.13
N ALA E 564 59.90 -22.50 9.86
CA ALA E 564 59.44 -23.77 9.30
C ALA E 564 58.54 -23.54 8.09
N GLU E 565 57.55 -22.66 8.24
CA GLU E 565 56.66 -22.33 7.13
C GLU E 565 57.46 -21.86 5.92
N TYR E 566 58.35 -20.89 6.14
CA TYR E 566 59.14 -20.33 5.05
C TYR E 566 59.92 -21.41 4.32
N LEU E 567 60.70 -22.19 5.08
CA LEU E 567 61.60 -23.15 4.45
C LEU E 567 60.81 -24.25 3.72
N VAL E 568 59.71 -24.72 4.31
CA VAL E 568 58.95 -25.78 3.67
C VAL E 568 58.32 -25.27 2.37
N VAL E 569 57.79 -24.05 2.39
CA VAL E 569 57.21 -23.49 1.17
C VAL E 569 58.28 -23.37 0.09
N GLY E 570 59.44 -22.83 0.47
CA GLY E 570 60.54 -22.72 -0.48
C GLY E 570 60.92 -24.05 -1.08
N ALA E 571 61.09 -25.07 -0.23
CA ALA E 571 61.50 -26.38 -0.74
C ALA E 571 60.45 -26.95 -1.70
N THR E 572 59.17 -26.85 -1.34
CA THR E 572 58.13 -27.40 -2.20
C THR E 572 58.13 -26.71 -3.56
N TYR E 573 58.18 -25.38 -3.56
CA TYR E 573 58.15 -24.69 -4.85
C TYR E 573 59.44 -24.87 -5.63
N VAL E 574 60.55 -25.16 -4.94
CA VAL E 574 61.77 -25.54 -5.63
C VAL E 574 61.57 -26.87 -6.36
N ILE E 575 61.08 -27.87 -5.63
CA ILE E 575 60.75 -29.15 -6.25
C ILE E 575 59.89 -28.93 -7.48
N LEU E 576 58.86 -28.09 -7.35
CA LEU E 576 57.98 -27.85 -8.49
C LEU E 576 58.74 -27.19 -9.64
N GLY E 577 59.66 -26.28 -9.34
CA GLY E 577 60.40 -25.61 -10.40
C GLY E 577 61.04 -26.60 -11.36
N TYR E 578 62.00 -27.37 -10.88
CA TYR E 578 62.54 -28.50 -11.63
C TYR E 578 62.05 -29.77 -10.95
N ASN E 579 61.26 -30.56 -11.67
CA ASN E 579 60.44 -31.61 -11.07
C ASN E 579 61.30 -32.85 -10.81
N LEU E 580 61.51 -33.16 -9.53
CA LEU E 580 61.96 -34.47 -9.10
C LEU E 580 60.79 -35.38 -8.75
N MET E 581 59.57 -34.85 -8.70
CA MET E 581 58.41 -35.59 -8.26
C MET E 581 57.41 -35.74 -9.40
N PRO E 582 56.61 -36.80 -9.39
CA PRO E 582 55.71 -37.06 -10.52
C PRO E 582 54.57 -36.07 -10.59
N VAL E 583 53.97 -35.98 -11.78
CA VAL E 583 52.77 -35.20 -12.03
C VAL E 583 51.65 -36.16 -12.44
N PHE E 584 50.48 -35.99 -11.84
CA PHE E 584 49.32 -36.83 -12.11
C PHE E 584 48.29 -36.03 -12.90
N VAL E 585 47.78 -36.63 -13.97
CA VAL E 585 46.67 -36.05 -14.72
C VAL E 585 45.41 -36.81 -14.39
N VAL E 586 44.26 -36.27 -14.80
CA VAL E 586 42.96 -36.87 -14.49
C VAL E 586 42.21 -37.12 -15.78
N HIS E 587 41.44 -38.21 -15.79
CA HIS E 587 40.62 -38.59 -16.93
C HIS E 587 39.21 -38.83 -16.44
N ARG E 588 38.25 -38.09 -16.98
CA ARG E 588 36.86 -38.19 -16.56
C ARG E 588 35.97 -37.79 -17.73
N PRO E 589 34.69 -38.14 -17.67
CA PRO E 589 33.76 -37.70 -18.72
C PRO E 589 33.79 -36.19 -18.88
N GLY E 590 33.41 -35.73 -20.06
CA GLY E 590 33.52 -34.32 -20.38
C GLY E 590 34.89 -34.00 -20.90
N VAL E 591 35.77 -33.53 -20.02
CA VAL E 591 37.14 -33.19 -20.36
C VAL E 591 38.08 -34.00 -19.48
N ALA E 592 39.31 -34.18 -19.98
CA ALA E 592 40.33 -34.91 -19.25
C ALA E 592 41.69 -34.22 -19.26
N SER E 593 41.83 -33.07 -19.90
CA SER E 593 43.09 -32.36 -19.96
C SER E 593 43.48 -31.69 -18.64
N ARG E 594 42.64 -31.80 -17.61
CA ARG E 594 42.94 -31.15 -16.34
C ARG E 594 44.21 -31.72 -15.73
N ARG E 595 45.22 -30.86 -15.57
CA ARG E 595 46.46 -31.24 -14.93
C ARG E 595 46.36 -31.05 -13.42
N VAL E 596 47.14 -31.83 -12.68
CA VAL E 596 47.08 -31.84 -11.22
C VAL E 596 48.48 -32.05 -10.67
N TYR E 597 48.77 -31.37 -9.56
CA TYR E 597 50.08 -31.45 -8.91
C TYR E 597 49.94 -32.03 -7.52
N ALA E 598 51.00 -32.68 -7.04
CA ALA E 598 50.94 -33.53 -5.87
C ALA E 598 51.31 -32.81 -4.57
N VAL E 599 52.55 -32.34 -4.46
CA VAL E 599 53.06 -31.89 -3.17
C VAL E 599 52.31 -30.67 -2.67
N ARG E 600 51.86 -29.82 -3.59
CA ARG E 600 51.23 -28.54 -3.24
C ARG E 600 50.25 -28.69 -2.10
N TYR E 601 49.57 -29.82 -2.03
CA TYR E 601 48.51 -29.99 -1.04
C TYR E 601 49.09 -30.30 0.34
N MET E 602 50.00 -31.25 0.43
CA MET E 602 50.54 -31.64 1.73
C MET E 602 50.99 -30.42 2.52
N GLU E 603 51.97 -29.69 1.98
CA GLU E 603 52.45 -28.50 2.65
C GLU E 603 51.29 -27.62 3.09
N TRP E 604 50.35 -27.34 2.17
CA TRP E 604 49.19 -26.54 2.52
C TRP E 604 48.66 -26.95 3.89
N ALA E 605 48.23 -28.21 4.00
CA ALA E 605 47.70 -28.70 5.25
C ALA E 605 48.64 -28.35 6.39
N VAL E 606 49.86 -28.88 6.36
CA VAL E 606 50.83 -28.58 7.40
C VAL E 606 50.91 -27.07 7.59
N ASP E 607 51.16 -26.36 6.50
CA ASP E 607 51.20 -24.90 6.53
C ASP E 607 50.04 -24.36 7.34
N ALA E 608 48.82 -24.66 6.91
CA ALA E 608 47.64 -24.12 7.58
C ALA E 608 47.73 -24.31 9.07
N THR E 609 48.04 -25.53 9.51
CA THR E 609 48.04 -25.82 10.94
C THR E 609 48.88 -24.80 11.69
N GLY E 610 50.09 -24.54 11.19
CA GLY E 610 50.92 -23.52 11.80
C GLY E 610 50.10 -22.28 12.06
N LEU E 611 49.64 -21.64 10.98
CA LEU E 611 48.81 -20.46 11.10
C LEU E 611 47.78 -20.63 12.21
N ILE E 612 47.02 -21.72 12.15
CA ILE E 612 45.98 -21.95 13.15
C ILE E 612 46.60 -21.89 14.53
N TRP E 613 47.51 -22.83 14.82
CA TRP E 613 48.11 -22.92 16.14
C TRP E 613 48.69 -21.59 16.58
N LEU E 614 48.95 -20.70 15.63
CA LEU E 614 49.48 -19.37 15.93
C LEU E 614 48.36 -18.34 16.04
N ASP E 615 47.49 -18.28 15.03
CA ASP E 615 46.47 -17.24 14.99
C ASP E 615 45.38 -17.44 16.04
N CYS E 616 45.35 -18.61 16.69
CA CYS E 616 44.39 -18.89 17.74
C CYS E 616 45.04 -18.94 19.11
N HIS E 617 46.35 -18.72 19.20
CA HIS E 617 47.08 -18.76 20.46
C HIS E 617 47.62 -17.40 20.85
N CYS E 618 48.40 -16.76 19.97
CA CYS E 618 49.00 -15.48 20.30
C CYS E 618 47.95 -14.37 20.30
N LEU E 619 47.11 -14.33 19.27
CA LEU E 619 46.05 -13.32 19.21
C LEU E 619 45.03 -13.56 20.32
N PHE E 620 44.38 -14.71 20.29
CA PHE E 620 43.39 -15.10 21.29
C PHE E 620 44.07 -16.09 22.23
N SER E 621 44.41 -15.61 23.42
CA SER E 621 45.19 -16.40 24.36
C SER E 621 44.42 -17.63 24.80
N ARG E 622 44.81 -18.80 24.29
CA ARG E 622 44.15 -20.05 24.62
C ARG E 622 45.20 -21.14 24.76
N ASN E 623 44.85 -22.17 25.53
CA ASN E 623 45.73 -23.32 25.73
C ASN E 623 45.63 -24.25 24.53
N PHE E 624 46.21 -25.44 24.65
CA PHE E 624 46.19 -26.39 23.54
C PHE E 624 44.92 -27.22 23.53
N ASN E 625 44.35 -27.50 24.70
CA ASN E 625 43.19 -28.39 24.78
C ASN E 625 42.05 -27.96 23.87
N GLU E 626 42.01 -26.70 23.47
CA GLU E 626 40.93 -26.19 22.62
C GLU E 626 41.33 -26.06 21.15
N PHE E 627 42.61 -26.19 20.83
CA PHE E 627 43.04 -26.16 19.44
C PHE E 627 42.84 -27.50 18.73
N ARG E 628 42.76 -28.59 19.49
CA ARG E 628 42.82 -29.94 18.91
C ARG E 628 41.90 -30.09 17.70
N MET E 629 40.61 -29.82 17.89
CA MET E 629 39.62 -30.13 16.85
C MET E 629 39.97 -29.47 15.52
N ALA E 630 40.34 -28.18 15.55
CA ALA E 630 40.63 -27.48 14.32
C ALA E 630 41.78 -28.14 13.57
N ILE E 631 42.83 -28.54 14.28
CA ILE E 631 43.95 -29.22 13.65
C ILE E 631 43.51 -30.56 13.07
N VAL E 632 42.71 -31.31 13.84
CA VAL E 632 42.29 -32.62 13.38
C VAL E 632 41.41 -32.52 12.16
N TRP E 633 40.70 -31.39 11.98
CA TRP E 633 39.78 -31.25 10.86
C TRP E 633 40.40 -30.57 9.64
N THR E 634 41.43 -29.74 9.81
CA THR E 634 41.97 -29.03 8.67
C THR E 634 42.72 -29.97 7.73
N VAL E 635 43.65 -30.76 8.27
CA VAL E 635 44.30 -31.78 7.48
C VAL E 635 43.26 -32.68 6.83
N ALA E 636 42.16 -32.92 7.54
CA ALA E 636 41.11 -33.81 7.03
C ALA E 636 40.51 -33.24 5.76
N TYR E 637 40.04 -31.98 5.80
CA TYR E 637 39.38 -31.47 4.61
C TYR E 637 40.38 -31.19 3.49
N MET E 638 41.67 -30.99 3.80
CA MET E 638 42.64 -30.87 2.72
C MET E 638 42.87 -32.22 2.03
N LEU E 639 42.98 -33.30 2.82
CA LEU E 639 43.07 -34.63 2.23
C LEU E 639 41.84 -34.94 1.39
N PHE E 640 40.66 -34.55 1.87
CA PHE E 640 39.44 -34.81 1.12
C PHE E 640 39.42 -34.04 -0.19
N GLY E 641 39.82 -32.76 -0.16
CA GLY E 641 39.95 -32.01 -1.38
C GLY E 641 40.88 -32.68 -2.37
N LEU E 642 42.01 -33.19 -1.88
CA LEU E 642 42.95 -33.89 -2.75
C LEU E 642 42.30 -35.12 -3.38
N TRP E 643 41.83 -36.05 -2.54
CA TRP E 643 41.22 -37.27 -3.04
C TRP E 643 40.14 -36.96 -4.06
N SER E 644 39.26 -36.00 -3.75
CA SER E 644 38.27 -35.57 -4.73
C SER E 644 38.93 -35.17 -6.04
N ALA E 645 39.82 -34.17 -5.99
CA ALA E 645 40.46 -33.67 -7.20
C ALA E 645 41.01 -34.80 -8.05
N LEU E 646 41.54 -35.85 -7.43
CA LEU E 646 42.14 -36.93 -8.20
C LEU E 646 41.13 -37.58 -9.14
N ALA E 647 39.87 -37.67 -8.75
CA ALA E 647 38.85 -38.37 -9.52
C ALA E 647 37.74 -37.41 -9.88
N SER E 648 37.79 -36.85 -11.10
CA SER E 648 36.79 -35.93 -11.59
C SER E 648 35.63 -36.65 -12.30
N THR E 649 35.46 -37.95 -12.05
CA THR E 649 34.37 -38.69 -12.67
C THR E 649 33.02 -38.17 -12.22
N TRP E 650 32.98 -37.46 -11.10
CA TRP E 650 31.80 -37.02 -10.35
C TRP E 650 30.82 -38.18 -10.14
N ALA E 651 31.30 -39.41 -10.06
CA ALA E 651 30.48 -40.49 -9.51
C ALA E 651 30.63 -40.55 -8.00
N TRP E 652 31.85 -40.36 -7.50
CA TRP E 652 32.12 -40.21 -6.08
C TRP E 652 33.01 -39.01 -5.79
N TYR E 653 33.05 -38.04 -6.70
CA TYR E 653 33.83 -36.82 -6.51
C TYR E 653 33.19 -35.92 -5.45
N TRP E 654 31.86 -35.80 -5.48
CA TRP E 654 31.18 -34.84 -4.64
C TRP E 654 31.30 -35.18 -3.16
N ALA E 655 31.50 -36.46 -2.84
CA ALA E 655 31.52 -36.88 -1.43
C ALA E 655 32.60 -36.15 -0.65
N PHE E 656 33.86 -36.29 -1.08
CA PHE E 656 34.96 -35.68 -0.36
C PHE E 656 34.90 -34.16 -0.41
N LEU E 657 34.42 -33.60 -1.52
CA LEU E 657 34.26 -32.16 -1.60
C LEU E 657 33.29 -31.65 -0.53
N LEU E 658 32.14 -32.29 -0.41
CA LEU E 658 31.16 -31.88 0.59
C LEU E 658 31.70 -32.07 2.00
N ALA E 659 32.34 -33.22 2.26
CA ALA E 659 32.94 -33.44 3.58
C ALA E 659 33.97 -32.37 3.90
N SER E 660 34.75 -31.96 2.91
CA SER E 660 35.77 -30.94 3.12
C SER E 660 35.12 -29.60 3.45
N TRP E 661 34.12 -29.21 2.66
CA TRP E 661 33.36 -28.01 2.98
C TRP E 661 32.84 -28.05 4.41
N ALA E 662 32.34 -29.21 4.83
CA ALA E 662 31.76 -29.32 6.17
C ALA E 662 32.81 -29.08 7.24
N ALA E 663 33.94 -29.78 7.14
CA ALA E 663 34.99 -29.61 8.15
C ALA E 663 35.50 -28.18 8.17
N PHE E 664 35.73 -27.59 6.99
CA PHE E 664 36.16 -26.21 6.91
C PHE E 664 35.17 -25.27 7.60
N LEU E 665 33.88 -25.50 7.37
CA LEU E 665 32.87 -24.63 7.96
C LEU E 665 32.87 -24.74 9.47
N ILE E 666 32.90 -25.96 10.01
CA ILE E 666 32.90 -26.09 11.46
C ILE E 666 34.15 -25.46 12.05
N VAL E 667 35.28 -25.54 11.34
CA VAL E 667 36.49 -24.87 11.79
C VAL E 667 36.26 -23.37 11.88
N CYS E 668 35.64 -22.79 10.84
CA CYS E 668 35.35 -21.37 10.86
C CYS E 668 34.45 -21.00 12.04
N LEU E 669 33.46 -21.83 12.33
CA LEU E 669 32.55 -21.56 13.45
C LEU E 669 33.32 -21.54 14.77
N ILE E 670 34.12 -22.58 15.00
CA ILE E 670 34.95 -22.62 16.21
C ILE E 670 35.80 -21.37 16.31
N LEU E 671 36.38 -20.94 15.19
CA LEU E 671 37.27 -19.79 15.20
C LEU E 671 36.53 -18.52 15.60
N VAL E 672 35.35 -18.31 15.02
CA VAL E 672 34.60 -17.09 15.33
C VAL E 672 34.10 -17.13 16.77
N ARG E 673 33.80 -18.32 17.30
CA ARG E 673 33.46 -18.43 18.72
C ARG E 673 34.66 -18.01 19.57
N PHE E 674 35.84 -18.56 19.27
CA PHE E 674 37.05 -18.14 19.95
C PHE E 674 37.16 -16.62 19.99
N LEU E 675 37.00 -15.98 18.84
CA LEU E 675 37.07 -14.52 18.79
C LEU E 675 36.05 -13.91 19.73
N ARG E 676 34.76 -14.21 19.51
CA ARG E 676 33.71 -13.53 20.25
C ARG E 676 33.75 -13.81 21.74
N GLN E 677 34.57 -14.76 22.20
CA GLN E 677 34.79 -14.96 23.62
C GLN E 677 36.21 -14.58 24.02
N ASP E 678 36.74 -13.52 23.41
CA ASP E 678 38.08 -13.06 23.73
C ASP E 678 38.09 -12.30 25.05
N PRO E 679 38.85 -12.73 26.06
CA PRO E 679 38.92 -11.95 27.30
C PRO E 679 39.52 -10.56 27.11
N TYR E 680 40.59 -10.45 26.33
CA TYR E 680 41.28 -9.19 26.14
C TYR E 680 41.12 -8.70 24.71
N PRO E 681 39.93 -8.22 24.33
CA PRO E 681 39.73 -7.77 22.95
C PRO E 681 40.36 -6.43 22.65
N HIS E 682 40.50 -5.57 23.66
CA HIS E 682 41.12 -4.26 23.42
C HIS E 682 42.63 -4.38 23.30
N GLN E 683 43.25 -5.22 24.12
CA GLN E 683 44.67 -5.46 23.99
C GLN E 683 44.94 -6.29 22.74
N PRO E 684 46.02 -6.01 21.99
CA PRO E 684 47.03 -4.95 22.15
C PRO E 684 46.82 -3.78 21.20
N PHE E 685 45.92 -3.94 20.23
CA PHE E 685 45.78 -2.97 19.16
C PHE E 685 44.98 -1.75 19.59
N GLY E 686 44.77 -1.60 20.89
CA GLY E 686 44.26 -0.36 21.44
C GLY E 686 42.86 0.04 21.01
N LYS E 687 41.87 -0.79 21.35
CA LYS E 687 40.46 -0.41 21.19
C LYS E 687 40.13 -0.06 19.75
N THR E 688 40.37 -1.00 18.85
CA THR E 688 40.06 -0.80 17.43
C THR E 688 39.50 -2.09 16.85
N SER E 689 39.08 -1.99 15.59
CA SER E 689 38.40 -3.08 14.90
C SER E 689 39.31 -3.82 13.93
N VAL E 690 40.58 -4.02 14.29
CA VAL E 690 41.53 -4.61 13.35
C VAL E 690 41.45 -6.14 13.40
N LYS E 691 41.21 -6.71 14.57
CA LYS E 691 41.19 -8.16 14.70
C LYS E 691 40.04 -8.80 13.93
N PRO E 692 38.78 -8.39 14.12
CA PRO E 692 37.70 -8.94 13.30
C PRO E 692 37.94 -8.77 11.81
N CYS E 693 38.50 -7.63 11.40
CA CYS E 693 38.82 -7.42 10.00
C CYS E 693 39.86 -8.42 9.51
N ILE E 694 40.85 -8.71 10.35
CA ILE E 694 41.84 -9.73 10.04
C ILE E 694 41.15 -11.06 9.79
N LEU E 695 40.30 -11.48 10.73
CA LEU E 695 39.61 -12.75 10.59
C LEU E 695 38.80 -12.79 9.29
N ALA E 696 38.14 -11.68 8.97
CA ALA E 696 37.35 -11.61 7.75
C ALA E 696 38.21 -11.81 6.51
N PHE E 697 39.32 -11.07 6.43
CA PHE E 697 40.23 -11.21 5.30
C PHE E 697 40.68 -12.66 5.16
N ILE E 698 41.09 -13.27 6.26
CA ILE E 698 41.57 -14.65 6.25
C ILE E 698 40.50 -15.57 5.66
N ILE E 699 39.28 -15.49 6.18
CA ILE E 699 38.25 -16.42 5.79
C ILE E 699 37.85 -16.20 4.33
N GLY E 700 37.79 -14.94 3.89
CA GLY E 700 37.50 -14.67 2.49
C GLY E 700 38.53 -15.27 1.55
N TRP E 701 39.81 -15.08 1.89
CA TRP E 701 40.88 -15.75 1.16
C TRP E 701 40.64 -17.25 1.07
N TRP E 702 40.36 -17.87 2.21
CA TRP E 702 40.22 -19.32 2.27
C TRP E 702 39.07 -19.81 1.38
N VAL E 703 37.95 -19.10 1.38
CA VAL E 703 36.83 -19.55 0.56
C VAL E 703 37.07 -19.23 -0.92
N LEU E 704 37.82 -18.17 -1.21
CA LEU E 704 38.23 -17.92 -2.59
C LEU E 704 38.97 -19.12 -3.16
N TYR E 705 39.86 -19.72 -2.35
CA TYR E 705 40.51 -20.95 -2.79
C TYR E 705 39.48 -21.97 -3.29
N GLY E 706 38.46 -22.23 -2.48
CA GLY E 706 37.50 -23.28 -2.83
C GLY E 706 36.70 -22.94 -4.07
N ILE E 707 36.28 -21.68 -4.20
CA ILE E 707 35.48 -21.35 -5.38
C ILE E 707 36.33 -21.42 -6.64
N LEU E 708 37.63 -21.13 -6.53
CA LEU E 708 38.49 -21.33 -7.70
C LEU E 708 38.62 -22.81 -8.02
N PHE E 709 38.84 -23.64 -7.00
CA PHE E 709 38.85 -25.08 -7.19
C PHE E 709 37.64 -25.54 -8.00
N MET E 710 36.45 -25.06 -7.58
CA MET E 710 35.22 -25.41 -8.30
C MET E 710 35.27 -24.91 -9.73
N VAL E 711 35.41 -23.60 -9.92
CA VAL E 711 35.38 -23.00 -11.25
C VAL E 711 36.35 -23.72 -12.19
N CYS E 712 37.44 -24.25 -11.66
CA CYS E 712 38.42 -24.92 -12.50
C CYS E 712 37.95 -26.33 -12.85
N PHE E 713 37.71 -27.17 -11.84
CA PHE E 713 37.49 -28.58 -12.13
C PHE E 713 36.13 -28.83 -12.77
N GLN E 714 35.14 -27.99 -12.52
CA GLN E 714 33.86 -28.13 -13.18
C GLN E 714 33.97 -27.80 -14.67
N ALA E 715 34.46 -26.60 -14.97
CA ALA E 715 34.54 -26.11 -16.34
C ALA E 715 36.00 -25.90 -16.74
N PRO E 716 36.75 -26.95 -17.07
CA PRO E 716 38.13 -26.75 -17.53
C PRO E 716 38.24 -25.82 -18.72
N ASP E 717 37.17 -25.65 -19.49
CA ASP E 717 37.18 -24.67 -20.57
C ASP E 717 37.36 -23.26 -20.03
N ALA E 718 36.94 -23.04 -18.78
CA ALA E 718 37.04 -21.71 -18.19
C ALA E 718 38.49 -21.31 -17.95
N VAL E 719 39.33 -22.27 -17.58
CA VAL E 719 40.65 -22.00 -17.02
C VAL E 719 41.70 -22.42 -18.05
N PRO E 720 42.64 -21.54 -18.41
CA PRO E 720 43.71 -21.95 -19.33
C PRO E 720 44.78 -22.81 -18.68
N GLN E 721 44.68 -23.05 -17.37
CA GLN E 721 45.46 -24.05 -16.64
C GLN E 721 46.90 -23.64 -16.38
N TRP E 722 47.34 -22.51 -16.94
CA TRP E 722 48.62 -21.93 -16.51
C TRP E 722 48.36 -20.75 -15.59
N LEU E 723 47.44 -19.87 -15.98
CA LEU E 723 46.92 -18.86 -15.07
C LEU E 723 46.55 -19.48 -13.73
N GLU E 724 46.06 -20.72 -13.74
CA GLU E 724 45.64 -21.38 -12.51
C GLU E 724 46.82 -21.55 -11.56
N GLN E 725 47.93 -22.11 -12.06
CA GLN E 725 49.09 -22.30 -11.20
C GLN E 725 49.69 -20.96 -10.78
N PHE E 726 49.73 -19.99 -11.69
CA PHE E 726 50.21 -18.67 -11.30
C PHE E 726 49.40 -18.10 -10.15
N LEU E 727 48.07 -18.23 -10.21
CA LEU E 727 47.22 -17.72 -9.16
C LEU E 727 47.46 -18.46 -7.85
N TRP E 728 47.47 -19.79 -7.90
CA TRP E 728 47.77 -20.57 -6.70
C TRP E 728 49.04 -20.07 -6.03
N THR E 729 50.09 -19.86 -6.83
CA THR E 729 51.38 -19.47 -6.26
C THR E 729 51.31 -18.08 -5.64
N GLY E 730 50.76 -17.12 -6.38
CA GLY E 730 50.64 -15.77 -5.84
C GLY E 730 49.87 -15.74 -4.54
N MET E 731 48.79 -16.52 -4.46
CA MET E 731 47.98 -16.54 -3.24
C MET E 731 48.76 -17.16 -2.08
N ASP E 732 49.43 -18.28 -2.32
CA ASP E 732 50.23 -18.88 -1.26
C ASP E 732 51.27 -17.90 -0.74
N VAL E 733 51.87 -17.11 -1.63
CA VAL E 733 52.83 -16.10 -1.19
C VAL E 733 52.15 -15.05 -0.33
N VAL E 734 51.08 -14.44 -0.87
CA VAL E 734 50.45 -13.29 -0.22
C VAL E 734 49.98 -13.64 1.18
N MET E 735 49.40 -14.83 1.34
CA MET E 735 48.86 -15.20 2.64
C MET E 735 49.93 -15.10 3.72
N LYS E 736 51.07 -15.72 3.47
CA LYS E 736 52.12 -15.78 4.48
C LYS E 736 52.74 -14.40 4.69
N LEU E 737 52.90 -13.64 3.60
CA LEU E 737 53.38 -12.28 3.75
C LEU E 737 52.51 -11.48 4.72
N SER E 738 51.19 -11.53 4.52
CA SER E 738 50.29 -10.77 5.36
C SER E 738 50.34 -11.27 6.80
N HIS E 739 50.28 -12.59 6.98
CA HIS E 739 50.31 -13.17 8.33
C HIS E 739 51.56 -12.74 9.09
N THR E 740 52.72 -12.81 8.43
CA THR E 740 53.96 -12.48 9.12
C THR E 740 54.04 -10.99 9.42
N VAL E 741 53.53 -10.13 8.53
CA VAL E 741 53.60 -8.71 8.84
C VAL E 741 52.70 -8.37 10.01
N VAL E 742 51.51 -8.99 10.10
CA VAL E 742 50.65 -8.70 11.24
C VAL E 742 51.30 -9.16 12.52
N LEU E 743 51.90 -10.35 12.53
CA LEU E 743 52.55 -10.81 13.75
C LEU E 743 53.74 -9.92 14.10
N MET E 744 54.45 -9.43 13.08
CA MET E 744 55.54 -8.49 13.32
C MET E 744 55.04 -7.27 14.07
N ALA E 745 54.01 -6.61 13.53
CA ALA E 745 53.49 -5.43 14.20
C ALA E 745 52.97 -5.75 15.60
N TRP E 746 52.41 -6.95 15.79
CA TRP E 746 51.88 -7.32 17.10
C TRP E 746 53.01 -7.53 18.12
N ARG E 747 54.17 -7.98 17.66
CA ARG E 747 55.25 -8.31 18.59
C ARG E 747 55.73 -7.11 19.37
N THR E 748 55.64 -5.91 18.80
CA THR E 748 56.30 -4.72 19.35
C THR E 748 55.34 -3.79 20.09
N THR E 749 54.36 -4.35 20.78
CA THR E 749 53.40 -3.57 21.55
C THR E 749 53.63 -3.77 23.05
N GLU E 750 53.07 -2.85 23.83
CA GLU E 750 53.32 -2.84 25.27
C GLU E 750 52.96 -4.16 25.92
N TRP E 751 51.86 -4.79 25.47
CA TRP E 751 51.43 -6.04 26.10
C TRP E 751 52.54 -7.08 26.10
N ASN E 752 53.47 -6.99 25.13
CA ASN E 752 54.64 -7.88 25.12
C ASN E 752 55.80 -7.29 25.91
N VAL E 753 56.17 -6.04 25.60
CA VAL E 753 57.25 -5.35 26.28
C VAL E 753 56.64 -4.60 27.46
N CYS E 754 56.84 -5.14 28.67
CA CYS E 754 56.11 -4.69 29.84
C CYS E 754 56.66 -3.36 30.34
N GLU E 755 55.82 -2.32 30.28
CA GLU E 755 56.13 -1.03 30.89
C GLU E 755 54.83 -0.43 31.43
N LEU E 756 54.72 -0.42 32.76
CA LEU E 756 53.54 0.08 33.45
C LEU E 756 52.39 -0.93 33.38
N HIS E 757 52.58 -1.98 32.59
CA HIS E 757 51.62 -3.08 32.51
C HIS E 757 52.14 -4.14 31.54
N GLY E 758 51.45 -5.27 31.46
CA GLY E 758 51.81 -6.28 30.48
C GLY E 758 51.36 -7.68 30.84
N ARG E 759 51.89 -8.67 30.12
CA ARG E 759 51.58 -10.06 30.42
C ARG E 759 52.02 -10.41 31.83
N ASN E 760 51.14 -11.06 32.58
CA ASN E 760 51.42 -11.44 33.96
C ASN E 760 52.38 -12.62 34.02
N SER E 817 27.66 18.13 19.01
CA SER E 817 26.90 17.46 17.97
C SER E 817 25.44 17.27 18.39
N THR E 818 25.09 16.04 18.74
CA THR E 818 23.75 15.71 19.21
C THR E 818 23.85 14.71 20.35
N ASN E 819 22.77 14.58 21.10
CA ASN E 819 22.73 13.76 22.31
C ASN E 819 21.77 12.60 22.08
N TRP E 820 22.33 11.44 21.75
CA TRP E 820 21.57 10.19 21.65
C TRP E 820 21.70 9.45 22.97
N THR E 821 20.58 9.15 23.61
CA THR E 821 20.60 8.43 24.86
C THR E 821 19.17 8.09 25.28
N ALA E 822 19.07 7.27 26.32
CA ALA E 822 17.80 6.90 26.91
C ALA E 822 17.70 7.30 28.38
N THR E 823 18.77 7.84 28.96
CA THR E 823 18.82 8.20 30.37
C THR E 823 19.35 9.62 30.52
N PRO E 824 18.61 10.61 30.03
CA PRO E 824 19.11 12.00 30.03
C PRO E 824 19.22 12.63 31.40
N GLY E 825 18.75 11.97 32.45
CA GLY E 825 18.83 12.54 33.78
C GLY E 825 19.88 11.88 34.64
N LEU E 826 20.29 10.68 34.22
CA LEU E 826 21.31 9.93 34.94
C LEU E 826 22.71 10.38 34.53
N ARG E 827 23.44 10.93 35.50
CA ARG E 827 24.84 11.35 35.26
C ARG E 827 25.66 10.56 36.27
N VAL E 828 26.82 10.04 35.89
CA VAL E 828 27.67 9.22 36.74
C VAL E 828 29.01 9.92 36.95
N ASP E 829 29.78 9.42 37.92
CA ASP E 829 31.09 9.96 38.24
C ASP E 829 32.20 8.99 37.82
N LEU E 830 33.39 9.55 37.59
CA LEU E 830 34.50 8.77 37.05
C LEU E 830 34.81 7.56 37.91
N SER E 831 34.89 7.75 39.23
CA SER E 831 35.23 6.65 40.12
C SER E 831 34.34 5.45 39.87
N SER E 832 33.04 5.68 39.70
CA SER E 832 32.13 4.59 39.46
C SER E 832 32.36 3.95 38.10
N MET E 833 32.60 4.77 37.07
CA MET E 833 32.86 4.23 35.74
C MET E 833 34.05 3.28 35.76
N VAL E 834 35.14 3.71 36.40
CA VAL E 834 36.35 2.90 36.40
C VAL E 834 36.18 1.68 37.29
N ARG E 835 35.61 1.86 38.49
CA ARG E 835 35.27 0.72 39.33
C ARG E 835 34.49 -0.32 38.56
N LEU E 836 33.57 0.14 37.70
CA LEU E 836 32.72 -0.76 36.93
C LEU E 836 33.53 -1.48 35.87
N GLU E 837 34.21 -0.72 35.00
CA GLU E 837 35.06 -1.32 33.99
C GLU E 837 36.01 -2.34 34.60
N GLY E 838 36.39 -2.16 35.86
CA GLY E 838 37.23 -3.13 36.53
C GLY E 838 36.48 -4.35 36.98
N GLN E 839 35.39 -4.16 37.73
CA GLN E 839 34.63 -5.27 38.26
C GLN E 839 34.02 -6.16 37.18
N LEU E 840 34.06 -5.73 35.92
CA LEU E 840 33.49 -6.48 34.82
C LEU E 840 34.61 -7.04 33.94
N ALA E 841 34.22 -7.65 32.83
CA ALA E 841 35.14 -8.18 31.83
C ALA E 841 35.25 -7.22 30.66
N GLN E 842 36.45 -7.15 30.08
CA GLN E 842 36.70 -6.20 29.02
C GLN E 842 35.75 -6.43 27.85
N GLY E 843 35.20 -5.35 27.32
CA GLY E 843 34.36 -5.40 26.15
C GLY E 843 32.87 -5.31 26.40
N LEU E 844 32.44 -5.11 27.64
CA LEU E 844 31.02 -4.97 27.93
C LEU E 844 30.58 -3.52 27.93
N VAL E 845 31.42 -2.62 28.43
CA VAL E 845 31.17 -1.20 28.31
C VAL E 845 31.75 -0.72 26.98
N THR E 846 31.23 0.40 26.49
CA THR E 846 31.62 0.93 25.19
C THR E 846 31.77 2.44 25.30
N ASP E 847 32.09 3.08 24.18
CA ASP E 847 32.25 4.52 24.15
C ASP E 847 30.92 5.23 24.32
N VAL E 848 29.87 4.72 23.68
CA VAL E 848 28.59 5.42 23.70
C VAL E 848 27.83 5.12 24.99
N HIS E 849 27.94 3.90 25.52
CA HIS E 849 27.49 3.63 26.87
C HIS E 849 27.91 4.75 27.80
N ARG E 850 29.15 5.21 27.65
CA ARG E 850 29.69 6.25 28.51
C ARG E 850 29.21 7.63 28.07
N LYS E 851 29.16 7.88 26.77
CA LYS E 851 28.69 9.17 26.29
C LYS E 851 27.25 9.44 26.66
N GLY E 852 26.49 8.42 27.03
CA GLY E 852 25.11 8.60 27.39
C GLY E 852 24.86 8.77 28.87
N MET E 853 25.66 8.11 29.70
CA MET E 853 25.48 8.11 31.14
C MET E 853 26.51 9.00 31.85
N MET E 854 27.04 9.99 31.14
CA MET E 854 28.03 10.87 31.73
C MET E 854 27.88 12.27 31.17
N ARG E 855 28.37 13.24 31.93
CA ARG E 855 28.39 14.62 31.48
C ARG E 855 29.43 14.80 30.37
N SER E 856 29.49 16.02 29.86
CA SER E 856 30.44 16.31 28.79
C SER E 856 31.82 16.67 29.35
N GLU E 857 31.86 17.49 30.40
CA GLU E 857 33.12 17.97 30.93
C GLU E 857 33.91 16.84 31.58
N ASP E 858 33.24 16.03 32.42
CA ASP E 858 33.90 14.89 33.01
C ASP E 858 34.40 13.92 31.96
N LEU E 859 33.66 13.78 30.87
CA LEU E 859 34.07 12.89 29.79
C LEU E 859 35.33 13.42 29.11
N ALA E 860 35.36 14.73 28.81
CA ALA E 860 36.55 15.31 28.22
C ALA E 860 37.75 15.16 29.14
N GLU E 861 37.55 15.35 30.45
CA GLU E 861 38.63 15.19 31.39
C GLU E 861 39.17 13.76 31.38
N LEU E 862 38.27 12.78 31.45
CA LEU E 862 38.68 11.39 31.39
C LEU E 862 39.44 11.09 30.10
N LYS E 863 38.94 11.60 28.98
CA LYS E 863 39.60 11.37 27.70
C LYS E 863 41.02 11.91 27.71
N ARG E 864 41.19 13.17 28.16
CA ARG E 864 42.53 13.72 28.31
C ARG E 864 43.39 12.85 29.21
N LEU E 865 42.79 12.29 30.27
CA LEU E 865 43.55 11.52 31.23
C LEU E 865 43.91 10.14 30.71
N GLU E 866 43.24 9.67 29.66
CA GLU E 866 43.50 8.36 29.07
C GLU E 866 44.39 8.44 27.84
N GLU E 867 45.00 9.60 27.58
CA GLU E 867 45.88 9.73 26.43
C GLU E 867 47.07 8.77 26.51
N SER E 868 47.47 8.41 27.72
CA SER E 868 48.70 7.64 27.87
C SER E 868 48.46 6.15 27.72
N GLY E 869 47.32 5.65 28.22
CA GLY E 869 47.09 4.22 28.21
C GLY E 869 45.65 3.87 28.53
N PHE E 870 45.48 2.68 29.10
CA PHE E 870 44.14 2.16 29.33
C PHE E 870 43.60 2.55 30.70
N LEU E 871 44.49 2.73 31.68
CA LEU E 871 44.08 3.21 32.99
C LEU E 871 43.26 2.17 33.75
N GLN E 872 43.75 0.94 33.79
CA GLN E 872 43.15 -0.10 34.61
C GLN E 872 43.73 -0.04 36.02
N ALA E 873 42.88 0.07 37.03
CA ALA E 873 43.33 0.18 38.40
C ALA E 873 42.18 -0.15 39.35
N GLN E 874 42.52 -0.33 40.62
CA GLN E 874 41.56 -0.70 41.66
C GLN E 874 41.95 -0.04 42.97
N GLN E 875 41.05 0.80 43.51
CA GLN E 875 41.32 1.45 44.78
C GLN E 875 40.93 0.56 45.96
N HIS E 876 39.86 -0.24 45.80
CA HIS E 876 39.40 -1.15 46.85
C HIS E 876 38.79 -0.40 48.03
N ARG E 877 37.95 0.59 47.69
CA ARG E 877 37.24 1.39 48.71
C ARG E 877 35.76 1.00 48.62
N ASN E 878 35.08 0.86 49.76
CA ASN E 878 33.70 0.40 49.81
C ASN E 878 32.86 1.38 50.61
N TRP E 879 31.58 1.49 50.25
CA TRP E 879 30.61 2.30 50.97
C TRP E 879 29.25 1.64 50.91
N GLU E 880 28.25 2.35 51.42
CA GLU E 880 26.87 1.85 51.35
C GLU E 880 26.25 2.14 50.00
N SER E 881 26.73 3.18 49.31
CA SER E 881 26.14 3.55 48.04
C SER E 881 26.79 2.82 46.87
N GLN E 882 28.09 2.50 47.01
CA GLN E 882 28.77 1.76 45.95
C GLN E 882 28.08 0.44 45.68
N THR E 883 27.65 -0.26 46.73
CA THR E 883 26.95 -1.52 46.55
C THR E 883 25.69 -1.35 45.72
N ARG E 884 24.87 -0.37 46.07
CA ARG E 884 23.63 -0.10 45.33
C ARG E 884 23.94 0.18 43.86
N GLU E 885 24.88 1.10 43.61
CA GLU E 885 25.21 1.45 42.24
C GLU E 885 25.69 0.23 41.46
N MET E 886 26.50 -0.62 42.07
CA MET E 886 26.96 -1.82 41.39
C MET E 886 25.78 -2.73 41.06
N THR E 887 24.95 -3.03 42.06
CA THR E 887 23.82 -3.93 41.85
C THR E 887 22.97 -3.47 40.70
N PHE E 888 22.84 -2.15 40.51
CA PHE E 888 22.00 -1.67 39.42
C PHE E 888 22.73 -1.71 38.08
N LEU E 889 23.95 -1.19 38.02
CA LEU E 889 24.64 -1.07 36.75
C LEU E 889 24.99 -2.43 36.15
N ALA E 890 25.41 -3.38 36.99
CA ALA E 890 25.72 -4.71 36.49
C ALA E 890 24.58 -5.28 35.68
N HIS E 891 23.35 -5.02 36.09
CA HIS E 891 22.20 -5.47 35.32
C HIS E 891 21.93 -4.56 34.13
N GLY E 892 22.10 -3.25 34.33
CA GLY E 892 21.62 -2.32 33.32
C GLY E 892 22.47 -2.26 32.06
N ILE E 893 23.75 -2.63 32.18
CA ILE E 893 24.64 -2.43 31.04
C ILE E 893 24.25 -3.31 29.86
N ASN E 894 23.75 -4.52 30.12
CA ASN E 894 23.57 -5.51 29.06
C ASN E 894 22.81 -4.93 27.87
N HIS E 895 21.87 -4.02 28.12
CA HIS E 895 21.10 -3.45 27.02
C HIS E 895 22.00 -2.61 26.13
N ILE E 896 21.58 -2.47 24.87
CA ILE E 896 22.44 -1.95 23.82
C ILE E 896 22.20 -0.46 23.64
N ALA E 897 23.29 0.27 23.40
CA ALA E 897 23.24 1.66 22.98
C ALA E 897 24.08 1.81 21.72
N TYR E 898 23.57 2.57 20.75
CA TYR E 898 24.18 2.63 19.43
C TYR E 898 23.99 4.00 18.84
N ASP E 899 24.91 4.35 17.94
CA ASP E 899 24.86 5.62 17.23
C ASP E 899 24.26 5.41 15.85
N PRO E 900 23.04 5.92 15.59
CA PRO E 900 22.39 5.60 14.31
C PRO E 900 23.16 6.04 13.09
N ARG E 901 24.03 7.05 13.23
CA ARG E 901 24.69 7.61 12.05
C ARG E 901 25.65 6.61 11.43
N SER E 902 26.16 5.67 12.22
CA SER E 902 27.08 4.67 11.69
C SER E 902 26.32 3.59 10.94
N TRP E 903 26.83 3.22 9.77
CA TRP E 903 26.24 2.17 8.96
C TRP E 903 26.93 0.82 9.11
N MET E 904 28.20 0.82 9.49
CA MET E 904 28.93 -0.43 9.64
C MET E 904 28.35 -1.26 10.78
N LYS E 905 28.33 -0.69 11.99
CA LYS E 905 27.93 -1.40 13.18
C LYS E 905 26.48 -1.85 13.16
N THR E 906 25.72 -1.51 12.12
CA THR E 906 24.38 -2.02 11.93
C THR E 906 24.36 -3.26 11.04
N LEU E 907 25.12 -3.24 9.95
CA LEU E 907 25.15 -4.38 9.04
C LEU E 907 25.94 -5.52 9.65
N THR E 908 27.20 -5.27 9.99
CA THR E 908 28.10 -6.29 10.51
C THR E 908 27.72 -6.78 11.90
N ALA E 909 26.61 -6.33 12.46
CA ALA E 909 26.27 -6.69 13.83
C ALA E 909 25.58 -8.04 13.89
N VAL E 910 25.86 -8.76 14.97
CA VAL E 910 25.41 -10.12 15.18
C VAL E 910 24.58 -10.22 16.44
N ARG E 911 25.02 -9.51 17.48
CA ARG E 911 24.47 -9.72 18.82
C ARG E 911 22.98 -9.41 18.89
N GLY E 912 22.58 -8.22 18.47
CA GLY E 912 21.21 -7.80 18.70
C GLY E 912 20.24 -8.30 17.65
N ARG E 913 20.73 -9.04 16.67
CA ARG E 913 19.88 -9.51 15.60
C ARG E 913 18.79 -10.43 16.14
N ALA E 914 17.85 -10.77 15.27
CA ALA E 914 16.73 -11.59 15.68
C ALA E 914 17.03 -13.07 15.45
N PRO E 915 16.53 -13.96 16.28
CA PRO E 915 16.71 -15.39 16.02
C PRO E 915 15.79 -15.85 14.91
N THR E 916 16.09 -17.02 14.38
CA THR E 916 15.27 -17.66 13.37
C THR E 916 14.71 -18.97 13.92
N SER E 917 13.99 -19.69 13.08
CA SER E 917 13.25 -20.87 13.49
C SER E 917 13.65 -22.06 12.62
N PHE E 918 13.08 -23.21 12.97
CA PHE E 918 13.36 -24.46 12.26
C PHE E 918 12.80 -24.48 10.86
N LEU E 919 12.12 -23.42 10.42
CA LEU E 919 11.47 -23.42 9.13
C LEU E 919 12.48 -23.32 7.99
N LEU E 920 13.42 -22.39 8.10
CA LEU E 920 14.43 -22.22 7.06
C LEU E 920 15.02 -23.56 6.64
N TRP E 921 15.33 -24.42 7.61
CA TRP E 921 15.91 -25.71 7.29
C TRP E 921 14.93 -26.55 6.47
N VAL E 922 13.66 -26.56 6.85
CA VAL E 922 12.65 -27.28 6.08
C VAL E 922 12.63 -26.78 4.64
N VAL E 923 12.65 -25.46 4.46
CA VAL E 923 12.53 -24.89 3.12
C VAL E 923 13.76 -25.23 2.28
N LEU E 924 14.94 -25.17 2.89
CA LEU E 924 16.16 -25.55 2.17
C LEU E 924 16.11 -27.01 1.76
N ILE E 925 15.66 -27.89 2.66
CA ILE E 925 15.46 -29.29 2.32
C ILE E 925 14.60 -29.42 1.08
N GLU E 926 13.41 -28.83 1.14
CA GLU E 926 12.46 -28.91 0.05
C GLU E 926 13.08 -28.45 -1.26
N SER E 927 13.73 -27.28 -1.24
CA SER E 927 14.30 -26.72 -2.46
C SER E 927 15.41 -27.61 -3.02
N SER E 928 16.27 -28.11 -2.15
CA SER E 928 17.37 -28.96 -2.60
C SER E 928 16.85 -30.21 -3.29
N ILE E 929 15.87 -30.87 -2.67
CA ILE E 929 15.34 -32.07 -3.31
C ILE E 929 14.69 -31.70 -4.64
N VAL E 930 13.98 -30.57 -4.68
CA VAL E 930 13.31 -30.19 -5.92
C VAL E 930 14.33 -30.00 -7.03
N LEU E 931 15.46 -29.37 -6.72
CA LEU E 931 16.46 -29.11 -7.75
C LEU E 931 17.10 -30.40 -8.24
N ALA E 932 17.65 -31.18 -7.31
CA ALA E 932 18.29 -32.43 -7.70
C ALA E 932 17.32 -33.31 -8.47
N LEU E 933 16.04 -33.28 -8.09
CA LEU E 933 15.06 -34.16 -8.70
C LEU E 933 14.59 -33.63 -10.06
N SER E 934 14.55 -32.31 -10.23
CA SER E 934 14.26 -31.77 -11.55
C SER E 934 15.36 -32.11 -12.52
N LYS E 935 16.61 -32.15 -12.06
CA LYS E 935 17.69 -32.52 -12.96
C LYS E 935 17.69 -34.01 -13.25
N PHE E 936 17.58 -34.85 -12.22
CA PHE E 936 17.55 -36.29 -12.44
C PHE E 936 16.37 -36.69 -13.32
N PHE E 937 15.19 -36.14 -13.03
CA PHE E 937 14.00 -36.34 -13.86
C PHE E 937 14.06 -35.57 -15.17
N GLY E 938 15.08 -34.75 -15.37
CA GLY E 938 15.24 -34.07 -16.64
C GLY E 938 14.26 -32.94 -16.83
N GLU E 939 13.56 -32.96 -17.96
CA GLU E 939 12.76 -31.80 -18.37
C GLU E 939 11.31 -31.92 -17.95
N SER E 940 10.85 -33.15 -17.65
CA SER E 940 9.43 -33.41 -17.46
C SER E 940 8.95 -32.93 -16.09
N PHE E 941 9.05 -31.61 -15.88
CA PHE E 941 8.49 -31.03 -14.67
C PHE E 941 7.14 -30.39 -14.92
N ASP E 942 7.02 -29.62 -16.01
CA ASP E 942 5.77 -28.95 -16.34
C ASP E 942 5.31 -28.03 -15.21
N LEU E 943 6.18 -27.06 -14.89
CA LEU E 943 5.88 -26.16 -13.78
C LEU E 943 4.56 -25.44 -13.99
N GLY E 944 4.34 -24.88 -15.17
CA GLY E 944 3.13 -24.14 -15.45
C GLY E 944 2.87 -23.06 -14.41
N VAL E 945 3.84 -22.15 -14.26
CA VAL E 945 3.69 -21.10 -13.26
C VAL E 945 2.42 -20.30 -13.53
N SER E 946 1.89 -19.69 -12.48
CA SER E 946 0.65 -18.93 -12.55
C SER E 946 0.81 -17.66 -11.74
N SER E 947 0.30 -16.55 -12.27
CA SER E 947 0.52 -15.26 -11.63
C SER E 947 -0.38 -15.08 -10.41
N GLY E 948 -1.58 -15.66 -10.45
CA GLY E 948 -2.50 -15.48 -9.34
C GLY E 948 -2.00 -16.12 -8.06
N ILE E 949 -1.50 -17.34 -8.14
CA ILE E 949 -1.07 -18.06 -6.94
C ILE E 949 0.16 -17.40 -6.34
N HIS E 950 0.94 -16.67 -7.14
CA HIS E 950 2.20 -16.09 -6.67
C HIS E 950 2.03 -14.63 -6.23
N SER E 951 1.67 -13.75 -7.17
CA SER E 951 1.70 -12.32 -6.90
C SER E 951 0.69 -11.93 -5.82
N LEU E 952 -0.51 -12.50 -5.89
CA LEU E 952 -1.54 -12.16 -4.93
C LEU E 952 -1.14 -12.54 -3.51
N PHE E 953 -0.79 -13.82 -3.31
CA PHE E 953 -0.27 -14.24 -2.02
C PHE E 953 0.84 -13.32 -1.56
N GLY E 954 1.76 -12.95 -2.46
CA GLY E 954 2.86 -12.11 -2.07
C GLY E 954 2.41 -10.79 -1.49
N VAL E 955 1.58 -10.06 -2.23
CA VAL E 955 1.15 -8.75 -1.76
C VAL E 955 0.39 -8.87 -0.44
N LEU E 956 -0.50 -9.85 -0.35
CA LEU E 956 -1.28 -10.01 0.88
C LEU E 956 -0.37 -10.22 2.08
N VAL E 957 0.47 -11.26 2.02
CA VAL E 957 1.30 -11.60 3.17
C VAL E 957 2.24 -10.44 3.50
N SER E 958 2.68 -9.70 2.49
CA SER E 958 3.57 -8.57 2.76
C SER E 958 2.85 -7.49 3.56
N PHE E 959 1.70 -7.03 3.05
CA PHE E 959 0.85 -6.14 3.84
C PHE E 959 0.78 -6.62 5.29
N LEU E 960 0.34 -7.86 5.48
CA LEU E 960 0.08 -8.37 6.81
C LEU E 960 1.32 -8.27 7.69
N VAL E 961 2.46 -8.72 7.17
CA VAL E 961 3.64 -8.86 8.00
C VAL E 961 4.20 -7.49 8.38
N VAL E 962 4.04 -6.49 7.52
CA VAL E 962 4.55 -5.17 7.89
C VAL E 962 3.59 -4.49 8.86
N PHE E 963 2.30 -4.73 8.72
CA PHE E 963 1.35 -4.14 9.66
C PHE E 963 1.53 -4.70 11.05
N ARG E 964 1.74 -6.02 11.16
CA ARG E 964 1.95 -6.64 12.45
C ARG E 964 3.20 -6.12 13.17
N THR E 965 4.07 -5.42 12.46
CA THR E 965 5.29 -4.85 13.02
C THR E 965 5.12 -3.38 13.39
N GLN E 966 4.48 -2.63 12.50
CA GLN E 966 4.10 -1.26 12.84
C GLN E 966 3.17 -1.24 14.05
N ALA E 967 2.52 -2.36 14.35
CA ALA E 967 1.65 -2.40 15.51
C ALA E 967 2.42 -2.65 16.80
N ALA E 968 3.62 -3.22 16.71
CA ALA E 968 4.39 -3.50 17.92
C ALA E 968 5.32 -2.35 18.27
N PHE E 969 5.86 -1.67 17.26
CA PHE E 969 6.65 -0.47 17.53
C PHE E 969 5.88 0.49 18.44
N LYS E 970 4.56 0.58 18.24
CA LYS E 970 3.76 1.51 19.00
C LYS E 970 3.71 1.13 20.47
N LYS E 971 3.56 -0.16 20.77
CA LYS E 971 3.56 -0.60 22.15
C LYS E 971 4.89 -0.31 22.83
N TRP E 972 5.98 -0.58 22.12
CA TRP E 972 7.30 -0.21 22.62
C TRP E 972 7.32 1.26 23.05
N TRP E 973 6.88 2.15 22.16
CA TRP E 973 6.92 3.56 22.47
C TRP E 973 6.03 3.92 23.66
N SER E 974 4.83 3.34 23.71
CA SER E 974 3.93 3.62 24.81
C SER E 974 4.55 3.24 26.15
N GLY E 975 5.28 2.13 26.18
CA GLY E 975 5.96 1.75 27.40
C GLY E 975 7.01 2.77 27.81
N ARG E 976 7.78 3.25 26.84
CA ARG E 976 8.73 4.32 27.13
C ARG E 976 8.04 5.50 27.81
N SER E 977 6.92 5.93 27.22
CA SER E 977 6.19 7.07 27.76
C SER E 977 5.75 6.82 29.19
N ALA E 978 5.18 5.65 29.44
CA ALA E 978 4.73 5.30 30.78
C ALA E 978 5.86 5.45 31.80
N VAL E 979 7.02 4.88 31.48
CA VAL E 979 8.15 4.94 32.41
C VAL E 979 8.51 6.38 32.72
N SER E 980 8.66 7.20 31.68
CA SER E 980 9.04 8.59 31.90
C SER E 980 8.05 9.29 32.81
N SER E 981 6.75 9.09 32.55
CA SER E 981 5.73 9.76 33.35
C SER E 981 5.82 9.34 34.81
N LEU E 982 6.01 8.05 35.05
CA LEU E 982 6.16 7.55 36.42
C LEU E 982 7.29 8.28 37.15
N VAL E 983 8.47 8.31 36.52
CA VAL E 983 9.61 8.99 37.14
C VAL E 983 9.27 10.43 37.49
N GLN E 984 8.71 11.15 36.52
CA GLN E 984 8.42 12.57 36.73
C GLN E 984 7.45 12.76 37.89
N MET E 985 6.40 11.95 37.96
CA MET E 985 5.44 12.09 39.05
C MET E 985 6.10 11.85 40.39
N SER E 986 6.96 10.84 40.47
CA SER E 986 7.64 10.58 41.74
C SER E 986 8.40 11.82 42.21
N ARG E 987 9.16 12.42 41.30
CA ARG E 987 9.96 13.58 41.70
C ARG E 987 9.08 14.74 42.16
N THR E 988 7.99 15.00 41.43
CA THR E 988 7.10 16.09 41.85
C THR E 988 6.50 15.82 43.23
N PHE E 989 6.07 14.58 43.47
CA PHE E 989 5.54 14.22 44.78
C PHE E 989 6.56 14.53 45.87
N ALA E 990 7.80 14.12 45.67
CA ALA E 990 8.81 14.33 46.69
C ALA E 990 9.02 15.80 46.97
N GLN E 991 9.14 16.61 45.92
CA GLN E 991 9.32 18.05 46.13
C GLN E 991 8.14 18.64 46.89
N GLN E 992 6.92 18.37 46.43
CA GLN E 992 5.72 18.86 47.11
C GLN E 992 5.77 18.54 48.59
N VAL E 993 6.10 17.29 48.93
CA VAL E 993 6.14 16.89 50.33
C VAL E 993 7.18 17.71 51.08
N CYS E 994 8.41 17.72 50.57
CA CYS E 994 9.49 18.35 51.32
C CYS E 994 9.30 19.85 51.45
N ALA E 995 8.43 20.46 50.66
CA ALA E 995 8.19 21.89 50.78
C ALA E 995 6.95 22.24 51.58
N TYR E 996 5.83 21.57 51.32
CA TYR E 996 4.56 21.92 51.93
C TYR E 996 4.29 21.15 53.22
N VAL E 997 5.32 20.56 53.82
CA VAL E 997 5.18 19.87 55.10
C VAL E 997 6.29 20.32 56.02
N LYS E 998 5.98 20.37 57.31
CA LYS E 998 6.85 20.99 58.30
C LYS E 998 7.48 20.02 59.27
N ASP E 999 6.92 18.83 59.43
CA ASP E 999 7.52 17.84 60.30
C ASP E 999 8.67 17.19 59.57
N GLU E 1000 9.32 16.21 60.22
CA GLU E 1000 10.49 15.57 59.64
C GLU E 1000 10.47 14.05 59.70
N ALA E 1001 9.63 13.45 60.54
CA ALA E 1001 9.57 12.00 60.59
C ALA E 1001 8.61 11.45 59.55
N TYR E 1002 7.61 12.22 59.17
CA TYR E 1002 6.70 11.81 58.10
C TYR E 1002 7.39 11.90 56.74
N VAL E 1003 8.23 12.93 56.57
CA VAL E 1003 8.87 13.19 55.28
C VAL E 1003 9.72 12.00 54.85
N ASN E 1004 10.60 11.54 55.74
CA ASN E 1004 11.41 10.37 55.43
C ASN E 1004 10.54 9.22 54.97
N ARG E 1005 9.67 8.74 55.87
CA ARG E 1005 8.75 7.67 55.55
C ARG E 1005 8.22 7.78 54.13
N MET E 1006 7.65 8.94 53.81
CA MET E 1006 7.04 9.13 52.50
C MET E 1006 8.04 8.94 51.38
N VAL E 1007 9.12 9.71 51.40
CA VAL E 1007 10.08 9.70 50.30
C VAL E 1007 10.65 8.31 50.09
N ARG E 1008 11.16 7.71 51.16
CA ARG E 1008 11.78 6.41 51.06
C ARG E 1008 10.80 5.37 50.52
N TYR E 1009 9.54 5.43 50.93
CA TYR E 1009 8.60 4.46 50.42
C TYR E 1009 8.20 4.74 48.98
N SER E 1010 8.35 5.98 48.51
CA SER E 1010 8.18 6.25 47.09
C SER E 1010 9.26 5.55 46.28
N ILE E 1011 10.51 5.69 46.71
CA ILE E 1011 11.60 4.96 46.07
C ILE E 1011 11.29 3.47 46.03
N ALA E 1012 10.85 2.95 47.18
CA ALA E 1012 10.48 1.54 47.26
C ALA E 1012 9.39 1.20 46.27
N THR E 1013 8.45 2.12 46.04
CA THR E 1013 7.39 1.88 45.07
C THR E 1013 7.96 1.67 43.68
N VAL E 1014 8.87 2.53 43.27
CA VAL E 1014 9.50 2.35 41.96
C VAL E 1014 10.17 0.99 41.88
N VAL E 1015 11.04 0.69 42.85
CA VAL E 1015 11.77 -0.57 42.81
C VAL E 1015 10.82 -1.75 42.83
N ALA E 1016 9.64 -1.57 43.42
CA ALA E 1016 8.68 -2.65 43.48
C ALA E 1016 8.03 -2.89 42.13
N THR E 1017 7.62 -1.83 41.44
CA THR E 1017 7.02 -2.02 40.13
C THR E 1017 8.04 -2.61 39.16
N ARG E 1018 9.33 -2.33 39.31
CA ARG E 1018 10.31 -2.98 38.40
C ARG E 1018 10.35 -4.48 38.67
N CYS E 1019 9.78 -4.91 39.80
CA CYS E 1019 9.79 -6.33 40.12
C CYS E 1019 8.40 -6.95 40.10
N HIS E 1020 7.39 -6.17 39.72
CA HIS E 1020 6.06 -6.70 39.49
C HIS E 1020 5.85 -7.11 38.04
N LEU E 1021 6.64 -6.53 37.14
CA LEU E 1021 6.58 -6.86 35.73
C LEU E 1021 7.38 -8.10 35.38
N ARG E 1022 8.28 -8.53 36.26
CA ARG E 1022 9.13 -9.67 36.03
C ARG E 1022 8.84 -10.82 36.99
N ASN E 1023 7.79 -10.69 37.79
CA ASN E 1023 7.34 -11.74 38.70
C ASN E 1023 8.51 -12.29 39.51
N THR E 1024 9.08 -11.42 40.34
CA THR E 1024 10.14 -11.79 41.26
C THR E 1024 9.84 -11.15 42.61
N ARG E 1025 10.80 -11.26 43.52
CA ARG E 1025 10.80 -10.55 44.78
C ARG E 1025 12.07 -9.71 44.86
N ILE E 1026 12.22 -8.99 45.95
CA ILE E 1026 13.22 -7.93 46.04
C ILE E 1026 14.50 -8.45 46.65
N ASP E 1027 15.63 -7.93 46.17
CA ASP E 1027 16.93 -8.22 46.72
C ASP E 1027 17.32 -7.09 47.67
N PRO E 1028 17.50 -7.36 48.96
CA PRO E 1028 17.81 -6.27 49.90
C PRO E 1028 18.92 -5.35 49.44
N ALA E 1029 19.89 -5.85 48.69
CA ALA E 1029 20.99 -5.02 48.26
C ALA E 1029 20.54 -3.78 47.51
N MET E 1030 19.32 -3.78 46.99
CA MET E 1030 18.79 -2.65 46.26
C MET E 1030 18.10 -1.63 47.15
N LEU E 1031 17.97 -1.92 48.45
CA LEU E 1031 17.32 -1.06 49.42
C LEU E 1031 18.15 -0.97 50.69
N LEU E 1032 19.45 -0.72 50.54
CA LEU E 1032 20.36 -0.79 51.68
C LEU E 1032 20.25 0.45 52.55
N GLY E 1033 20.59 1.61 52.01
CA GLY E 1033 20.61 2.84 52.76
C GLY E 1033 19.33 3.62 52.76
N VAL E 1034 18.22 3.00 52.36
CA VAL E 1034 16.94 3.69 52.30
C VAL E 1034 15.94 3.14 53.30
N LEU E 1035 16.00 1.85 53.64
CA LEU E 1035 15.01 1.24 54.52
C LEU E 1035 15.69 0.38 55.56
N LYS E 1036 14.98 0.16 56.66
CA LYS E 1036 15.40 -0.80 57.66
C LYS E 1036 15.01 -2.22 57.22
N GLU E 1037 15.72 -3.19 57.78
CA GLU E 1037 15.56 -4.58 57.35
C GLU E 1037 14.11 -5.04 57.52
N GLU E 1038 13.60 -4.94 58.75
CA GLU E 1038 12.26 -5.46 59.05
C GLU E 1038 11.24 -4.96 58.04
N GLU E 1039 11.37 -3.72 57.58
CA GLU E 1039 10.46 -3.21 56.56
C GLU E 1039 10.56 -4.03 55.28
N ILE E 1040 11.79 -4.42 54.91
CA ILE E 1040 11.97 -5.21 53.69
C ILE E 1040 11.35 -6.59 53.85
N GLU E 1041 11.61 -7.26 54.98
CA GLU E 1041 11.00 -8.57 55.18
C GLU E 1041 9.48 -8.48 55.22
N GLU E 1042 8.94 -7.36 55.71
CA GLU E 1042 7.50 -7.19 55.69
C GLU E 1042 6.97 -6.95 54.29
N LEU E 1043 7.74 -6.24 53.46
CA LEU E 1043 7.37 -6.09 52.06
C LEU E 1043 7.28 -7.44 51.37
N ASN E 1044 8.40 -8.16 51.30
CA ASN E 1044 8.44 -9.39 50.54
C ASN E 1044 7.42 -10.41 51.01
N ARG E 1045 6.76 -10.17 52.14
CA ARG E 1045 5.70 -11.03 52.65
C ARG E 1045 4.34 -10.74 52.04
N GLN E 1046 4.26 -9.80 51.11
CA GLN E 1046 3.01 -9.43 50.46
C GLN E 1046 2.92 -10.02 49.06
N LYS E 1047 1.77 -9.81 48.44
CA LYS E 1047 1.48 -10.34 47.12
C LYS E 1047 1.55 -9.25 46.04
N ASN E 1048 0.99 -8.09 46.31
CA ASN E 1048 1.06 -6.93 45.42
C ASN E 1048 1.69 -5.78 46.18
N LEU E 1049 2.88 -5.36 45.74
CA LEU E 1049 3.74 -4.46 46.49
C LEU E 1049 3.35 -2.99 46.36
N PRO E 1050 3.15 -2.49 45.13
CA PRO E 1050 2.80 -1.07 44.98
C PRO E 1050 1.54 -0.69 45.74
N PHE E 1051 0.55 -1.58 45.72
CA PHE E 1051 -0.60 -1.46 46.61
C PHE E 1051 -0.18 -1.11 48.03
N TYR E 1052 0.73 -1.90 48.58
CA TYR E 1052 1.15 -1.74 49.96
C TYR E 1052 1.83 -0.40 50.17
N THR E 1053 2.75 -0.04 49.28
CA THR E 1053 3.48 1.22 49.46
C THR E 1053 2.55 2.41 49.40
N ALA E 1054 1.60 2.39 48.48
CA ALA E 1054 0.64 3.49 48.38
C ALA E 1054 -0.22 3.57 49.62
N TRP E 1055 -0.70 2.43 50.12
CA TRP E 1055 -1.48 2.43 51.36
C TRP E 1055 -0.70 3.08 52.49
N VAL E 1056 0.57 2.69 52.63
CA VAL E 1056 1.43 3.28 53.64
C VAL E 1056 1.44 4.79 53.50
N ILE E 1057 1.83 5.27 52.32
CA ILE E 1057 1.95 6.71 52.08
C ILE E 1057 0.67 7.42 52.49
N ARG E 1058 -0.48 6.87 52.09
CA ARG E 1058 -1.74 7.56 52.32
C ARG E 1058 -2.06 7.66 53.80
N SER E 1059 -1.93 6.54 54.53
CA SER E 1059 -2.18 6.59 55.96
C SER E 1059 -1.26 7.62 56.62
N THR E 1060 -0.01 7.69 56.17
CA THR E 1060 0.94 8.62 56.75
C THR E 1060 0.51 10.07 56.51
N LEU E 1061 0.11 10.37 55.28
CA LEU E 1061 -0.33 11.72 54.96
C LEU E 1061 -1.59 12.09 55.73
N ALA E 1062 -2.46 11.13 56.00
CA ALA E 1062 -3.62 11.42 56.82
C ALA E 1062 -3.22 11.78 58.24
N GLU E 1063 -2.35 10.97 58.83
CA GLU E 1063 -1.79 11.34 60.12
C GLU E 1063 -1.30 12.77 60.11
N ALA E 1064 -0.55 13.15 59.08
CA ALA E 1064 0.00 14.50 59.03
C ALA E 1064 -1.12 15.54 59.00
N VAL E 1065 -2.10 15.35 58.12
CA VAL E 1065 -3.14 16.36 57.95
C VAL E 1065 -3.93 16.56 59.23
N ALA E 1066 -4.14 15.48 59.99
CA ALA E 1066 -4.94 15.61 61.21
C ALA E 1066 -4.28 16.56 62.20
N GLU E 1067 -2.96 16.48 62.34
CA GLU E 1067 -2.22 17.27 63.32
C GLU E 1067 -1.84 18.65 62.82
N GLY E 1068 -2.51 19.14 61.77
CA GLY E 1068 -2.21 20.48 61.27
C GLY E 1068 -0.75 20.69 60.96
N ALA E 1069 -0.07 19.66 60.46
CA ALA E 1069 1.31 19.77 60.04
C ALA E 1069 1.47 20.09 58.56
N CYS E 1070 0.36 20.26 57.84
CA CYS E 1070 0.39 20.42 56.40
C CYS E 1070 -0.41 21.65 55.99
N LEU E 1071 0.15 22.40 55.07
CA LEU E 1071 -0.50 23.58 54.51
C LEU E 1071 -1.70 23.16 53.66
N PRO E 1072 -2.48 24.13 53.16
CA PRO E 1072 -3.70 23.78 52.41
C PRO E 1072 -3.47 23.17 51.03
N LEU E 1073 -2.22 22.81 50.72
CA LEU E 1073 -1.85 22.32 49.40
C LEU E 1073 -1.89 20.80 49.28
N HIS E 1074 -2.75 20.12 50.05
CA HIS E 1074 -2.67 18.68 50.17
C HIS E 1074 -3.33 17.95 49.00
N MET E 1075 -4.36 18.56 48.41
CA MET E 1075 -5.04 17.92 47.29
C MET E 1075 -4.09 17.66 46.14
N ALA E 1076 -3.12 18.55 45.93
CA ALA E 1076 -2.12 18.32 44.91
C ALA E 1076 -1.34 17.04 45.17
N ILE E 1077 -0.97 16.83 46.43
CA ILE E 1077 -0.22 15.63 46.80
C ILE E 1077 -1.05 14.38 46.50
N GLU E 1078 -2.31 14.39 46.95
CA GLU E 1078 -3.17 13.26 46.67
C GLU E 1078 -3.27 12.98 45.18
N ASN E 1079 -3.43 14.04 44.38
CA ASN E 1079 -3.57 13.87 42.94
C ASN E 1079 -2.31 13.26 42.32
N ALA E 1080 -1.14 13.69 42.79
CA ALA E 1080 0.11 13.09 42.32
C ALA E 1080 0.13 11.59 42.60
N ILE E 1081 -0.26 11.22 43.82
CA ILE E 1081 -0.30 9.79 44.14
C ILE E 1081 -1.23 9.08 43.16
N LYS E 1082 -2.38 9.68 42.88
CA LYS E 1082 -3.31 9.06 41.95
C LYS E 1082 -2.69 8.88 40.57
N ALA E 1083 -1.90 9.85 40.14
CA ALA E 1083 -1.37 9.81 38.79
C ALA E 1083 -0.23 8.81 38.62
N ILE E 1084 0.44 8.45 39.71
CA ILE E 1084 1.46 7.41 39.62
C ILE E 1084 0.84 6.07 39.18
N GLU E 1085 -0.27 5.71 39.79
CA GLU E 1085 -0.84 4.39 39.59
C GLU E 1085 -1.35 4.19 38.17
N GLN E 1086 -1.83 5.26 37.53
CA GLN E 1086 -2.23 5.16 36.13
C GLN E 1086 -1.08 4.70 35.26
N SER E 1087 0.08 5.34 35.42
CA SER E 1087 1.28 4.94 34.71
C SER E 1087 1.57 3.47 34.94
N ILE E 1088 1.49 3.04 36.20
CA ILE E 1088 1.75 1.64 36.51
C ILE E 1088 0.80 0.74 35.71
N ALA E 1089 -0.48 1.09 35.71
CA ALA E 1089 -1.48 0.23 35.07
C ALA E 1089 -1.24 0.14 33.57
N ASP E 1090 -0.85 1.24 32.94
CA ASP E 1090 -0.49 1.18 31.52
C ASP E 1090 0.65 0.20 31.29
N ALA E 1091 1.73 0.38 32.05
CA ALA E 1091 2.85 -0.54 31.95
C ALA E 1091 2.41 -1.98 32.09
N GLU E 1092 1.38 -2.23 32.90
CA GLU E 1092 0.92 -3.59 33.09
C GLU E 1092 0.09 -4.08 31.93
N ARG E 1093 -0.72 -3.21 31.31
CA ARG E 1093 -1.37 -3.58 30.07
C ARG E 1093 -0.37 -4.14 29.09
N LEU E 1094 0.79 -3.50 29.01
CA LEU E 1094 1.70 -3.82 27.92
C LEU E 1094 2.27 -5.24 27.98
N LEU E 1095 1.76 -6.09 28.88
CA LEU E 1095 2.19 -7.48 28.97
C LEU E 1095 1.29 -8.45 28.24
N THR E 1096 0.17 -7.99 27.71
CA THR E 1096 -0.71 -8.92 27.02
C THR E 1096 -0.16 -9.25 25.64
N PRO E 1097 -0.35 -10.48 25.18
CA PRO E 1097 0.02 -10.83 23.81
C PRO E 1097 -1.14 -10.62 22.85
N MET E 1098 -0.78 -10.35 21.60
CA MET E 1098 -1.77 -10.21 20.55
C MET E 1098 -2.67 -11.43 20.52
N PRO E 1099 -3.86 -11.32 19.95
CA PRO E 1099 -4.81 -12.43 19.98
C PRO E 1099 -4.39 -13.57 19.07
N PHE E 1100 -4.86 -14.77 19.44
CA PHE E 1100 -4.45 -16.01 18.78
C PHE E 1100 -4.76 -15.99 17.30
N THR E 1101 -6.06 -15.84 16.97
CA THR E 1101 -6.55 -15.92 15.60
C THR E 1101 -5.65 -15.16 14.61
N TYR E 1102 -5.45 -13.87 14.89
CA TYR E 1102 -4.74 -12.99 13.97
C TYR E 1102 -3.32 -13.46 13.72
N VAL E 1103 -2.75 -14.21 14.66
CA VAL E 1103 -1.37 -14.66 14.53
C VAL E 1103 -1.31 -15.99 13.80
N VAL E 1104 -2.20 -16.90 14.16
CA VAL E 1104 -2.28 -18.20 13.49
C VAL E 1104 -2.43 -18.01 12.00
N HIS E 1105 -3.42 -17.22 11.59
CA HIS E 1105 -3.67 -16.99 10.17
C HIS E 1105 -2.40 -16.57 9.44
N VAL E 1106 -1.82 -15.48 9.91
CA VAL E 1106 -0.61 -14.91 9.32
C VAL E 1106 0.45 -15.99 9.14
N ARG E 1107 0.80 -16.64 10.26
CA ARG E 1107 1.94 -17.55 10.24
C ARG E 1107 1.72 -18.70 9.29
N THR E 1108 0.54 -19.31 9.32
CA THR E 1108 0.32 -20.48 8.47
C THR E 1108 0.40 -20.10 7.00
N PHE E 1109 -0.18 -18.95 6.62
CA PHE E 1109 -0.16 -18.64 5.19
C PHE E 1109 1.23 -18.21 4.74
N LEU E 1110 2.01 -17.60 5.62
CA LEU E 1110 3.42 -17.36 5.30
C LEU E 1110 4.14 -18.66 5.01
N PHE E 1111 4.01 -19.63 5.92
CA PHE E 1111 4.59 -20.95 5.72
C PHE E 1111 4.22 -21.52 4.35
N ILE E 1112 2.94 -21.42 4.00
CA ILE E 1112 2.47 -21.95 2.72
C ILE E 1112 3.20 -21.28 1.56
N TYR E 1113 3.13 -19.96 1.50
CA TYR E 1113 3.81 -19.22 0.43
C TYR E 1113 5.25 -19.70 0.26
N LEU E 1114 5.97 -19.80 1.37
CA LEU E 1114 7.37 -20.19 1.28
C LEU E 1114 7.52 -21.59 0.73
N MET E 1115 6.73 -22.54 1.24
CA MET E 1115 6.85 -23.91 0.77
C MET E 1115 6.43 -24.05 -0.69
N GLY E 1116 5.73 -23.07 -1.24
CA GLY E 1116 5.29 -23.17 -2.61
C GLY E 1116 6.20 -22.46 -3.61
N LEU E 1117 7.00 -21.51 -3.14
CA LEU E 1117 7.84 -20.72 -4.04
C LEU E 1117 8.69 -21.55 -5.02
N PRO E 1118 9.48 -22.53 -4.58
CA PRO E 1118 10.40 -23.19 -5.52
C PRO E 1118 9.70 -23.79 -6.73
N PHE E 1119 8.65 -24.58 -6.50
CA PHE E 1119 7.98 -25.27 -7.60
C PHE E 1119 7.66 -24.33 -8.75
N ILE E 1120 7.54 -23.03 -8.48
CA ILE E 1120 7.28 -22.07 -9.54
C ILE E 1120 8.54 -21.32 -9.95
N LEU E 1121 9.56 -21.27 -9.10
CA LEU E 1121 10.77 -20.55 -9.47
C LEU E 1121 11.79 -21.40 -10.23
N VAL E 1122 11.82 -22.71 -10.00
CA VAL E 1122 12.90 -23.53 -10.51
C VAL E 1122 12.90 -23.61 -12.04
N GLU E 1123 11.79 -23.24 -12.68
CA GLU E 1123 11.69 -23.36 -14.13
C GLU E 1123 12.82 -22.62 -14.83
N ASP E 1124 13.19 -21.45 -14.31
CA ASP E 1124 14.13 -20.57 -15.00
C ASP E 1124 15.50 -20.50 -14.34
N LEU E 1125 15.68 -21.12 -13.17
CA LEU E 1125 16.95 -21.03 -12.46
C LEU E 1125 17.27 -22.37 -11.81
N GLY E 1126 18.44 -22.40 -11.19
CA GLY E 1126 18.88 -23.55 -10.41
C GLY E 1126 19.20 -23.16 -8.99
N TRP E 1127 20.47 -23.33 -8.60
CA TRP E 1127 20.91 -22.95 -7.27
C TRP E 1127 20.49 -21.53 -6.89
N LEU E 1128 20.28 -20.67 -7.88
CA LEU E 1128 19.85 -19.30 -7.58
C LEU E 1128 18.47 -19.28 -6.93
N MET E 1129 17.55 -20.09 -7.45
CA MET E 1129 16.28 -20.28 -6.77
C MET E 1129 16.50 -20.57 -5.28
N LEU E 1130 17.43 -21.48 -5.00
CA LEU E 1130 17.71 -21.88 -3.63
C LEU E 1130 18.18 -20.71 -2.77
N VAL E 1131 19.19 -19.98 -3.25
CA VAL E 1131 19.74 -18.91 -2.44
C VAL E 1131 18.71 -17.81 -2.24
N ALA E 1132 17.94 -17.50 -3.29
CA ALA E 1132 16.91 -16.48 -3.17
C ALA E 1132 15.85 -16.87 -2.15
N VAL E 1133 15.41 -18.12 -2.17
CA VAL E 1133 14.39 -18.53 -1.20
C VAL E 1133 14.95 -18.46 0.21
N SER E 1134 16.22 -18.84 0.38
CA SER E 1134 16.83 -18.71 1.70
C SER E 1134 16.78 -17.28 2.20
N PHE E 1135 17.25 -16.34 1.39
CA PHE E 1135 17.30 -14.94 1.82
C PHE E 1135 15.90 -14.40 2.11
N LEU E 1136 14.97 -14.64 1.20
CA LEU E 1136 13.61 -14.13 1.39
C LEU E 1136 12.98 -14.70 2.66
N GLY E 1137 13.13 -16.00 2.88
CA GLY E 1137 12.65 -16.59 4.12
C GLY E 1137 13.24 -15.92 5.34
N TYR E 1138 14.54 -15.66 5.32
CA TYR E 1138 15.15 -14.97 6.45
C TYR E 1138 14.47 -13.63 6.68
N LEU E 1139 14.32 -12.83 5.62
CA LEU E 1139 13.65 -11.54 5.76
C LEU E 1139 12.33 -11.68 6.51
N MET E 1140 11.44 -12.52 5.98
CA MET E 1140 10.09 -12.58 6.51
C MET E 1140 10.07 -13.09 7.94
N ILE E 1141 10.75 -14.21 8.19
CA ILE E 1141 10.69 -14.83 9.50
C ILE E 1141 11.36 -13.93 10.54
N GLY E 1142 12.42 -13.24 10.15
CA GLY E 1142 13.05 -12.29 11.05
C GLY E 1142 12.13 -11.14 11.38
N LEU E 1143 11.36 -10.67 10.40
CA LEU E 1143 10.37 -9.64 10.69
C LEU E 1143 9.41 -10.11 11.77
N GLU E 1144 8.89 -11.33 11.61
CA GLU E 1144 7.90 -11.82 12.58
C GLU E 1144 8.51 -11.92 13.98
N ASN E 1145 9.70 -12.52 14.07
CA ASN E 1145 10.31 -12.68 15.39
C ASN E 1145 10.71 -11.34 16.01
N THR E 1146 11.12 -10.38 15.18
CA THR E 1146 11.39 -9.03 15.65
C THR E 1146 10.15 -8.42 16.27
N ALA E 1147 9.01 -8.57 15.60
CA ALA E 1147 7.76 -8.11 16.18
C ALA E 1147 7.50 -8.76 17.53
N VAL E 1148 7.69 -10.08 17.61
CA VAL E 1148 7.53 -10.78 18.88
C VAL E 1148 8.36 -10.09 19.96
N GLN E 1149 9.64 -9.89 19.70
CA GLN E 1149 10.52 -9.24 20.67
C GLN E 1149 9.93 -7.90 21.11
N LEU E 1150 9.71 -7.00 20.16
CA LEU E 1150 9.26 -5.66 20.50
C LEU E 1150 7.91 -5.65 21.22
N GLU E 1151 7.14 -6.74 21.12
CA GLU E 1151 5.79 -6.73 21.67
C GLU E 1151 5.81 -6.44 23.17
N ASN E 1152 6.58 -7.20 23.94
CA ASN E 1152 6.72 -6.95 25.36
C ASN E 1152 8.01 -6.19 25.61
N PRO E 1153 7.96 -4.93 26.03
CA PRO E 1153 9.21 -4.16 26.16
C PRO E 1153 9.97 -4.44 27.43
N PHE E 1154 9.36 -5.10 28.41
CA PHE E 1154 9.95 -5.28 29.72
C PHE E 1154 10.48 -6.71 29.84
N GLY E 1155 11.79 -6.85 29.90
CA GLY E 1155 12.39 -8.17 29.97
C GLY E 1155 13.90 -8.06 30.01
N THR E 1156 14.55 -9.22 29.85
CA THR E 1156 16.00 -9.28 29.98
C THR E 1156 16.69 -9.04 28.65
N ASP E 1157 15.98 -9.25 27.55
CA ASP E 1157 16.60 -9.16 26.22
C ASP E 1157 17.26 -7.81 26.03
N CYS E 1158 18.16 -7.72 25.05
CA CYS E 1158 19.01 -6.54 24.93
C CYS E 1158 18.30 -5.39 24.23
N ASN E 1159 17.20 -5.67 23.52
CA ASN E 1159 16.43 -4.61 22.88
C ASN E 1159 15.35 -4.05 23.79
N HIS E 1160 15.28 -4.48 25.04
CA HIS E 1160 14.23 -4.07 25.95
C HIS E 1160 14.65 -2.82 26.72
N HIS E 1161 13.74 -2.36 27.58
CA HIS E 1161 13.94 -1.09 28.25
C HIS E 1161 14.84 -1.26 29.48
N PRO E 1162 15.71 -0.30 29.77
CA PRO E 1162 16.62 -0.42 30.93
C PRO E 1162 16.03 0.13 32.23
N LEU E 1163 15.21 -0.71 32.88
CA LEU E 1163 14.53 -0.28 34.09
C LEU E 1163 15.51 0.01 35.22
N ASP E 1164 16.65 -0.68 35.25
CA ASP E 1164 17.50 -0.66 36.42
C ASP E 1164 18.23 0.67 36.56
N LEU E 1165 18.30 1.46 35.49
CA LEU E 1165 18.99 2.74 35.56
C LEU E 1165 18.08 3.84 36.07
N TYR E 1166 16.80 3.76 35.72
CA TYR E 1166 15.84 4.76 36.18
C TYR E 1166 15.74 4.76 37.70
N CYS E 1167 15.66 3.58 38.30
CA CYS E 1167 15.60 3.45 39.75
C CYS E 1167 16.80 4.14 40.41
N LEU E 1168 17.98 3.88 39.88
CA LEU E 1168 19.20 4.51 40.37
C LEU E 1168 19.10 6.03 40.31
N GLU E 1169 18.72 6.55 39.14
CA GLU E 1169 18.51 7.99 38.99
C GLU E 1169 17.62 8.55 40.08
N VAL E 1170 16.46 7.92 40.28
CA VAL E 1170 15.49 8.41 41.25
C VAL E 1170 16.08 8.43 42.65
N SER E 1171 16.70 7.33 43.05
CA SER E 1171 17.35 7.26 44.34
C SER E 1171 18.28 8.44 44.54
N GLN E 1172 19.19 8.64 43.59
CA GLN E 1172 20.14 9.74 43.68
C GLN E 1172 19.41 11.06 43.94
N ASP E 1173 18.46 11.38 43.08
CA ASP E 1173 17.80 12.68 43.16
C ASP E 1173 17.15 12.91 44.51
N LEU E 1174 16.35 11.95 44.96
CA LEU E 1174 15.60 12.16 46.19
C LEU E 1174 16.53 12.25 47.40
N LEU E 1175 17.56 11.41 47.44
CA LEU E 1175 18.46 11.44 48.58
C LEU E 1175 19.29 12.71 48.60
N HIS E 1176 19.50 13.35 47.45
CA HIS E 1176 20.11 14.68 47.46
C HIS E 1176 19.11 15.73 47.92
N LEU E 1177 17.84 15.54 47.58
CA LEU E 1177 16.82 16.51 47.95
C LEU E 1177 16.68 16.61 49.47
N LEU E 1178 16.67 15.47 50.15
CA LEU E 1178 16.61 15.50 51.61
C LEU E 1178 17.69 16.41 52.18
N ASP E 1179 18.90 16.32 51.63
CA ASP E 1179 20.01 17.09 52.19
C ASP E 1179 19.86 18.57 51.87
N LEU E 1180 19.40 18.88 50.66
CA LEU E 1180 19.10 20.26 50.33
C LEU E 1180 18.17 20.87 51.36
N ARG E 1181 17.06 20.17 51.64
CA ARG E 1181 16.11 20.65 52.63
C ARG E 1181 16.78 20.84 53.98
N ALA E 1182 17.50 19.82 54.45
CA ALA E 1182 18.11 19.89 55.77
C ALA E 1182 19.02 21.11 55.88
N SER E 1183 19.87 21.33 54.87
CA SER E 1183 20.76 22.48 54.91
C SER E 1183 19.97 23.78 54.95
N ALA E 1184 19.01 23.94 54.03
CA ALA E 1184 18.25 25.18 54.00
C ALA E 1184 17.44 25.39 55.27
N LYS E 1185 17.23 24.34 56.06
CA LYS E 1185 16.49 24.48 57.30
C LYS E 1185 17.39 24.94 58.44
N ALA E 1186 18.66 24.55 58.41
CA ALA E 1186 19.63 24.94 59.42
C ALA E 1186 20.09 26.39 59.26
N GLN E 1187 19.45 27.16 58.39
CA GLN E 1187 19.83 28.56 58.18
C GLN E 1187 18.72 29.31 57.48
#